data_9C34
#
_entry.id   9C34
#
_cell.length_a   101.603
_cell.length_b   102.572
_cell.length_c   127.203
_cell.angle_alpha   90.00
_cell.angle_beta   106.47
_cell.angle_gamma   90.00
#
_symmetry.space_group_name_H-M   'P 1 21 1'
#
loop_
_entity.id
_entity.type
_entity.pdbx_description
1 polymer 'Bifunctional protein PutA'
2 non-polymer NICOTINAMIDE-ADENINE-DINUCLEOTIDE
3 non-polymer 'TRIETHYLENE GLYCOL'
4 non-polymer 'DIHYDROFLAVINE-ADENINE DINUCLEOTIDE'
5 non-polymer '(2S)-3,4-dihydro-2H-pyrrole-2-carboxylic acid'
6 non-polymer PROLINE
7 non-polymer 'MAGNESIUM ION'
8 non-polymer 'SULFATE ION'
9 non-polymer '(2~{S},5~{R})-5-[10-[(2~{S},3~{S},4~{R})-5-[[[(2~{R},3~{S},4~{R},5~{R})-5-(6-aminopurin-9-yl)-3,4-bis(oxidanyl)oxolan-2-yl]methoxy-oxidanyl-phosphoryl]oxy-oxidanyl-phosphoryl]oxy-2,3,4-tris(oxidanyl)pentyl]-7,8-dimethyl-2,4-bis(oxidanylidene)benzo[g]pteridin-5-yl]pyrrolidine-2-carboxylic acid'
10 water water
#
_entity_poly.entity_id   1
_entity_poly.type   'polypeptide(L)'
_entity_poly.pdbx_seq_one_letter_code
;SMMSPNPLQKPAIDAAPAPFADFAPPVRPQSTLRRAITAAYRRPETECLPPLVEAATQSKEIRDAAASTARKLIEALRGK
HSGSGVEGLVQEYSLSSQEGVALMCLAEALLRIPDTATRDALIRDKIADGNWKSHLGGSRSLFVNAATWGLVVTGKLTST
VNDRSLAAALTRLISRCGEPVIRRGVDMAMRMMGEQFVTGETIREALKRSKELEEKGFSYSYDMLGEAATTAADAERYYR
DYESAIHAIGKASAGRGIYEGPGISIKLSALHPRYSRAQAARVMGELLPRVKALALLAKNYDIGLNIDAEEADRLELSLD
LLEVLCLDGDLSGWNGMGFVVQAYGKRCPFVLDFIIDLARRSGRRIMVRLVKGAYWDAEIKRAQLDGLADFPVFTRKIHT
DVSYIACAAKLLAATDVVFPQFATHNAQTLAAIYHMAGKDFHVGKYEFQCLHGMGEPLYEEVVGRGKLDRPCRIYAPVGT
HETLLAYLVRRLLENGANSSFVHRINDPKVSIDELIADPVEVVRAMPVVGAKHDRIALPAELFGDARTNSAGLDLSNEET
LASLTEALRESAAMKWTALPQLATGPAAGETRTVLNPGDHRDVVGSVTETSEEDARRAVRLAADAAPDWAAVPPSERAAC
LDRAAELMQARMPTLLGLIIREAGKSALNAIAEVREAIDFLRYYAEQTRRTLGPGHGPLGPIVCISPWNFPLAIFTGQIA
AALVAGNPVLAKPAEETPLIAAEGVRILREAGIPASALQLLPGDGRVGAALVAAAETAGVMFTGSTEVARLIQAQLADRL
SPAGRPIPLIAETGGQNAMIVDSSALAEQVVGDVITSAFDSAGQRSSALRVLCLQEDVADRILTMLKGALHELHIGRTDR
LSVDVGPVITSEAKDNIEKHIERMRGLGRKVEQIGLASETGVGTFVPPTIIELEKLSDLQREVFGPVLHVIRYRRDDLDR
LVDDVNATGYGLTFGLHTRLDETIAHVTSRIKAGNLYINRNIIGAVVGVQPFGGRGLSGTGPKAGGPLYLGRLVTTAPVP
PQHSSVHTDPVLLDFAKWLDGKGARAEAEAARNAGSSSALGLDLELPGPVGERNLYTLHARGRILLVPATESGLYHQLAA
ALATGNSVAIDAASGLQASLKNLPQTVGLRVSWSKDWAADGPFAGALVEGDAERIRAVNKAIAALPGPLLLVQAASSGEI
ARNPDAY(OCS)LNWLVEEVSASINTAAAGGNASLMAIG
;
_entity_poly.pdbx_strand_id   A,B
#
loop_
_chem_comp.id
_chem_comp.type
_chem_comp.name
_chem_comp.formula
A1AT4 non-polymer '(2~{S},5~{R})-5-[10-[(2~{S},3~{S},4~{R})-5-[[[(2~{R},3~{S},4~{R},5~{R})-5-(6-aminopurin-9-yl)-3,4-bis(oxidanyl)oxolan-2-yl]methoxy-oxidanyl-phosphoryl]oxy-oxidanyl-phosphoryl]oxy-2,3,4-tris(oxidanyl)pentyl]-7,8-dimethyl-2,4-bis(oxidanylidene)benzo[g]pteridin-5-yl]pyrrolidine-2-carboxylic acid' 'C32 H42 N10 O17 P2'
FDA non-polymer 'DIHYDROFLAVINE-ADENINE DINUCLEOTIDE' 'C27 H35 N9 O15 P2'
MG non-polymer 'MAGNESIUM ION' 'Mg 2'
NAD non-polymer NICOTINAMIDE-ADENINE-DINUCLEOTIDE 'C21 H27 N7 O14 P2'
PGE non-polymer 'TRIETHYLENE GLYCOL' 'C6 H14 O4'
SO4 non-polymer 'SULFATE ION' 'O4 S -2'
#
# COMPACT_ATOMS: atom_id res chain seq x y z
N ALA A 16 -41.33 6.38 -44.78
CA ALA A 16 -40.53 5.75 -43.71
C ALA A 16 -39.06 5.82 -44.09
N PRO A 17 -38.26 6.51 -43.28
CA PRO A 17 -36.89 6.82 -43.71
C PRO A 17 -36.03 5.58 -43.85
N ALA A 18 -35.09 5.64 -44.79
CA ALA A 18 -34.21 4.50 -45.02
C ALA A 18 -33.25 4.36 -43.83
N PRO A 19 -32.97 3.13 -43.40
CA PRO A 19 -32.11 2.94 -42.22
C PRO A 19 -30.73 3.52 -42.46
N PHE A 20 -30.27 4.32 -41.51
CA PHE A 20 -28.92 4.85 -41.44
C PHE A 20 -28.63 5.88 -42.53
N ALA A 21 -29.65 6.36 -43.24
CA ALA A 21 -29.39 7.30 -44.31
C ALA A 21 -28.99 8.68 -43.79
N ASP A 22 -29.27 8.99 -42.53
CA ASP A 22 -28.84 10.25 -41.92
C ASP A 22 -27.99 10.00 -40.68
N PHE A 23 -27.20 8.94 -40.67
CA PHE A 23 -26.55 8.51 -39.43
C PHE A 23 -25.69 9.63 -38.84
N ALA A 24 -24.69 10.09 -39.59
CA ALA A 24 -23.79 11.10 -39.05
C ALA A 24 -23.17 11.95 -40.15
N PRO A 25 -23.97 12.60 -40.99
CA PRO A 25 -23.39 13.41 -42.09
C PRO A 25 -22.51 14.49 -41.51
N PRO A 26 -21.37 14.77 -42.12
CA PRO A 26 -20.50 15.82 -41.58
C PRO A 26 -21.10 17.21 -41.80
N VAL A 27 -20.62 18.17 -41.00
CA VAL A 27 -21.11 19.54 -41.10
C VAL A 27 -20.87 20.11 -42.49
N ARG A 28 -19.74 19.77 -43.10
CA ARG A 28 -19.43 20.22 -44.45
C ARG A 28 -18.56 19.16 -45.12
N PRO A 29 -18.51 19.14 -46.45
CA PRO A 29 -17.55 18.27 -47.14
C PRO A 29 -16.14 18.57 -46.66
N GLN A 30 -15.38 17.51 -46.40
CA GLN A 30 -14.06 17.64 -45.81
C GLN A 30 -13.05 17.97 -46.91
N SER A 31 -12.45 19.14 -46.81
CA SER A 31 -11.34 19.54 -47.68
C SER A 31 -10.13 18.64 -47.50
N THR A 32 -9.21 18.72 -48.48
CA THR A 32 -7.91 18.04 -48.35
C THR A 32 -7.21 18.41 -47.05
N LEU A 33 -7.25 19.69 -46.66
CA LEU A 33 -6.61 20.08 -45.43
C LEU A 33 -7.31 19.49 -44.20
N ARG A 34 -8.65 19.46 -44.19
CA ARG A 34 -9.37 18.85 -43.08
C ARG A 34 -9.10 17.34 -43.01
N ARG A 35 -9.10 16.66 -44.18
CA ARG A 35 -8.85 15.23 -44.17
C ARG A 35 -7.46 14.91 -43.62
N ALA A 36 -6.47 15.79 -43.84
CA ALA A 36 -5.15 15.51 -43.29
C ALA A 36 -5.16 15.63 -41.76
N ILE A 37 -5.96 16.54 -41.22
CA ILE A 37 -6.10 16.62 -39.77
C ILE A 37 -6.62 15.28 -39.24
N THR A 38 -7.74 14.81 -39.82
CA THR A 38 -8.35 13.58 -39.35
C THR A 38 -7.39 12.40 -39.48
N ALA A 39 -6.64 12.33 -40.57
CA ALA A 39 -5.70 11.25 -40.75
C ALA A 39 -4.67 11.15 -39.63
N ALA A 40 -4.35 12.25 -38.95
CA ALA A 40 -3.30 12.24 -37.94
C ALA A 40 -3.82 12.00 -36.51
N TYR A 41 -5.14 11.86 -36.36
CA TYR A 41 -5.79 11.83 -35.04
C TYR A 41 -5.06 10.92 -34.06
N ARG A 42 -4.84 9.66 -34.47
CA ARG A 42 -4.21 8.66 -33.60
C ARG A 42 -3.00 8.04 -34.26
N ARG A 43 -2.29 8.81 -35.06
CA ARG A 43 -1.11 8.30 -35.74
C ARG A 43 -0.08 7.85 -34.71
N PRO A 44 0.58 6.71 -34.92
CA PRO A 44 1.59 6.26 -33.96
C PRO A 44 2.64 7.32 -33.69
N GLU A 45 3.08 7.36 -32.44
CA GLU A 45 4.01 8.38 -32.00
C GLU A 45 5.35 8.32 -32.71
N THR A 46 5.79 7.13 -33.13
CA THR A 46 7.03 7.03 -33.89
C THR A 46 6.90 7.64 -35.28
N GLU A 47 5.67 7.70 -35.82
CA GLU A 47 5.44 8.35 -37.10
C GLU A 47 5.31 9.86 -36.98
N CYS A 48 4.89 10.36 -35.81
CA CYS A 48 4.68 11.81 -35.71
C CYS A 48 5.97 12.61 -35.55
N LEU A 49 6.95 12.09 -34.80
CA LEU A 49 8.05 12.91 -34.33
C LEU A 49 9.06 13.30 -35.41
N PRO A 50 9.47 12.38 -36.28
CA PRO A 50 10.55 12.71 -37.26
C PRO A 50 10.33 14.02 -37.99
N PRO A 51 9.14 14.25 -38.60
CA PRO A 51 8.94 15.54 -39.29
C PRO A 51 8.92 16.72 -38.32
N LEU A 52 8.51 16.50 -37.07
CA LEU A 52 8.59 17.57 -36.09
C LEU A 52 10.05 17.86 -35.74
N VAL A 53 10.85 16.81 -35.56
CA VAL A 53 12.28 17.03 -35.32
C VAL A 53 12.91 17.81 -36.48
N GLU A 54 12.55 17.48 -37.74
CA GLU A 54 13.13 18.22 -38.86
C GLU A 54 12.67 19.67 -38.87
N ALA A 55 11.36 19.90 -38.64
CA ALA A 55 10.85 21.26 -38.62
C ALA A 55 11.44 22.11 -37.49
N ALA A 56 11.76 21.50 -36.36
CA ALA A 56 12.22 22.24 -35.18
C ALA A 56 13.74 22.41 -35.11
N THR A 57 14.47 21.87 -36.08
CA THR A 57 15.91 22.03 -36.12
C THR A 57 16.31 23.49 -36.34
N GLN A 58 17.35 23.91 -35.65
CA GLN A 58 17.93 25.25 -35.82
C GLN A 58 19.44 25.12 -35.92
N SER A 59 20.09 26.24 -36.23
CA SER A 59 21.53 26.18 -36.44
C SER A 59 22.24 26.00 -35.10
N LYS A 60 23.49 25.53 -35.19
CA LYS A 60 24.32 25.44 -33.99
C LYS A 60 24.43 26.80 -33.32
N GLU A 61 24.63 27.86 -34.11
CA GLU A 61 24.75 29.20 -33.54
C GLU A 61 23.47 29.61 -32.80
N ILE A 62 22.32 29.38 -33.42
CA ILE A 62 21.07 29.73 -32.75
C ILE A 62 20.91 28.92 -31.47
N ARG A 63 21.26 27.63 -31.50
CA ARG A 63 21.08 26.81 -30.31
C ARG A 63 21.94 27.29 -29.15
N ASP A 64 23.21 27.61 -29.42
CA ASP A 64 24.08 28.18 -28.39
C ASP A 64 23.51 29.49 -27.84
N ALA A 65 23.09 30.40 -28.73
CA ALA A 65 22.52 31.65 -28.26
C ALA A 65 21.25 31.42 -27.44
N ALA A 66 20.44 30.44 -27.83
CA ALA A 66 19.20 30.21 -27.10
C ALA A 66 19.48 29.65 -25.71
N ALA A 67 20.40 28.69 -25.61
CA ALA A 67 20.81 28.19 -24.30
C ALA A 67 21.33 29.32 -23.44
N SER A 68 22.07 30.24 -24.02
CA SER A 68 22.57 31.37 -23.23
C SER A 68 21.42 32.23 -22.73
N THR A 69 20.48 32.57 -23.62
CA THR A 69 19.34 33.38 -23.20
C THR A 69 18.55 32.68 -22.11
N ALA A 70 18.30 31.37 -22.30
CA ALA A 70 17.52 30.62 -21.32
C ALA A 70 18.23 30.55 -19.97
N ARG A 71 19.57 30.45 -20.01
CA ARG A 71 20.34 30.40 -18.78
C ARG A 71 20.21 31.70 -18.00
N LYS A 72 20.29 32.83 -18.70
CA LYS A 72 20.14 34.13 -18.05
C LYS A 72 18.75 34.30 -17.46
N LEU A 73 17.72 33.89 -18.21
CA LEU A 73 16.37 33.98 -17.65
C LEU A 73 16.21 33.12 -16.40
N ILE A 74 16.73 31.89 -16.43
CA ILE A 74 16.54 30.96 -15.31
C ILE A 74 17.32 31.40 -14.08
N GLU A 75 18.47 32.02 -14.29
CA GLU A 75 19.22 32.59 -13.17
C GLU A 75 18.46 33.75 -12.54
N ALA A 76 17.87 34.63 -13.35
CA ALA A 76 16.99 35.67 -12.81
C ALA A 76 15.89 35.07 -11.95
N LEU A 77 15.18 34.07 -12.47
CA LEU A 77 14.05 33.51 -11.76
C LEU A 77 14.48 32.95 -10.40
N ARG A 78 15.61 32.23 -10.37
CA ARG A 78 16.05 31.60 -9.12
C ARG A 78 16.57 32.61 -8.12
N GLY A 79 17.01 33.78 -8.56
CA GLY A 79 17.53 34.79 -7.67
C GLY A 79 16.51 35.80 -7.17
N LYS A 80 15.24 35.39 -7.10
CA LYS A 80 14.20 36.28 -6.59
C LYS A 80 12.99 35.45 -6.15
N GLY A 85 4.85 31.83 0.62
CA GLY A 85 3.50 32.28 0.98
C GLY A 85 2.84 31.36 2.00
N VAL A 86 2.18 30.31 1.51
CA VAL A 86 1.72 29.25 2.40
C VAL A 86 2.91 28.58 3.08
N GLU A 87 3.99 28.35 2.32
CA GLU A 87 5.21 27.82 2.93
C GLU A 87 5.60 28.66 4.14
N GLY A 88 5.46 29.98 4.05
CA GLY A 88 5.88 30.83 5.15
C GLY A 88 5.02 30.65 6.38
N LEU A 89 3.70 30.55 6.17
CA LEU A 89 2.77 30.30 7.27
C LEU A 89 3.08 28.97 7.96
N VAL A 90 3.26 27.92 7.16
CA VAL A 90 3.59 26.60 7.70
C VAL A 90 4.87 26.65 8.53
N GLN A 91 5.89 27.36 8.05
CA GLN A 91 7.14 27.46 8.79
C GLN A 91 6.96 28.23 10.09
N GLU A 92 6.29 29.40 10.02
CA GLU A 92 6.15 30.26 11.20
C GLU A 92 5.49 29.53 12.36
N TYR A 93 4.43 28.78 12.09
CA TYR A 93 3.69 28.12 13.15
C TYR A 93 4.01 26.63 13.26
N SER A 94 5.03 26.15 12.55
CA SER A 94 5.43 24.74 12.63
C SER A 94 4.25 23.80 12.35
N LEU A 95 3.48 24.11 11.31
CA LEU A 95 2.33 23.28 10.94
C LEU A 95 2.79 22.03 10.22
N SER A 96 2.17 20.90 10.56
CA SER A 96 2.22 19.72 9.71
C SER A 96 1.49 20.01 8.40
N SER A 97 1.62 19.08 7.44
CA SER A 97 0.92 19.26 6.17
C SER A 97 -0.59 19.24 6.35
N GLN A 98 -1.10 18.28 7.13
CA GLN A 98 -2.53 18.23 7.37
C GLN A 98 -3.03 19.47 8.11
N GLU A 99 -2.22 20.02 9.01
CA GLU A 99 -2.61 21.25 9.70
C GLU A 99 -2.69 22.44 8.75
N GLY A 100 -1.70 22.60 7.87
CA GLY A 100 -1.79 23.64 6.86
C GLY A 100 -3.04 23.48 6.00
N VAL A 101 -3.34 22.26 5.58
CA VAL A 101 -4.50 22.05 4.71
C VAL A 101 -5.78 22.40 5.46
N ALA A 102 -5.91 21.92 6.71
CA ALA A 102 -7.13 22.20 7.47
C ALA A 102 -7.26 23.67 7.78
N LEU A 103 -6.15 24.34 8.07
CA LEU A 103 -6.24 25.77 8.32
C LEU A 103 -6.76 26.50 7.09
N MET A 104 -6.33 26.10 5.89
CA MET A 104 -6.79 26.81 4.69
C MET A 104 -8.27 26.53 4.44
N CYS A 105 -8.70 25.29 4.67
CA CYS A 105 -10.12 24.97 4.61
C CYS A 105 -10.94 25.81 5.58
N LEU A 106 -10.44 25.98 6.82
CA LEU A 106 -11.11 26.86 7.77
C LEU A 106 -11.17 28.29 7.24
N ALA A 107 -10.04 28.82 6.79
CA ALA A 107 -10.01 30.17 6.27
C ALA A 107 -11.03 30.34 5.14
N GLU A 108 -11.03 29.40 4.18
CA GLU A 108 -12.00 29.42 3.10
C GLU A 108 -13.43 29.53 3.64
N ALA A 109 -13.80 28.70 4.62
CA ALA A 109 -15.14 28.75 5.20
C ALA A 109 -15.43 30.11 5.84
N LEU A 110 -14.49 30.62 6.64
CA LEU A 110 -14.70 31.91 7.29
C LEU A 110 -14.94 33.03 6.27
N LEU A 111 -14.28 32.96 5.11
CA LEU A 111 -14.47 33.98 4.09
C LEU A 111 -15.83 33.87 3.44
N ARG A 112 -16.44 32.67 3.41
CA ARG A 112 -17.83 32.57 2.97
C ARG A 112 -18.74 33.45 3.81
N ILE A 113 -18.31 33.85 5.00
CA ILE A 113 -19.04 34.84 5.80
C ILE A 113 -18.77 36.24 5.26
N PRO A 114 -19.80 36.96 4.78
CA PRO A 114 -19.53 38.23 4.08
C PRO A 114 -19.21 39.42 4.98
N ASP A 115 -19.85 39.53 6.14
CA ASP A 115 -19.72 40.71 6.99
C ASP A 115 -18.39 40.65 7.74
N THR A 116 -17.39 41.43 7.28
CA THR A 116 -16.04 41.32 7.80
C THR A 116 -16.00 41.33 9.33
N ALA A 117 -16.74 42.24 9.96
CA ALA A 117 -16.69 42.30 11.42
C ALA A 117 -17.46 41.14 12.05
N THR A 118 -18.53 40.66 11.40
CA THR A 118 -19.19 39.46 11.88
C THR A 118 -18.21 38.30 11.95
N ARG A 119 -17.46 38.10 10.87
CA ARG A 119 -16.44 37.07 10.84
C ARG A 119 -15.46 37.22 12.01
N ASP A 120 -14.87 38.41 12.14
CA ASP A 120 -13.85 38.64 13.16
C ASP A 120 -14.37 38.30 14.55
N ALA A 121 -15.66 38.57 14.80
CA ALA A 121 -16.23 38.24 16.10
C ALA A 121 -16.36 36.73 16.27
N LEU A 122 -16.84 36.05 15.24
CA LEU A 122 -16.95 34.60 15.33
C LEU A 122 -15.60 33.97 15.65
N ILE A 123 -14.56 34.42 14.96
CA ILE A 123 -13.22 33.94 15.24
C ILE A 123 -12.87 34.21 16.70
N ARG A 124 -12.99 35.47 17.12
CA ARG A 124 -12.46 35.89 18.42
C ARG A 124 -13.21 35.25 19.58
N ASP A 125 -14.53 35.05 19.45
CA ASP A 125 -15.35 34.63 20.58
C ASP A 125 -15.88 33.21 20.49
N LYS A 126 -15.64 32.51 19.39
CA LYS A 126 -16.23 31.19 19.22
C LYS A 126 -15.25 30.19 18.62
N ILE A 127 -14.60 30.56 17.52
CA ILE A 127 -13.68 29.63 16.88
C ILE A 127 -12.42 29.45 17.72
N ALA A 128 -11.82 30.58 18.13
CA ALA A 128 -10.53 30.49 18.79
C ALA A 128 -10.63 29.79 20.14
N ASP A 129 -11.80 29.84 20.79
CA ASP A 129 -12.12 29.10 22.00
C ASP A 129 -12.60 27.67 21.70
N GLY A 130 -11.92 27.00 20.76
CA GLY A 130 -12.23 25.62 20.42
C GLY A 130 -13.58 25.46 19.74
N ASN A 131 -14.20 24.30 20.00
CA ASN A 131 -15.52 23.95 19.47
C ASN A 131 -15.79 24.62 18.14
N TRP A 132 -14.88 24.47 17.17
CA TRP A 132 -15.11 25.00 15.84
C TRP A 132 -16.13 24.17 15.07
N LYS A 133 -16.23 22.87 15.39
CA LYS A 133 -17.32 22.05 14.86
C LYS A 133 -18.66 22.67 15.22
N SER A 134 -18.77 23.21 16.44
CA SER A 134 -20.02 23.77 16.92
C SER A 134 -20.59 24.84 15.99
N HIS A 135 -19.75 25.53 15.22
CA HIS A 135 -20.19 26.72 14.50
C HIS A 135 -20.03 26.65 12.99
N LEU A 136 -19.35 25.65 12.45
CA LEU A 136 -19.24 25.49 10.99
C LEU A 136 -19.16 24.00 10.62
N SER A 139 -24.18 21.39 7.64
CA SER A 139 -24.65 20.60 6.51
C SER A 139 -23.65 20.53 5.34
N ARG A 140 -22.38 20.79 5.62
CA ARG A 140 -21.35 20.80 4.58
C ARG A 140 -19.96 20.78 5.24
N SER A 141 -19.17 19.76 4.93
CA SER A 141 -17.87 19.61 5.54
C SER A 141 -17.03 20.85 5.29
N LEU A 142 -16.30 21.27 6.31
CA LEU A 142 -15.28 22.29 6.17
C LEU A 142 -14.25 21.94 5.09
N PHE A 143 -14.08 20.65 4.80
CA PHE A 143 -12.97 20.14 4.02
C PHE A 143 -13.37 19.68 2.62
N VAL A 144 -14.51 20.12 2.10
CA VAL A 144 -14.93 19.66 0.78
C VAL A 144 -13.87 19.95 -0.30
N ASN A 145 -13.12 21.05 -0.18
CA ASN A 145 -12.11 21.39 -1.17
C ASN A 145 -10.68 21.08 -0.71
N ALA A 146 -10.53 20.24 0.31
CA ALA A 146 -9.21 19.92 0.85
C ALA A 146 -8.28 19.33 -0.19
N ALA A 147 -8.81 18.63 -1.19
CA ALA A 147 -7.91 18.09 -2.20
C ALA A 147 -7.17 19.22 -2.90
N THR A 148 -7.88 20.32 -3.17
CA THR A 148 -7.25 21.47 -3.80
C THR A 148 -6.25 22.14 -2.88
N TRP A 149 -6.63 22.41 -1.63
CA TRP A 149 -5.69 23.00 -0.70
C TRP A 149 -4.52 22.06 -0.42
N GLY A 150 -4.75 20.76 -0.46
CA GLY A 150 -3.64 19.82 -0.33
C GLY A 150 -2.62 20.01 -1.43
N LEU A 151 -3.08 20.31 -2.65
CA LEU A 151 -2.16 20.63 -3.73
C LEU A 151 -1.36 21.90 -3.44
N VAL A 152 -2.03 22.92 -2.89
CA VAL A 152 -1.35 24.17 -2.58
C VAL A 152 -0.31 23.97 -1.49
N VAL A 153 -0.64 23.18 -0.47
CA VAL A 153 0.28 23.04 0.65
C VAL A 153 1.37 22.03 0.35
N THR A 154 1.04 20.92 -0.30
CA THR A 154 1.97 19.81 -0.42
C THR A 154 2.51 19.56 -1.83
N GLY A 155 1.85 20.07 -2.87
CA GLY A 155 2.22 19.75 -4.25
C GLY A 155 1.74 18.40 -4.74
N LYS A 156 1.00 17.66 -3.93
CA LYS A 156 0.49 16.36 -4.29
C LYS A 156 -1.03 16.38 -4.24
N LEU A 157 -1.64 15.63 -5.14
CA LEU A 157 -3.09 15.57 -5.27
C LEU A 157 -3.59 14.26 -4.68
N THR A 158 -4.52 14.34 -3.72
CA THR A 158 -5.24 13.18 -3.21
C THR A 158 -6.67 13.26 -3.72
N SER A 159 -7.13 12.18 -4.33
CA SER A 159 -8.46 12.13 -4.90
C SER A 159 -9.55 12.39 -3.85
N THR A 160 -9.43 11.79 -2.67
CA THR A 160 -10.41 12.02 -1.63
C THR A 160 -9.75 12.61 -0.38
N VAL A 161 -10.60 13.05 0.54
CA VAL A 161 -10.23 13.90 1.65
C VAL A 161 -10.34 13.06 2.92
N ASN A 162 -9.27 12.96 3.68
CA ASN A 162 -9.35 12.29 4.98
C ASN A 162 -9.86 13.35 5.95
N ASP A 163 -11.18 13.43 6.05
CA ASP A 163 -11.80 14.49 6.85
C ASP A 163 -11.61 14.26 8.35
N ARG A 164 -11.44 13.02 8.80
CA ARG A 164 -11.17 12.83 10.23
C ARG A 164 -9.77 13.26 10.60
N SER A 165 -8.77 12.98 9.76
CA SER A 165 -7.42 13.51 9.96
C SER A 165 -7.41 15.03 10.00
N LEU A 166 -8.12 15.68 9.05
CA LEU A 166 -8.13 17.14 8.97
C LEU A 166 -8.85 17.76 10.15
N ALA A 167 -9.92 17.12 10.61
CA ALA A 167 -10.61 17.65 11.78
C ALA A 167 -9.70 17.56 13.02
N ALA A 168 -9.00 16.45 13.17
CA ALA A 168 -8.07 16.32 14.28
C ALA A 168 -6.96 17.36 14.19
N ALA A 169 -6.45 17.60 12.97
CA ALA A 169 -5.39 18.58 12.81
C ALA A 169 -5.87 19.99 13.12
N LEU A 170 -7.10 20.32 12.73
CA LEU A 170 -7.60 21.66 12.96
C LEU A 170 -7.85 21.90 14.45
N THR A 171 -8.42 20.92 15.13
CA THR A 171 -8.55 21.02 16.59
C THR A 171 -7.17 21.22 17.24
N ARG A 172 -6.18 20.43 16.80
CA ARG A 172 -4.85 20.51 17.40
C ARG A 172 -4.23 21.90 17.22
N LEU A 173 -4.24 22.43 15.99
CA LEU A 173 -3.55 23.68 15.73
C LEU A 173 -4.25 24.85 16.42
N ILE A 174 -5.57 24.81 16.52
CA ILE A 174 -6.29 25.88 17.22
C ILE A 174 -6.01 25.79 18.71
N SER A 175 -6.03 24.57 19.27
CA SER A 175 -5.76 24.44 20.70
C SER A 175 -4.34 24.83 21.04
N ARG A 176 -3.43 24.72 20.07
CA ARG A 176 -2.05 25.13 20.27
C ARG A 176 -1.88 26.64 20.14
N CYS A 177 -2.38 27.23 19.05
CA CYS A 177 -1.97 28.58 18.67
C CYS A 177 -3.08 29.61 18.57
N GLY A 178 -4.34 29.23 18.73
CA GLY A 178 -5.36 30.24 18.98
C GLY A 178 -5.67 31.19 17.84
N GLU A 179 -6.23 32.35 18.22
CA GLU A 179 -6.70 33.29 17.22
C GLU A 179 -5.59 33.74 16.27
N PRO A 180 -4.35 33.94 16.70
CA PRO A 180 -3.34 34.44 15.76
C PRO A 180 -3.15 33.57 14.53
N VAL A 181 -3.09 32.24 14.70
CA VAL A 181 -2.87 31.44 13.52
C VAL A 181 -4.10 31.48 12.61
N ILE A 182 -5.30 31.59 13.20
CA ILE A 182 -6.51 31.68 12.39
C ILE A 182 -6.48 32.97 11.58
N ARG A 183 -6.07 34.07 12.21
CA ARG A 183 -5.98 35.36 11.52
C ARG A 183 -5.02 35.27 10.34
N ARG A 184 -3.84 34.70 10.55
CA ARG A 184 -2.88 34.55 9.45
C ARG A 184 -3.42 33.62 8.37
N GLY A 185 -4.16 32.59 8.75
CA GLY A 185 -4.76 31.73 7.75
C GLY A 185 -5.77 32.47 6.89
N VAL A 186 -6.61 33.29 7.52
CA VAL A 186 -7.63 34.02 6.80
C VAL A 186 -7.00 35.00 5.81
N ASP A 187 -6.00 35.74 6.25
CA ASP A 187 -5.40 36.73 5.38
C ASP A 187 -4.69 36.07 4.20
N MET A 188 -3.95 35.00 4.46
CA MET A 188 -3.35 34.21 3.41
C MET A 188 -4.40 33.76 2.39
N ALA A 189 -5.50 33.19 2.87
CA ALA A 189 -6.50 32.67 1.93
C ALA A 189 -7.13 33.79 1.12
N MET A 190 -7.46 34.89 1.79
CA MET A 190 -8.03 36.07 1.11
C MET A 190 -7.10 36.57 0.00
N ARG A 191 -5.79 36.57 0.22
CA ARG A 191 -4.85 37.02 -0.81
C ARG A 191 -4.80 36.04 -1.98
N MET A 192 -4.64 34.75 -1.70
CA MET A 192 -4.52 33.79 -2.80
C MET A 192 -5.79 33.73 -3.64
N MET A 193 -6.96 33.79 -3.02
CA MET A 193 -8.21 33.60 -3.73
C MET A 193 -8.73 34.89 -4.38
N GLY A 194 -8.36 36.05 -3.87
CA GLY A 194 -8.83 37.30 -4.41
C GLY A 194 -7.80 37.95 -5.33
N GLU A 195 -6.53 37.52 -5.22
CA GLU A 195 -5.45 38.20 -5.93
C GLU A 195 -4.45 37.32 -6.66
N GLN A 196 -4.30 36.05 -6.30
CA GLN A 196 -3.29 35.15 -6.90
C GLN A 196 -3.87 34.14 -7.88
N PHE A 197 -4.98 33.52 -7.55
CA PHE A 197 -5.62 32.56 -8.43
C PHE A 197 -6.54 33.22 -9.43
N VAL A 198 -6.99 34.42 -9.12
CA VAL A 198 -7.74 35.26 -10.04
C VAL A 198 -7.12 36.64 -10.05
N THR A 199 -7.30 37.32 -11.17
CA THR A 199 -6.91 38.72 -11.24
C THR A 199 -7.91 39.58 -10.49
N GLY A 200 -9.15 39.12 -10.38
CA GLY A 200 -10.17 39.82 -9.62
C GLY A 200 -11.42 39.00 -9.56
N GLU A 201 -12.29 39.35 -8.62
CA GLU A 201 -13.52 38.58 -8.45
C GLU A 201 -14.54 38.92 -9.51
N THR A 202 -14.51 40.17 -10.00
CA THR A 202 -15.37 40.66 -11.07
C THR A 202 -14.52 41.30 -12.16
N ILE A 203 -15.13 41.49 -13.33
CA ILE A 203 -14.35 42.04 -14.43
C ILE A 203 -13.92 43.45 -14.10
N ARG A 204 -14.76 44.21 -13.37
CA ARG A 204 -14.38 45.58 -13.04
C ARG A 204 -13.18 45.62 -12.11
N GLU A 205 -13.12 44.71 -11.14
CA GLU A 205 -11.98 44.64 -10.24
C GLU A 205 -10.73 44.16 -10.98
N ALA A 206 -10.90 43.17 -11.86
CA ALA A 206 -9.75 42.69 -12.62
C ALA A 206 -9.16 43.79 -13.50
N LEU A 207 -10.02 44.60 -14.12
CA LEU A 207 -9.52 45.68 -14.95
C LEU A 207 -8.79 46.73 -14.13
N LYS A 208 -9.34 47.08 -12.95
CA LYS A 208 -8.63 48.00 -12.06
C LYS A 208 -7.22 47.47 -11.76
N ARG A 209 -7.08 46.18 -11.51
CA ARG A 209 -5.80 45.63 -11.10
C ARG A 209 -4.83 45.38 -12.26
N SER A 210 -5.30 45.46 -13.50
CA SER A 210 -4.45 45.30 -14.67
C SER A 210 -3.66 46.55 -15.05
N LYS A 211 -4.05 47.73 -14.54
CA LYS A 211 -3.42 48.97 -14.98
C LYS A 211 -1.92 48.95 -14.74
N GLU A 212 -1.50 48.40 -13.59
CA GLU A 212 -0.10 48.52 -13.22
C GLU A 212 0.82 47.84 -14.23
N LEU A 213 0.53 46.58 -14.59
CA LEU A 213 1.40 45.88 -15.53
C LEU A 213 1.18 46.32 -16.98
N GLU A 214 -0.02 46.78 -17.34
CA GLU A 214 -0.15 47.42 -18.65
C GLU A 214 0.84 48.58 -18.80
N GLU A 215 1.07 49.33 -17.71
CA GLU A 215 2.08 50.39 -17.75
C GLU A 215 3.43 49.82 -18.14
N LYS A 216 3.83 48.69 -17.53
CA LYS A 216 5.11 48.04 -17.80
C LYS A 216 5.15 47.31 -19.13
N GLY A 217 4.19 47.43 -20.05
CA GLY A 217 4.25 46.80 -21.36
C GLY A 217 3.48 45.49 -21.51
N PHE A 218 2.79 45.01 -20.49
CA PHE A 218 1.99 43.82 -20.66
C PHE A 218 0.63 44.16 -21.25
N SER A 219 -0.07 43.14 -21.72
CA SER A 219 -1.48 43.24 -22.05
C SER A 219 -2.18 42.07 -21.38
N TYR A 220 -3.52 41.99 -21.57
CA TYR A 220 -4.36 41.05 -20.82
C TYR A 220 -5.38 40.38 -21.72
N SER A 221 -5.73 39.15 -21.38
CA SER A 221 -6.88 38.48 -21.95
C SER A 221 -7.63 37.87 -20.77
N TYR A 222 -8.90 38.19 -20.64
CA TYR A 222 -9.64 37.86 -19.43
C TYR A 222 -10.42 36.59 -19.66
N ASP A 223 -10.36 35.69 -18.69
CA ASP A 223 -11.09 34.42 -18.73
C ASP A 223 -12.12 34.37 -17.61
N MET A 224 -13.40 34.36 -18.00
CA MET A 224 -14.52 34.39 -17.06
C MET A 224 -14.86 32.98 -16.46
N LEU A 225 -13.96 32.01 -16.58
CA LEU A 225 -14.01 30.76 -15.81
C LEU A 225 -15.32 29.99 -16.02
N GLY A 226 -16.06 30.26 -17.08
CA GLY A 226 -17.17 29.38 -17.44
C GLY A 226 -16.68 28.17 -18.24
N GLU A 227 -17.27 27.00 -17.96
CA GLU A 227 -17.12 25.83 -18.81
C GLU A 227 -18.15 24.77 -18.45
N ALA A 228 -18.33 23.83 -19.37
CA ALA A 228 -19.16 22.66 -19.16
C ALA A 228 -20.57 23.03 -18.69
N ALA A 229 -21.26 23.84 -19.50
CA ALA A 229 -22.69 24.03 -19.29
C ALA A 229 -23.41 22.67 -19.26
N THR A 230 -24.25 22.49 -18.26
CA THR A 230 -25.03 21.28 -18.09
C THR A 230 -26.47 21.45 -18.51
N THR A 231 -26.97 22.69 -18.50
CA THR A 231 -28.34 23.02 -18.87
C THR A 231 -28.38 24.24 -19.77
N ALA A 232 -29.53 24.44 -20.41
CA ALA A 232 -29.73 25.64 -21.20
C ALA A 232 -29.57 26.88 -20.32
N ALA A 233 -30.08 26.82 -19.09
CA ALA A 233 -29.95 27.95 -18.17
C ALA A 233 -28.49 28.31 -17.94
N ASP A 234 -27.63 27.31 -17.75
CA ASP A 234 -26.22 27.58 -17.48
C ASP A 234 -25.57 28.21 -18.69
N ALA A 235 -25.91 27.72 -19.87
CA ALA A 235 -25.32 28.28 -21.08
C ALA A 235 -25.71 29.76 -21.24
N GLU A 236 -27.00 30.07 -21.03
CA GLU A 236 -27.44 31.46 -21.15
C GLU A 236 -26.78 32.33 -20.08
N ARG A 237 -26.48 31.78 -18.90
CA ARG A 237 -25.79 32.55 -17.87
C ARG A 237 -24.33 32.76 -18.22
N TYR A 238 -23.67 31.76 -18.77
CA TYR A 238 -22.32 31.99 -19.23
C TYR A 238 -22.29 32.98 -20.39
N TYR A 239 -23.31 32.94 -21.26
CA TYR A 239 -23.36 33.89 -22.37
C TYR A 239 -23.47 35.32 -21.86
N ARG A 240 -24.36 35.56 -20.89
CA ARG A 240 -24.49 36.95 -20.45
C ARG A 240 -23.29 37.38 -19.62
N ASP A 241 -22.60 36.46 -18.95
CA ASP A 241 -21.34 36.80 -18.32
C ASP A 241 -20.32 37.29 -19.36
N TYR A 242 -20.14 36.53 -20.44
CA TYR A 242 -19.21 36.92 -21.51
C TYR A 242 -19.61 38.27 -22.12
N GLU A 243 -20.90 38.46 -22.40
CA GLU A 243 -21.34 39.69 -23.02
C GLU A 243 -21.03 40.89 -22.14
N SER A 244 -21.36 40.79 -20.85
CA SER A 244 -21.10 41.90 -19.93
C SER A 244 -19.59 42.16 -19.78
N ALA A 245 -18.79 41.10 -19.80
CA ALA A 245 -17.34 41.28 -19.74
C ALA A 245 -16.80 41.97 -21.00
N ILE A 246 -17.28 41.57 -22.18
CA ILE A 246 -16.87 42.25 -23.41
C ILE A 246 -17.15 43.75 -23.31
N HIS A 247 -18.29 44.12 -22.74
CA HIS A 247 -18.58 45.55 -22.63
C HIS A 247 -17.57 46.24 -21.73
N ALA A 248 -17.28 45.64 -20.56
CA ALA A 248 -16.37 46.28 -19.62
C ALA A 248 -14.95 46.35 -20.20
N ILE A 249 -14.52 45.29 -20.87
CA ILE A 249 -13.20 45.25 -21.47
C ILE A 249 -13.11 46.24 -22.63
N GLY A 250 -14.13 46.26 -23.48
CA GLY A 250 -14.13 47.21 -24.59
C GLY A 250 -14.16 48.65 -24.13
N LYS A 251 -14.95 48.95 -23.10
CA LYS A 251 -14.96 50.32 -22.56
C LYS A 251 -13.60 50.70 -22.02
N ALA A 252 -12.93 49.75 -21.33
CA ALA A 252 -11.61 49.99 -20.80
C ALA A 252 -10.56 50.04 -21.90
N SER A 253 -10.72 49.22 -22.94
CA SER A 253 -9.75 49.24 -24.03
C SER A 253 -9.65 50.62 -24.62
N ALA A 254 -10.78 51.31 -24.74
CA ALA A 254 -10.86 52.67 -25.23
C ALA A 254 -10.04 52.87 -26.52
N GLY A 255 -10.24 51.97 -27.47
CA GLY A 255 -9.63 52.12 -28.77
C GLY A 255 -8.19 51.69 -28.92
N ARG A 256 -7.56 51.08 -27.90
CA ARG A 256 -6.17 50.63 -28.07
C ARG A 256 -6.01 49.56 -29.13
N GLY A 257 -7.08 48.88 -29.55
CA GLY A 257 -6.95 47.87 -30.60
C GLY A 257 -6.61 46.49 -30.05
N ILE A 258 -6.45 45.55 -30.98
CA ILE A 258 -6.36 44.14 -30.57
C ILE A 258 -5.00 43.68 -30.11
N TYR A 259 -3.93 44.39 -30.45
CA TYR A 259 -2.58 43.98 -30.03
C TYR A 259 -2.17 44.64 -28.73
N GLU A 260 -2.36 45.95 -28.59
CA GLU A 260 -1.99 46.64 -27.38
C GLU A 260 -3.05 46.48 -26.30
N GLY A 261 -4.32 46.42 -26.69
CA GLY A 261 -5.40 46.44 -25.73
C GLY A 261 -5.88 45.07 -25.34
N PRO A 262 -6.71 45.02 -24.29
CA PRO A 262 -7.15 43.74 -23.74
C PRO A 262 -8.15 43.04 -24.63
N GLY A 263 -8.22 41.73 -24.42
CA GLY A 263 -9.18 40.87 -25.07
C GLY A 263 -9.88 39.94 -24.09
N ILE A 264 -10.68 39.01 -24.62
CA ILE A 264 -11.40 38.02 -23.82
C ILE A 264 -11.15 36.63 -24.40
N SER A 265 -11.14 35.61 -23.54
CA SER A 265 -11.11 34.21 -23.97
C SER A 265 -12.40 33.52 -23.55
N ILE A 266 -12.96 32.68 -24.42
CA ILE A 266 -14.20 31.96 -24.13
C ILE A 266 -13.97 30.47 -24.36
N LYS A 267 -14.81 29.66 -23.73
CA LYS A 267 -14.84 28.21 -23.93
C LYS A 267 -16.17 27.87 -24.58
N LEU A 268 -16.13 27.14 -25.70
CA LEU A 268 -17.39 26.86 -26.37
C LEU A 268 -18.28 25.94 -25.54
N SER A 269 -17.68 25.08 -24.73
CA SER A 269 -18.48 24.20 -23.88
C SER A 269 -19.31 24.98 -22.87
N ALA A 270 -18.94 26.23 -22.57
CA ALA A 270 -19.75 27.03 -21.67
C ALA A 270 -21.03 27.54 -22.35
N LEU A 271 -21.09 27.55 -23.69
CA LEU A 271 -22.15 28.24 -24.39
C LEU A 271 -23.20 27.29 -24.96
N HIS A 272 -23.03 25.99 -24.74
CA HIS A 272 -24.06 25.08 -25.15
C HIS A 272 -23.94 23.78 -24.36
N PRO A 273 -25.04 23.22 -23.87
CA PRO A 273 -24.95 22.04 -23.00
C PRO A 273 -24.70 20.73 -23.73
N ARG A 274 -24.78 20.72 -25.05
CA ARG A 274 -24.51 19.52 -25.83
C ARG A 274 -23.46 19.81 -26.91
N TYR A 275 -22.32 20.34 -26.48
CA TYR A 275 -21.23 20.69 -27.39
C TYR A 275 -20.44 19.43 -27.66
N SER A 276 -20.79 18.75 -28.74
CA SER A 276 -20.17 17.48 -29.09
C SER A 276 -20.41 17.17 -30.56
N ARG A 277 -19.57 16.27 -31.09
CA ARG A 277 -19.74 15.86 -32.47
C ARG A 277 -21.08 15.17 -32.69
N ALA A 278 -21.55 14.40 -31.69
CA ALA A 278 -22.83 13.70 -31.85
C ALA A 278 -23.98 14.69 -32.05
N GLN A 279 -23.87 15.89 -31.49
CA GLN A 279 -24.90 16.91 -31.61
C GLN A 279 -24.44 18.06 -32.53
N ALA A 280 -23.65 17.73 -33.56
CA ALA A 280 -23.09 18.78 -34.44
C ALA A 280 -24.15 19.70 -35.04
N ALA A 281 -25.31 19.15 -35.44
CA ALA A 281 -26.36 19.96 -36.03
C ALA A 281 -26.87 21.00 -35.04
N ARG A 282 -27.08 20.59 -33.79
CA ARG A 282 -27.48 21.55 -32.76
C ARG A 282 -26.38 22.58 -32.52
N VAL A 283 -25.13 22.16 -32.57
CA VAL A 283 -24.02 23.09 -32.32
C VAL A 283 -23.98 24.16 -33.40
N MET A 284 -24.06 23.75 -34.66
CA MET A 284 -24.02 24.77 -35.72
C MET A 284 -25.28 25.65 -35.71
N GLY A 285 -26.44 25.10 -35.33
CA GLY A 285 -27.67 25.85 -35.33
C GLY A 285 -27.85 26.78 -34.15
N GLU A 286 -27.31 26.41 -33.00
CA GLU A 286 -27.63 27.10 -31.75
C GLU A 286 -26.42 27.73 -31.10
N LEU A 287 -25.27 27.08 -31.13
CA LEU A 287 -24.09 27.66 -30.52
C LEU A 287 -23.44 28.70 -31.43
N LEU A 288 -23.32 28.40 -32.72
CA LEU A 288 -22.70 29.33 -33.67
C LEU A 288 -23.29 30.73 -33.59
N PRO A 289 -24.61 30.91 -33.59
CA PRO A 289 -25.15 32.28 -33.53
C PRO A 289 -24.75 33.02 -32.28
N ARG A 290 -24.59 32.31 -31.15
CA ARG A 290 -24.22 32.97 -29.91
C ARG A 290 -22.79 33.46 -29.96
N VAL A 291 -21.87 32.63 -30.48
CA VAL A 291 -20.50 33.08 -30.67
C VAL A 291 -20.44 34.25 -31.64
N LYS A 292 -21.23 34.20 -32.72
CA LYS A 292 -21.25 35.32 -33.66
C LYS A 292 -21.69 36.61 -32.98
N ALA A 293 -22.68 36.55 -32.09
CA ALA A 293 -23.12 37.76 -31.43
C ALA A 293 -22.04 38.31 -30.51
N LEU A 294 -21.33 37.44 -29.80
CA LEU A 294 -20.23 37.92 -28.97
C LEU A 294 -19.12 38.49 -29.83
N ALA A 295 -18.83 37.84 -30.95
CA ALA A 295 -17.78 38.36 -31.83
C ALA A 295 -18.16 39.71 -32.45
N LEU A 296 -19.43 39.91 -32.79
CA LEU A 296 -19.86 41.19 -33.31
C LEU A 296 -19.63 42.30 -32.29
N LEU A 297 -19.85 41.99 -31.02
CA LEU A 297 -19.59 42.97 -29.97
C LEU A 297 -18.10 43.22 -29.82
N ALA A 298 -17.29 42.17 -29.85
CA ALA A 298 -15.86 42.40 -29.76
C ALA A 298 -15.36 43.23 -30.94
N LYS A 299 -15.90 42.97 -32.14
CA LYS A 299 -15.56 43.77 -33.31
C LYS A 299 -15.90 45.25 -33.08
N ASN A 300 -17.09 45.54 -32.50
CA ASN A 300 -17.44 46.95 -32.33
C ASN A 300 -16.44 47.66 -31.42
N TYR A 301 -16.00 47.00 -30.35
CA TYR A 301 -14.99 47.61 -29.51
C TYR A 301 -13.56 47.42 -30.02
N ASP A 302 -13.37 46.59 -31.04
CA ASP A 302 -12.05 46.23 -31.56
C ASP A 302 -11.14 45.64 -30.47
N ILE A 303 -11.59 44.54 -29.87
CA ILE A 303 -10.80 43.78 -28.91
C ILE A 303 -10.66 42.36 -29.44
N GLY A 304 -9.73 41.63 -28.88
CA GLY A 304 -9.59 40.23 -29.22
C GLY A 304 -10.69 39.37 -28.60
N LEU A 305 -11.03 38.29 -29.31
CA LEU A 305 -11.91 37.25 -28.80
C LEU A 305 -11.29 35.92 -29.17
N ASN A 306 -10.81 35.18 -28.18
CA ASN A 306 -10.11 33.91 -28.37
C ASN A 306 -11.01 32.74 -27.98
N ILE A 307 -11.04 31.73 -28.83
CA ILE A 307 -11.69 30.45 -28.54
C ILE A 307 -10.68 29.47 -27.94
N ASP A 308 -10.84 29.16 -26.64
CA ASP A 308 -9.96 28.22 -25.93
C ASP A 308 -10.10 26.81 -26.49
N ALA A 309 -9.02 26.02 -26.41
CA ALA A 309 -9.04 24.62 -26.83
C ALA A 309 -9.32 23.69 -25.66
N GLU A 310 -10.19 22.70 -25.90
CA GLU A 310 -10.61 21.80 -24.82
C GLU A 310 -10.24 20.36 -25.17
N GLU A 311 -11.17 19.43 -24.99
CA GLU A 311 -10.82 18.02 -25.16
C GLU A 311 -10.57 17.69 -26.63
N ALA A 312 -9.81 16.63 -26.84
CA ALA A 312 -9.40 16.25 -28.19
C ALA A 312 -10.59 15.97 -29.09
N ASP A 313 -11.70 15.48 -28.54
CA ASP A 313 -12.83 15.16 -29.42
C ASP A 313 -13.70 16.38 -29.75
N ARG A 314 -13.33 17.55 -29.28
CA ARG A 314 -13.96 18.79 -29.68
C ARG A 314 -13.12 19.62 -30.65
N LEU A 315 -11.88 19.21 -30.93
CA LEU A 315 -11.00 19.96 -31.81
C LEU A 315 -11.63 20.16 -33.18
N GLU A 316 -11.95 19.09 -33.88
CA GLU A 316 -12.39 19.28 -35.26
C GLU A 316 -13.75 19.96 -35.37
N LEU A 317 -14.67 19.67 -34.45
CA LEU A 317 -15.93 20.41 -34.39
C LEU A 317 -15.69 21.92 -34.23
N SER A 318 -14.73 22.32 -33.40
CA SER A 318 -14.48 23.75 -33.25
C SER A 318 -13.98 24.38 -34.55
N LEU A 319 -13.30 23.63 -35.40
CA LEU A 319 -12.84 24.18 -36.67
C LEU A 319 -14.02 24.56 -37.57
N ASP A 320 -15.13 23.84 -37.46
CA ASP A 320 -16.29 24.17 -38.28
C ASP A 320 -16.88 25.49 -37.85
N LEU A 321 -16.84 25.78 -36.55
CA LEU A 321 -17.30 27.08 -36.08
C LEU A 321 -16.34 28.18 -36.53
N LEU A 322 -15.04 27.93 -36.39
CA LEU A 322 -14.04 28.93 -36.77
C LEU A 322 -14.17 29.28 -38.26
N GLU A 323 -14.36 28.26 -39.11
CA GLU A 323 -14.48 28.53 -40.53
C GLU A 323 -15.70 29.38 -40.85
N VAL A 324 -16.87 29.04 -40.28
CA VAL A 324 -18.06 29.85 -40.59
C VAL A 324 -17.85 31.29 -40.15
N LEU A 325 -17.30 31.49 -38.96
CA LEU A 325 -17.14 32.86 -38.45
C LEU A 325 -16.18 33.65 -39.31
N CYS A 326 -15.07 33.04 -39.72
CA CYS A 326 -14.09 33.79 -40.52
C CYS A 326 -14.57 34.11 -41.93
N LEU A 327 -15.54 33.36 -42.44
CA LEU A 327 -16.11 33.63 -43.75
C LEU A 327 -17.36 34.49 -43.65
N ASP A 328 -17.81 34.84 -42.44
CA ASP A 328 -19.03 35.64 -42.28
C ASP A 328 -18.73 37.11 -42.51
N GLY A 329 -19.37 37.68 -43.55
CA GLY A 329 -19.10 39.07 -43.92
C GLY A 329 -19.46 40.09 -42.87
N ASP A 330 -20.41 39.76 -41.98
CA ASP A 330 -20.76 40.67 -40.91
C ASP A 330 -19.61 40.92 -39.93
N LEU A 331 -18.61 40.06 -39.92
CA LEU A 331 -17.45 40.20 -39.04
C LEU A 331 -16.21 40.75 -39.74
N SER A 332 -16.32 41.14 -41.01
CA SER A 332 -15.15 41.61 -41.75
C SER A 332 -14.69 42.96 -41.24
N GLY A 333 -13.41 43.24 -41.43
CA GLY A 333 -12.83 44.47 -40.93
C GLY A 333 -12.24 44.35 -39.54
N TRP A 334 -12.39 43.22 -38.89
CA TRP A 334 -11.90 42.97 -37.55
C TRP A 334 -10.99 41.75 -37.56
N ASN A 335 -9.79 41.89 -36.99
CA ASN A 335 -8.81 40.81 -36.92
C ASN A 335 -8.61 40.25 -35.49
N GLY A 336 -9.59 40.46 -34.60
CA GLY A 336 -9.46 40.02 -33.21
C GLY A 336 -9.83 38.57 -32.92
N MET A 337 -10.38 37.83 -33.89
CA MET A 337 -10.74 36.44 -33.65
C MET A 337 -9.47 35.61 -33.44
N GLY A 338 -9.46 34.85 -32.34
CA GLY A 338 -8.35 34.00 -31.99
C GLY A 338 -8.79 32.57 -31.71
N PHE A 339 -7.82 31.66 -31.80
CA PHE A 339 -8.08 30.22 -31.74
C PHE A 339 -6.85 29.56 -31.14
N VAL A 340 -7.06 28.68 -30.17
CA VAL A 340 -5.98 27.96 -29.48
C VAL A 340 -5.72 26.64 -30.18
N VAL A 341 -4.44 26.30 -30.34
CA VAL A 341 -4.02 25.00 -30.81
C VAL A 341 -3.05 24.39 -29.79
N GLN A 342 -3.22 23.09 -29.54
CA GLN A 342 -2.52 22.38 -28.47
C GLN A 342 -1.39 21.53 -29.08
N ALA A 343 -0.16 21.89 -28.74
CA ALA A 343 0.97 21.20 -29.32
C ALA A 343 1.17 19.78 -28.79
N TYR A 344 0.52 19.38 -27.70
CA TYR A 344 0.59 17.98 -27.30
C TYR A 344 -0.27 17.08 -28.18
N GLY A 345 -1.04 17.67 -29.09
CA GLY A 345 -1.90 16.89 -29.97
C GLY A 345 -1.17 16.55 -31.27
N LYS A 346 -1.36 15.30 -31.72
CA LYS A 346 -0.75 14.80 -32.94
C LYS A 346 -1.24 15.50 -34.20
N ARG A 347 -2.39 16.17 -34.12
CA ARG A 347 -2.94 16.90 -35.24
C ARG A 347 -2.41 18.33 -35.36
N CYS A 348 -1.69 18.82 -34.35
CA CYS A 348 -1.37 20.25 -34.27
C CYS A 348 -0.83 20.84 -35.57
N PRO A 349 0.18 20.26 -36.21
CA PRO A 349 0.73 20.92 -37.42
C PRO A 349 -0.27 20.95 -38.56
N PHE A 350 -1.12 19.93 -38.69
CA PHE A 350 -2.12 19.91 -39.73
C PHE A 350 -3.27 20.86 -39.43
N VAL A 351 -3.59 21.04 -38.15
CA VAL A 351 -4.57 22.05 -37.75
C VAL A 351 -4.05 23.45 -38.12
N LEU A 352 -2.75 23.69 -37.89
CA LEU A 352 -2.17 24.98 -38.24
C LEU A 352 -2.18 25.22 -39.75
N ASP A 353 -1.84 24.20 -40.55
CA ASP A 353 -1.93 24.39 -42.00
C ASP A 353 -3.35 24.82 -42.38
N PHE A 354 -4.35 24.18 -41.74
CA PHE A 354 -5.75 24.50 -42.05
C PHE A 354 -6.07 25.93 -41.67
N ILE A 355 -5.64 26.35 -40.48
CA ILE A 355 -5.94 27.70 -40.01
C ILE A 355 -5.23 28.74 -40.86
N ILE A 356 -3.95 28.52 -41.14
CA ILE A 356 -3.20 29.46 -41.99
C ILE A 356 -3.87 29.59 -43.37
N ASP A 357 -4.24 28.46 -43.98
CA ASP A 357 -4.99 28.54 -45.24
C ASP A 357 -6.31 29.31 -45.07
N LEU A 358 -7.00 29.09 -43.95
CA LEU A 358 -8.28 29.77 -43.75
C LEU A 358 -8.08 31.26 -43.60
N ALA A 359 -7.01 31.65 -42.91
CA ALA A 359 -6.68 33.06 -42.78
C ALA A 359 -6.38 33.68 -44.16
N ARG A 360 -5.72 32.92 -45.04
CA ARG A 360 -5.50 33.39 -46.41
C ARG A 360 -6.80 33.58 -47.17
N ARG A 361 -7.68 32.57 -47.16
CA ARG A 361 -8.91 32.69 -47.93
C ARG A 361 -9.82 33.79 -47.41
N SER A 362 -9.90 33.91 -46.09
CA SER A 362 -10.82 34.85 -45.47
C SER A 362 -10.25 36.25 -45.44
N GLY A 363 -8.92 36.38 -45.52
CA GLY A 363 -8.32 37.67 -45.32
C GLY A 363 -8.26 38.11 -43.86
N ARG A 364 -8.60 37.25 -42.92
CA ARG A 364 -8.56 37.61 -41.50
C ARG A 364 -7.21 37.18 -40.95
N ARG A 365 -6.53 38.08 -40.25
CA ARG A 365 -5.29 37.73 -39.55
C ARG A 365 -5.65 37.04 -38.23
N ILE A 366 -5.80 35.71 -38.28
CA ILE A 366 -6.30 34.96 -37.12
C ILE A 366 -5.26 34.96 -36.02
N MET A 367 -5.70 35.23 -34.80
CA MET A 367 -4.79 35.19 -33.66
C MET A 367 -4.68 33.75 -33.21
N VAL A 368 -3.50 33.15 -33.31
CA VAL A 368 -3.31 31.73 -32.99
C VAL A 368 -2.49 31.63 -31.72
N ARG A 369 -3.12 31.17 -30.66
CA ARG A 369 -2.45 30.91 -29.40
C ARG A 369 -1.95 29.47 -29.40
N LEU A 370 -0.63 29.29 -29.41
CA LEU A 370 -0.05 27.97 -29.32
C LEU A 370 0.21 27.63 -27.85
N VAL A 371 -0.38 26.55 -27.36
CA VAL A 371 -0.21 26.09 -25.98
C VAL A 371 0.31 24.66 -26.06
N LYS A 372 0.74 24.12 -24.91
CA LYS A 372 1.06 22.69 -24.93
C LYS A 372 -0.21 21.85 -24.77
N GLY A 373 -0.96 22.09 -23.70
CA GLY A 373 -2.25 21.41 -23.54
C GLY A 373 -2.57 21.05 -22.10
N ALA A 374 -3.83 21.18 -21.73
CA ALA A 374 -4.20 21.15 -20.32
C ALA A 374 -4.91 19.88 -19.86
N TYR A 375 -5.23 18.95 -20.77
CA TYR A 375 -6.13 17.83 -20.43
C TYR A 375 -5.43 16.47 -20.60
N TRP A 376 -4.12 16.44 -20.44
CA TRP A 376 -3.36 15.24 -20.82
C TRP A 376 -3.83 14.01 -20.06
N ASP A 377 -3.89 14.11 -18.71
CA ASP A 377 -4.36 12.99 -17.88
C ASP A 377 -5.65 12.39 -18.41
N ALA A 378 -6.62 13.27 -18.66
CA ALA A 378 -7.95 12.87 -19.07
C ALA A 378 -7.94 12.21 -20.44
N GLU A 379 -7.06 12.67 -21.35
CA GLU A 379 -7.03 12.05 -22.68
C GLU A 379 -6.47 10.63 -22.62
N ILE A 380 -5.45 10.39 -21.79
CA ILE A 380 -4.92 9.03 -21.64
C ILE A 380 -6.03 8.09 -21.20
N LYS A 381 -6.72 8.46 -20.11
CA LYS A 381 -7.77 7.61 -19.56
C LYS A 381 -8.87 7.38 -20.56
N ARG A 382 -9.29 8.43 -21.28
CA ARG A 382 -10.40 8.30 -22.20
C ARG A 382 -10.07 7.31 -23.32
N ALA A 383 -8.87 7.42 -23.89
CA ALA A 383 -8.50 6.49 -24.95
C ALA A 383 -8.43 5.05 -24.44
N GLN A 384 -7.91 4.85 -23.22
CA GLN A 384 -7.85 3.48 -22.67
C GLN A 384 -9.26 2.93 -22.46
N LEU A 385 -10.14 3.74 -21.87
CA LEU A 385 -11.50 3.29 -21.63
C LEU A 385 -12.21 2.92 -22.92
N ASP A 386 -11.94 3.65 -24.00
CA ASP A 386 -12.68 3.48 -25.24
C ASP A 386 -12.02 2.44 -26.15
N GLY A 387 -10.92 1.85 -25.72
CA GLY A 387 -10.29 0.83 -26.56
C GLY A 387 -9.82 1.32 -27.92
N LEU A 388 -9.34 2.55 -27.99
CA LEU A 388 -8.99 3.12 -29.28
C LEU A 388 -7.58 2.74 -29.67
N ALA A 389 -7.23 3.04 -30.92
CA ALA A 389 -6.01 2.48 -31.50
C ALA A 389 -4.79 3.06 -30.83
N ASP A 390 -4.86 4.31 -30.40
CA ASP A 390 -3.69 5.02 -29.86
C ASP A 390 -4.24 6.28 -29.19
N PHE A 391 -3.35 7.10 -28.70
CA PHE A 391 -3.75 8.33 -28.02
C PHE A 391 -3.78 9.48 -29.02
N PRO A 392 -4.60 10.51 -28.74
CA PRO A 392 -4.63 11.72 -29.60
C PRO A 392 -3.60 12.77 -29.20
N VAL A 393 -2.78 12.43 -28.21
CA VAL A 393 -1.74 13.30 -27.65
C VAL A 393 -0.49 12.45 -27.48
N PHE A 394 0.65 13.13 -27.40
CA PHE A 394 1.91 12.47 -27.10
C PHE A 394 1.91 11.93 -25.68
N THR A 395 2.77 10.93 -25.46
CA THR A 395 2.90 10.31 -24.15
C THR A 395 4.22 10.63 -23.47
N ARG A 396 5.18 11.23 -24.16
CA ARG A 396 6.39 11.73 -23.53
C ARG A 396 6.37 13.25 -23.57
N LYS A 397 6.65 13.86 -22.42
CA LYS A 397 6.61 15.32 -22.34
C LYS A 397 7.57 15.96 -23.34
N ILE A 398 8.73 15.33 -23.58
CA ILE A 398 9.68 15.90 -24.50
C ILE A 398 9.14 15.95 -25.92
N HIS A 399 8.21 15.06 -26.28
CA HIS A 399 7.62 15.11 -27.61
C HIS A 399 6.75 16.34 -27.78
N THR A 400 5.91 16.65 -26.78
CA THR A 400 5.17 17.90 -26.80
C THR A 400 6.07 19.12 -26.98
N ASP A 401 7.21 19.16 -26.29
CA ASP A 401 8.11 20.29 -26.44
C ASP A 401 8.64 20.40 -27.88
N VAL A 402 9.02 19.28 -28.49
CA VAL A 402 9.46 19.31 -29.88
C VAL A 402 8.33 19.75 -30.79
N SER A 403 7.12 19.18 -30.57
CA SER A 403 5.94 19.59 -31.34
C SER A 403 5.74 21.09 -31.23
N TYR A 404 5.85 21.62 -30.01
CA TYR A 404 5.64 23.04 -29.79
C TYR A 404 6.60 23.87 -30.65
N ILE A 405 7.89 23.52 -30.59
CA ILE A 405 8.89 24.30 -31.31
C ILE A 405 8.71 24.15 -32.82
N ALA A 406 8.36 22.95 -33.29
CA ALA A 406 8.10 22.76 -34.71
C ALA A 406 6.92 23.60 -35.17
N CYS A 407 5.86 23.66 -34.37
CA CYS A 407 4.71 24.46 -34.77
C CYS A 407 4.99 25.94 -34.68
N ALA A 408 5.88 26.37 -33.78
CA ALA A 408 6.28 27.76 -33.71
C ALA A 408 7.02 28.16 -34.98
N ALA A 409 7.89 27.29 -35.47
CA ALA A 409 8.57 27.54 -36.74
C ALA A 409 7.56 27.76 -37.86
N LYS A 410 6.49 26.95 -37.89
CA LYS A 410 5.48 27.08 -38.93
C LYS A 410 4.75 28.41 -38.80
N LEU A 411 4.37 28.79 -37.58
CA LEU A 411 3.68 30.05 -37.36
C LEU A 411 4.57 31.26 -37.69
N LEU A 412 5.85 31.20 -37.33
CA LEU A 412 6.73 32.34 -37.58
C LEU A 412 6.97 32.56 -39.06
N ALA A 413 6.82 31.53 -39.89
CA ALA A 413 6.92 31.71 -41.33
C ALA A 413 5.65 32.28 -41.95
N ALA A 414 4.60 32.53 -41.15
CA ALA A 414 3.33 33.00 -41.70
C ALA A 414 2.82 34.24 -40.99
N THR A 415 3.71 35.03 -40.38
CA THR A 415 3.23 36.17 -39.61
C THR A 415 2.52 37.19 -40.49
N ASP A 416 2.70 37.13 -41.81
CA ASP A 416 1.91 37.96 -42.72
C ASP A 416 0.43 37.62 -42.66
N VAL A 417 0.11 36.37 -42.34
CA VAL A 417 -1.24 35.84 -42.45
C VAL A 417 -1.92 35.59 -41.10
N VAL A 418 -1.17 35.27 -40.04
CA VAL A 418 -1.69 35.03 -38.71
C VAL A 418 -0.81 35.77 -37.71
N PHE A 419 -1.36 35.96 -36.51
CA PHE A 419 -0.67 36.55 -35.38
C PHE A 419 -0.33 35.47 -34.35
N PRO A 420 0.91 34.96 -34.32
CA PRO A 420 1.23 33.91 -33.35
C PRO A 420 1.27 34.45 -31.93
N GLN A 421 0.79 33.63 -31.00
CA GLN A 421 0.79 33.96 -29.58
C GLN A 421 1.36 32.76 -28.84
N PHE A 422 2.59 32.89 -28.33
CA PHE A 422 3.32 31.74 -27.78
C PHE A 422 3.12 31.71 -26.27
N ALA A 423 2.18 30.89 -25.85
CA ALA A 423 1.78 30.79 -24.46
C ALA A 423 2.65 29.72 -23.83
N THR A 424 3.55 30.14 -22.94
CA THR A 424 4.40 29.16 -22.25
C THR A 424 5.10 29.83 -21.09
N HIS A 425 5.36 29.02 -20.05
CA HIS A 425 6.20 29.45 -18.93
C HIS A 425 7.58 28.80 -18.94
N ASN A 426 7.90 28.03 -19.98
CA ASN A 426 9.15 27.30 -20.07
C ASN A 426 10.20 28.19 -20.69
N ALA A 427 11.20 28.58 -19.89
CA ALA A 427 12.21 29.51 -20.40
C ALA A 427 13.00 28.93 -21.55
N GLN A 428 13.19 27.61 -21.60
CA GLN A 428 13.92 27.03 -22.71
C GLN A 428 13.11 27.20 -24.00
N THR A 429 11.82 26.87 -23.93
CA THR A 429 10.91 27.10 -25.05
C THR A 429 10.92 28.56 -25.49
N LEU A 430 10.77 29.46 -24.53
CA LEU A 430 10.77 30.89 -24.82
C LEU A 430 12.01 31.29 -25.60
N ALA A 431 13.18 30.95 -25.06
CA ALA A 431 14.44 31.37 -25.66
C ALA A 431 14.57 30.82 -27.07
N ALA A 432 14.15 29.57 -27.27
CA ALA A 432 14.26 28.95 -28.58
C ALA A 432 13.47 29.73 -29.61
N ILE A 433 12.25 30.16 -29.24
CA ILE A 433 11.39 30.90 -30.16
C ILE A 433 11.88 32.33 -30.35
N TYR A 434 12.37 32.95 -29.28
CA TYR A 434 12.89 34.31 -29.40
C TYR A 434 14.00 34.38 -30.43
N HIS A 435 14.88 33.40 -30.43
CA HIS A 435 15.96 33.42 -31.40
C HIS A 435 15.51 32.93 -32.77
N MET A 436 14.54 32.01 -32.80
CA MET A 436 13.97 31.57 -34.06
C MET A 436 13.34 32.72 -34.81
N ALA A 437 12.67 33.63 -34.08
CA ALA A 437 12.00 34.75 -34.70
C ALA A 437 12.95 35.80 -35.27
N GLY A 438 14.21 35.81 -34.89
CA GLY A 438 15.17 36.75 -35.46
C GLY A 438 15.04 38.17 -34.95
N LYS A 439 15.77 39.06 -35.63
CA LYS A 439 15.99 40.43 -35.19
C LYS A 439 14.89 41.42 -35.55
N ASP A 440 14.14 41.17 -36.63
CA ASP A 440 13.08 42.11 -37.01
C ASP A 440 11.88 41.87 -36.10
N PHE A 441 11.43 42.92 -35.43
CA PHE A 441 10.23 42.79 -34.61
C PHE A 441 9.48 44.10 -34.60
N HIS A 442 8.16 43.99 -34.57
CA HIS A 442 7.29 45.14 -34.37
C HIS A 442 6.09 44.66 -33.58
N VAL A 443 5.46 45.56 -32.86
CA VAL A 443 4.29 45.15 -32.11
C VAL A 443 3.22 44.80 -33.12
N GLY A 444 2.60 43.63 -32.95
CA GLY A 444 1.71 43.07 -33.94
C GLY A 444 2.31 41.95 -34.75
N LYS A 445 3.62 41.71 -34.67
CA LYS A 445 4.19 40.60 -35.40
C LYS A 445 3.90 39.28 -34.72
N TYR A 446 4.25 39.18 -33.44
CA TYR A 446 3.84 38.06 -32.58
C TYR A 446 3.96 38.54 -31.13
N GLU A 447 3.50 37.71 -30.20
CA GLU A 447 3.63 38.01 -28.78
C GLU A 447 3.86 36.71 -28.02
N PHE A 448 4.32 36.83 -26.77
CA PHE A 448 4.26 35.74 -25.82
C PHE A 448 3.00 35.88 -24.97
N GLN A 449 2.67 34.81 -24.24
CA GLN A 449 1.56 34.84 -23.28
C GLN A 449 1.91 34.01 -22.06
N CYS A 450 1.28 34.38 -20.93
CA CYS A 450 1.48 33.68 -19.67
C CYS A 450 0.23 33.77 -18.82
N LEU A 451 0.18 32.93 -17.78
CA LEU A 451 -0.97 32.89 -16.89
C LEU A 451 -0.72 33.84 -15.73
N HIS A 452 -1.77 34.56 -15.33
CA HIS A 452 -1.68 35.45 -14.16
C HIS A 452 -1.19 34.68 -12.93
N GLY A 453 -0.33 35.32 -12.18
CA GLY A 453 0.25 34.72 -10.97
C GLY A 453 1.49 33.91 -11.19
N MET A 454 1.48 33.02 -12.19
CA MET A 454 2.57 32.09 -12.43
C MET A 454 3.65 32.69 -13.34
N GLY A 455 3.30 33.41 -14.38
CA GLY A 455 4.30 33.82 -15.35
C GLY A 455 4.95 35.20 -15.25
N GLU A 456 4.43 36.08 -14.41
CA GLU A 456 5.00 37.42 -14.38
C GLU A 456 6.47 37.41 -14.01
N PRO A 457 6.93 36.62 -13.03
CA PRO A 457 8.39 36.56 -12.78
C PRO A 457 9.22 36.39 -14.04
N LEU A 458 8.93 35.37 -14.85
CA LEU A 458 9.71 35.13 -16.06
C LEU A 458 9.58 36.29 -17.02
N TYR A 459 8.35 36.72 -17.30
CA TYR A 459 8.14 37.68 -18.36
C TYR A 459 8.54 39.08 -17.95
N GLU A 460 8.64 39.35 -16.65
CA GLU A 460 9.32 40.60 -16.29
C GLU A 460 10.80 40.59 -16.65
N GLU A 461 11.36 39.44 -17.02
CA GLU A 461 12.69 39.41 -17.64
C GLU A 461 12.63 39.49 -19.16
N VAL A 462 11.44 39.65 -19.73
CA VAL A 462 11.25 39.63 -21.17
C VAL A 462 10.69 40.96 -21.67
N VAL A 463 9.58 41.40 -21.08
CA VAL A 463 8.92 42.63 -21.53
C VAL A 463 9.81 43.83 -21.23
N GLY A 464 9.92 44.75 -22.18
CA GLY A 464 10.48 46.07 -21.97
C GLY A 464 11.78 46.22 -22.75
N ARG A 465 12.12 47.53 -22.98
CA ARG A 465 13.29 47.88 -23.79
C ARG A 465 14.59 47.47 -23.12
N GLY A 466 14.59 47.36 -21.79
CA GLY A 466 15.76 46.95 -21.06
C GLY A 466 15.86 45.47 -20.82
N LYS A 467 14.99 44.67 -21.43
CA LYS A 467 15.06 43.21 -21.31
C LYS A 467 15.18 42.69 -22.74
N LEU A 468 14.26 41.82 -23.18
CA LEU A 468 14.23 41.35 -24.57
C LEU A 468 13.28 42.14 -25.45
N ASP A 469 12.46 43.02 -24.86
CA ASP A 469 11.60 43.94 -25.62
C ASP A 469 10.67 43.13 -26.53
N ARG A 470 10.05 42.12 -25.93
CA ARG A 470 8.97 41.38 -26.58
C ARG A 470 7.76 41.41 -25.68
N PRO A 471 6.58 41.61 -26.24
CA PRO A 471 5.38 41.74 -25.40
C PRO A 471 4.88 40.42 -24.88
N CYS A 472 4.14 40.51 -23.80
CA CYS A 472 3.53 39.35 -23.16
C CYS A 472 2.09 39.70 -22.81
N ARG A 473 1.16 38.81 -23.13
CA ARG A 473 -0.24 38.95 -22.75
C ARG A 473 -0.53 38.02 -21.58
N ILE A 474 -1.07 38.56 -20.50
CA ILE A 474 -1.43 37.80 -19.30
C ILE A 474 -2.86 37.28 -19.48
N TYR A 475 -3.03 35.96 -19.34
CA TYR A 475 -4.35 35.31 -19.28
C TYR A 475 -4.86 35.41 -17.84
N ALA A 476 -5.96 36.13 -17.66
CA ALA A 476 -6.36 36.65 -16.34
C ALA A 476 -7.70 36.05 -15.94
N PRO A 477 -7.71 35.07 -15.04
CA PRO A 477 -8.99 34.49 -14.62
C PRO A 477 -9.74 35.49 -13.75
N VAL A 478 -11.05 35.44 -13.88
CA VAL A 478 -11.94 36.38 -13.20
C VAL A 478 -13.09 35.56 -12.64
N GLY A 479 -13.31 35.65 -11.34
CA GLY A 479 -14.33 34.83 -10.73
C GLY A 479 -14.32 34.84 -9.21
N THR A 480 -15.47 34.50 -8.63
CA THR A 480 -15.62 34.34 -7.19
C THR A 480 -14.89 33.09 -6.72
N HIS A 481 -14.72 32.99 -5.40
CA HIS A 481 -14.04 31.83 -4.82
C HIS A 481 -14.67 30.53 -5.32
N GLU A 482 -15.99 30.42 -5.24
CA GLU A 482 -16.67 29.21 -5.67
C GLU A 482 -16.24 28.86 -7.09
N THR A 483 -16.27 29.86 -7.97
CA THR A 483 -15.96 29.63 -9.37
C THR A 483 -14.52 29.17 -9.56
N LEU A 484 -13.57 29.84 -8.89
CA LEU A 484 -12.16 29.53 -9.11
C LEU A 484 -11.88 28.07 -8.80
N LEU A 485 -12.48 27.56 -7.70
CA LEU A 485 -12.16 26.23 -7.18
C LEU A 485 -12.71 25.09 -8.04
N ALA A 486 -13.68 25.37 -8.91
CA ALA A 486 -14.22 24.33 -9.77
C ALA A 486 -13.13 23.66 -10.61
N TYR A 487 -12.12 24.43 -11.04
CA TYR A 487 -11.09 23.88 -11.91
C TYR A 487 -9.71 24.47 -11.59
N LEU A 488 -9.47 24.87 -10.34
CA LEU A 488 -8.14 25.30 -9.95
C LEU A 488 -7.17 24.12 -9.93
N VAL A 489 -7.69 22.90 -9.77
CA VAL A 489 -6.82 21.74 -9.73
C VAL A 489 -6.18 21.53 -11.09
N ARG A 490 -6.98 21.52 -12.16
CA ARG A 490 -6.45 21.33 -13.51
C ARG A 490 -5.34 22.35 -13.76
N ARG A 491 -5.52 23.56 -13.24
CA ARG A 491 -4.56 24.63 -13.48
C ARG A 491 -3.32 24.49 -12.62
N LEU A 492 -3.44 23.95 -11.41
CA LEU A 492 -2.24 23.66 -10.63
C LEU A 492 -1.55 22.41 -11.15
N LEU A 493 -2.27 21.27 -11.12
CA LEU A 493 -1.73 19.94 -11.40
C LEU A 493 -0.59 20.02 -12.42
N GLU A 494 -0.80 20.78 -13.51
CA GLU A 494 0.28 21.11 -14.44
C GLU A 494 1.52 21.49 -13.64
N ASN A 495 1.67 22.77 -13.31
CA ASN A 495 2.81 23.23 -12.51
C ASN A 495 2.80 22.52 -11.16
N GLY A 496 3.38 21.31 -11.11
CA GLY A 496 3.37 20.47 -9.93
C GLY A 496 3.76 19.03 -10.22
N ALA A 497 3.66 18.63 -11.48
CA ALA A 497 4.15 17.34 -11.91
C ALA A 497 5.66 17.34 -12.03
N ASN A 498 6.26 16.18 -11.77
CA ASN A 498 7.71 16.04 -11.84
C ASN A 498 8.27 16.49 -13.19
N SER A 499 7.42 16.58 -14.20
CA SER A 499 7.84 16.89 -15.55
C SER A 499 7.72 18.38 -15.89
N SER A 500 7.00 19.15 -15.08
CA SER A 500 6.71 20.54 -15.38
C SER A 500 7.91 21.46 -15.15
N PHE A 501 8.10 22.41 -16.06
CA PHE A 501 9.12 23.44 -15.88
C PHE A 501 8.96 24.15 -14.54
N VAL A 502 7.77 24.68 -14.26
CA VAL A 502 7.56 25.48 -13.07
C VAL A 502 7.97 24.68 -11.84
N HIS A 503 7.70 23.37 -11.88
CA HIS A 503 8.12 22.48 -10.80
C HIS A 503 9.63 22.27 -10.79
N ARG A 504 10.24 22.11 -11.97
CA ARG A 504 11.66 21.80 -12.02
C ARG A 504 12.53 22.98 -11.63
N ILE A 505 12.12 24.21 -11.96
CA ILE A 505 12.95 25.36 -11.63
C ILE A 505 12.98 25.58 -10.12
N ASN A 506 11.98 25.09 -9.39
CA ASN A 506 11.92 25.14 -7.94
C ASN A 506 12.57 23.95 -7.26
N ASP A 507 12.88 22.89 -8.02
CA ASP A 507 13.60 21.75 -7.47
C ASP A 507 15.10 22.06 -7.41
N PRO A 508 15.73 22.08 -6.23
CA PRO A 508 17.17 22.38 -6.20
C PRO A 508 18.02 21.26 -6.77
N LYS A 509 17.52 20.02 -6.74
CA LYS A 509 18.22 18.90 -7.35
C LYS A 509 18.29 19.00 -8.86
N VAL A 510 17.61 19.97 -9.46
CA VAL A 510 17.61 20.17 -10.91
C VAL A 510 18.57 21.31 -11.23
N SER A 511 19.54 21.05 -12.10
CA SER A 511 20.50 22.07 -12.51
C SER A 511 19.98 22.90 -13.67
N ILE A 512 20.58 24.08 -13.83
CA ILE A 512 20.27 24.93 -14.98
C ILE A 512 20.59 24.20 -16.28
N ASP A 513 21.72 23.50 -16.33
CA ASP A 513 22.09 22.78 -17.54
C ASP A 513 21.00 21.78 -17.95
N GLU A 514 20.43 21.06 -16.97
CA GLU A 514 19.28 20.22 -17.26
C GLU A 514 18.09 21.03 -17.76
N LEU A 515 17.93 22.27 -17.28
CA LEU A 515 16.75 23.05 -17.65
C LEU A 515 16.90 23.70 -19.02
N ILE A 516 18.13 23.96 -19.45
CA ILE A 516 18.35 24.54 -20.77
C ILE A 516 18.65 23.47 -21.80
N ALA A 517 18.48 22.19 -21.42
CA ALA A 517 18.64 21.11 -22.37
C ALA A 517 17.67 21.27 -23.55
N ASP A 518 18.18 21.01 -24.75
CA ASP A 518 17.44 21.22 -25.99
C ASP A 518 16.63 19.97 -26.32
N PRO A 519 15.29 20.02 -26.22
CA PRO A 519 14.52 18.78 -26.44
C PRO A 519 14.62 18.26 -27.86
N VAL A 520 14.80 19.13 -28.85
CA VAL A 520 14.92 18.67 -30.23
C VAL A 520 16.11 17.71 -30.36
N GLU A 521 17.27 18.13 -29.84
CA GLU A 521 18.46 17.31 -29.96
C GLU A 521 18.38 16.06 -29.08
N VAL A 522 17.69 16.12 -27.94
CA VAL A 522 17.60 14.93 -27.10
C VAL A 522 16.73 13.87 -27.78
N VAL A 523 15.64 14.29 -28.41
CA VAL A 523 14.76 13.35 -29.09
C VAL A 523 15.49 12.72 -30.27
N ARG A 524 16.19 13.53 -31.07
CA ARG A 524 16.85 13.04 -32.28
C ARG A 524 17.79 11.89 -31.95
N ALA A 525 18.50 11.99 -30.84
CA ALA A 525 19.53 11.05 -30.48
C ALA A 525 19.03 9.89 -29.63
N MET A 526 17.72 9.74 -29.50
CA MET A 526 17.19 8.54 -28.87
C MET A 526 17.30 7.38 -29.85
N PRO A 527 17.29 6.14 -29.34
CA PRO A 527 17.50 4.97 -30.22
C PRO A 527 16.35 4.80 -31.20
N VAL A 528 15.15 4.75 -30.64
CA VAL A 528 13.90 4.82 -31.41
C VAL A 528 13.34 6.22 -31.25
N VAL A 529 13.31 6.99 -32.34
CA VAL A 529 12.72 8.31 -32.29
C VAL A 529 11.21 8.19 -32.16
N GLY A 530 10.64 8.83 -31.12
CA GLY A 530 9.20 8.89 -30.94
C GLY A 530 8.55 7.73 -30.22
N ALA A 531 9.32 6.87 -29.57
CA ALA A 531 8.75 5.76 -28.82
C ALA A 531 7.75 6.25 -27.78
N LYS A 532 6.60 5.56 -27.72
CA LYS A 532 5.65 5.67 -26.63
C LYS A 532 6.36 5.62 -25.28
N HIS A 533 5.80 6.31 -24.31
CA HIS A 533 6.25 6.18 -22.93
C HIS A 533 6.20 4.73 -22.49
N ASP A 534 7.26 4.29 -21.82
CA ASP A 534 7.35 2.88 -21.42
C ASP A 534 6.30 2.49 -20.39
N ARG A 535 5.83 3.43 -19.56
CA ARG A 535 4.95 3.10 -18.44
C ARG A 535 3.48 3.47 -18.71
N ILE A 536 3.11 3.72 -19.95
CA ILE A 536 1.73 3.98 -20.31
C ILE A 536 1.32 2.94 -21.35
N ALA A 537 0.29 2.16 -21.03
CA ALA A 537 -0.15 1.09 -21.90
C ALA A 537 -1.05 1.61 -23.02
N LEU A 538 -0.82 1.13 -24.24
CA LEU A 538 -1.80 1.38 -25.29
C LEU A 538 -3.12 0.73 -24.90
N PRO A 539 -4.26 1.23 -25.39
CA PRO A 539 -5.53 0.64 -24.93
C PRO A 539 -5.57 -0.85 -25.19
N ALA A 540 -5.01 -1.33 -26.30
CA ALA A 540 -5.06 -2.75 -26.59
C ALA A 540 -4.21 -3.59 -25.62
N GLU A 541 -3.30 -2.96 -24.90
CA GLU A 541 -2.38 -3.68 -24.04
C GLU A 541 -2.72 -3.54 -22.57
N LEU A 542 -3.93 -3.08 -22.24
CA LEU A 542 -4.28 -2.82 -20.85
C LEU A 542 -4.11 -4.05 -19.97
N PHE A 543 -4.31 -5.25 -20.50
CA PHE A 543 -4.22 -6.46 -19.70
C PHE A 543 -2.92 -7.23 -19.93
N GLY A 544 -1.96 -6.63 -20.62
CA GLY A 544 -0.67 -7.30 -20.76
C GLY A 544 -0.79 -8.66 -21.42
N ASP A 545 -0.06 -9.64 -20.87
CA ASP A 545 0.02 -10.97 -21.47
C ASP A 545 -1.23 -11.81 -21.25
N ALA A 546 -2.11 -11.39 -20.34
CA ALA A 546 -3.30 -12.19 -20.06
C ALA A 546 -4.13 -12.31 -21.32
N ARG A 547 -4.45 -11.18 -21.94
CA ARG A 547 -5.35 -11.21 -23.09
C ARG A 547 -5.31 -9.87 -23.80
N THR A 548 -5.83 -9.88 -25.00
CA THR A 548 -5.89 -8.68 -25.81
C THR A 548 -7.20 -7.96 -25.54
N ASN A 549 -7.11 -6.68 -25.19
CA ASN A 549 -8.29 -5.86 -24.98
C ASN A 549 -9.07 -5.74 -26.28
N SER A 550 -10.38 -5.73 -26.17
CA SER A 550 -11.18 -5.44 -27.34
C SER A 550 -10.93 -3.99 -27.78
N ALA A 551 -11.20 -3.73 -29.05
CA ALA A 551 -11.02 -2.42 -29.66
C ALA A 551 -12.37 -1.80 -29.98
N GLY A 552 -12.49 -0.50 -29.71
CA GLY A 552 -13.71 0.22 -29.94
C GLY A 552 -13.65 0.96 -31.25
N LEU A 553 -14.49 1.98 -31.36
CA LEU A 553 -14.58 2.80 -32.55
C LEU A 553 -14.75 4.25 -32.12
N ASP A 554 -14.09 5.20 -32.82
CA ASP A 554 -14.05 6.61 -32.37
C ASP A 554 -15.15 7.35 -33.12
N LEU A 555 -16.26 7.64 -32.40
CA LEU A 555 -17.41 8.25 -33.07
C LEU A 555 -17.27 9.76 -33.22
N SER A 556 -16.10 10.30 -32.89
CA SER A 556 -15.76 11.67 -33.25
C SER A 556 -14.83 11.76 -34.45
N ASN A 557 -14.43 10.62 -35.02
CA ASN A 557 -13.52 10.57 -36.16
C ASN A 557 -14.35 10.55 -37.45
N GLU A 558 -14.16 11.55 -38.31
CA GLU A 558 -14.97 11.62 -39.53
C GLU A 558 -14.74 10.41 -40.44
N GLU A 559 -13.51 9.93 -40.53
CA GLU A 559 -13.28 8.74 -41.37
C GLU A 559 -14.05 7.55 -40.80
N THR A 560 -14.01 7.39 -39.47
CA THR A 560 -14.77 6.30 -38.85
C THR A 560 -16.24 6.45 -39.10
N LEU A 561 -16.78 7.68 -38.96
CA LEU A 561 -18.21 7.89 -39.19
C LEU A 561 -18.59 7.60 -40.63
N ALA A 562 -17.72 7.97 -41.59
CA ALA A 562 -18.05 7.74 -43.00
C ALA A 562 -18.05 6.24 -43.31
N SER A 563 -17.05 5.54 -42.82
CA SER A 563 -16.97 4.09 -43.01
C SER A 563 -18.10 3.38 -42.28
N LEU A 564 -18.37 3.78 -41.05
CA LEU A 564 -19.44 3.15 -40.31
C LEU A 564 -20.79 3.41 -40.97
N THR A 565 -20.97 4.61 -41.54
CA THR A 565 -22.23 4.86 -42.24
C THR A 565 -22.48 3.84 -43.35
N GLU A 566 -21.46 3.53 -44.14
CA GLU A 566 -21.69 2.56 -45.22
C GLU A 566 -21.94 1.15 -44.67
N ALA A 567 -21.18 0.73 -43.66
CA ALA A 567 -21.38 -0.63 -43.16
C ALA A 567 -22.74 -0.78 -42.52
N LEU A 568 -23.20 0.24 -41.79
CA LEU A 568 -24.51 0.17 -41.16
C LEU A 568 -25.61 0.09 -42.20
N ARG A 569 -25.53 0.92 -43.25
CA ARG A 569 -26.48 0.82 -44.35
C ARG A 569 -26.48 -0.59 -44.94
N GLU A 570 -25.30 -1.16 -45.12
CA GLU A 570 -25.22 -2.50 -45.71
C GLU A 570 -25.81 -3.54 -44.79
N SER A 571 -25.55 -3.43 -43.49
CA SER A 571 -26.14 -4.39 -42.56
C SER A 571 -27.66 -4.35 -42.61
N ALA A 572 -28.25 -3.20 -42.98
CA ALA A 572 -29.71 -3.08 -43.01
C ALA A 572 -30.33 -3.62 -44.28
N ALA A 573 -29.54 -3.91 -45.31
CA ALA A 573 -30.09 -4.57 -46.49
C ALA A 573 -30.01 -6.09 -46.38
N MET A 574 -29.42 -6.61 -45.32
CA MET A 574 -29.26 -8.06 -45.22
C MET A 574 -30.56 -8.68 -44.74
N LYS A 575 -30.78 -9.92 -45.15
CA LYS A 575 -31.96 -10.67 -44.75
C LYS A 575 -31.58 -11.57 -43.58
N TRP A 576 -31.44 -10.94 -42.42
CA TRP A 576 -31.11 -11.67 -41.22
C TRP A 576 -32.17 -12.71 -40.91
N THR A 577 -31.73 -13.91 -40.49
CA THR A 577 -32.67 -14.91 -40.00
C THR A 577 -32.09 -15.63 -38.79
N ALA A 578 -33.00 -16.23 -38.02
CA ALA A 578 -32.69 -17.10 -36.90
C ALA A 578 -33.57 -18.34 -37.02
N LEU A 579 -32.96 -19.50 -36.91
CA LEU A 579 -33.64 -20.77 -37.08
C LEU A 579 -33.27 -21.68 -35.94
N PRO A 580 -34.09 -22.69 -35.66
CA PRO A 580 -33.68 -23.70 -34.69
C PRO A 580 -32.57 -24.52 -35.31
N GLN A 581 -31.38 -24.42 -34.75
CA GLN A 581 -30.18 -24.98 -35.33
C GLN A 581 -29.83 -26.18 -34.45
N LEU A 582 -30.38 -27.33 -34.80
CA LEU A 582 -30.12 -28.55 -34.07
C LEU A 582 -28.86 -29.21 -34.60
N ALA A 583 -28.36 -30.18 -33.84
CA ALA A 583 -27.10 -30.83 -34.18
C ALA A 583 -27.15 -31.45 -35.58
N THR A 584 -28.34 -31.85 -36.01
CA THR A 584 -28.54 -32.51 -37.30
C THR A 584 -28.84 -31.54 -38.43
N GLY A 585 -29.17 -30.30 -38.12
CA GLY A 585 -29.50 -29.32 -39.12
C GLY A 585 -30.65 -28.43 -38.69
N PRO A 586 -30.96 -27.40 -39.47
CA PRO A 586 -32.09 -26.53 -39.14
C PRO A 586 -33.36 -27.34 -39.02
N ALA A 587 -34.23 -26.94 -38.12
CA ALA A 587 -35.56 -27.52 -38.00
C ALA A 587 -36.60 -26.52 -38.48
N ALA A 588 -37.67 -27.04 -39.05
CA ALA A 588 -38.79 -26.20 -39.41
C ALA A 588 -39.54 -25.77 -38.14
N GLY A 589 -40.39 -24.77 -38.28
CA GLY A 589 -41.15 -24.26 -37.15
C GLY A 589 -42.00 -23.10 -37.60
N GLU A 590 -42.59 -22.40 -36.63
CA GLU A 590 -43.45 -21.25 -36.92
C GLU A 590 -42.59 -20.02 -37.13
N THR A 591 -42.91 -19.24 -38.17
CA THR A 591 -42.04 -18.16 -38.63
C THR A 591 -42.74 -16.81 -38.54
N ARG A 592 -42.07 -15.82 -37.96
CA ARG A 592 -42.61 -14.45 -37.93
C ARG A 592 -41.49 -13.44 -38.14
N THR A 593 -41.87 -12.23 -38.51
CA THR A 593 -40.86 -11.20 -38.72
C THR A 593 -40.37 -10.64 -37.39
N VAL A 594 -39.25 -9.93 -37.47
CA VAL A 594 -38.66 -9.25 -36.32
C VAL A 594 -38.63 -7.76 -36.67
N LEU A 595 -39.27 -6.94 -35.84
CA LEU A 595 -39.50 -5.53 -36.11
C LEU A 595 -38.58 -4.63 -35.29
N ASN A 596 -38.18 -3.51 -35.87
CA ASN A 596 -37.38 -2.48 -35.17
C ASN A 596 -38.23 -1.88 -34.06
N PRO A 597 -37.79 -1.89 -32.79
CA PRO A 597 -38.65 -1.33 -31.73
C PRO A 597 -38.82 0.17 -31.85
N GLY A 598 -37.91 0.83 -32.54
CA GLY A 598 -38.06 2.24 -32.78
C GLY A 598 -38.94 2.62 -33.95
N ASP A 599 -39.35 1.64 -34.77
CA ASP A 599 -40.17 1.89 -35.94
C ASP A 599 -40.61 0.54 -36.49
N HIS A 600 -41.83 0.13 -36.18
CA HIS A 600 -42.30 -1.21 -36.56
C HIS A 600 -42.46 -1.39 -38.06
N ARG A 601 -42.32 -0.33 -38.85
CA ARG A 601 -42.27 -0.45 -40.31
C ARG A 601 -40.95 -1.02 -40.80
N ASP A 602 -39.90 -0.90 -39.99
CA ASP A 602 -38.57 -1.39 -40.35
C ASP A 602 -38.50 -2.86 -39.95
N VAL A 603 -38.73 -3.74 -40.92
CA VAL A 603 -38.57 -5.17 -40.73
C VAL A 603 -37.07 -5.48 -40.72
N VAL A 604 -36.61 -6.08 -39.63
CA VAL A 604 -35.18 -6.37 -39.52
C VAL A 604 -34.85 -7.76 -40.00
N GLY A 605 -35.75 -8.72 -39.82
CA GLY A 605 -35.44 -10.10 -40.20
C GLY A 605 -36.61 -11.01 -39.94
N SER A 606 -36.30 -12.32 -39.94
CA SER A 606 -37.30 -13.34 -39.73
C SER A 606 -36.77 -14.39 -38.76
N VAL A 607 -37.64 -14.90 -37.89
CA VAL A 607 -37.24 -15.92 -36.90
C VAL A 607 -38.18 -17.11 -37.02
N THR A 608 -37.60 -18.31 -37.04
CA THR A 608 -38.36 -19.55 -36.95
C THR A 608 -38.18 -20.10 -35.53
N GLU A 609 -39.28 -20.25 -34.81
CA GLU A 609 -39.19 -20.60 -33.40
C GLU A 609 -39.25 -22.12 -33.22
N THR A 610 -38.78 -22.57 -32.07
CA THR A 610 -38.57 -23.98 -31.80
C THR A 610 -39.81 -24.63 -31.19
N SER A 611 -40.16 -25.80 -31.70
CA SER A 611 -41.21 -26.58 -31.06
C SER A 611 -40.72 -27.19 -29.75
N GLU A 612 -41.65 -27.47 -28.86
CA GLU A 612 -41.29 -28.09 -27.60
C GLU A 612 -40.71 -29.48 -27.84
N GLU A 613 -41.21 -30.19 -28.85
CA GLU A 613 -40.63 -31.50 -29.18
C GLU A 613 -39.18 -31.36 -29.63
N ASP A 614 -38.89 -30.37 -30.47
CA ASP A 614 -37.53 -30.21 -30.97
C ASP A 614 -36.59 -29.70 -29.88
N ALA A 615 -37.10 -28.89 -28.96
CA ALA A 615 -36.33 -28.56 -27.77
C ALA A 615 -35.88 -29.82 -27.05
N ARG A 616 -36.81 -30.74 -26.80
CA ARG A 616 -36.42 -31.96 -26.09
C ARG A 616 -35.46 -32.79 -26.93
N ARG A 617 -35.70 -32.83 -28.24
CA ARG A 617 -34.78 -33.51 -29.15
C ARG A 617 -33.37 -32.95 -29.03
N ALA A 618 -33.25 -31.63 -28.93
CA ALA A 618 -31.94 -31.01 -28.90
C ALA A 618 -31.17 -31.41 -27.64
N VAL A 619 -31.85 -31.55 -26.50
CA VAL A 619 -31.15 -31.93 -25.30
C VAL A 619 -30.62 -33.37 -25.42
N ARG A 620 -31.43 -34.27 -26.00
CA ARG A 620 -30.96 -35.64 -26.21
C ARG A 620 -29.75 -35.65 -27.15
N LEU A 621 -29.79 -34.83 -28.20
CA LEU A 621 -28.65 -34.74 -29.11
C LEU A 621 -27.41 -34.21 -28.41
N ALA A 622 -27.58 -33.24 -27.52
CA ALA A 622 -26.44 -32.69 -26.79
C ALA A 622 -25.85 -33.74 -25.84
N ALA A 623 -26.70 -34.48 -25.12
CA ALA A 623 -26.23 -35.56 -24.27
C ALA A 623 -25.37 -36.54 -25.05
N ASP A 624 -25.84 -36.93 -26.23
CA ASP A 624 -25.11 -37.92 -27.02
C ASP A 624 -23.81 -37.35 -27.58
N ALA A 625 -23.74 -36.02 -27.78
CA ALA A 625 -22.51 -35.36 -28.23
C ALA A 625 -21.52 -35.04 -27.11
N ALA A 626 -21.95 -35.08 -25.85
CA ALA A 626 -21.12 -34.51 -24.79
C ALA A 626 -19.75 -35.14 -24.68
N PRO A 627 -19.58 -36.48 -24.76
CA PRO A 627 -18.23 -37.03 -24.67
C PRO A 627 -17.30 -36.53 -25.77
N ASP A 628 -17.79 -36.41 -27.00
CA ASP A 628 -16.97 -35.88 -28.08
C ASP A 628 -16.50 -34.45 -27.80
N TRP A 629 -17.31 -33.64 -27.15
CA TRP A 629 -16.88 -32.27 -26.90
C TRP A 629 -16.02 -32.20 -25.65
N ALA A 630 -16.39 -32.95 -24.61
CA ALA A 630 -15.55 -33.00 -23.42
C ALA A 630 -14.13 -33.43 -23.75
N ALA A 631 -13.98 -34.32 -24.74
CA ALA A 631 -12.66 -34.83 -25.09
C ALA A 631 -11.82 -33.83 -25.88
N VAL A 632 -12.36 -32.70 -26.29
CA VAL A 632 -11.55 -31.68 -26.95
C VAL A 632 -10.74 -30.97 -25.85
N PRO A 633 -9.41 -30.97 -25.91
CA PRO A 633 -8.65 -30.45 -24.76
C PRO A 633 -9.03 -29.05 -24.45
N PRO A 634 -9.01 -28.65 -23.17
CA PRO A 634 -9.38 -27.27 -22.81
C PRO A 634 -8.66 -26.21 -23.64
N SER A 635 -7.39 -26.43 -23.99
CA SER A 635 -6.67 -25.38 -24.71
C SER A 635 -7.19 -25.20 -26.14
N GLU A 636 -7.63 -26.28 -26.77
CA GLU A 636 -8.27 -26.15 -28.08
C GLU A 636 -9.68 -25.57 -27.94
N ARG A 637 -10.37 -25.86 -26.84
CA ARG A 637 -11.66 -25.19 -26.64
C ARG A 637 -11.46 -23.68 -26.49
N ALA A 638 -10.45 -23.27 -25.73
CA ALA A 638 -10.15 -21.84 -25.59
C ALA A 638 -9.71 -21.23 -26.92
N ALA A 639 -9.04 -22.00 -27.76
CA ALA A 639 -8.63 -21.45 -29.05
C ALA A 639 -9.83 -21.14 -29.91
N CYS A 640 -10.91 -21.93 -29.77
CA CYS A 640 -12.16 -21.63 -30.47
C CYS A 640 -12.72 -20.28 -30.01
N LEU A 641 -12.77 -20.07 -28.70
CA LEU A 641 -13.23 -18.80 -28.16
C LEU A 641 -12.39 -17.64 -28.67
N ASP A 642 -11.07 -17.79 -28.70
CA ASP A 642 -10.24 -16.69 -29.18
C ASP A 642 -10.50 -16.44 -30.67
N ARG A 643 -10.71 -17.50 -31.46
CA ARG A 643 -11.01 -17.31 -32.87
C ARG A 643 -12.35 -16.62 -33.04
N ALA A 644 -13.32 -16.95 -32.18
CA ALA A 644 -14.63 -16.29 -32.27
C ALA A 644 -14.52 -14.82 -31.92
N ALA A 645 -13.69 -14.49 -30.94
CA ALA A 645 -13.46 -13.09 -30.61
C ALA A 645 -12.85 -12.33 -31.79
N GLU A 646 -11.93 -12.95 -32.53
CA GLU A 646 -11.33 -12.26 -33.68
C GLU A 646 -12.38 -12.01 -34.76
N LEU A 647 -13.28 -12.97 -34.96
CA LEU A 647 -14.31 -12.80 -35.99
C LEU A 647 -15.30 -11.71 -35.61
N MET A 648 -15.66 -11.61 -34.31
CA MET A 648 -16.59 -10.55 -33.90
C MET A 648 -15.94 -9.18 -33.98
N GLN A 649 -14.68 -9.07 -33.59
CA GLN A 649 -13.98 -7.80 -33.74
C GLN A 649 -14.05 -7.32 -35.19
N ALA A 650 -13.79 -8.23 -36.14
CA ALA A 650 -13.77 -7.88 -37.55
C ALA A 650 -15.16 -7.53 -38.07
N ARG A 651 -16.19 -8.17 -37.54
CA ARG A 651 -17.56 -7.98 -37.93
C ARG A 651 -18.26 -6.89 -37.12
N MET A 652 -17.54 -6.17 -36.27
CA MET A 652 -18.21 -5.24 -35.34
C MET A 652 -19.14 -4.27 -36.04
N PRO A 653 -18.74 -3.60 -37.13
CA PRO A 653 -19.67 -2.64 -37.77
C PRO A 653 -21.00 -3.26 -38.18
N THR A 654 -21.00 -4.44 -38.81
CA THR A 654 -22.25 -5.11 -39.17
C THR A 654 -23.04 -5.52 -37.93
N LEU A 655 -22.37 -6.10 -36.93
CA LEU A 655 -23.04 -6.45 -35.67
C LEU A 655 -23.66 -5.22 -35.00
N LEU A 656 -22.94 -4.09 -35.00
CA LEU A 656 -23.50 -2.84 -34.50
C LEU A 656 -24.84 -2.54 -35.14
N GLY A 657 -24.88 -2.62 -36.46
CA GLY A 657 -26.09 -2.24 -37.17
C GLY A 657 -27.27 -3.13 -36.82
N LEU A 658 -27.00 -4.42 -36.59
CA LEU A 658 -28.09 -5.32 -36.22
C LEU A 658 -28.57 -5.04 -34.81
N ILE A 659 -27.65 -4.79 -33.88
CA ILE A 659 -28.05 -4.48 -32.51
C ILE A 659 -28.86 -3.19 -32.47
N ILE A 660 -28.43 -2.17 -33.23
CA ILE A 660 -29.14 -0.89 -33.24
C ILE A 660 -30.61 -1.10 -33.64
N ARG A 661 -30.85 -1.89 -34.69
CA ARG A 661 -32.18 -1.98 -35.26
C ARG A 661 -33.03 -3.07 -34.60
N GLU A 662 -32.40 -4.13 -34.08
CA GLU A 662 -33.18 -5.20 -33.46
C GLU A 662 -33.49 -4.90 -32.00
N ALA A 663 -32.55 -4.29 -31.27
CA ALA A 663 -32.68 -4.09 -29.83
C ALA A 663 -32.92 -2.63 -29.46
N GLY A 664 -32.86 -1.73 -30.43
CA GLY A 664 -33.15 -0.33 -30.17
C GLY A 664 -32.05 0.42 -29.49
N LYS A 665 -30.82 -0.06 -29.60
CA LYS A 665 -29.66 0.53 -28.93
C LYS A 665 -29.01 1.62 -29.76
N SER A 666 -28.44 2.60 -29.07
CA SER A 666 -27.62 3.62 -29.72
C SER A 666 -26.29 3.00 -30.16
N ALA A 667 -25.61 3.70 -31.07
CA ALA A 667 -24.36 3.17 -31.61
C ALA A 667 -23.30 3.04 -30.52
N LEU A 668 -23.18 4.04 -29.64
CA LEU A 668 -22.22 3.98 -28.56
C LEU A 668 -22.44 2.75 -27.69
N ASN A 669 -23.69 2.51 -27.29
CA ASN A 669 -24.02 1.35 -26.48
C ASN A 669 -23.83 0.05 -27.25
N ALA A 670 -24.07 0.03 -28.56
CA ALA A 670 -23.86 -1.18 -29.33
C ALA A 670 -22.37 -1.49 -29.47
N ILE A 671 -21.54 -0.45 -29.61
CA ILE A 671 -20.10 -0.67 -29.59
C ILE A 671 -19.69 -1.34 -28.27
N ALA A 672 -20.12 -0.75 -27.15
CA ALA A 672 -19.74 -1.32 -25.87
C ALA A 672 -20.24 -2.75 -25.72
N GLU A 673 -21.39 -3.07 -26.30
CA GLU A 673 -21.89 -4.43 -26.21
C GLU A 673 -21.02 -5.42 -26.99
N VAL A 674 -20.60 -5.07 -28.21
CA VAL A 674 -19.77 -6.01 -28.96
C VAL A 674 -18.41 -6.16 -28.29
N ARG A 675 -17.90 -5.07 -27.74
CA ARG A 675 -16.66 -5.17 -26.98
C ARG A 675 -16.81 -6.17 -25.85
N GLU A 676 -17.93 -6.11 -25.12
CA GLU A 676 -18.12 -7.00 -23.99
C GLU A 676 -18.17 -8.47 -24.42
N ALA A 677 -18.80 -8.74 -25.55
CA ALA A 677 -18.83 -10.10 -26.08
C ALA A 677 -17.43 -10.58 -26.41
N ILE A 678 -16.64 -9.72 -27.05
CA ILE A 678 -15.26 -10.04 -27.36
C ILE A 678 -14.48 -10.29 -26.07
N ASP A 679 -14.70 -9.44 -25.07
CA ASP A 679 -14.01 -9.57 -23.79
C ASP A 679 -14.38 -10.86 -23.07
N PHE A 680 -15.67 -11.21 -23.02
CA PHE A 680 -16.08 -12.47 -22.42
C PHE A 680 -15.33 -13.65 -23.06
N LEU A 681 -15.31 -13.68 -24.39
CA LEU A 681 -14.70 -14.79 -25.10
C LEU A 681 -13.22 -14.90 -24.76
N ARG A 682 -12.50 -13.78 -24.74
CA ARG A 682 -11.07 -13.81 -24.47
C ARG A 682 -10.77 -14.04 -22.98
N TYR A 683 -11.63 -13.53 -22.11
CA TYR A 683 -11.42 -13.72 -20.67
C TYR A 683 -11.64 -15.18 -20.28
N TYR A 684 -12.73 -15.79 -20.78
CA TYR A 684 -12.98 -17.18 -20.41
C TYR A 684 -11.98 -18.12 -21.06
N ALA A 685 -11.48 -17.76 -22.25
CA ALA A 685 -10.37 -18.53 -22.83
C ALA A 685 -9.14 -18.48 -21.93
N GLU A 686 -8.79 -17.28 -21.44
CA GLU A 686 -7.59 -17.17 -20.59
C GLU A 686 -7.80 -17.88 -19.27
N GLN A 687 -8.99 -17.74 -18.66
CA GLN A 687 -9.27 -18.43 -17.40
C GLN A 687 -9.18 -19.94 -17.58
N THR A 688 -9.66 -20.44 -18.71
CA THR A 688 -9.53 -21.84 -19.04
C THR A 688 -8.07 -22.25 -19.10
N ARG A 689 -7.26 -21.49 -19.85
CA ARG A 689 -5.84 -21.85 -19.98
C ARG A 689 -5.14 -21.82 -18.61
N ARG A 690 -5.59 -20.93 -17.72
CA ARG A 690 -5.01 -20.86 -16.39
C ARG A 690 -5.45 -22.01 -15.48
N THR A 691 -6.57 -22.71 -15.77
CA THR A 691 -7.14 -23.50 -14.68
C THR A 691 -7.52 -24.94 -15.04
N LEU A 692 -8.06 -25.20 -16.22
CA LEU A 692 -8.77 -26.46 -16.44
C LEU A 692 -7.82 -27.57 -16.86
N GLY A 693 -8.01 -28.74 -16.25
CA GLY A 693 -7.28 -29.92 -16.64
C GLY A 693 -8.17 -31.14 -16.65
N PRO A 694 -7.54 -32.33 -16.69
CA PRO A 694 -8.31 -33.56 -16.98
C PRO A 694 -9.29 -33.92 -15.89
N GLY A 695 -9.04 -33.54 -14.66
CA GLY A 695 -9.90 -33.86 -13.56
C GLY A 695 -11.05 -32.93 -13.34
N HIS A 696 -11.19 -31.88 -14.15
CA HIS A 696 -12.29 -30.93 -14.00
C HIS A 696 -13.34 -31.31 -15.04
N GLY A 697 -14.15 -32.30 -14.71
CA GLY A 697 -15.07 -32.84 -15.67
C GLY A 697 -16.26 -31.95 -15.91
N PRO A 698 -16.77 -31.94 -17.13
CA PRO A 698 -17.97 -31.14 -17.41
C PRO A 698 -19.19 -31.65 -16.68
N LEU A 699 -20.14 -30.75 -16.48
CA LEU A 699 -21.42 -31.19 -15.95
C LEU A 699 -22.19 -32.00 -16.97
N GLY A 700 -22.15 -31.57 -18.25
CA GLY A 700 -23.00 -32.16 -19.27
C GLY A 700 -23.79 -31.09 -19.99
N PRO A 701 -24.88 -31.45 -20.66
CA PRO A 701 -25.62 -30.42 -21.43
C PRO A 701 -26.06 -29.30 -20.50
N ILE A 702 -25.80 -28.07 -20.94
CA ILE A 702 -26.18 -26.88 -20.19
C ILE A 702 -27.10 -26.06 -21.04
N VAL A 703 -28.17 -25.58 -20.41
CA VAL A 703 -29.16 -24.73 -21.01
C VAL A 703 -28.83 -23.29 -20.62
N CYS A 704 -28.60 -22.46 -21.62
CA CYS A 704 -28.28 -21.04 -21.44
C CYS A 704 -29.48 -20.24 -21.90
N ILE A 705 -30.10 -19.52 -20.98
CA ILE A 705 -31.27 -18.70 -21.23
C ILE A 705 -30.84 -17.27 -20.98
N SER A 706 -31.01 -16.42 -21.97
CA SER A 706 -30.47 -15.06 -21.96
C SER A 706 -31.53 -14.00 -22.17
N PRO A 707 -31.27 -12.77 -21.74
CA PRO A 707 -32.26 -11.70 -21.79
C PRO A 707 -32.18 -10.94 -23.11
N TRP A 708 -33.19 -10.09 -23.34
CA TRP A 708 -33.19 -9.37 -24.61
C TRP A 708 -32.21 -8.19 -24.58
N ASN A 709 -31.92 -7.63 -23.40
CA ASN A 709 -31.37 -6.27 -23.37
C ASN A 709 -29.86 -6.17 -23.59
N PHE A 710 -29.10 -7.25 -23.43
CA PHE A 710 -27.71 -7.32 -23.92
C PHE A 710 -27.67 -8.54 -24.83
N PRO A 711 -28.33 -8.45 -25.99
CA PRO A 711 -28.66 -9.65 -26.74
C PRO A 711 -27.48 -10.33 -27.37
N LEU A 712 -26.33 -9.68 -27.43
CA LEU A 712 -25.13 -10.36 -27.89
C LEU A 712 -24.16 -10.67 -26.76
N ALA A 713 -23.91 -9.73 -25.84
CA ALA A 713 -22.85 -9.93 -24.87
C ALA A 713 -23.24 -10.96 -23.81
N ILE A 714 -24.37 -10.78 -23.15
CA ILE A 714 -24.73 -11.74 -22.11
C ILE A 714 -24.95 -13.12 -22.75
N PHE A 715 -25.59 -13.13 -23.92
CA PHE A 715 -25.79 -14.36 -24.68
C PHE A 715 -24.46 -15.07 -24.90
N THR A 716 -23.46 -14.34 -25.37
CA THR A 716 -22.18 -14.93 -25.69
C THR A 716 -21.44 -15.39 -24.43
N GLY A 717 -21.45 -14.57 -23.40
CA GLY A 717 -20.68 -14.93 -22.20
C GLY A 717 -21.13 -16.23 -21.56
N GLN A 718 -22.43 -16.42 -21.41
CA GLN A 718 -22.91 -17.67 -20.82
C GLN A 718 -22.53 -18.87 -21.68
N ILE A 719 -22.78 -18.76 -23.00
CA ILE A 719 -22.50 -19.89 -23.88
C ILE A 719 -21.01 -20.17 -23.94
N ALA A 720 -20.20 -19.13 -23.98
CA ALA A 720 -18.75 -19.32 -24.11
C ALA A 720 -18.17 -19.97 -22.86
N ALA A 721 -18.66 -19.56 -21.69
CA ALA A 721 -18.21 -20.16 -20.46
C ALA A 721 -18.55 -21.65 -20.43
N ALA A 722 -19.82 -21.98 -20.71
CA ALA A 722 -20.25 -23.37 -20.65
C ALA A 722 -19.47 -24.24 -21.64
N LEU A 723 -19.31 -23.76 -22.87
CA LEU A 723 -18.57 -24.51 -23.89
C LEU A 723 -17.13 -24.72 -23.48
N VAL A 724 -16.47 -23.68 -22.97
CA VAL A 724 -15.03 -23.84 -22.79
C VAL A 724 -14.78 -24.72 -21.58
N ALA A 725 -15.76 -24.80 -20.70
CA ALA A 725 -15.71 -25.74 -19.59
C ALA A 725 -16.02 -27.16 -20.02
N GLY A 726 -16.23 -27.41 -21.31
CA GLY A 726 -16.42 -28.74 -21.81
C GLY A 726 -17.83 -29.25 -21.95
N ASN A 727 -18.82 -28.39 -21.81
CA ASN A 727 -20.22 -28.78 -21.86
C ASN A 727 -20.83 -28.45 -23.21
N PRO A 728 -21.64 -29.32 -23.81
CA PRO A 728 -22.43 -28.89 -24.94
C PRO A 728 -23.56 -27.98 -24.46
N VAL A 729 -23.96 -27.04 -25.31
CA VAL A 729 -24.86 -25.95 -24.96
C VAL A 729 -26.12 -25.97 -25.82
N LEU A 730 -27.26 -25.71 -25.17
CA LEU A 730 -28.54 -25.36 -25.79
C LEU A 730 -28.78 -23.88 -25.51
N ALA A 731 -28.73 -23.05 -26.54
CA ALA A 731 -28.80 -21.61 -26.37
C ALA A 731 -30.23 -21.17 -26.69
N LYS A 732 -30.88 -20.55 -25.70
CA LYS A 732 -32.28 -20.15 -25.83
C LYS A 732 -32.32 -18.63 -25.68
N PRO A 733 -32.21 -17.88 -26.77
CA PRO A 733 -32.16 -16.42 -26.67
C PRO A 733 -33.54 -15.83 -26.41
N ALA A 734 -33.55 -14.61 -25.93
CA ALA A 734 -34.82 -13.96 -25.65
C ALA A 734 -35.65 -13.88 -26.93
N GLU A 735 -36.96 -13.95 -26.78
CA GLU A 735 -37.83 -13.96 -27.97
C GLU A 735 -37.73 -12.65 -28.75
N GLU A 736 -37.39 -11.55 -28.10
CA GLU A 736 -37.33 -10.25 -28.76
C GLU A 736 -36.12 -10.08 -29.68
N THR A 737 -35.01 -10.76 -29.41
CA THR A 737 -33.73 -10.49 -30.07
C THR A 737 -33.05 -11.76 -30.56
N PRO A 738 -33.72 -12.54 -31.41
CA PRO A 738 -33.13 -13.80 -31.86
C PRO A 738 -32.11 -13.64 -32.97
N LEU A 739 -32.13 -12.53 -33.72
CA LEU A 739 -31.28 -12.42 -34.91
C LEU A 739 -29.81 -12.25 -34.53
N ILE A 740 -29.52 -11.36 -33.58
CA ILE A 740 -28.13 -11.22 -33.20
C ILE A 740 -27.62 -12.49 -32.51
N ALA A 741 -28.51 -13.23 -31.81
CA ALA A 741 -28.11 -14.50 -31.22
C ALA A 741 -27.74 -15.50 -32.31
N ALA A 742 -28.56 -15.58 -33.34
CA ALA A 742 -28.26 -16.46 -34.47
C ALA A 742 -26.92 -16.14 -35.08
N GLU A 743 -26.59 -14.84 -35.20
CA GLU A 743 -25.29 -14.45 -35.75
C GLU A 743 -24.15 -14.83 -34.82
N GLY A 744 -24.34 -14.66 -33.51
CA GLY A 744 -23.31 -15.10 -32.56
C GLY A 744 -23.04 -16.60 -32.65
N VAL A 745 -24.11 -17.40 -32.74
CA VAL A 745 -23.94 -18.84 -32.91
C VAL A 745 -23.22 -19.14 -34.22
N ARG A 746 -23.57 -18.44 -35.30
CA ARG A 746 -22.89 -18.66 -36.57
C ARG A 746 -21.41 -18.37 -36.45
N ILE A 747 -21.05 -17.30 -35.77
CA ILE A 747 -19.66 -16.95 -35.55
C ILE A 747 -18.97 -18.00 -34.68
N LEU A 748 -19.63 -18.47 -33.62
CA LEU A 748 -19.03 -19.52 -32.79
C LEU A 748 -18.80 -20.79 -33.59
N ARG A 749 -19.74 -21.15 -34.47
CA ARG A 749 -19.56 -22.36 -35.26
C ARG A 749 -18.47 -22.15 -36.31
N GLU A 750 -18.38 -20.97 -36.92
CA GLU A 750 -17.28 -20.70 -37.84
C GLU A 750 -15.92 -20.83 -37.13
N ALA A 751 -15.84 -20.38 -35.89
CA ALA A 751 -14.63 -20.46 -35.09
C ALA A 751 -14.24 -21.87 -34.68
N GLY A 752 -15.09 -22.86 -34.91
CA GLY A 752 -14.74 -24.24 -34.66
C GLY A 752 -15.61 -24.95 -33.67
N ILE A 753 -16.58 -24.29 -33.04
CA ILE A 753 -17.47 -25.04 -32.15
C ILE A 753 -18.33 -25.96 -32.99
N PRO A 754 -18.37 -27.27 -32.71
CA PRO A 754 -19.18 -28.18 -33.54
C PRO A 754 -20.66 -27.95 -33.35
N ALA A 755 -21.43 -28.22 -34.42
CA ALA A 755 -22.87 -28.05 -34.40
C ALA A 755 -23.53 -28.81 -33.25
N SER A 756 -22.98 -29.96 -32.89
CA SER A 756 -23.55 -30.74 -31.81
C SER A 756 -23.21 -30.16 -30.44
N ALA A 757 -22.18 -29.34 -30.34
CA ALA A 757 -21.83 -28.72 -29.07
C ALA A 757 -22.59 -27.45 -28.82
N LEU A 758 -23.18 -26.83 -29.85
CA LEU A 758 -23.90 -25.56 -29.68
C LEU A 758 -25.12 -25.52 -30.59
N GLN A 759 -26.30 -25.64 -30.00
CA GLN A 759 -27.56 -25.62 -30.71
C GLN A 759 -28.37 -24.40 -30.33
N LEU A 760 -28.94 -23.74 -31.33
CA LEU A 760 -29.71 -22.51 -31.14
C LEU A 760 -31.19 -22.84 -31.20
N LEU A 761 -31.92 -22.48 -30.15
CA LEU A 761 -33.35 -22.80 -30.06
C LEU A 761 -34.10 -21.49 -29.82
N PRO A 762 -34.47 -20.76 -30.87
CA PRO A 762 -35.27 -19.55 -30.68
C PRO A 762 -36.66 -19.88 -30.16
N GLY A 763 -37.24 -18.94 -29.45
CA GLY A 763 -38.59 -19.09 -28.94
C GLY A 763 -38.77 -18.32 -27.66
N ASP A 764 -39.96 -18.48 -27.09
CA ASP A 764 -40.33 -17.77 -25.89
C ASP A 764 -39.98 -18.62 -24.66
N GLY A 765 -40.61 -18.33 -23.54
CA GLY A 765 -40.27 -19.01 -22.31
C GLY A 765 -40.64 -20.48 -22.32
N ARG A 766 -41.61 -20.85 -23.16
CA ARG A 766 -42.00 -22.26 -23.28
C ARG A 766 -40.83 -23.09 -23.79
N VAL A 767 -40.04 -22.53 -24.71
CA VAL A 767 -38.84 -23.23 -25.11
C VAL A 767 -37.85 -23.28 -23.96
N GLY A 768 -37.69 -22.16 -23.25
CA GLY A 768 -36.82 -22.16 -22.10
C GLY A 768 -37.23 -23.21 -21.09
N ALA A 769 -38.54 -23.32 -20.83
CA ALA A 769 -39.00 -24.22 -19.77
C ALA A 769 -38.88 -25.68 -20.19
N ALA A 770 -39.17 -25.97 -21.46
CA ALA A 770 -39.00 -27.33 -21.96
C ALA A 770 -37.54 -27.76 -21.85
N LEU A 771 -36.61 -26.85 -22.12
CA LEU A 771 -35.20 -27.18 -22.02
C LEU A 771 -34.82 -27.45 -20.58
N VAL A 772 -35.28 -26.60 -19.66
CA VAL A 772 -34.93 -26.77 -18.25
C VAL A 772 -35.44 -28.10 -17.74
N ALA A 773 -36.62 -28.51 -18.20
CA ALA A 773 -37.27 -29.70 -17.68
C ALA A 773 -36.71 -31.00 -18.23
N ALA A 774 -35.93 -30.94 -19.32
CA ALA A 774 -35.47 -32.18 -19.97
C ALA A 774 -34.49 -32.93 -19.08
N ALA A 775 -34.59 -34.27 -19.08
CA ALA A 775 -33.91 -35.02 -18.04
C ALA A 775 -32.40 -34.97 -18.18
N GLU A 776 -31.88 -34.81 -19.41
CA GLU A 776 -30.43 -34.80 -19.58
C GLU A 776 -29.83 -33.42 -19.34
N THR A 777 -30.63 -32.42 -19.04
CA THR A 777 -30.08 -31.11 -18.66
C THR A 777 -29.32 -31.21 -17.35
N ALA A 778 -28.03 -30.90 -17.42
CA ALA A 778 -27.14 -31.04 -16.28
C ALA A 778 -26.89 -29.72 -15.57
N GLY A 779 -27.40 -28.61 -16.11
CA GLY A 779 -27.12 -27.30 -15.54
C GLY A 779 -27.83 -26.21 -16.33
N VAL A 780 -28.11 -25.11 -15.65
CA VAL A 780 -28.83 -24.01 -16.26
C VAL A 780 -28.11 -22.70 -15.91
N MET A 781 -27.91 -21.87 -16.92
CA MET A 781 -27.39 -20.53 -16.73
C MET A 781 -28.49 -19.60 -17.21
N PHE A 782 -29.00 -18.76 -16.30
CA PHE A 782 -30.11 -17.90 -16.55
C PHE A 782 -29.71 -16.45 -16.27
N THR A 783 -30.05 -15.55 -17.18
CA THR A 783 -29.99 -14.12 -16.89
C THR A 783 -31.32 -13.54 -17.36
N GLY A 784 -32.00 -12.83 -16.47
CA GLY A 784 -33.35 -12.37 -16.72
C GLY A 784 -33.99 -11.85 -15.45
N SER A 785 -35.32 -11.79 -15.45
CA SER A 785 -36.01 -11.26 -14.30
C SER A 785 -35.99 -12.21 -13.11
N THR A 786 -36.09 -11.62 -11.92
CA THR A 786 -36.15 -12.42 -10.70
C THR A 786 -37.36 -13.35 -10.70
N GLU A 787 -38.47 -12.89 -11.28
CA GLU A 787 -39.72 -13.66 -11.33
C GLU A 787 -39.55 -14.94 -12.14
N VAL A 788 -38.98 -14.82 -13.33
CA VAL A 788 -38.78 -16.00 -14.16
C VAL A 788 -37.74 -16.91 -13.52
N ALA A 789 -36.69 -16.33 -12.92
CA ALA A 789 -35.71 -17.17 -12.24
C ALA A 789 -36.37 -18.02 -11.15
N ARG A 790 -37.37 -17.47 -10.48
CA ARG A 790 -38.06 -18.23 -9.43
C ARG A 790 -38.84 -19.40 -10.01
N LEU A 791 -39.40 -19.23 -11.20
CA LEU A 791 -40.07 -20.33 -11.88
C LEU A 791 -39.08 -21.43 -12.23
N ILE A 792 -37.89 -21.07 -12.69
CA ILE A 792 -36.90 -22.08 -13.05
C ILE A 792 -36.40 -22.81 -11.81
N GLN A 793 -36.15 -22.08 -10.73
CA GLN A 793 -35.76 -22.71 -9.47
C GLN A 793 -36.78 -23.76 -9.05
N ALA A 794 -38.06 -23.46 -9.22
CA ALA A 794 -39.12 -24.40 -8.83
C ALA A 794 -39.08 -25.67 -9.68
N GLN A 795 -38.97 -25.52 -10.99
CA GLN A 795 -38.81 -26.67 -11.88
C GLN A 795 -37.62 -27.53 -11.48
N LEU A 796 -36.49 -26.90 -11.18
CA LEU A 796 -35.30 -27.66 -10.83
C LEU A 796 -35.37 -28.32 -9.46
N ALA A 797 -36.20 -27.83 -8.54
CA ALA A 797 -36.31 -28.50 -7.26
C ALA A 797 -36.88 -29.91 -7.42
N ASP A 798 -37.63 -30.14 -8.50
CA ASP A 798 -38.12 -31.48 -8.82
C ASP A 798 -36.99 -32.46 -9.13
N ARG A 799 -35.81 -31.96 -9.52
CA ARG A 799 -34.81 -32.77 -10.22
C ARG A 799 -33.54 -32.95 -9.39
N LEU A 800 -32.86 -34.08 -9.65
CA LEU A 800 -31.50 -34.28 -9.22
C LEU A 800 -30.67 -34.83 -10.37
N SER A 801 -29.36 -34.68 -10.25
CA SER A 801 -28.43 -35.32 -11.17
C SER A 801 -28.39 -36.84 -10.99
N PRO A 802 -27.89 -37.56 -11.98
CA PRO A 802 -27.69 -39.02 -11.80
C PRO A 802 -26.98 -39.37 -10.51
N ALA A 803 -26.13 -38.49 -10.01
CA ALA A 803 -25.40 -38.68 -8.78
C ALA A 803 -26.18 -38.32 -7.51
N GLY A 804 -27.44 -37.90 -7.65
CA GLY A 804 -28.23 -37.52 -6.49
C GLY A 804 -28.00 -36.14 -5.92
N ARG A 805 -27.53 -35.20 -6.73
CA ARG A 805 -27.21 -33.85 -6.27
C ARG A 805 -28.01 -32.82 -7.07
N PRO A 806 -28.24 -31.62 -6.50
CA PRO A 806 -29.04 -30.61 -7.21
C PRO A 806 -28.39 -30.21 -8.53
N ILE A 807 -29.25 -29.82 -9.47
CA ILE A 807 -28.82 -29.32 -10.78
C ILE A 807 -28.30 -27.90 -10.59
N PRO A 808 -27.04 -27.61 -10.92
CA PRO A 808 -26.52 -26.25 -10.73
C PRO A 808 -27.34 -25.23 -11.49
N LEU A 809 -27.62 -24.10 -10.83
CA LEU A 809 -28.31 -22.99 -11.44
C LEU A 809 -27.53 -21.72 -11.18
N ILE A 810 -27.15 -21.01 -12.24
CA ILE A 810 -26.67 -19.64 -12.12
C ILE A 810 -27.82 -18.75 -12.54
N ALA A 811 -28.26 -17.88 -11.65
CA ALA A 811 -29.35 -16.98 -11.98
C ALA A 811 -28.94 -15.56 -11.63
N GLU A 812 -28.82 -14.71 -12.64
CA GLU A 812 -28.44 -13.31 -12.46
C GLU A 812 -29.67 -12.48 -12.83
N THR A 813 -30.19 -11.73 -11.86
CA THR A 813 -31.53 -11.20 -11.99
C THR A 813 -31.56 -9.69 -11.78
N GLY A 814 -32.69 -9.14 -11.29
CA GLY A 814 -32.87 -7.70 -11.40
C GLY A 814 -32.15 -6.91 -10.32
N GLY A 815 -32.30 -5.58 -10.40
CA GLY A 815 -31.74 -4.71 -9.38
C GLY A 815 -32.68 -3.56 -9.07
N GLN A 816 -32.38 -2.86 -7.96
CA GLN A 816 -33.13 -1.66 -7.51
C GLN A 816 -32.02 -0.71 -7.03
N ASN A 817 -31.27 -0.23 -8.00
CA ASN A 817 -29.94 0.32 -7.72
C ASN A 817 -30.02 1.78 -7.32
N ALA A 818 -29.32 2.12 -6.24
CA ALA A 818 -29.30 3.48 -5.73
C ALA A 818 -27.92 4.11 -5.90
N MET A 819 -27.95 5.44 -5.92
CA MET A 819 -26.77 6.29 -5.81
C MET A 819 -27.01 7.30 -4.70
N ILE A 820 -26.07 7.40 -3.74
CA ILE A 820 -26.12 8.39 -2.66
C ILE A 820 -25.13 9.52 -2.97
N VAL A 821 -25.59 10.76 -2.82
CA VAL A 821 -24.82 11.95 -3.13
C VAL A 821 -24.83 12.85 -1.91
N ASP A 822 -23.66 13.25 -1.41
CA ASP A 822 -23.65 14.16 -0.27
C ASP A 822 -23.25 15.55 -0.74
N SER A 823 -23.23 16.51 0.22
CA SER A 823 -22.96 17.90 -0.09
C SER A 823 -21.51 18.18 -0.50
N SER A 824 -20.62 17.20 -0.42
CA SER A 824 -19.25 17.37 -0.91
C SER A 824 -19.10 17.06 -2.40
N ALA A 825 -20.08 16.41 -3.01
CA ALA A 825 -19.92 16.01 -4.41
C ALA A 825 -20.04 17.23 -5.32
N LEU A 826 -19.53 17.11 -6.52
CA LEU A 826 -19.61 18.17 -7.52
C LEU A 826 -20.84 17.97 -8.39
N ALA A 827 -21.75 18.94 -8.39
CA ALA A 827 -23.06 18.74 -9.01
C ALA A 827 -22.95 18.37 -10.48
N GLU A 828 -22.05 19.03 -11.23
CA GLU A 828 -21.93 18.77 -12.66
C GLU A 828 -21.49 17.33 -12.91
N GLN A 829 -20.63 16.80 -12.04
CA GLN A 829 -20.20 15.42 -12.17
C GLN A 829 -21.35 14.47 -11.86
N VAL A 830 -22.08 14.77 -10.78
CA VAL A 830 -23.20 13.93 -10.39
C VAL A 830 -24.21 13.84 -11.53
N VAL A 831 -24.61 15.01 -12.06
CA VAL A 831 -25.66 15.03 -13.07
C VAL A 831 -25.25 14.22 -14.29
N GLY A 832 -24.00 14.37 -14.75
CA GLY A 832 -23.56 13.59 -15.88
C GLY A 832 -23.65 12.10 -15.59
N ASP A 833 -23.20 11.67 -14.41
CA ASP A 833 -23.23 10.24 -14.10
C ASP A 833 -24.66 9.73 -13.90
N VAL A 834 -25.56 10.57 -13.38
CA VAL A 834 -26.95 10.19 -13.19
C VAL A 834 -27.67 10.06 -14.54
N ILE A 835 -27.53 11.05 -15.42
CA ILE A 835 -28.14 10.99 -16.75
C ILE A 835 -27.71 9.73 -17.47
N THR A 836 -26.43 9.46 -17.48
CA THR A 836 -25.93 8.24 -18.09
C THR A 836 -26.51 6.99 -17.41
N SER A 837 -26.40 6.92 -16.09
CA SER A 837 -26.73 5.67 -15.42
C SER A 837 -28.22 5.37 -15.52
N ALA A 838 -29.05 6.41 -15.49
CA ALA A 838 -30.47 6.16 -15.42
C ALA A 838 -31.13 6.04 -16.80
N PHE A 839 -30.65 6.75 -17.81
CA PHE A 839 -31.41 6.89 -19.05
C PHE A 839 -30.69 6.36 -20.29
N ASP A 840 -29.39 6.09 -20.20
CA ASP A 840 -28.72 5.30 -21.21
C ASP A 840 -29.47 4.00 -21.46
N SER A 841 -29.58 3.62 -22.73
CA SER A 841 -30.35 2.44 -23.12
C SER A 841 -31.79 2.52 -22.65
N ALA A 842 -32.28 3.73 -22.39
CA ALA A 842 -33.63 3.93 -21.85
C ALA A 842 -33.81 3.19 -20.53
N GLY A 843 -32.74 3.12 -19.74
CA GLY A 843 -32.81 2.48 -18.47
C GLY A 843 -32.94 0.97 -18.52
N GLN A 844 -32.77 0.37 -19.69
CA GLN A 844 -32.96 -1.06 -19.84
C GLN A 844 -31.65 -1.82 -19.65
N ARG A 845 -31.02 -1.55 -18.50
CA ARG A 845 -29.84 -2.25 -18.03
C ARG A 845 -30.13 -2.73 -16.62
N SER A 846 -29.71 -3.95 -16.30
CA SER A 846 -29.92 -4.42 -14.93
C SER A 846 -29.23 -3.50 -13.93
N SER A 847 -28.16 -2.85 -14.33
CA SER A 847 -27.34 -1.96 -13.48
C SER A 847 -27.85 -0.54 -13.41
N ALA A 848 -28.88 -0.20 -14.17
CA ALA A 848 -29.30 1.17 -14.31
C ALA A 848 -29.70 1.80 -12.97
N LEU A 849 -29.45 3.10 -12.85
CA LEU A 849 -29.76 3.84 -11.62
C LEU A 849 -31.27 4.04 -11.50
N ARG A 850 -31.85 3.50 -10.42
CA ARG A 850 -33.27 3.57 -10.15
C ARG A 850 -33.64 4.58 -9.07
N VAL A 851 -32.79 4.77 -8.05
CA VAL A 851 -33.10 5.65 -6.92
C VAL A 851 -31.90 6.55 -6.68
N LEU A 852 -32.08 7.85 -6.84
CA LEU A 852 -31.04 8.83 -6.54
C LEU A 852 -31.34 9.44 -5.19
N CYS A 853 -30.37 9.40 -4.28
CA CYS A 853 -30.55 9.87 -2.91
C CYS A 853 -29.67 11.09 -2.68
N LEU A 854 -30.30 12.23 -2.41
CA LEU A 854 -29.65 13.52 -2.41
C LEU A 854 -29.67 14.09 -1.01
N GLN A 855 -28.51 14.47 -0.48
CA GLN A 855 -28.49 15.13 0.81
C GLN A 855 -29.31 16.43 0.76
N GLU A 856 -30.11 16.67 1.82
CA GLU A 856 -31.11 17.75 1.77
C GLU A 856 -30.49 19.08 1.36
N ASP A 857 -29.29 19.39 1.88
CA ASP A 857 -28.69 20.70 1.63
C ASP A 857 -28.45 20.98 0.16
N VAL A 858 -28.19 19.97 -0.66
CA VAL A 858 -27.89 20.23 -2.07
C VAL A 858 -28.97 19.67 -2.98
N ALA A 859 -30.07 19.16 -2.44
CA ALA A 859 -31.02 18.43 -3.26
C ALA A 859 -31.65 19.35 -4.32
N ASP A 860 -32.09 20.55 -3.90
CA ASP A 860 -32.78 21.43 -4.82
C ASP A 860 -31.88 21.83 -5.98
N ARG A 861 -30.64 22.20 -5.68
CA ARG A 861 -29.74 22.62 -6.72
C ARG A 861 -29.49 21.49 -7.70
N ILE A 862 -29.19 20.30 -7.19
CA ILE A 862 -28.87 19.20 -8.09
C ILE A 862 -30.10 18.80 -8.90
N LEU A 863 -31.26 18.78 -8.28
CA LEU A 863 -32.48 18.42 -8.98
C LEU A 863 -32.77 19.40 -10.12
N THR A 864 -32.59 20.69 -9.88
CA THR A 864 -32.80 21.69 -10.93
C THR A 864 -31.86 21.43 -12.11
N MET A 865 -30.60 21.18 -11.81
CA MET A 865 -29.63 20.87 -12.87
C MET A 865 -30.00 19.57 -13.59
N LEU A 866 -30.45 18.57 -12.84
CA LEU A 866 -30.80 17.29 -13.45
C LEU A 866 -31.99 17.42 -14.39
N LYS A 867 -33.01 18.17 -14.00
CA LYS A 867 -34.13 18.38 -14.91
C LYS A 867 -33.68 19.14 -16.16
N GLY A 868 -32.81 20.13 -15.98
CA GLY A 868 -32.29 20.86 -17.13
C GLY A 868 -31.57 19.96 -18.11
N ALA A 869 -30.76 19.04 -17.59
CA ALA A 869 -30.00 18.13 -18.44
C ALA A 869 -30.92 17.10 -19.11
N LEU A 870 -31.95 16.67 -18.39
CA LEU A 870 -32.93 15.78 -18.98
C LEU A 870 -33.50 16.37 -20.26
N HIS A 871 -33.81 17.66 -20.26
CA HIS A 871 -34.47 18.26 -21.41
C HIS A 871 -33.51 18.50 -22.57
N GLU A 872 -32.24 18.18 -22.43
CA GLU A 872 -31.29 18.21 -23.56
C GLU A 872 -31.15 16.85 -24.25
N LEU A 873 -31.86 15.82 -23.80
CA LEU A 873 -31.74 14.51 -24.41
C LEU A 873 -32.62 14.38 -25.67
N HIS A 874 -32.10 13.69 -26.68
CA HIS A 874 -32.80 13.44 -27.95
C HIS A 874 -33.27 12.00 -27.95
N ILE A 875 -34.58 11.80 -28.03
CA ILE A 875 -35.22 10.49 -28.05
C ILE A 875 -35.71 10.19 -29.46
N GLY A 876 -35.38 9.01 -29.96
CA GLY A 876 -35.86 8.62 -31.28
C GLY A 876 -35.26 7.31 -31.74
N ARG A 877 -35.58 6.97 -33.00
CA ARG A 877 -34.98 5.80 -33.63
C ARG A 877 -33.46 5.96 -33.63
N THR A 878 -32.76 4.90 -33.28
CA THR A 878 -31.36 4.99 -32.91
C THR A 878 -30.39 4.86 -34.07
N ASP A 879 -30.88 4.83 -35.32
CA ASP A 879 -29.97 4.87 -36.47
C ASP A 879 -29.52 6.30 -36.83
N ARG A 880 -29.56 7.23 -35.87
CA ARG A 880 -28.94 8.56 -36.00
C ARG A 880 -27.98 8.76 -34.83
N LEU A 881 -26.77 9.22 -35.13
CA LEU A 881 -25.77 9.43 -34.09
C LEU A 881 -26.27 10.39 -33.03
N SER A 882 -27.12 11.34 -33.42
CA SER A 882 -27.63 12.34 -32.50
C SER A 882 -28.64 11.82 -31.49
N VAL A 883 -29.09 10.57 -31.60
CA VAL A 883 -30.08 10.05 -30.67
C VAL A 883 -29.39 9.58 -29.39
N ASP A 884 -29.86 10.07 -28.25
CA ASP A 884 -29.28 9.71 -26.96
C ASP A 884 -30.00 8.53 -26.33
N VAL A 885 -31.32 8.47 -26.49
CA VAL A 885 -32.20 7.52 -25.82
C VAL A 885 -33.12 6.91 -26.87
N GLY A 886 -33.07 5.59 -27.01
CA GLY A 886 -33.90 4.89 -27.95
C GLY A 886 -35.22 4.37 -27.34
N PRO A 887 -35.86 3.45 -28.03
CA PRO A 887 -37.16 2.94 -27.58
C PRO A 887 -37.02 1.90 -26.48
N VAL A 888 -38.15 1.58 -25.89
CA VAL A 888 -38.23 0.40 -25.07
C VAL A 888 -38.59 -0.79 -25.97
N ILE A 889 -38.35 -2.00 -25.47
CA ILE A 889 -38.25 -3.14 -26.37
C ILE A 889 -39.60 -3.55 -26.96
N THR A 890 -40.70 -3.38 -26.24
CA THR A 890 -41.99 -3.81 -26.74
C THR A 890 -43.11 -2.93 -26.18
N SER A 891 -44.29 -3.06 -26.78
CA SER A 891 -45.45 -2.33 -26.28
C SER A 891 -45.87 -2.85 -24.90
N GLU A 892 -45.60 -4.13 -24.61
CA GLU A 892 -45.92 -4.64 -23.26
C GLU A 892 -45.01 -4.00 -22.22
N ALA A 893 -43.72 -3.88 -22.55
CA ALA A 893 -42.80 -3.23 -21.63
C ALA A 893 -43.17 -1.77 -21.45
N LYS A 894 -43.52 -1.10 -22.55
CA LYS A 894 -43.98 0.29 -22.50
C LYS A 894 -45.19 0.44 -21.59
N ASP A 895 -46.19 -0.43 -21.79
CA ASP A 895 -47.40 -0.34 -20.98
C ASP A 895 -47.08 -0.58 -19.51
N ASN A 896 -46.21 -1.52 -19.22
CA ASN A 896 -45.90 -1.78 -17.82
C ASN A 896 -45.18 -0.59 -17.19
N ILE A 897 -44.25 0.02 -17.91
CA ILE A 897 -43.52 1.17 -17.39
C ILE A 897 -44.46 2.36 -17.20
N GLU A 898 -45.34 2.59 -18.18
CA GLU A 898 -46.23 3.74 -18.10
C GLU A 898 -47.29 3.56 -17.01
N LYS A 899 -47.71 2.33 -16.73
CA LYS A 899 -48.61 2.13 -15.59
C LYS A 899 -47.94 2.57 -14.29
N HIS A 900 -46.66 2.24 -14.12
CA HIS A 900 -45.95 2.63 -12.91
C HIS A 900 -45.90 4.15 -12.78
N ILE A 901 -45.59 4.84 -13.88
CA ILE A 901 -45.49 6.28 -13.85
C ILE A 901 -46.82 6.90 -13.45
N GLU A 902 -47.92 6.30 -13.89
CA GLU A 902 -49.22 6.92 -13.63
C GLU A 902 -49.70 6.65 -12.21
N ARG A 903 -49.48 5.44 -11.67
CA ARG A 903 -49.68 5.25 -10.24
C ARG A 903 -48.97 6.37 -9.47
N MET A 904 -47.64 6.48 -9.64
CA MET A 904 -46.88 7.50 -8.93
C MET A 904 -47.51 8.88 -9.12
N ARG A 905 -47.83 9.23 -10.36
CA ARG A 905 -48.43 10.55 -10.58
C ARG A 905 -49.76 10.65 -9.85
N GLY A 906 -50.43 9.52 -9.64
CA GLY A 906 -51.71 9.46 -8.95
C GLY A 906 -51.62 9.40 -7.44
N LEU A 907 -50.41 9.38 -6.88
CA LEU A 907 -50.20 9.55 -5.46
C LEU A 907 -49.72 10.95 -5.13
N GLY A 908 -49.76 11.87 -6.09
CA GLY A 908 -49.31 13.22 -5.88
C GLY A 908 -47.82 13.45 -6.06
N ARG A 909 -47.06 12.44 -6.49
CA ARG A 909 -45.62 12.59 -6.65
C ARG A 909 -45.28 13.45 -7.86
N LYS A 910 -44.31 14.35 -7.69
CA LYS A 910 -43.91 15.22 -8.79
C LYS A 910 -43.23 14.40 -9.89
N VAL A 911 -43.69 14.57 -11.13
CA VAL A 911 -43.23 13.81 -12.27
C VAL A 911 -42.75 14.77 -13.35
N GLU A 912 -41.50 14.61 -13.78
CA GLU A 912 -40.91 15.39 -14.85
C GLU A 912 -40.64 14.48 -16.05
N GLN A 913 -41.13 14.88 -17.23
CA GLN A 913 -40.94 14.10 -18.45
C GLN A 913 -40.58 15.00 -19.62
N ILE A 914 -39.65 14.54 -20.46
CA ILE A 914 -39.36 15.23 -21.72
C ILE A 914 -40.47 14.93 -22.71
N GLY A 915 -40.79 15.91 -23.55
CA GLY A 915 -41.78 15.69 -24.61
C GLY A 915 -41.19 14.88 -25.75
N LEU A 916 -41.98 13.93 -26.26
CA LEU A 916 -41.57 13.07 -27.35
C LEU A 916 -42.00 13.67 -28.69
N ALA A 917 -41.12 13.59 -29.68
CA ALA A 917 -41.49 13.98 -31.03
C ALA A 917 -42.48 12.98 -31.62
N SER A 918 -43.32 13.47 -32.54
CA SER A 918 -44.38 12.63 -33.10
C SER A 918 -43.83 11.46 -33.89
N GLU A 919 -42.62 11.58 -34.42
CA GLU A 919 -41.95 10.48 -35.11
C GLU A 919 -41.83 9.23 -34.24
N THR A 920 -41.86 9.38 -32.92
CA THR A 920 -41.77 8.22 -32.04
C THR A 920 -43.03 7.35 -32.11
N GLY A 921 -44.12 7.86 -32.69
CA GLY A 921 -45.36 7.11 -32.72
C GLY A 921 -45.31 5.80 -33.47
N VAL A 922 -44.33 5.62 -34.37
CA VAL A 922 -44.24 4.37 -35.14
C VAL A 922 -43.47 3.28 -34.39
N GLY A 923 -42.94 3.58 -33.21
CA GLY A 923 -42.37 2.57 -32.35
C GLY A 923 -42.88 2.65 -30.93
N THR A 924 -42.12 2.09 -29.97
CA THR A 924 -42.53 1.97 -28.58
C THR A 924 -41.52 2.72 -27.71
N PHE A 925 -41.86 3.97 -27.37
CA PHE A 925 -41.00 4.85 -26.62
C PHE A 925 -41.63 5.26 -25.30
N VAL A 926 -40.79 5.39 -24.27
CA VAL A 926 -41.17 5.96 -22.99
C VAL A 926 -40.24 7.13 -22.74
N PRO A 927 -40.73 8.32 -22.43
CA PRO A 927 -39.82 9.45 -22.25
C PRO A 927 -39.07 9.33 -20.95
N PRO A 928 -37.80 9.67 -20.94
CA PRO A 928 -37.07 9.76 -19.67
C PRO A 928 -37.87 10.54 -18.64
N THR A 929 -37.88 10.03 -17.41
CA THR A 929 -38.84 10.45 -16.39
C THR A 929 -38.11 10.53 -15.05
N ILE A 930 -38.35 11.61 -14.32
CA ILE A 930 -37.88 11.79 -12.94
C ILE A 930 -39.11 11.87 -12.04
N ILE A 931 -39.10 11.07 -10.97
CA ILE A 931 -40.18 10.99 -9.99
C ILE A 931 -39.58 11.29 -8.62
N GLU A 932 -40.16 12.24 -7.91
CA GLU A 932 -39.70 12.62 -6.58
C GLU A 932 -40.50 11.83 -5.56
N LEU A 933 -39.85 10.92 -4.85
CA LEU A 933 -40.50 10.11 -3.84
C LEU A 933 -40.33 10.71 -2.45
N GLU A 934 -41.18 10.25 -1.52
CA GLU A 934 -41.06 10.63 -0.11
C GLU A 934 -40.19 9.63 0.66
N LYS A 935 -40.43 8.33 0.47
CA LYS A 935 -39.62 7.28 1.07
C LYS A 935 -39.25 6.26 -0.01
N LEU A 936 -38.18 5.52 0.25
CA LEU A 936 -37.77 4.45 -0.66
C LEU A 936 -38.78 3.31 -0.65
N SER A 937 -39.50 3.14 0.46
CA SER A 937 -40.55 2.15 0.61
C SER A 937 -41.69 2.37 -0.38
N ASP A 938 -41.68 3.49 -1.11
CA ASP A 938 -42.66 3.70 -2.16
C ASP A 938 -42.41 2.86 -3.41
N LEU A 939 -41.21 2.30 -3.59
CA LEU A 939 -40.93 1.41 -4.71
C LEU A 939 -41.00 -0.05 -4.27
N GLN A 940 -41.75 -0.86 -5.01
CA GLN A 940 -41.96 -2.27 -4.69
C GLN A 940 -41.14 -3.21 -5.56
N ARG A 941 -41.08 -3.00 -6.88
CA ARG A 941 -40.36 -3.90 -7.77
C ARG A 941 -39.54 -3.11 -8.80
N GLU A 942 -38.55 -3.78 -9.37
CA GLU A 942 -37.75 -3.21 -10.45
C GLU A 942 -38.66 -2.69 -11.56
N VAL A 943 -38.45 -1.44 -11.97
CA VAL A 943 -39.11 -0.87 -13.15
C VAL A 943 -38.06 -0.75 -14.24
N PHE A 944 -38.12 -1.62 -15.22
CA PHE A 944 -37.06 -1.76 -16.21
C PHE A 944 -37.32 -0.81 -17.37
N GLY A 945 -37.08 0.48 -17.11
CA GLY A 945 -37.34 1.52 -18.07
C GLY A 945 -36.63 2.82 -17.69
N PRO A 946 -36.89 3.89 -18.43
CA PRO A 946 -36.14 5.14 -18.21
C PRO A 946 -36.77 5.99 -17.11
N VAL A 947 -36.74 5.50 -15.87
CA VAL A 947 -37.51 6.12 -14.79
C VAL A 947 -36.62 6.25 -13.57
N LEU A 948 -36.28 7.48 -13.23
CA LEU A 948 -35.40 7.80 -12.11
C LEU A 948 -36.24 8.31 -10.96
N HIS A 949 -36.12 7.68 -9.80
CA HIS A 949 -36.78 8.15 -8.60
C HIS A 949 -35.77 8.87 -7.73
N VAL A 950 -36.21 9.95 -7.08
CA VAL A 950 -35.33 10.82 -6.30
C VAL A 950 -35.87 10.93 -4.88
N ILE A 951 -35.00 10.70 -3.89
CA ILE A 951 -35.34 10.96 -2.50
C ILE A 951 -34.26 11.82 -1.86
N ARG A 952 -34.65 12.50 -0.80
CA ARG A 952 -33.77 13.40 -0.08
C ARG A 952 -33.55 12.83 1.33
N TYR A 953 -32.38 13.11 1.90
CA TYR A 953 -32.08 12.63 3.24
C TYR A 953 -31.29 13.69 3.98
N ARG A 954 -31.45 13.71 5.31
CA ARG A 954 -30.63 14.55 6.18
C ARG A 954 -29.36 13.78 6.54
N ARG A 955 -28.24 14.51 6.65
CA ARG A 955 -26.96 13.82 6.76
C ARG A 955 -26.93 12.89 7.97
N ASP A 956 -27.53 13.30 9.08
CA ASP A 956 -27.53 12.42 10.24
C ASP A 956 -28.25 11.09 9.99
N ASP A 957 -29.16 11.03 9.01
CA ASP A 957 -29.87 9.81 8.69
C ASP A 957 -29.22 8.98 7.59
N LEU A 958 -27.94 9.23 7.29
CA LEU A 958 -27.29 8.44 6.24
C LEU A 958 -27.35 6.93 6.55
N ASP A 959 -27.04 6.55 7.78
CA ASP A 959 -26.97 5.13 8.06
C ASP A 959 -28.34 4.49 7.93
N ARG A 960 -29.41 5.18 8.35
CA ARG A 960 -30.75 4.65 8.13
C ARG A 960 -31.05 4.51 6.63
N LEU A 961 -30.61 5.48 5.83
CA LEU A 961 -30.82 5.42 4.37
C LEU A 961 -30.16 4.17 3.79
N VAL A 962 -28.92 3.89 4.19
CA VAL A 962 -28.27 2.68 3.69
C VAL A 962 -29.08 1.45 4.06
N ASP A 963 -29.65 1.44 5.27
CA ASP A 963 -30.55 0.36 5.65
C ASP A 963 -31.72 0.26 4.68
N ASP A 964 -32.38 1.39 4.40
CA ASP A 964 -33.48 1.40 3.45
C ASP A 964 -33.07 0.83 2.08
N VAL A 965 -31.89 1.21 1.58
CA VAL A 965 -31.43 0.63 0.33
C VAL A 965 -31.30 -0.88 0.44
N ASN A 966 -30.66 -1.36 1.51
CA ASN A 966 -30.47 -2.80 1.68
C ASN A 966 -31.82 -3.48 1.86
N ALA A 967 -32.80 -2.78 2.44
CA ALA A 967 -34.08 -3.40 2.79
C ALA A 967 -34.91 -3.82 1.59
N THR A 968 -34.65 -3.30 0.39
CA THR A 968 -35.38 -3.77 -0.78
C THR A 968 -35.17 -5.26 -1.04
N GLY A 969 -34.02 -5.79 -0.64
CA GLY A 969 -33.65 -7.17 -0.89
C GLY A 969 -32.85 -7.39 -2.15
N TYR A 970 -32.77 -6.40 -3.02
CA TYR A 970 -31.86 -6.42 -4.14
C TYR A 970 -30.44 -6.09 -3.68
N GLY A 971 -29.48 -6.33 -4.58
CA GLY A 971 -28.09 -6.02 -4.26
C GLY A 971 -27.15 -6.07 -5.45
N LEU A 972 -27.44 -5.30 -6.49
CA LEU A 972 -26.67 -5.43 -7.72
C LEU A 972 -25.65 -4.30 -7.81
N THR A 973 -26.03 -3.14 -8.33
CA THR A 973 -25.12 -2.00 -8.37
C THR A 973 -25.54 -0.94 -7.37
N PHE A 974 -24.55 -0.12 -7.01
CA PHE A 974 -24.66 0.95 -6.02
C PHE A 974 -23.57 2.00 -6.27
N GLY A 975 -23.96 3.27 -6.20
CA GLY A 975 -23.02 4.36 -6.38
C GLY A 975 -22.97 5.32 -5.20
N LEU A 976 -21.80 5.92 -5.01
CA LEU A 976 -21.60 6.94 -3.99
C LEU A 976 -20.77 8.08 -4.58
N HIS A 977 -21.28 9.31 -4.43
CA HIS A 977 -20.57 10.52 -4.83
C HIS A 977 -20.26 11.34 -3.59
N THR A 978 -18.98 11.37 -3.22
CA THR A 978 -18.49 12.07 -2.04
C THR A 978 -17.00 12.23 -2.19
N ARG A 979 -16.49 13.26 -1.54
CA ARG A 979 -15.04 13.44 -1.48
C ARG A 979 -14.48 13.07 -0.13
N LEU A 980 -15.32 12.57 0.77
CA LEU A 980 -14.98 12.43 2.18
C LEU A 980 -14.73 10.96 2.52
N ASP A 981 -13.53 10.67 2.99
CA ASP A 981 -13.16 9.29 3.32
C ASP A 981 -14.04 8.69 4.40
N GLU A 982 -14.43 9.46 5.42
CA GLU A 982 -15.25 8.84 6.47
C GLU A 982 -16.60 8.40 5.91
N THR A 983 -17.15 9.16 4.98
CA THR A 983 -18.40 8.76 4.36
C THR A 983 -18.20 7.53 3.49
N ILE A 984 -17.10 7.48 2.78
CA ILE A 984 -16.81 6.33 1.92
C ILE A 984 -16.71 5.08 2.76
N ALA A 985 -15.91 5.14 3.85
CA ALA A 985 -15.73 3.97 4.70
C ALA A 985 -17.06 3.52 5.27
N HIS A 986 -17.87 4.48 5.76
CA HIS A 986 -19.13 4.17 6.38
C HIS A 986 -20.05 3.45 5.40
N VAL A 987 -20.30 4.08 4.26
CA VAL A 987 -21.31 3.56 3.36
C VAL A 987 -20.86 2.26 2.74
N THR A 988 -19.59 2.16 2.33
CA THR A 988 -19.17 0.94 1.64
C THR A 988 -19.06 -0.24 2.62
N SER A 989 -18.90 0.02 3.91
CA SER A 989 -18.92 -1.10 4.85
C SER A 989 -20.33 -1.53 5.23
N ARG A 990 -21.35 -0.73 4.96
CA ARG A 990 -22.72 -1.10 5.36
C ARG A 990 -23.62 -1.51 4.19
N ILE A 991 -23.35 -1.01 2.98
CA ILE A 991 -24.17 -1.39 1.82
C ILE A 991 -23.92 -2.85 1.51
N LYS A 992 -24.94 -3.53 1.00
CA LYS A 992 -24.81 -4.95 0.63
C LYS A 992 -25.14 -5.07 -0.85
N ALA A 993 -24.14 -4.95 -1.70
CA ALA A 993 -24.34 -5.01 -3.15
C ALA A 993 -23.07 -5.56 -3.78
N GLY A 994 -23.25 -6.19 -4.95
CA GLY A 994 -22.13 -6.85 -5.58
C GLY A 994 -21.22 -5.95 -6.39
N ASN A 995 -21.71 -4.82 -6.90
CA ASN A 995 -20.91 -3.90 -7.70
C ASN A 995 -21.03 -2.47 -7.16
N LEU A 996 -19.95 -1.95 -6.61
CA LEU A 996 -19.92 -0.61 -6.05
C LEU A 996 -19.16 0.33 -6.98
N TYR A 997 -19.56 1.61 -6.96
CA TYR A 997 -18.95 2.62 -7.83
C TYR A 997 -18.82 3.90 -7.04
N ILE A 998 -17.61 4.48 -7.01
CA ILE A 998 -17.37 5.71 -6.25
C ILE A 998 -16.99 6.83 -7.23
N ASN A 999 -17.80 7.89 -7.24
CA ASN A 999 -17.53 9.09 -8.04
C ASN A 999 -17.48 8.81 -9.54
N ARG A 1000 -18.36 7.91 -10.01
CA ARG A 1000 -18.50 7.61 -11.42
C ARG A 1000 -19.92 7.11 -11.66
N ASN A 1001 -20.24 6.77 -12.90
CA ASN A 1001 -21.53 6.14 -13.16
C ASN A 1001 -21.50 4.72 -12.60
N ILE A 1002 -22.68 4.08 -12.59
CA ILE A 1002 -22.85 2.74 -12.01
C ILE A 1002 -23.16 1.67 -13.06
N ILE A 1003 -22.85 1.91 -14.32
CA ILE A 1003 -23.19 0.96 -15.37
C ILE A 1003 -21.93 0.31 -15.96
N GLY A 1004 -20.81 0.35 -15.22
CA GLY A 1004 -19.58 -0.29 -15.62
C GLY A 1004 -19.59 -1.77 -15.33
N ALA A 1005 -19.40 -2.58 -16.34
CA ALA A 1005 -19.26 -4.00 -16.14
C ALA A 1005 -18.19 -4.53 -17.06
N VAL A 1006 -17.03 -3.91 -16.99
CA VAL A 1006 -15.92 -4.34 -17.83
C VAL A 1006 -15.46 -5.72 -17.37
N VAL A 1007 -15.53 -6.68 -18.29
CA VAL A 1007 -15.14 -8.06 -18.03
C VAL A 1007 -13.74 -8.12 -17.46
N GLY A 1008 -13.59 -8.85 -16.35
CA GLY A 1008 -12.29 -9.03 -15.71
C GLY A 1008 -11.77 -7.81 -14.97
N VAL A 1009 -12.54 -6.72 -14.92
CA VAL A 1009 -12.13 -5.45 -14.31
C VAL A 1009 -13.18 -5.05 -13.28
N GLN A 1010 -14.46 -5.00 -13.68
CA GLN A 1010 -15.60 -5.02 -12.77
C GLN A 1010 -16.39 -6.30 -13.03
N PRO A 1011 -15.91 -7.46 -12.55
CA PRO A 1011 -16.75 -8.67 -12.57
C PRO A 1011 -18.12 -8.33 -12.03
N PHE A 1012 -19.15 -8.73 -12.77
CA PHE A 1012 -20.49 -8.21 -12.60
C PHE A 1012 -21.45 -9.23 -12.01
N GLY A 1013 -22.18 -8.82 -10.99
CA GLY A 1013 -23.24 -9.67 -10.46
C GLY A 1013 -23.46 -9.39 -9.00
N GLY A 1014 -24.70 -9.59 -8.57
CA GLY A 1014 -25.06 -9.19 -7.23
C GLY A 1014 -25.57 -10.31 -6.34
N ARG A 1015 -26.25 -9.92 -5.29
CA ARG A 1015 -26.69 -10.84 -4.23
C ARG A 1015 -28.17 -10.59 -3.95
N GLY A 1016 -28.70 -11.36 -3.00
CA GLY A 1016 -30.11 -11.22 -2.68
C GLY A 1016 -30.97 -11.51 -3.90
N LEU A 1017 -31.96 -10.68 -4.12
CA LEU A 1017 -32.87 -10.78 -5.24
C LEU A 1017 -32.20 -10.52 -6.59
N SER A 1018 -30.92 -10.15 -6.59
CA SER A 1018 -30.22 -9.81 -7.81
C SER A 1018 -29.39 -10.95 -8.37
N GLY A 1019 -29.16 -12.03 -7.62
CA GLY A 1019 -28.47 -13.16 -8.21
C GLY A 1019 -27.98 -14.16 -7.20
N THR A 1020 -27.54 -15.30 -7.74
CA THR A 1020 -26.90 -16.35 -6.98
C THR A 1020 -25.40 -16.27 -6.98
N GLY A 1021 -24.83 -15.63 -8.00
CA GLY A 1021 -23.44 -15.81 -8.27
C GLY A 1021 -23.20 -17.20 -8.83
N PRO A 1022 -21.95 -17.48 -9.21
CA PRO A 1022 -20.84 -16.51 -9.18
C PRO A 1022 -20.96 -15.41 -10.25
N LYS A 1023 -20.13 -14.38 -10.14
CA LYS A 1023 -20.18 -13.26 -11.07
C LYS A 1023 -19.70 -13.65 -12.46
N ALA A 1024 -20.44 -13.21 -13.46
CA ALA A 1024 -19.97 -13.22 -14.84
C ALA A 1024 -18.78 -12.30 -14.99
N GLY A 1025 -17.86 -12.68 -15.86
CA GLY A 1025 -16.68 -11.88 -16.07
C GLY A 1025 -15.73 -11.90 -14.90
N GLY A 1026 -15.85 -12.90 -14.03
CA GLY A 1026 -14.93 -13.07 -12.93
C GLY A 1026 -14.36 -14.48 -12.79
N PRO A 1027 -13.50 -14.66 -11.80
CA PRO A 1027 -12.65 -15.86 -11.75
C PRO A 1027 -13.32 -17.10 -11.16
N LEU A 1028 -14.46 -16.98 -10.52
CA LEU A 1028 -15.16 -18.13 -9.98
C LEU A 1028 -16.19 -18.72 -10.93
N TYR A 1029 -16.41 -18.08 -12.08
CA TYR A 1029 -17.52 -18.45 -12.95
C TYR A 1029 -17.34 -19.83 -13.55
N LEU A 1030 -16.19 -20.10 -14.18
CA LEU A 1030 -16.00 -21.39 -14.84
C LEU A 1030 -16.13 -22.57 -13.89
N GLY A 1031 -15.70 -22.40 -12.64
CA GLY A 1031 -15.72 -23.49 -11.68
C GLY A 1031 -17.11 -24.02 -11.37
N ARG A 1032 -18.14 -23.21 -11.58
CA ARG A 1032 -19.51 -23.67 -11.37
C ARG A 1032 -19.99 -24.58 -12.50
N LEU A 1033 -19.25 -24.67 -13.59
CA LEU A 1033 -19.71 -25.40 -14.78
C LEU A 1033 -18.95 -26.69 -14.97
N VAL A 1034 -18.21 -27.13 -13.96
CA VAL A 1034 -17.51 -28.41 -13.97
C VAL A 1034 -17.87 -29.11 -12.68
N THR A 1035 -17.61 -30.42 -12.63
CA THR A 1035 -18.05 -31.17 -11.46
C THR A 1035 -17.08 -31.02 -10.29
N THR A 1036 -15.80 -30.78 -10.57
CA THR A 1036 -14.77 -30.51 -9.57
C THR A 1036 -14.16 -29.16 -9.86
N ALA A 1037 -14.24 -28.27 -8.92
CA ALA A 1037 -13.88 -26.90 -9.27
C ALA A 1037 -12.37 -26.72 -9.24
N PRO A 1038 -11.81 -26.02 -10.21
CA PRO A 1038 -10.38 -25.69 -10.17
C PRO A 1038 -10.12 -24.59 -9.16
N VAL A 1039 -8.84 -24.33 -8.91
CA VAL A 1039 -8.42 -23.22 -8.06
C VAL A 1039 -8.25 -21.99 -8.95
N PRO A 1040 -9.06 -20.95 -8.80
CA PRO A 1040 -8.93 -19.81 -9.70
C PRO A 1040 -7.60 -19.11 -9.50
N PRO A 1041 -7.15 -18.38 -10.51
CA PRO A 1041 -5.96 -17.52 -10.33
C PRO A 1041 -6.14 -16.57 -9.16
N GLN A 1042 -5.08 -16.41 -8.38
CA GLN A 1042 -5.00 -15.46 -7.28
C GLN A 1042 -6.00 -15.77 -6.18
N HIS A 1043 -6.60 -16.95 -6.17
CA HIS A 1043 -7.72 -17.23 -5.25
C HIS A 1043 -7.17 -17.90 -4.00
N SER A 1044 -6.92 -17.10 -2.97
CA SER A 1044 -6.50 -17.60 -1.66
C SER A 1044 -6.60 -16.44 -0.66
N SER A 1045 -6.46 -16.77 0.61
CA SER A 1045 -6.46 -15.76 1.67
C SER A 1045 -5.61 -16.25 2.84
N VAL A 1046 -4.77 -15.36 3.38
CA VAL A 1046 -4.01 -15.70 4.57
C VAL A 1046 -4.80 -15.51 5.85
N HIS A 1047 -6.06 -15.08 5.76
CA HIS A 1047 -6.85 -14.75 6.92
C HIS A 1047 -7.70 -15.94 7.31
N THR A 1048 -7.83 -16.16 8.61
CA THR A 1048 -8.64 -17.27 9.14
C THR A 1048 -9.75 -16.68 9.98
N ASP A 1049 -10.96 -17.10 9.73
CA ASP A 1049 -12.08 -16.57 10.50
C ASP A 1049 -11.93 -16.96 11.97
N PRO A 1050 -12.08 -16.03 12.90
CA PRO A 1050 -11.78 -16.33 14.30
C PRO A 1050 -12.89 -17.14 15.00
N VAL A 1051 -14.12 -17.03 14.50
CA VAL A 1051 -15.17 -17.87 15.07
C VAL A 1051 -14.97 -19.31 14.63
N LEU A 1052 -14.49 -19.50 13.41
CA LEU A 1052 -14.11 -20.84 12.97
C LEU A 1052 -13.06 -21.43 13.90
N LEU A 1053 -12.05 -20.64 14.26
CA LEU A 1053 -11.01 -21.12 15.16
C LEU A 1053 -11.59 -21.46 16.52
N ASP A 1054 -12.50 -20.62 17.03
CA ASP A 1054 -13.12 -20.92 18.31
C ASP A 1054 -13.93 -22.21 18.23
N PHE A 1055 -14.59 -22.44 17.10
CA PHE A 1055 -15.39 -23.65 16.95
C PHE A 1055 -14.50 -24.88 16.86
N ALA A 1056 -13.40 -24.80 16.14
CA ALA A 1056 -12.48 -25.94 16.10
C ALA A 1056 -11.98 -26.27 17.50
N LYS A 1057 -11.75 -25.25 18.35
CA LYS A 1057 -11.27 -25.54 19.69
C LYS A 1057 -12.36 -26.20 20.51
N TRP A 1058 -13.61 -25.71 20.38
CA TRP A 1058 -14.73 -26.33 21.04
C TRP A 1058 -14.85 -27.80 20.63
N LEU A 1059 -14.68 -28.08 19.34
CA LEU A 1059 -14.75 -29.48 18.88
C LEU A 1059 -13.67 -30.32 19.53
N ASP A 1060 -12.45 -29.79 19.63
CA ASP A 1060 -11.39 -30.54 20.30
C ASP A 1060 -11.78 -30.84 21.74
N GLY A 1061 -12.37 -29.85 22.42
CA GLY A 1061 -12.83 -30.08 23.78
C GLY A 1061 -13.89 -31.15 23.91
N LYS A 1062 -14.79 -31.25 22.92
CA LYS A 1062 -15.84 -32.26 22.96
C LYS A 1062 -15.32 -33.64 22.54
N GLY A 1063 -14.08 -33.77 22.12
CA GLY A 1063 -13.57 -35.06 21.65
C GLY A 1063 -13.74 -35.34 20.18
N ALA A 1064 -14.22 -34.37 19.41
CA ALA A 1064 -14.45 -34.56 17.97
C ALA A 1064 -13.20 -34.18 17.19
N ARG A 1065 -12.16 -34.98 17.39
CA ARG A 1065 -10.83 -34.62 16.92
C ARG A 1065 -10.78 -34.57 15.39
N ALA A 1066 -11.42 -35.52 14.72
CA ALA A 1066 -11.41 -35.52 13.27
C ALA A 1066 -12.14 -34.30 12.72
N GLU A 1067 -13.31 -33.97 13.29
CA GLU A 1067 -14.05 -32.81 12.81
C GLU A 1067 -13.29 -31.51 13.13
N ALA A 1068 -12.61 -31.47 14.27
CA ALA A 1068 -11.79 -30.32 14.62
C ALA A 1068 -10.73 -30.06 13.56
N GLU A 1069 -10.05 -31.13 13.13
CA GLU A 1069 -9.04 -30.95 12.07
C GLU A 1069 -9.68 -30.50 10.76
N ALA A 1070 -10.85 -31.06 10.42
CA ALA A 1070 -11.54 -30.64 9.21
C ALA A 1070 -11.90 -29.16 9.30
N ALA A 1071 -12.35 -28.70 10.46
CA ALA A 1071 -12.64 -27.28 10.64
C ALA A 1071 -11.42 -26.41 10.37
N ARG A 1072 -10.28 -26.77 10.96
CA ARG A 1072 -9.07 -25.99 10.76
C ARG A 1072 -8.66 -26.01 9.31
N ASN A 1073 -8.82 -27.14 8.63
CA ASN A 1073 -8.55 -27.20 7.21
C ASN A 1073 -9.48 -26.27 6.43
N ALA A 1074 -10.78 -26.27 6.75
CA ALA A 1074 -11.69 -25.33 6.12
C ALA A 1074 -11.26 -23.90 6.39
N GLY A 1075 -10.83 -23.61 7.62
CA GLY A 1075 -10.35 -22.27 7.92
C GLY A 1075 -9.24 -21.84 6.97
N SER A 1076 -8.36 -22.78 6.61
CA SER A 1076 -7.22 -22.45 5.78
C SER A 1076 -7.60 -22.38 4.31
N SER A 1077 -8.50 -23.26 3.87
CA SER A 1077 -8.91 -23.30 2.47
C SER A 1077 -9.84 -22.17 2.11
N SER A 1078 -10.57 -21.63 3.07
CA SER A 1078 -11.43 -20.50 2.78
C SER A 1078 -10.64 -19.35 2.16
N ALA A 1079 -11.22 -18.72 1.16
CA ALA A 1079 -10.64 -17.54 0.54
C ALA A 1079 -11.27 -16.27 1.07
N LEU A 1080 -12.09 -16.37 2.12
CA LEU A 1080 -12.64 -15.18 2.77
C LEU A 1080 -11.51 -14.21 3.10
N GLY A 1081 -11.70 -12.93 2.77
CA GLY A 1081 -10.71 -11.90 3.00
C GLY A 1081 -9.77 -11.65 1.83
N LEU A 1082 -9.90 -12.41 0.75
CA LEU A 1082 -9.19 -12.08 -0.46
C LEU A 1082 -9.48 -10.64 -0.87
N ASP A 1083 -8.44 -9.91 -1.30
CA ASP A 1083 -8.57 -8.48 -1.53
C ASP A 1083 -7.57 -8.10 -2.62
N LEU A 1084 -8.06 -7.92 -3.84
CA LEU A 1084 -7.20 -7.78 -4.99
C LEU A 1084 -7.53 -6.48 -5.72
N GLU A 1085 -6.52 -5.95 -6.40
CA GLU A 1085 -6.73 -4.85 -7.34
C GLU A 1085 -6.55 -5.42 -8.75
N LEU A 1086 -7.56 -5.22 -9.59
CA LEU A 1086 -7.54 -5.74 -10.95
C LEU A 1086 -6.97 -4.73 -11.94
N PRO A 1087 -6.19 -5.17 -12.91
CA PRO A 1087 -5.60 -4.23 -13.87
C PRO A 1087 -6.66 -3.57 -14.71
N GLY A 1088 -6.51 -2.28 -14.93
CA GLY A 1088 -7.47 -1.56 -15.74
C GLY A 1088 -6.89 -0.26 -16.26
N PRO A 1089 -7.77 0.66 -16.58
CA PRO A 1089 -7.33 1.94 -17.11
C PRO A 1089 -6.74 2.81 -16.02
N VAL A 1090 -5.90 3.77 -16.44
CA VAL A 1090 -5.39 4.74 -15.48
C VAL A 1090 -6.58 5.57 -14.96
N GLY A 1091 -6.35 6.23 -13.85
CA GLY A 1091 -7.37 7.10 -13.30
C GLY A 1091 -8.54 6.37 -12.67
N GLU A 1092 -8.41 5.08 -12.41
CA GLU A 1092 -9.45 4.29 -11.77
C GLU A 1092 -8.74 3.23 -10.91
N ARG A 1093 -9.34 2.88 -9.77
CA ARG A 1093 -8.92 1.70 -9.00
C ARG A 1093 -10.06 0.69 -8.98
N ASN A 1094 -9.78 -0.53 -9.42
CA ASN A 1094 -10.80 -1.56 -9.51
C ASN A 1094 -10.40 -2.69 -8.58
N LEU A 1095 -11.24 -2.92 -7.58
CA LEU A 1095 -10.98 -3.80 -6.47
C LEU A 1095 -11.95 -4.97 -6.47
N TYR A 1096 -11.46 -6.11 -6.00
CA TYR A 1096 -12.22 -7.35 -5.98
C TYR A 1096 -11.97 -8.04 -4.66
N THR A 1097 -13.04 -8.35 -3.92
CA THR A 1097 -12.94 -8.85 -2.57
C THR A 1097 -13.96 -9.95 -2.30
N LEU A 1098 -13.58 -10.88 -1.43
CA LEU A 1098 -14.47 -11.97 -1.02
C LEU A 1098 -14.91 -11.74 0.41
N HIS A 1099 -16.22 -11.66 0.60
CA HIS A 1099 -16.87 -11.46 1.88
C HIS A 1099 -17.74 -12.68 2.21
N ALA A 1100 -18.26 -12.66 3.44
CA ALA A 1100 -19.28 -13.63 3.81
C ALA A 1100 -20.56 -13.35 3.03
N ARG A 1101 -21.34 -14.40 2.84
CA ARG A 1101 -22.60 -14.24 2.12
C ARG A 1101 -23.70 -13.73 3.04
N GLY A 1102 -23.70 -14.17 4.30
CA GLY A 1102 -24.81 -13.85 5.18
C GLY A 1102 -25.15 -14.99 6.11
N ARG A 1103 -26.44 -15.32 6.22
CA ARG A 1103 -26.88 -16.40 7.09
C ARG A 1103 -27.19 -17.60 6.19
N ILE A 1104 -26.51 -18.70 6.45
CA ILE A 1104 -26.65 -19.94 5.68
C ILE A 1104 -27.61 -20.84 6.44
N LEU A 1105 -28.58 -21.41 5.72
CA LEU A 1105 -29.47 -22.42 6.27
C LEU A 1105 -28.79 -23.77 6.25
N LEU A 1106 -28.64 -24.39 7.41
CA LEU A 1106 -28.09 -25.73 7.54
C LEU A 1106 -29.21 -26.72 7.78
N VAL A 1107 -29.22 -27.78 6.97
CA VAL A 1107 -30.16 -28.88 7.12
C VAL A 1107 -29.36 -30.16 7.31
N PRO A 1108 -28.84 -30.42 8.50
CA PRO A 1108 -28.04 -31.62 8.72
C PRO A 1108 -28.90 -32.85 8.96
N ALA A 1109 -28.26 -34.02 8.85
CA ALA A 1109 -28.84 -35.31 9.24
C ALA A 1109 -28.12 -35.97 10.43
N THR A 1110 -26.81 -35.87 10.51
CA THR A 1110 -26.03 -36.50 11.57
C THR A 1110 -25.23 -35.44 12.33
N GLU A 1111 -24.76 -35.84 13.51
CA GLU A 1111 -23.89 -34.95 14.30
C GLU A 1111 -22.64 -34.56 13.50
N SER A 1112 -21.96 -35.54 12.93
CA SER A 1112 -20.77 -35.22 12.15
C SER A 1112 -21.10 -34.35 10.94
N GLY A 1113 -22.21 -34.63 10.27
CA GLY A 1113 -22.61 -33.76 9.17
C GLY A 1113 -22.83 -32.32 9.60
N LEU A 1114 -23.50 -32.13 10.74
CA LEU A 1114 -23.68 -30.78 11.27
C LEU A 1114 -22.34 -30.08 11.51
N TYR A 1115 -21.38 -30.80 12.10
CA TYR A 1115 -20.10 -30.18 12.42
C TYR A 1115 -19.34 -29.78 11.15
N HIS A 1116 -19.37 -30.64 10.11
CA HIS A 1116 -18.77 -30.28 8.83
C HIS A 1116 -19.48 -29.08 8.18
N GLN A 1117 -20.82 -29.06 8.25
CA GLN A 1117 -21.57 -27.94 7.69
C GLN A 1117 -21.24 -26.64 8.42
N LEU A 1118 -21.25 -26.67 9.76
CA LEU A 1118 -20.93 -25.47 10.53
C LEU A 1118 -19.53 -24.97 10.24
N ALA A 1119 -18.57 -25.90 10.11
CA ALA A 1119 -17.20 -25.51 9.84
C ALA A 1119 -17.09 -24.81 8.50
N ALA A 1120 -17.79 -25.33 7.49
CA ALA A 1120 -17.75 -24.73 6.17
C ALA A 1120 -18.32 -23.32 6.21
N ALA A 1121 -19.44 -23.15 6.88
CA ALA A 1121 -20.10 -21.84 6.94
C ALA A 1121 -19.31 -20.83 7.74
N LEU A 1122 -18.76 -21.26 8.88
CA LEU A 1122 -18.02 -20.34 9.74
C LEU A 1122 -16.67 -19.97 9.13
N ALA A 1123 -16.03 -20.95 8.48
CA ALA A 1123 -14.77 -20.69 7.80
C ALA A 1123 -14.89 -19.59 6.74
N THR A 1124 -16.09 -19.38 6.22
CA THR A 1124 -16.35 -18.42 5.16
C THR A 1124 -17.09 -17.20 5.72
N GLY A 1125 -17.08 -17.04 7.04
CA GLY A 1125 -17.53 -15.82 7.67
C GLY A 1125 -19.01 -15.73 7.93
N ASN A 1126 -19.77 -16.78 7.66
CA ASN A 1126 -21.22 -16.72 7.75
C ASN A 1126 -21.72 -17.04 9.16
N SER A 1127 -22.94 -16.61 9.40
CA SER A 1127 -23.77 -17.12 10.46
C SER A 1127 -24.67 -18.20 9.88
N VAL A 1128 -25.39 -18.90 10.75
CA VAL A 1128 -26.18 -20.04 10.32
C VAL A 1128 -27.53 -20.07 11.03
N ALA A 1129 -28.49 -20.68 10.38
CA ALA A 1129 -29.74 -21.07 11.00
C ALA A 1129 -29.88 -22.57 10.77
N ILE A 1130 -29.95 -23.35 11.85
CA ILE A 1130 -29.91 -24.80 11.79
C ILE A 1130 -31.33 -25.31 11.91
N ASP A 1131 -31.71 -26.24 11.03
CA ASP A 1131 -33.03 -26.88 11.08
C ASP A 1131 -33.28 -27.57 12.40
N ALA A 1132 -34.21 -27.03 13.20
CA ALA A 1132 -34.58 -27.64 14.48
C ALA A 1132 -35.18 -29.02 14.31
N ALA A 1133 -35.81 -29.30 13.17
CA ALA A 1133 -36.38 -30.63 12.93
C ALA A 1133 -35.33 -31.72 12.84
N SER A 1134 -34.06 -31.34 12.63
CA SER A 1134 -32.99 -32.31 12.63
C SER A 1134 -32.89 -33.05 13.96
N GLY A 1135 -33.36 -32.45 15.04
CA GLY A 1135 -33.19 -33.04 16.36
C GLY A 1135 -31.78 -33.08 16.89
N LEU A 1136 -30.86 -32.27 16.34
CA LEU A 1136 -29.46 -32.35 16.74
C LEU A 1136 -29.06 -31.26 17.75
N GLN A 1137 -30.02 -30.70 18.47
CA GLN A 1137 -29.71 -29.62 19.41
C GLN A 1137 -28.69 -30.06 20.46
N ALA A 1138 -28.83 -31.28 20.98
CA ALA A 1138 -27.92 -31.76 22.01
C ALA A 1138 -26.47 -31.85 21.53
N SER A 1139 -26.23 -31.78 20.23
CA SER A 1139 -24.89 -31.87 19.70
C SER A 1139 -24.12 -30.56 19.79
N LEU A 1140 -24.75 -29.46 20.17
CA LEU A 1140 -24.10 -28.15 20.26
C LEU A 1140 -24.21 -27.54 21.66
N LYS A 1141 -24.07 -28.37 22.68
CA LYS A 1141 -24.10 -27.88 24.06
C LYS A 1141 -22.84 -27.08 24.38
N ASN A 1142 -23.02 -25.95 25.05
CA ASN A 1142 -21.89 -25.23 25.64
C ASN A 1142 -20.97 -24.63 24.59
N LEU A 1143 -21.55 -23.99 23.57
CA LEU A 1143 -20.72 -23.32 22.58
C LEU A 1143 -20.11 -22.04 23.16
N PRO A 1144 -18.89 -21.71 22.78
CA PRO A 1144 -18.36 -20.38 23.11
C PRO A 1144 -19.34 -19.29 22.67
N GLN A 1145 -19.38 -18.22 23.44
CA GLN A 1145 -20.27 -17.12 23.09
C GLN A 1145 -19.99 -16.64 21.67
N THR A 1146 -18.72 -16.62 21.26
CA THR A 1146 -18.38 -16.13 19.92
C THR A 1146 -19.07 -16.94 18.83
N VAL A 1147 -19.14 -18.26 19.01
CA VAL A 1147 -19.81 -19.13 18.05
C VAL A 1147 -21.31 -19.07 18.22
N GLY A 1148 -21.79 -19.08 19.46
CA GLY A 1148 -23.22 -18.98 19.70
C GLY A 1148 -23.84 -17.73 19.10
N LEU A 1149 -23.10 -16.62 19.08
CA LEU A 1149 -23.62 -15.42 18.46
C LEU A 1149 -23.93 -15.65 16.99
N ARG A 1150 -23.18 -16.54 16.36
CA ARG A 1150 -23.38 -16.82 14.95
C ARG A 1150 -24.40 -17.91 14.68
N VAL A 1151 -24.87 -18.63 15.71
CA VAL A 1151 -25.74 -19.78 15.55
C VAL A 1151 -27.14 -19.47 16.05
N SER A 1152 -28.14 -19.88 15.27
CA SER A 1152 -29.53 -19.89 15.71
C SER A 1152 -30.19 -21.17 15.21
N TRP A 1153 -31.28 -21.54 15.85
CA TRP A 1153 -32.07 -22.70 15.44
C TRP A 1153 -33.41 -22.27 14.88
N SER A 1154 -33.83 -22.94 13.81
CA SER A 1154 -35.02 -22.52 13.09
C SER A 1154 -36.00 -23.67 12.99
N LYS A 1155 -37.19 -23.48 13.57
CA LYS A 1155 -38.32 -24.36 13.28
C LYS A 1155 -38.95 -24.00 11.94
N ASP A 1156 -39.14 -22.71 11.68
CA ASP A 1156 -39.91 -22.21 10.54
C ASP A 1156 -38.97 -21.42 9.62
N TRP A 1157 -38.40 -22.13 8.64
CA TRP A 1157 -37.36 -21.53 7.80
C TRP A 1157 -37.83 -20.24 7.14
N ALA A 1158 -39.09 -20.21 6.68
CA ALA A 1158 -39.56 -19.04 5.94
C ALA A 1158 -39.61 -17.80 6.80
N ALA A 1159 -39.64 -17.96 8.11
CA ALA A 1159 -39.75 -16.84 9.03
C ALA A 1159 -38.39 -16.28 9.43
N ASP A 1160 -37.33 -17.05 9.27
CA ASP A 1160 -36.00 -16.69 9.76
C ASP A 1160 -35.06 -16.25 8.65
N GLY A 1161 -35.55 -16.09 7.43
CA GLY A 1161 -34.74 -15.62 6.33
C GLY A 1161 -34.69 -14.10 6.31
N PRO A 1162 -34.14 -13.52 5.24
CA PRO A 1162 -33.62 -14.28 4.09
C PRO A 1162 -32.30 -14.98 4.40
N PHE A 1163 -32.09 -16.09 3.72
CA PHE A 1163 -30.83 -16.80 3.77
C PHE A 1163 -30.01 -16.42 2.53
N ALA A 1164 -28.71 -16.70 2.59
CA ALA A 1164 -27.81 -16.45 1.48
C ALA A 1164 -27.25 -17.73 0.87
N GLY A 1165 -27.72 -18.88 1.31
CA GLY A 1165 -27.26 -20.15 0.81
C GLY A 1165 -27.73 -21.23 1.75
N ALA A 1166 -27.47 -22.48 1.38
CA ALA A 1166 -27.94 -23.59 2.21
C ALA A 1166 -27.00 -24.78 2.04
N LEU A 1167 -26.81 -25.52 3.13
CA LEU A 1167 -26.05 -26.78 3.14
C LEU A 1167 -26.99 -27.86 3.65
N VAL A 1168 -27.06 -28.96 2.91
CA VAL A 1168 -28.01 -30.04 3.19
C VAL A 1168 -27.26 -31.35 3.22
N GLU A 1169 -27.62 -32.21 4.17
CA GLU A 1169 -27.09 -33.58 4.28
C GLU A 1169 -28.24 -34.58 4.14
N GLY A 1170 -28.05 -35.60 3.32
CA GLY A 1170 -29.04 -36.67 3.29
C GLY A 1170 -28.91 -37.56 2.07
N ASP A 1171 -29.74 -38.61 2.04
CA ASP A 1171 -29.85 -39.41 0.83
C ASP A 1171 -30.64 -38.65 -0.24
N ALA A 1172 -30.77 -39.24 -1.43
CA ALA A 1172 -31.31 -38.49 -2.57
C ALA A 1172 -32.75 -38.04 -2.34
N GLU A 1173 -33.59 -38.87 -1.70
CA GLU A 1173 -34.97 -38.48 -1.46
C GLU A 1173 -35.06 -37.38 -0.42
N ARG A 1174 -34.16 -37.39 0.56
CA ARG A 1174 -34.12 -36.30 1.53
C ARG A 1174 -33.69 -35.00 0.86
N ILE A 1175 -32.66 -35.06 0.01
CA ILE A 1175 -32.20 -33.86 -0.68
C ILE A 1175 -33.30 -33.28 -1.55
N ARG A 1176 -34.04 -34.14 -2.26
CA ARG A 1176 -35.09 -33.64 -3.15
C ARG A 1176 -36.18 -32.95 -2.34
N ALA A 1177 -36.55 -33.55 -1.21
CA ALA A 1177 -37.60 -32.96 -0.37
C ALA A 1177 -37.16 -31.60 0.19
N VAL A 1178 -35.95 -31.56 0.76
CA VAL A 1178 -35.44 -30.32 1.31
C VAL A 1178 -35.36 -29.27 0.21
N ASN A 1179 -34.86 -29.67 -0.96
CA ASN A 1179 -34.72 -28.75 -2.09
C ASN A 1179 -36.05 -28.10 -2.46
N LYS A 1180 -37.13 -28.90 -2.51
CA LYS A 1180 -38.45 -28.32 -2.74
C LYS A 1180 -38.83 -27.35 -1.63
N ALA A 1181 -38.55 -27.70 -0.38
CA ALA A 1181 -38.88 -26.82 0.72
C ALA A 1181 -38.11 -25.50 0.62
N ILE A 1182 -36.83 -25.57 0.27
CA ILE A 1182 -36.01 -24.36 0.13
C ILE A 1182 -36.51 -23.50 -1.01
N ALA A 1183 -36.87 -24.12 -2.14
CA ALA A 1183 -37.32 -23.34 -3.29
C ALA A 1183 -38.58 -22.58 -2.95
N ALA A 1184 -39.38 -23.09 -2.02
CA ALA A 1184 -40.62 -22.43 -1.61
C ALA A 1184 -40.39 -21.27 -0.64
N LEU A 1185 -39.19 -21.10 -0.11
CA LEU A 1185 -38.97 -19.98 0.78
C LEU A 1185 -39.10 -18.66 0.02
N PRO A 1186 -39.64 -17.62 0.67
CA PRO A 1186 -39.80 -16.32 -0.01
C PRO A 1186 -38.47 -15.62 -0.23
N GLY A 1187 -38.42 -14.80 -1.25
CA GLY A 1187 -37.29 -13.93 -1.46
C GLY A 1187 -36.28 -14.46 -2.46
N PRO A 1188 -35.00 -14.39 -2.10
CA PRO A 1188 -33.94 -14.66 -3.07
C PRO A 1188 -33.83 -16.14 -3.41
N LEU A 1189 -33.24 -16.40 -4.58
CA LEU A 1189 -32.88 -17.76 -4.92
C LEU A 1189 -31.71 -18.16 -4.03
N LEU A 1190 -31.73 -19.38 -3.51
CA LEU A 1190 -30.64 -19.84 -2.66
C LEU A 1190 -29.76 -20.84 -3.41
N LEU A 1191 -28.45 -20.59 -3.40
CA LEU A 1191 -27.47 -21.57 -3.87
C LEU A 1191 -27.35 -22.67 -2.83
N VAL A 1192 -27.90 -23.85 -3.16
CA VAL A 1192 -27.96 -25.02 -2.32
C VAL A 1192 -26.83 -25.99 -2.69
N GLN A 1193 -26.15 -26.52 -1.66
CA GLN A 1193 -25.17 -27.59 -1.80
C GLN A 1193 -25.61 -28.78 -0.96
N ALA A 1194 -25.61 -29.97 -1.54
CA ALA A 1194 -26.10 -31.15 -0.86
C ALA A 1194 -25.04 -32.22 -0.90
N ALA A 1195 -25.02 -33.04 0.14
CA ALA A 1195 -24.14 -34.19 0.19
C ALA A 1195 -24.76 -35.26 1.07
N SER A 1196 -24.44 -36.52 0.77
CA SER A 1196 -24.82 -37.60 1.65
C SER A 1196 -23.86 -37.68 2.83
N SER A 1197 -24.28 -38.37 3.88
CA SER A 1197 -23.38 -38.57 5.03
C SER A 1197 -22.07 -39.22 4.60
N GLY A 1198 -22.15 -40.17 3.69
CA GLY A 1198 -20.95 -40.87 3.26
C GLY A 1198 -20.04 -39.99 2.42
N GLU A 1199 -20.62 -39.13 1.59
CA GLU A 1199 -19.82 -38.18 0.84
C GLU A 1199 -19.11 -37.20 1.78
N ILE A 1200 -19.81 -36.72 2.81
CA ILE A 1200 -19.14 -35.88 3.79
C ILE A 1200 -17.94 -36.62 4.39
N ALA A 1201 -18.08 -37.92 4.59
CA ALA A 1201 -16.99 -38.70 5.20
C ALA A 1201 -15.82 -38.86 4.25
N ARG A 1202 -16.10 -39.02 2.95
CA ARG A 1202 -15.09 -39.35 1.95
C ARG A 1202 -14.41 -38.13 1.34
N ASN A 1203 -15.12 -37.01 1.24
CA ASN A 1203 -14.67 -35.89 0.43
C ASN A 1203 -14.66 -34.61 1.25
N PRO A 1204 -13.48 -34.08 1.58
CA PRO A 1204 -13.43 -32.88 2.42
C PRO A 1204 -14.01 -31.67 1.75
N ASP A 1205 -14.20 -31.70 0.43
CA ASP A 1205 -14.87 -30.63 -0.30
C ASP A 1205 -16.30 -30.98 -0.67
N ALA A 1206 -16.92 -31.94 0.05
CA ALA A 1206 -18.34 -32.20 -0.14
C ALA A 1206 -19.13 -30.89 -0.18
N TYR A 1207 -18.78 -29.94 0.68
CA TYR A 1207 -19.36 -28.61 0.67
C TYR A 1207 -18.27 -27.63 0.19
N OCS A 1208 -18.46 -27.11 -1.01
CA OCS A 1208 -17.43 -26.31 -1.62
CB OCS A 1208 -17.58 -26.39 -3.13
SG OCS A 1208 -16.06 -25.87 -3.97
C OCS A 1208 -17.45 -24.85 -1.15
O OCS A 1208 -18.47 -24.17 -1.20
OD1 OCS A 1208 -15.72 -24.55 -3.40
OD2 OCS A 1208 -15.09 -26.93 -3.61
OD3 OCS A 1208 -16.46 -25.76 -5.39
H OCS A 1208 -19.17 -27.21 -1.48
HA OCS A 1208 -16.56 -26.66 -1.38
HB2 OCS A 1208 -18.30 -25.80 -3.44
HB3 OCS A 1208 -17.78 -27.28 -3.42
N LEU A 1209 -16.29 -24.39 -0.70
CA LEU A 1209 -16.22 -23.10 -0.04
C LEU A 1209 -16.29 -21.91 -1.01
N ASN A 1210 -16.03 -22.13 -2.30
CA ASN A 1210 -16.22 -21.08 -3.30
C ASN A 1210 -17.62 -20.49 -3.25
N TRP A 1211 -18.62 -21.33 -3.02
CA TRP A 1211 -20.00 -20.88 -3.10
C TRP A 1211 -20.55 -20.40 -1.76
N LEU A 1212 -19.69 -20.32 -0.72
CA LEU A 1212 -20.09 -19.80 0.58
C LEU A 1212 -19.53 -18.41 0.88
N VAL A 1213 -18.82 -17.81 -0.06
CA VAL A 1213 -18.41 -16.42 0.03
C VAL A 1213 -19.14 -15.64 -1.04
N GLU A 1214 -19.10 -14.33 -0.89
CA GLU A 1214 -19.74 -13.38 -1.77
C GLU A 1214 -18.68 -12.49 -2.39
N GLU A 1215 -18.74 -12.35 -3.71
CA GLU A 1215 -17.82 -11.48 -4.44
C GLU A 1215 -18.34 -10.04 -4.42
N VAL A 1216 -17.45 -9.10 -4.17
CA VAL A 1216 -17.77 -7.68 -4.28
C VAL A 1216 -16.73 -7.01 -5.17
N SER A 1217 -17.21 -6.29 -6.16
CA SER A 1217 -16.40 -5.44 -7.05
C SER A 1217 -16.62 -3.99 -6.69
N ALA A 1218 -15.55 -3.23 -6.64
CA ALA A 1218 -15.62 -1.79 -6.35
C ALA A 1218 -14.73 -1.04 -7.33
N SER A 1219 -15.30 -0.05 -8.02
CA SER A 1219 -14.60 0.75 -9.00
C SER A 1219 -14.61 2.20 -8.54
N ILE A 1220 -13.43 2.75 -8.33
CA ILE A 1220 -13.24 4.08 -7.76
C ILE A 1220 -12.61 4.96 -8.82
N ASN A 1221 -13.27 6.07 -9.13
CA ASN A 1221 -12.75 7.06 -10.07
C ASN A 1221 -11.76 7.92 -9.31
N THR A 1222 -10.49 7.65 -9.46
CA THR A 1222 -9.46 8.38 -8.73
C THR A 1222 -9.06 9.66 -9.45
N ALA A 1223 -9.64 9.93 -10.60
CA ALA A 1223 -9.44 11.20 -11.31
C ALA A 1223 -10.51 12.24 -10.96
N ALA A 1224 -11.46 11.91 -10.06
CA ALA A 1224 -12.64 12.73 -9.85
C ALA A 1224 -12.31 14.12 -9.31
N ALA A 1225 -11.22 14.27 -8.53
CA ALA A 1225 -10.84 15.58 -8.00
C ALA A 1225 -10.27 16.49 -9.08
N GLY A 1226 -10.16 16.00 -10.31
CA GLY A 1226 -9.80 16.82 -11.45
C GLY A 1226 -8.45 16.53 -12.02
N GLY A 1227 -7.77 15.50 -11.54
CA GLY A 1227 -6.47 15.14 -12.09
C GLY A 1227 -6.09 13.74 -11.67
N ASN A 1228 -5.04 13.24 -12.31
CA ASN A 1228 -4.50 11.90 -12.05
C ASN A 1228 -3.13 12.02 -11.36
N ALA A 1229 -3.13 11.80 -10.04
CA ALA A 1229 -1.89 11.85 -9.26
C ALA A 1229 -0.80 10.97 -9.87
N SER A 1230 -1.06 9.66 -9.98
CA SER A 1230 -0.05 8.72 -10.46
C SER A 1230 0.59 9.17 -11.77
N LEU A 1231 -0.20 9.70 -12.69
CA LEU A 1231 0.33 10.28 -13.92
C LEU A 1231 0.85 11.70 -13.64
N ALA B 16 40.72 -6.33 44.98
CA ALA B 16 39.82 -6.26 43.83
C ALA B 16 40.46 -5.62 42.60
N PRO B 17 40.35 -6.27 41.44
CA PRO B 17 40.78 -5.63 40.20
C PRO B 17 40.26 -4.21 40.08
N ALA B 18 41.14 -3.29 39.69
CA ALA B 18 40.74 -1.90 39.47
C ALA B 18 39.62 -1.82 38.44
N PRO B 19 38.62 -0.97 38.65
CA PRO B 19 37.54 -0.86 37.66
C PRO B 19 38.07 -0.40 36.30
N PHE B 20 37.66 -1.11 35.25
CA PHE B 20 37.95 -0.80 33.83
C PHE B 20 39.43 -0.88 33.50
N ALA B 21 40.26 -1.47 34.38
CA ALA B 21 41.68 -1.59 34.10
C ALA B 21 41.92 -2.45 32.86
N ASP B 22 41.06 -3.45 32.62
CA ASP B 22 41.21 -4.37 31.48
C ASP B 22 40.03 -4.29 30.52
N PHE B 23 39.54 -3.08 30.23
CA PHE B 23 38.21 -2.98 29.62
C PHE B 23 38.21 -3.55 28.20
N ALA B 24 39.10 -3.04 27.36
CA ALA B 24 39.22 -3.50 25.98
C ALA B 24 40.62 -3.22 25.41
N PRO B 25 41.65 -3.82 26.00
CA PRO B 25 43.01 -3.61 25.49
C PRO B 25 43.11 -4.08 24.06
N PRO B 26 43.69 -3.29 23.16
CA PRO B 26 43.87 -3.76 21.78
C PRO B 26 44.73 -5.00 21.72
N VAL B 27 44.57 -5.76 20.62
CA VAL B 27 45.40 -6.93 20.38
C VAL B 27 46.87 -6.55 20.30
N ARG B 28 47.18 -5.44 19.63
CA ARG B 28 48.54 -4.96 19.49
C ARG B 28 48.51 -3.44 19.46
N PRO B 29 49.61 -2.77 19.80
CA PRO B 29 49.66 -1.32 19.62
C PRO B 29 49.39 -0.95 18.16
N GLN B 30 48.65 0.13 17.95
CA GLN B 30 48.18 0.48 16.62
C GLN B 30 49.25 1.32 15.92
N SER B 31 49.80 0.78 14.83
CA SER B 31 50.75 1.51 14.00
C SER B 31 50.11 2.75 13.34
N THR B 32 50.97 3.57 12.71
CA THR B 32 50.48 4.71 11.93
C THR B 32 49.49 4.26 10.86
N LEU B 33 49.84 3.20 10.11
CA LEU B 33 48.96 2.73 9.06
C LEU B 33 47.65 2.18 9.60
N ARG B 34 47.69 1.49 10.76
CA ARG B 34 46.46 0.95 11.34
C ARG B 34 45.55 2.09 11.80
N ARG B 35 46.15 3.13 12.40
CA ARG B 35 45.39 4.28 12.86
C ARG B 35 44.71 5.00 11.71
N ALA B 36 45.36 5.07 10.55
CA ALA B 36 44.73 5.74 9.42
C ALA B 36 43.52 4.97 8.93
N ILE B 37 43.57 3.62 9.01
CA ILE B 37 42.38 2.82 8.70
C ILE B 37 41.23 3.24 9.61
N THR B 38 41.50 3.17 10.92
CA THR B 38 40.47 3.44 11.92
C THR B 38 39.93 4.85 11.76
N ALA B 39 40.79 5.80 11.45
CA ALA B 39 40.34 7.18 11.29
C ALA B 39 39.33 7.33 10.16
N ALA B 40 39.35 6.45 9.17
CA ALA B 40 38.47 6.54 8.02
C ALA B 40 37.15 5.79 8.22
N TYR B 41 36.98 5.11 9.36
CA TYR B 41 35.88 4.17 9.51
C TYR B 41 34.54 4.78 9.08
N ARG B 42 34.21 5.96 9.59
CA ARG B 42 32.92 6.57 9.28
C ARG B 42 33.10 7.97 8.73
N ARG B 43 34.14 8.17 7.92
CA ARG B 43 34.40 9.47 7.33
C ARG B 43 33.25 9.91 6.42
N PRO B 44 32.82 11.18 6.49
CA PRO B 44 31.76 11.65 5.59
C PRO B 44 32.07 11.36 4.12
N GLU B 45 31.02 10.96 3.39
CA GLU B 45 31.18 10.61 1.98
C GLU B 45 31.75 11.74 1.14
N THR B 46 31.42 12.99 1.46
CA THR B 46 32.01 14.09 0.74
C THR B 46 33.50 14.28 1.03
N GLU B 47 34.02 13.72 2.11
CA GLU B 47 35.47 13.74 2.28
C GLU B 47 36.16 12.56 1.64
N CYS B 48 35.49 11.40 1.53
CA CYS B 48 36.15 10.22 0.95
C CYS B 48 36.33 10.36 -0.55
N LEU B 49 35.38 10.97 -1.23
CA LEU B 49 35.35 10.84 -2.69
C LEU B 49 36.40 11.63 -3.46
N PRO B 50 36.72 12.87 -3.12
CA PRO B 50 37.66 13.65 -3.97
C PRO B 50 38.99 12.96 -4.15
N PRO B 51 39.63 12.41 -3.11
CA PRO B 51 40.89 11.68 -3.37
C PRO B 51 40.70 10.41 -4.18
N LEU B 52 39.57 9.73 -4.02
CA LEU B 52 39.28 8.58 -4.88
C LEU B 52 39.12 9.02 -6.34
N VAL B 53 38.42 10.14 -6.57
CA VAL B 53 38.29 10.66 -7.93
C VAL B 53 39.67 10.94 -8.53
N GLU B 54 40.49 11.70 -7.80
CA GLU B 54 41.84 11.98 -8.29
C GLU B 54 42.58 10.70 -8.63
N ALA B 55 42.52 9.72 -7.73
CA ALA B 55 43.28 8.48 -7.91
C ALA B 55 42.77 7.63 -9.07
N ALA B 56 41.50 7.73 -9.40
CA ALA B 56 40.91 6.94 -10.45
C ALA B 56 40.90 7.64 -11.81
N THR B 57 41.53 8.81 -11.93
CA THR B 57 41.48 9.54 -13.19
C THR B 57 42.39 8.87 -14.21
N GLN B 58 41.88 8.71 -15.44
CA GLN B 58 42.68 8.21 -16.54
C GLN B 58 42.55 9.14 -17.74
N SER B 59 43.59 9.17 -18.58
CA SER B 59 43.60 10.02 -19.76
C SER B 59 42.41 9.72 -20.66
N LYS B 60 42.18 10.63 -21.61
CA LYS B 60 41.12 10.40 -22.58
C LYS B 60 41.48 9.23 -23.51
N GLU B 61 42.75 9.05 -23.82
CA GLU B 61 43.13 7.90 -24.64
C GLU B 61 42.67 6.61 -23.98
N ILE B 62 43.02 6.41 -22.72
CA ILE B 62 42.62 5.18 -22.02
C ILE B 62 41.10 5.11 -21.89
N ARG B 63 40.45 6.23 -21.58
CA ARG B 63 39.01 6.18 -21.33
C ARG B 63 38.23 5.85 -22.61
N ASP B 64 38.64 6.41 -23.75
CA ASP B 64 37.99 6.05 -25.01
C ASP B 64 38.26 4.58 -25.36
N ALA B 65 39.51 4.13 -25.22
CA ALA B 65 39.82 2.73 -25.44
C ALA B 65 39.05 1.80 -24.49
N ALA B 66 38.83 2.24 -23.25
CA ALA B 66 38.12 1.40 -22.30
C ALA B 66 36.64 1.33 -22.64
N ALA B 67 36.10 2.39 -23.24
CA ALA B 67 34.67 2.42 -23.55
C ALA B 67 34.33 1.55 -24.75
N SER B 68 35.25 1.40 -25.70
CA SER B 68 35.00 0.48 -26.81
C SER B 68 35.16 -0.96 -26.36
N THR B 69 36.17 -1.23 -25.54
CA THR B 69 36.31 -2.56 -24.94
C THR B 69 35.04 -2.94 -24.18
N ALA B 70 34.55 -2.04 -23.32
CA ALA B 70 33.32 -2.34 -22.59
C ALA B 70 32.17 -2.59 -23.55
N ARG B 71 32.09 -1.80 -24.63
CA ARG B 71 31.02 -2.00 -25.61
C ARG B 71 31.14 -3.37 -26.26
N LYS B 72 32.35 -3.74 -26.70
CA LYS B 72 32.56 -5.05 -27.30
C LYS B 72 32.11 -6.17 -26.36
N LEU B 73 32.46 -6.06 -25.08
CA LEU B 73 32.07 -7.09 -24.11
C LEU B 73 30.56 -7.11 -23.92
N ILE B 74 29.95 -5.92 -23.82
CA ILE B 74 28.52 -5.87 -23.57
C ILE B 74 27.75 -6.39 -24.78
N GLU B 75 28.20 -6.03 -25.98
CA GLU B 75 27.57 -6.56 -27.19
C GLU B 75 27.62 -8.09 -27.18
N ALA B 76 28.81 -8.64 -26.91
CA ALA B 76 28.94 -10.09 -26.83
C ALA B 76 27.96 -10.67 -25.81
N LEU B 77 27.85 -10.07 -24.62
CA LEU B 77 27.02 -10.65 -23.57
C LEU B 77 25.55 -10.68 -23.98
N ARG B 78 25.05 -9.56 -24.51
CA ARG B 78 23.65 -9.47 -24.89
C ARG B 78 23.31 -10.26 -26.16
N GLY B 79 24.30 -10.54 -27.00
CA GLY B 79 24.05 -11.36 -28.17
C GLY B 79 23.71 -12.81 -27.86
N LYS B 80 23.90 -13.23 -26.61
CA LYS B 80 23.74 -14.65 -26.26
C LYS B 80 23.02 -14.82 -24.92
N GLY B 85 16.64 -20.62 -18.28
CA GLY B 85 16.54 -21.84 -17.50
C GLY B 85 15.13 -22.06 -16.94
N VAL B 86 14.88 -21.49 -15.77
CA VAL B 86 13.51 -21.48 -15.27
C VAL B 86 12.64 -20.57 -16.14
N GLU B 87 13.21 -19.54 -16.74
CA GLU B 87 12.46 -18.68 -17.65
C GLU B 87 11.77 -19.51 -18.75
N GLY B 88 12.46 -20.52 -19.29
CA GLY B 88 11.88 -21.28 -20.39
C GLY B 88 10.88 -22.32 -19.93
N LEU B 89 11.03 -22.83 -18.73
CA LEU B 89 10.00 -23.65 -18.12
C LEU B 89 8.73 -22.84 -17.90
N VAL B 90 8.88 -21.62 -17.37
CA VAL B 90 7.75 -20.72 -17.14
C VAL B 90 7.01 -20.45 -18.45
N GLN B 91 7.75 -20.20 -19.55
CA GLN B 91 7.08 -19.92 -20.81
C GLN B 91 6.45 -21.18 -21.40
N GLU B 92 7.09 -22.34 -21.25
CA GLU B 92 6.57 -23.55 -21.90
C GLU B 92 5.25 -24.00 -21.28
N TYR B 93 5.14 -23.93 -19.95
CA TYR B 93 3.92 -24.34 -19.26
C TYR B 93 3.04 -23.17 -18.86
N SER B 94 3.31 -21.97 -19.36
CA SER B 94 2.51 -20.77 -19.11
C SER B 94 2.19 -20.64 -17.60
N LEU B 95 3.26 -20.64 -16.83
CA LEU B 95 3.16 -20.56 -15.38
C LEU B 95 3.13 -19.12 -14.95
N SER B 96 2.31 -18.83 -13.95
CA SER B 96 2.43 -17.58 -13.25
C SER B 96 3.72 -17.59 -12.42
N SER B 97 4.08 -16.43 -11.86
CA SER B 97 5.26 -16.40 -11.00
C SER B 97 5.08 -17.30 -9.78
N GLN B 98 3.90 -17.21 -9.13
CA GLN B 98 3.67 -18.02 -7.93
C GLN B 98 3.67 -19.50 -8.26
N GLU B 99 3.13 -19.86 -9.41
CA GLU B 99 3.22 -21.25 -9.86
C GLU B 99 4.66 -21.66 -10.07
N GLY B 100 5.48 -20.79 -10.65
CA GLY B 100 6.90 -21.11 -10.81
C GLY B 100 7.60 -21.29 -9.48
N VAL B 101 7.36 -20.39 -8.54
CA VAL B 101 7.94 -20.50 -7.21
C VAL B 101 7.47 -21.79 -6.55
N ALA B 102 6.18 -22.09 -6.64
CA ALA B 102 5.63 -23.26 -5.98
C ALA B 102 6.23 -24.53 -6.57
N LEU B 103 6.38 -24.56 -7.90
CA LEU B 103 6.95 -25.72 -8.56
C LEU B 103 8.38 -25.97 -8.10
N MET B 104 9.18 -24.91 -7.96
CA MET B 104 10.56 -25.10 -7.54
C MET B 104 10.62 -25.62 -6.11
N CYS B 105 9.74 -25.12 -5.23
CA CYS B 105 9.67 -25.66 -3.88
C CYS B 105 9.33 -27.15 -3.87
N LEU B 106 8.36 -27.56 -4.70
CA LEU B 106 8.04 -28.97 -4.78
C LEU B 106 9.24 -29.76 -5.30
N ALA B 107 9.92 -29.19 -6.30
CA ALA B 107 11.10 -29.85 -6.88
C ALA B 107 12.19 -30.02 -5.84
N GLU B 108 12.44 -28.98 -5.04
CA GLU B 108 13.41 -29.05 -3.96
C GLU B 108 13.06 -30.15 -2.97
N ALA B 109 11.78 -30.24 -2.57
CA ALA B 109 11.38 -31.29 -1.65
C ALA B 109 11.58 -32.67 -2.27
N LEU B 110 11.20 -32.83 -3.53
CA LEU B 110 11.34 -34.11 -4.20
C LEU B 110 12.80 -34.51 -4.32
N LEU B 111 13.70 -33.55 -4.43
CA LEU B 111 15.11 -33.89 -4.53
C LEU B 111 15.72 -34.26 -3.19
N ARG B 112 14.98 -34.06 -2.09
CA ARG B 112 15.44 -34.57 -0.81
C ARG B 112 15.30 -36.08 -0.73
N ILE B 113 14.59 -36.69 -1.67
CA ILE B 113 14.52 -38.15 -1.79
C ILE B 113 15.69 -38.60 -2.65
N PRO B 114 16.67 -39.36 -2.09
CA PRO B 114 17.91 -39.62 -2.83
C PRO B 114 17.80 -40.69 -3.91
N ASP B 115 16.90 -41.64 -3.71
CA ASP B 115 16.74 -42.76 -4.63
C ASP B 115 15.86 -42.34 -5.80
N THR B 116 16.47 -42.17 -6.97
CA THR B 116 15.73 -41.74 -8.16
C THR B 116 14.43 -42.54 -8.33
N ALA B 117 14.49 -43.85 -8.16
CA ALA B 117 13.31 -44.68 -8.39
C ALA B 117 12.22 -44.33 -7.38
N THR B 118 12.55 -44.27 -6.09
CA THR B 118 11.53 -43.96 -5.09
C THR B 118 10.87 -42.62 -5.39
N ARG B 119 11.67 -41.64 -5.80
CA ARG B 119 11.14 -40.32 -6.10
C ARG B 119 10.21 -40.36 -7.31
N ASP B 120 10.67 -40.97 -8.41
CA ASP B 120 9.85 -41.08 -9.61
C ASP B 120 8.57 -41.84 -9.32
N ALA B 121 8.60 -42.77 -8.36
CA ALA B 121 7.38 -43.49 -8.03
C ALA B 121 6.42 -42.59 -7.26
N LEU B 122 6.94 -41.80 -6.32
CA LEU B 122 6.08 -40.89 -5.58
C LEU B 122 5.42 -39.88 -6.52
N ILE B 123 6.13 -39.47 -7.57
CA ILE B 123 5.56 -38.51 -8.51
C ILE B 123 4.46 -39.16 -9.32
N ARG B 124 4.81 -40.21 -10.07
CA ARG B 124 3.88 -40.84 -11.01
C ARG B 124 2.62 -41.33 -10.32
N ASP B 125 2.70 -41.72 -9.04
CA ASP B 125 1.59 -42.39 -8.39
C ASP B 125 0.97 -41.67 -7.20
N LYS B 126 1.54 -40.56 -6.74
CA LYS B 126 1.00 -39.91 -5.55
C LYS B 126 0.83 -38.39 -5.71
N ILE B 127 1.75 -37.77 -6.45
CA ILE B 127 1.77 -36.31 -6.57
C ILE B 127 1.01 -35.84 -7.81
N ALA B 128 1.28 -36.48 -8.97
CA ALA B 128 0.59 -36.10 -10.20
C ALA B 128 -0.92 -36.24 -10.07
N ASP B 129 -1.37 -37.12 -9.18
CA ASP B 129 -2.77 -37.20 -8.76
C ASP B 129 -3.01 -36.18 -7.63
N GLY B 130 -2.33 -35.04 -7.70
CA GLY B 130 -2.63 -33.88 -6.87
C GLY B 130 -2.59 -34.00 -5.37
N ASN B 131 -2.63 -35.23 -4.84
CA ASN B 131 -2.64 -35.43 -3.38
C ASN B 131 -1.33 -34.99 -2.73
N TRP B 132 -0.77 -33.86 -3.18
CA TRP B 132 0.59 -33.51 -2.79
C TRP B 132 0.68 -33.05 -1.34
N LYS B 133 -0.41 -32.53 -0.76
CA LYS B 133 -0.36 -32.06 0.62
C LYS B 133 0.12 -33.19 1.53
N SER B 134 -0.50 -34.37 1.42
CA SER B 134 -0.15 -35.53 2.22
C SER B 134 1.25 -36.05 1.94
N HIS B 135 1.46 -36.59 0.74
CA HIS B 135 2.69 -37.25 0.36
C HIS B 135 3.96 -36.43 0.60
N LEU B 136 3.82 -35.18 1.02
CA LEU B 136 4.97 -34.37 1.44
C LEU B 136 4.52 -33.33 2.47
N ARG B 140 7.05 -29.82 8.04
CA ARG B 140 7.77 -28.72 7.41
C ARG B 140 7.02 -28.32 6.12
N SER B 141 6.69 -27.03 6.04
CA SER B 141 6.06 -26.52 4.82
C SER B 141 6.95 -26.79 3.63
N LEU B 142 6.32 -27.15 2.51
CA LEU B 142 7.03 -27.20 1.25
C LEU B 142 7.69 -25.88 0.92
N PHE B 143 7.16 -24.78 1.45
CA PHE B 143 7.46 -23.44 0.96
C PHE B 143 8.46 -22.70 1.85
N VAL B 144 9.17 -23.43 2.71
CA VAL B 144 10.06 -22.80 3.68
C VAL B 144 11.09 -21.91 3.00
N ASN B 145 11.62 -22.35 1.85
CA ASN B 145 12.63 -21.59 1.11
C ASN B 145 12.06 -20.81 -0.06
N ALA B 146 10.75 -20.50 -0.05
CA ALA B 146 10.14 -19.90 -1.24
C ALA B 146 10.64 -18.48 -1.48
N ALA B 147 11.09 -17.76 -0.45
CA ALA B 147 11.65 -16.43 -0.70
C ALA B 147 12.83 -16.54 -1.66
N THR B 148 13.65 -17.57 -1.44
CA THR B 148 14.81 -17.78 -2.31
C THR B 148 14.38 -18.12 -3.73
N TRP B 149 13.42 -19.04 -3.90
CA TRP B 149 12.95 -19.33 -5.24
C TRP B 149 12.17 -18.16 -5.83
N GLY B 150 11.55 -17.34 -4.98
CA GLY B 150 10.91 -16.15 -5.48
C GLY B 150 11.90 -15.22 -6.15
N LEU B 151 13.06 -15.05 -5.53
CA LEU B 151 14.13 -14.26 -6.14
C LEU B 151 14.59 -14.90 -7.44
N VAL B 152 14.67 -16.23 -7.49
CA VAL B 152 15.07 -16.92 -8.72
C VAL B 152 14.04 -16.72 -9.83
N VAL B 153 12.76 -16.86 -9.52
CA VAL B 153 11.74 -16.84 -10.57
C VAL B 153 11.43 -15.43 -11.04
N THR B 154 11.28 -14.48 -10.10
CA THR B 154 10.80 -13.16 -10.40
C THR B 154 11.89 -12.10 -10.31
N GLY B 155 12.95 -12.36 -9.55
CA GLY B 155 13.96 -11.37 -9.34
C GLY B 155 13.71 -10.42 -8.18
N LYS B 156 12.60 -10.57 -7.46
CA LYS B 156 12.30 -9.74 -6.31
C LYS B 156 12.36 -10.59 -5.05
N LEU B 157 12.68 -9.95 -3.94
CA LEU B 157 12.75 -10.60 -2.65
C LEU B 157 11.60 -10.12 -1.79
N THR B 158 10.83 -11.05 -1.24
CA THR B 158 9.88 -10.76 -0.17
C THR B 158 10.40 -11.44 1.09
N SER B 159 10.24 -10.79 2.25
CA SER B 159 10.81 -11.31 3.48
C SER B 159 10.06 -12.54 3.98
N THR B 160 8.77 -12.61 3.74
CA THR B 160 7.98 -13.76 4.14
C THR B 160 7.18 -14.27 2.95
N VAL B 161 6.57 -15.43 3.17
CA VAL B 161 6.03 -16.30 2.12
C VAL B 161 4.51 -16.34 2.24
N ASN B 162 3.80 -16.07 1.14
CA ASN B 162 2.35 -16.23 1.13
C ASN B 162 2.07 -17.70 0.81
N ASP B 163 2.02 -18.51 1.85
CA ASP B 163 1.91 -19.95 1.71
C ASP B 163 0.53 -20.39 1.26
N ARG B 164 -0.53 -19.62 1.54
CA ARG B 164 -1.83 -19.94 0.92
C ARG B 164 -1.81 -19.73 -0.59
N SER B 165 -1.22 -18.61 -1.05
CA SER B 165 -1.11 -18.37 -2.49
C SER B 165 -0.29 -19.46 -3.17
N LEU B 166 0.82 -19.85 -2.55
CA LEU B 166 1.69 -20.88 -3.11
C LEU B 166 0.99 -22.23 -3.16
N ALA B 167 0.25 -22.58 -2.08
CA ALA B 167 -0.47 -23.85 -2.07
C ALA B 167 -1.54 -23.89 -3.17
N ALA B 168 -2.32 -22.81 -3.28
CA ALA B 168 -3.24 -22.66 -4.40
C ALA B 168 -2.53 -22.83 -5.75
N ALA B 169 -1.39 -22.14 -5.92
CA ALA B 169 -0.70 -22.22 -7.22
C ALA B 169 -0.23 -23.64 -7.53
N LEU B 170 0.26 -24.35 -6.53
CA LEU B 170 0.77 -25.70 -6.78
C LEU B 170 -0.35 -26.64 -7.14
N THR B 171 -1.46 -26.55 -6.43
CA THR B 171 -2.62 -27.36 -6.80
C THR B 171 -3.07 -27.03 -8.21
N ARG B 172 -3.07 -25.73 -8.55
CA ARG B 172 -3.57 -25.35 -9.86
C ARG B 172 -2.69 -25.90 -10.97
N LEU B 173 -1.37 -25.81 -10.80
CA LEU B 173 -0.50 -26.23 -11.89
C LEU B 173 -0.47 -27.75 -12.03
N ILE B 174 -0.51 -28.49 -10.92
CA ILE B 174 -0.52 -29.94 -11.00
C ILE B 174 -1.82 -30.42 -11.62
N SER B 175 -2.95 -29.85 -11.15
CA SER B 175 -4.24 -30.27 -11.68
C SER B 175 -4.37 -29.98 -13.17
N ARG B 176 -3.63 -28.98 -13.65
CA ARG B 176 -3.65 -28.57 -15.05
C ARG B 176 -2.67 -29.37 -15.91
N CYS B 177 -1.44 -29.61 -15.44
CA CYS B 177 -0.38 -30.16 -16.27
C CYS B 177 0.20 -31.49 -15.79
N GLY B 178 -0.05 -31.92 -14.55
CA GLY B 178 0.23 -33.27 -14.14
C GLY B 178 1.71 -33.63 -14.07
N GLU B 179 2.01 -34.91 -14.34
CA GLU B 179 3.36 -35.39 -14.13
C GLU B 179 4.37 -34.66 -15.00
N PRO B 180 4.10 -34.34 -16.27
CA PRO B 180 5.14 -33.75 -17.12
C PRO B 180 5.67 -32.43 -16.60
N VAL B 181 4.85 -31.62 -15.95
CA VAL B 181 5.39 -30.38 -15.44
C VAL B 181 6.21 -30.64 -14.18
N ILE B 182 5.83 -31.64 -13.39
CA ILE B 182 6.58 -31.95 -12.19
C ILE B 182 7.96 -32.48 -12.55
N ARG B 183 8.03 -33.36 -13.57
CA ARG B 183 9.33 -33.88 -14.01
C ARG B 183 10.23 -32.75 -14.53
N ARG B 184 9.68 -31.82 -15.31
CA ARG B 184 10.48 -30.72 -15.85
C ARG B 184 11.01 -29.83 -14.73
N GLY B 185 10.21 -29.63 -13.68
CA GLY B 185 10.66 -28.82 -12.56
C GLY B 185 11.75 -29.50 -11.75
N VAL B 186 11.59 -30.80 -11.50
CA VAL B 186 12.64 -31.55 -10.79
C VAL B 186 13.96 -31.44 -11.54
N ASP B 187 13.93 -31.67 -12.87
CA ASP B 187 15.15 -31.62 -13.65
C ASP B 187 15.75 -30.23 -13.66
N MET B 188 14.90 -29.21 -13.74
CA MET B 188 15.37 -27.84 -13.70
C MET B 188 16.07 -27.55 -12.37
N ALA B 189 15.45 -27.93 -11.26
CA ALA B 189 16.05 -27.64 -9.98
C ALA B 189 17.31 -28.48 -9.76
N MET B 190 17.32 -29.70 -10.29
CA MET B 190 18.52 -30.51 -10.18
C MET B 190 19.70 -29.81 -10.85
N ARG B 191 19.51 -29.38 -12.10
CA ARG B 191 20.57 -28.70 -12.84
C ARG B 191 21.02 -27.45 -12.10
N MET B 192 20.06 -26.66 -11.63
CA MET B 192 20.44 -25.41 -10.96
C MET B 192 21.17 -25.69 -9.66
N MET B 193 20.63 -26.58 -8.82
CA MET B 193 21.19 -26.79 -7.51
C MET B 193 22.40 -27.71 -7.53
N GLY B 194 22.70 -28.33 -8.67
CA GLY B 194 23.80 -29.26 -8.74
C GLY B 194 24.95 -28.76 -9.60
N GLU B 195 24.66 -27.79 -10.49
CA GLU B 195 25.60 -27.39 -11.54
C GLU B 195 25.74 -25.89 -11.75
N GLN B 196 24.77 -25.05 -11.36
CA GLN B 196 24.83 -23.60 -11.54
C GLN B 196 25.16 -22.86 -10.24
N PHE B 197 24.43 -23.16 -9.17
CA PHE B 197 24.67 -22.50 -7.90
C PHE B 197 25.94 -23.02 -7.22
N VAL B 198 26.30 -24.27 -7.48
CA VAL B 198 27.52 -24.85 -6.97
C VAL B 198 28.24 -25.50 -8.14
N THR B 199 29.57 -25.55 -8.05
CA THR B 199 30.34 -26.30 -9.03
C THR B 199 30.19 -27.80 -8.84
N GLY B 200 29.84 -28.23 -7.64
CA GLY B 200 29.66 -29.63 -7.38
C GLY B 200 29.24 -29.82 -5.95
N GLU B 201 28.65 -30.98 -5.69
CA GLU B 201 28.15 -31.31 -4.36
C GLU B 201 29.29 -31.68 -3.41
N THR B 202 30.35 -32.29 -3.92
CA THR B 202 31.53 -32.58 -3.13
C THR B 202 32.75 -32.05 -3.87
N ILE B 203 33.88 -31.98 -3.15
CA ILE B 203 35.09 -31.39 -3.74
C ILE B 203 35.61 -32.27 -4.85
N ARG B 204 35.44 -33.60 -4.74
CA ARG B 204 35.80 -34.50 -5.82
C ARG B 204 35.04 -34.16 -7.09
N GLU B 205 33.74 -33.94 -6.99
CA GLU B 205 32.94 -33.60 -8.17
C GLU B 205 33.33 -32.23 -8.70
N ALA B 206 33.57 -31.27 -7.81
CA ALA B 206 33.94 -29.93 -8.26
C ALA B 206 35.28 -29.95 -9.00
N LEU B 207 36.25 -30.72 -8.48
CA LEU B 207 37.54 -30.82 -9.15
C LEU B 207 37.42 -31.48 -10.52
N LYS B 208 36.60 -32.54 -10.65
CA LYS B 208 36.44 -33.15 -11.97
C LYS B 208 35.88 -32.13 -12.97
N ARG B 209 34.84 -31.39 -12.57
CA ARG B 209 34.21 -30.44 -13.47
C ARG B 209 35.09 -29.23 -13.76
N SER B 210 36.14 -29.01 -13.00
CA SER B 210 36.99 -27.86 -13.24
C SER B 210 37.95 -28.05 -14.42
N LYS B 211 38.25 -29.28 -14.81
CA LYS B 211 39.25 -29.50 -15.85
C LYS B 211 38.92 -28.77 -17.15
N GLU B 212 37.65 -28.64 -17.48
CA GLU B 212 37.26 -28.09 -18.78
C GLU B 212 37.69 -26.62 -18.91
N LEU B 213 37.28 -25.78 -17.97
CA LEU B 213 37.66 -24.36 -18.03
C LEU B 213 39.14 -24.18 -17.73
N GLU B 214 39.73 -25.04 -16.88
CA GLU B 214 41.18 -24.93 -16.65
C GLU B 214 41.95 -25.10 -17.95
N GLU B 215 41.49 -25.99 -18.85
CA GLU B 215 42.20 -26.21 -20.11
C GLU B 215 42.12 -24.99 -21.03
N LYS B 216 41.16 -24.10 -20.83
CA LYS B 216 41.03 -22.84 -21.54
C LYS B 216 41.75 -21.67 -20.87
N GLY B 217 42.40 -21.88 -19.72
CA GLY B 217 43.13 -20.82 -19.03
C GLY B 217 42.47 -20.25 -17.78
N PHE B 218 41.31 -20.77 -17.37
CA PHE B 218 40.74 -20.36 -16.10
C PHE B 218 41.47 -21.06 -14.97
N SER B 219 41.36 -20.50 -13.77
CA SER B 219 41.75 -21.18 -12.54
C SER B 219 40.57 -21.16 -11.57
N TYR B 220 40.74 -21.75 -10.37
CA TYR B 220 39.64 -21.94 -9.46
C TYR B 220 40.03 -21.60 -8.02
N SER B 221 39.04 -21.19 -7.24
CA SER B 221 39.15 -20.97 -5.79
C SER B 221 37.90 -21.60 -5.17
N TYR B 222 38.06 -22.67 -4.41
CA TYR B 222 36.90 -23.40 -3.90
C TYR B 222 36.39 -22.85 -2.57
N ASP B 223 35.06 -22.73 -2.48
CA ASP B 223 34.36 -22.21 -1.31
C ASP B 223 33.47 -23.30 -0.75
N MET B 224 33.82 -23.82 0.43
CA MET B 224 33.11 -24.96 0.99
C MET B 224 31.83 -24.56 1.70
N LEU B 225 31.46 -23.29 1.68
CA LEU B 225 30.11 -22.85 2.04
C LEU B 225 29.85 -23.05 3.53
N GLY B 226 30.79 -22.60 4.33
CA GLY B 226 30.64 -22.55 5.77
C GLY B 226 30.80 -21.12 6.22
N GLU B 227 29.99 -20.71 7.17
CA GLU B 227 30.14 -19.38 7.75
C GLU B 227 29.28 -19.31 9.00
N ALA B 228 29.58 -18.32 9.83
CA ALA B 228 28.79 -18.04 11.00
C ALA B 228 28.59 -19.30 11.83
N ALA B 229 29.69 -19.86 12.33
CA ALA B 229 29.58 -20.90 13.34
C ALA B 229 28.81 -20.35 14.54
N THR B 230 27.85 -21.13 15.01
CA THR B 230 27.04 -20.83 16.18
C THR B 230 27.56 -21.50 17.44
N THR B 231 28.13 -22.71 17.30
CA THR B 231 28.65 -23.50 18.41
C THR B 231 30.08 -23.95 18.15
N ALA B 232 30.75 -24.37 19.23
CA ALA B 232 32.08 -24.97 19.09
C ALA B 232 32.06 -26.13 18.09
N ALA B 233 31.02 -26.97 18.12
CA ALA B 233 30.97 -28.13 17.23
C ALA B 233 30.91 -27.71 15.78
N ASP B 234 30.18 -26.62 15.48
CA ASP B 234 30.11 -26.07 14.13
C ASP B 234 31.48 -25.63 13.64
N ALA B 235 32.20 -24.86 14.47
CA ALA B 235 33.50 -24.34 14.04
C ALA B 235 34.49 -25.47 13.83
N GLU B 236 34.43 -26.50 14.69
CA GLU B 236 35.32 -27.65 14.54
C GLU B 236 35.00 -28.41 13.27
N ARG B 237 33.71 -28.56 12.97
CA ARG B 237 33.31 -29.26 11.75
C ARG B 237 33.81 -28.49 10.52
N TYR B 238 33.59 -27.17 10.52
CA TYR B 238 33.99 -26.35 9.38
C TYR B 238 35.50 -26.37 9.21
N TYR B 239 36.25 -26.33 10.32
CA TYR B 239 37.70 -26.50 10.24
C TYR B 239 38.06 -27.83 9.57
N ARG B 240 37.42 -28.91 10.01
CA ARG B 240 37.80 -30.21 9.46
C ARG B 240 37.44 -30.33 7.99
N ASP B 241 36.32 -29.72 7.58
CA ASP B 241 35.93 -29.69 6.18
C ASP B 241 36.93 -28.88 5.33
N TYR B 242 37.40 -27.73 5.81
CA TYR B 242 38.45 -27.03 5.08
C TYR B 242 39.71 -27.88 4.99
N GLU B 243 40.10 -28.49 6.10
CA GLU B 243 41.29 -29.34 6.09
C GLU B 243 41.18 -30.42 5.04
N SER B 244 40.05 -31.13 5.03
CA SER B 244 39.84 -32.18 4.04
C SER B 244 39.87 -31.63 2.60
N ALA B 245 39.22 -30.49 2.37
CA ALA B 245 39.22 -29.91 1.03
C ALA B 245 40.64 -29.51 0.59
N ILE B 246 41.43 -28.98 1.53
CA ILE B 246 42.79 -28.56 1.15
C ILE B 246 43.59 -29.74 0.66
N HIS B 247 43.46 -30.90 1.36
CA HIS B 247 44.16 -32.09 0.88
C HIS B 247 43.72 -32.45 -0.53
N ALA B 248 42.42 -32.33 -0.82
CA ALA B 248 41.95 -32.73 -2.15
C ALA B 248 42.40 -31.73 -3.22
N ILE B 249 42.29 -30.44 -2.93
CA ILE B 249 42.69 -29.42 -3.89
C ILE B 249 44.18 -29.44 -4.09
N GLY B 250 44.94 -29.59 -2.99
CA GLY B 250 46.39 -29.64 -3.10
C GLY B 250 46.85 -30.84 -3.90
N LYS B 251 46.18 -31.99 -3.75
CA LYS B 251 46.57 -33.15 -4.54
C LYS B 251 46.23 -32.92 -6.01
N ALA B 252 45.04 -32.42 -6.28
CA ALA B 252 44.66 -32.06 -7.64
C ALA B 252 45.59 -31.00 -8.21
N SER B 253 45.96 -29.99 -7.41
CA SER B 253 46.87 -28.97 -7.93
C SER B 253 48.12 -29.61 -8.51
N ALA B 254 48.67 -30.61 -7.83
CA ALA B 254 49.79 -31.40 -8.32
C ALA B 254 50.93 -30.51 -8.81
N GLY B 255 51.23 -29.44 -8.05
CA GLY B 255 52.41 -28.65 -8.29
C GLY B 255 52.29 -27.53 -9.31
N ARG B 256 51.09 -27.19 -9.75
CA ARG B 256 50.92 -26.10 -10.70
C ARG B 256 51.09 -24.73 -10.08
N GLY B 257 51.27 -24.67 -8.75
CA GLY B 257 51.57 -23.41 -8.08
C GLY B 257 50.34 -22.57 -7.87
N ILE B 258 50.56 -21.39 -7.28
CA ILE B 258 49.43 -20.60 -6.81
C ILE B 258 48.73 -19.81 -7.91
N TYR B 259 49.38 -19.59 -9.07
CA TYR B 259 48.72 -18.79 -10.10
C TYR B 259 47.93 -19.67 -11.06
N GLU B 260 48.54 -20.72 -11.60
CA GLU B 260 47.81 -21.61 -12.50
C GLU B 260 46.92 -22.56 -11.71
N GLY B 261 47.40 -23.05 -10.56
CA GLY B 261 46.71 -24.09 -9.80
C GLY B 261 45.57 -23.55 -8.97
N PRO B 262 44.73 -24.46 -8.49
CA PRO B 262 43.56 -24.05 -7.71
C PRO B 262 43.91 -23.64 -6.28
N GLY B 263 43.00 -22.90 -5.66
CA GLY B 263 43.13 -22.49 -4.27
C GLY B 263 41.84 -22.73 -3.50
N ILE B 264 41.85 -22.29 -2.23
CA ILE B 264 40.69 -22.37 -1.36
C ILE B 264 40.40 -21.00 -0.75
N SER B 265 39.13 -20.77 -0.46
CA SER B 265 38.67 -19.57 0.23
C SER B 265 37.96 -19.94 1.51
N ILE B 266 38.22 -19.20 2.59
CA ILE B 266 37.67 -19.51 3.90
C ILE B 266 37.03 -18.25 4.45
N LYS B 267 36.08 -18.44 5.35
CA LYS B 267 35.49 -17.37 6.13
C LYS B 267 35.86 -17.54 7.60
N LEU B 268 36.41 -16.47 8.21
CA LEU B 268 36.86 -16.61 9.59
C LEU B 268 35.70 -16.86 10.54
N SER B 269 34.50 -16.36 10.21
CA SER B 269 33.31 -16.59 11.03
C SER B 269 32.92 -18.06 11.07
N ALA B 270 33.41 -18.87 10.13
CA ALA B 270 33.18 -20.32 10.16
C ALA B 270 34.02 -21.01 11.23
N LEU B 271 35.14 -20.39 11.64
CA LEU B 271 36.16 -21.06 12.41
C LEU B 271 36.07 -20.77 13.89
N HIS B 272 35.15 -19.88 14.31
CA HIS B 272 34.99 -19.65 15.73
C HIS B 272 33.60 -19.09 15.98
N PRO B 273 32.91 -19.51 17.04
CA PRO B 273 31.54 -19.03 17.28
C PRO B 273 31.46 -17.62 17.84
N ARG B 274 32.57 -17.05 18.27
CA ARG B 274 32.60 -15.70 18.84
C ARG B 274 33.62 -14.85 18.11
N TYR B 275 33.53 -14.83 16.78
CA TYR B 275 34.45 -14.03 15.97
C TYR B 275 33.98 -12.58 15.99
N SER B 276 34.57 -11.78 16.90
CA SER B 276 34.20 -10.38 17.05
C SER B 276 35.24 -9.66 17.90
N ARG B 277 35.27 -8.35 17.74
CA ARG B 277 36.22 -7.53 18.47
C ARG B 277 36.05 -7.70 19.95
N ALA B 278 34.79 -7.86 20.41
CA ALA B 278 34.56 -7.98 21.85
C ALA B 278 35.22 -9.23 22.41
N GLN B 279 35.46 -10.25 21.59
CA GLN B 279 36.15 -11.45 22.03
C GLN B 279 37.52 -11.60 21.34
N ALA B 280 38.20 -10.49 21.12
CA ALA B 280 39.46 -10.52 20.39
C ALA B 280 40.46 -11.48 21.02
N ALA B 281 40.50 -11.57 22.34
CA ALA B 281 41.50 -12.43 22.95
C ALA B 281 41.24 -13.90 22.61
N ARG B 282 39.98 -14.33 22.69
CA ARG B 282 39.64 -15.69 22.27
C ARG B 282 39.93 -15.89 20.80
N VAL B 283 39.65 -14.88 19.98
CA VAL B 283 39.93 -14.98 18.55
C VAL B 283 41.41 -15.25 18.33
N MET B 284 42.27 -14.47 18.98
CA MET B 284 43.71 -14.64 18.76
C MET B 284 44.23 -15.94 19.37
N GLY B 285 43.60 -16.42 20.43
CA GLY B 285 44.07 -17.62 21.10
C GLY B 285 43.53 -18.90 20.50
N GLU B 286 42.33 -18.83 19.88
CA GLU B 286 41.62 -20.05 19.45
C GLU B 286 41.38 -20.11 17.96
N LEU B 287 41.01 -18.97 17.33
CA LEU B 287 40.76 -18.92 15.90
C LEU B 287 42.07 -18.92 15.10
N LEU B 288 42.99 -18.05 15.47
CA LEU B 288 44.26 -17.94 14.75
C LEU B 288 45.01 -19.26 14.63
N PRO B 289 45.11 -20.09 15.66
CA PRO B 289 45.82 -21.38 15.48
C PRO B 289 45.21 -22.25 14.40
N ARG B 290 43.88 -22.21 14.27
CA ARG B 290 43.21 -22.96 13.23
C ARG B 290 43.57 -22.44 11.85
N VAL B 291 43.51 -21.11 11.64
CA VAL B 291 43.90 -20.59 10.34
C VAL B 291 45.35 -20.92 10.05
N LYS B 292 46.20 -20.80 11.07
CA LYS B 292 47.61 -21.09 10.84
C LYS B 292 47.80 -22.53 10.36
N ALA B 293 47.06 -23.47 10.95
CA ALA B 293 47.17 -24.86 10.56
C ALA B 293 46.71 -25.08 9.13
N LEU B 294 45.61 -24.43 8.73
CA LEU B 294 45.15 -24.52 7.35
C LEU B 294 46.17 -23.92 6.43
N ALA B 295 46.69 -22.74 6.79
CA ALA B 295 47.68 -22.08 5.94
C ALA B 295 48.90 -22.95 5.76
N LEU B 296 49.31 -23.66 6.81
CA LEU B 296 50.50 -24.50 6.71
C LEU B 296 50.26 -25.71 5.82
N LEU B 297 49.06 -26.27 5.83
CA LEU B 297 48.72 -27.29 4.83
C LEU B 297 48.71 -26.72 3.42
N ALA B 298 48.11 -25.53 3.24
CA ALA B 298 48.08 -24.90 1.92
C ALA B 298 49.50 -24.59 1.42
N LYS B 299 50.38 -24.15 2.31
CA LYS B 299 51.76 -23.94 1.91
C LYS B 299 52.39 -25.25 1.45
N ASN B 300 52.11 -26.34 2.16
CA ASN B 300 52.80 -27.59 1.86
C ASN B 300 52.43 -28.10 0.48
N TYR B 301 51.21 -27.83 0.04
CA TYR B 301 50.78 -28.15 -1.33
C TYR B 301 51.06 -27.04 -2.34
N ASP B 302 51.53 -25.88 -1.89
CA ASP B 302 51.70 -24.68 -2.70
C ASP B 302 50.42 -24.32 -3.46
N ILE B 303 49.33 -24.13 -2.71
CA ILE B 303 48.09 -23.58 -3.22
C ILE B 303 47.79 -22.28 -2.48
N GLY B 304 46.89 -21.48 -3.06
CA GLY B 304 46.46 -20.28 -2.38
C GLY B 304 45.40 -20.57 -1.34
N LEU B 305 45.41 -19.75 -0.29
CA LEU B 305 44.37 -19.78 0.73
C LEU B 305 43.94 -18.36 1.00
N ASN B 306 42.66 -18.06 0.74
CA ASN B 306 42.16 -16.70 0.74
C ASN B 306 41.19 -16.47 1.89
N ILE B 307 41.34 -15.35 2.59
CA ILE B 307 40.42 -14.99 3.66
C ILE B 307 39.37 -14.03 3.08
N ASP B 308 38.14 -14.53 2.97
CA ASP B 308 37.01 -13.73 2.48
C ASP B 308 36.74 -12.59 3.46
N ALA B 309 36.21 -11.49 2.94
CA ALA B 309 35.84 -10.35 3.79
C ALA B 309 34.35 -10.39 4.10
N GLU B 310 34.02 -10.05 5.34
CA GLU B 310 32.65 -10.16 5.78
C GLU B 310 32.15 -8.81 6.26
N GLU B 311 31.48 -8.76 7.42
CA GLU B 311 30.85 -7.52 7.88
C GLU B 311 31.91 -6.47 8.23
N ALA B 312 31.49 -5.19 8.21
CA ALA B 312 32.45 -4.10 8.38
C ALA B 312 33.12 -4.14 9.76
N ASP B 313 32.40 -4.58 10.81
CA ASP B 313 32.99 -4.62 12.15
C ASP B 313 33.94 -5.78 12.39
N ARG B 314 34.20 -6.60 11.39
CA ARG B 314 35.25 -7.61 11.46
C ARG B 314 36.49 -7.27 10.67
N LEU B 315 36.48 -6.17 9.92
CA LEU B 315 37.60 -5.88 9.03
C LEU B 315 38.90 -5.78 9.81
N GLU B 316 38.96 -4.89 10.80
CA GLU B 316 40.24 -4.60 11.43
C GLU B 316 40.71 -5.77 12.28
N LEU B 317 39.77 -6.48 12.92
CA LEU B 317 40.12 -7.70 13.62
C LEU B 317 40.82 -8.71 12.69
N SER B 318 40.32 -8.86 11.47
CA SER B 318 40.97 -9.80 10.54
C SER B 318 42.40 -9.39 10.19
N LEU B 319 42.71 -8.09 10.19
CA LEU B 319 44.08 -7.65 9.91
C LEU B 319 45.06 -8.12 10.98
N ASP B 320 44.60 -8.24 12.23
CA ASP B 320 45.48 -8.73 13.29
C ASP B 320 45.87 -10.18 13.04
N LEU B 321 44.97 -10.96 12.43
CA LEU B 321 45.35 -12.33 12.06
C LEU B 321 46.28 -12.32 10.86
N LEU B 322 45.97 -11.50 9.87
CA LEU B 322 46.82 -11.42 8.69
C LEU B 322 48.24 -11.06 9.07
N GLU B 323 48.39 -10.07 9.96
CA GLU B 323 49.72 -9.68 10.42
C GLU B 323 50.49 -10.87 10.99
N VAL B 324 49.84 -11.66 11.85
CA VAL B 324 50.54 -12.76 12.49
C VAL B 324 50.95 -13.79 11.45
N LEU B 325 50.05 -14.10 10.51
CA LEU B 325 50.36 -15.14 9.53
C LEU B 325 51.50 -14.71 8.64
N CYS B 326 51.54 -13.45 8.25
CA CYS B 326 52.60 -13.02 7.33
C CYS B 326 53.97 -12.99 8.00
N LEU B 327 54.03 -12.89 9.32
CA LEU B 327 55.29 -12.90 10.05
C LEU B 327 55.65 -14.27 10.62
N ASP B 328 54.84 -15.29 10.34
CA ASP B 328 55.09 -16.63 10.87
C ASP B 328 56.10 -17.38 10.00
N GLY B 329 57.27 -17.70 10.56
CA GLY B 329 58.32 -18.34 9.77
C GLY B 329 57.94 -19.70 9.22
N ASP B 330 57.01 -20.40 9.89
CA ASP B 330 56.60 -21.70 9.37
C ASP B 330 56.08 -21.58 7.95
N LEU B 331 55.58 -20.39 7.59
CA LEU B 331 55.00 -20.12 6.28
C LEU B 331 55.99 -19.43 5.34
N SER B 332 57.28 -19.43 5.70
CA SER B 332 58.31 -18.73 4.94
C SER B 332 58.26 -19.07 3.46
N GLY B 333 58.29 -18.03 2.61
CA GLY B 333 58.38 -18.22 1.17
C GLY B 333 57.08 -18.56 0.47
N TRP B 334 55.99 -18.71 1.18
CA TRP B 334 54.71 -19.05 0.57
C TRP B 334 54.00 -17.76 0.18
N ASN B 335 53.63 -17.65 -1.10
CA ASN B 335 52.96 -16.43 -1.54
C ASN B 335 51.48 -16.64 -1.80
N GLY B 336 50.92 -17.69 -1.24
CA GLY B 336 49.53 -17.99 -1.45
C GLY B 336 48.57 -17.42 -0.44
N MET B 337 49.05 -16.70 0.57
CA MET B 337 48.12 -16.08 1.50
C MET B 337 47.31 -15.02 0.76
N GLY B 338 45.99 -15.12 0.86
CA GLY B 338 45.10 -14.20 0.17
C GLY B 338 44.17 -13.47 1.13
N PHE B 339 43.78 -12.27 0.73
CA PHE B 339 42.97 -11.40 1.57
C PHE B 339 42.08 -10.52 0.71
N VAL B 340 40.79 -10.46 1.07
CA VAL B 340 39.80 -9.70 0.33
C VAL B 340 39.67 -8.31 0.94
N VAL B 341 39.53 -7.30 0.08
CA VAL B 341 39.20 -5.96 0.52
C VAL B 341 38.00 -5.48 -0.28
N GLN B 342 37.10 -4.77 0.39
CA GLN B 342 35.79 -4.39 -0.16
C GLN B 342 35.81 -2.91 -0.52
N ALA B 343 35.72 -2.63 -1.81
CA ALA B 343 35.80 -1.25 -2.29
C ALA B 343 34.61 -0.40 -1.89
N TYR B 344 33.49 -1.01 -1.42
CA TYR B 344 32.39 -0.17 -0.96
C TYR B 344 32.67 0.40 0.42
N GLY B 345 33.79 0.05 1.03
CA GLY B 345 34.13 0.51 2.37
C GLY B 345 35.04 1.73 2.30
N LYS B 346 34.74 2.70 3.17
CA LYS B 346 35.53 3.92 3.24
C LYS B 346 36.97 3.65 3.63
N ARG B 347 37.28 2.54 4.30
CA ARG B 347 38.64 2.31 4.76
C ARG B 347 39.51 1.66 3.69
N CYS B 348 38.90 1.24 2.58
CA CYS B 348 39.57 0.39 1.60
C CYS B 348 40.93 0.89 1.16
N PRO B 349 41.12 2.15 0.72
CA PRO B 349 42.47 2.58 0.34
C PRO B 349 43.49 2.47 1.46
N PHE B 350 43.09 2.76 2.69
CA PHE B 350 44.01 2.69 3.81
C PHE B 350 44.31 1.25 4.21
N VAL B 351 43.33 0.36 4.05
CA VAL B 351 43.58 -1.07 4.25
C VAL B 351 44.63 -1.56 3.26
N LEU B 352 44.48 -1.20 2.00
CA LEU B 352 45.46 -1.57 0.98
C LEU B 352 46.86 -1.03 1.31
N ASP B 353 46.94 0.21 1.83
CA ASP B 353 48.25 0.75 2.23
C ASP B 353 48.89 -0.10 3.32
N PHE B 354 48.08 -0.51 4.30
CA PHE B 354 48.55 -1.40 5.34
C PHE B 354 48.98 -2.75 4.78
N ILE B 355 48.21 -3.31 3.84
CA ILE B 355 48.54 -4.63 3.31
C ILE B 355 49.78 -4.58 2.44
N ILE B 356 49.92 -3.53 1.63
CA ILE B 356 51.10 -3.41 0.78
C ILE B 356 52.34 -3.24 1.63
N ASP B 357 52.24 -2.50 2.71
CA ASP B 357 53.39 -2.30 3.57
C ASP B 357 53.75 -3.60 4.29
N LEU B 358 52.71 -4.35 4.76
CA LEU B 358 52.96 -5.64 5.40
C LEU B 358 53.67 -6.59 4.46
N ALA B 359 53.26 -6.63 3.21
CA ALA B 359 53.91 -7.52 2.26
C ALA B 359 55.37 -7.13 2.08
N ARG B 360 55.64 -5.83 1.92
CA ARG B 360 57.01 -5.37 1.75
C ARG B 360 57.89 -5.80 2.91
N ARG B 361 57.45 -5.55 4.14
CA ARG B 361 58.30 -5.79 5.28
C ARG B 361 58.37 -7.26 5.69
N SER B 362 57.40 -8.08 5.30
CA SER B 362 57.42 -9.49 5.67
C SER B 362 58.00 -10.38 4.58
N GLY B 363 58.28 -9.85 3.42
CA GLY B 363 58.80 -10.68 2.35
C GLY B 363 57.77 -11.70 1.86
N ARG B 364 56.49 -11.32 1.88
CA ARG B 364 55.41 -12.15 1.40
C ARG B 364 54.74 -11.40 0.27
N ARG B 365 54.56 -12.05 -0.86
CA ARG B 365 53.66 -11.50 -1.85
C ARG B 365 52.24 -11.91 -1.47
N ILE B 366 51.42 -10.95 -1.09
CA ILE B 366 50.04 -11.20 -0.64
C ILE B 366 49.11 -11.10 -1.85
N MET B 367 48.23 -12.10 -2.00
CA MET B 367 47.17 -12.06 -3.01
C MET B 367 46.03 -11.21 -2.49
N VAL B 368 45.63 -10.18 -3.25
CA VAL B 368 44.65 -9.21 -2.74
C VAL B 368 43.45 -9.22 -3.67
N ARG B 369 42.31 -9.72 -3.17
CA ARG B 369 41.10 -9.79 -3.98
C ARG B 369 40.29 -8.54 -3.72
N LEU B 370 40.22 -7.67 -4.72
CA LEU B 370 39.42 -6.45 -4.63
C LEU B 370 38.01 -6.78 -5.08
N VAL B 371 37.04 -6.59 -4.19
CA VAL B 371 35.64 -6.78 -4.52
C VAL B 371 34.94 -5.48 -4.20
N LYS B 372 33.70 -5.38 -4.63
CA LYS B 372 32.92 -4.22 -4.22
C LYS B 372 32.34 -4.43 -2.83
N GLY B 373 31.60 -5.51 -2.60
CA GLY B 373 31.14 -5.85 -1.26
C GLY B 373 29.76 -6.48 -1.22
N ALA B 374 29.57 -7.47 -0.35
CA ALA B 374 28.37 -8.29 -0.38
C ALA B 374 27.35 -8.00 0.70
N TYR B 375 27.61 -7.05 1.63
CA TYR B 375 26.76 -6.89 2.81
C TYR B 375 26.13 -5.49 2.89
N TRP B 376 25.94 -4.84 1.75
CA TRP B 376 25.59 -3.42 1.74
C TRP B 376 24.29 -3.14 2.50
N ASP B 377 23.21 -3.83 2.14
CA ASP B 377 21.94 -3.66 2.83
C ASP B 377 22.12 -3.75 4.34
N ALA B 378 22.83 -4.79 4.79
CA ALA B 378 22.96 -5.03 6.22
C ALA B 378 23.76 -3.93 6.91
N GLU B 379 24.76 -3.37 6.22
CA GLU B 379 25.58 -2.33 6.83
C GLU B 379 24.77 -1.06 7.02
N ILE B 380 23.90 -0.73 6.07
CA ILE B 380 23.06 0.45 6.24
C ILE B 380 22.18 0.28 7.45
N LYS B 381 21.50 -0.87 7.54
CA LYS B 381 20.56 -1.11 8.63
C LYS B 381 21.28 -1.08 9.97
N ARG B 382 22.43 -1.74 10.07
CA ARG B 382 23.15 -1.81 11.34
C ARG B 382 23.56 -0.42 11.83
N ALA B 383 24.08 0.42 10.93
CA ALA B 383 24.54 1.74 11.35
C ALA B 383 23.37 2.58 11.82
N GLN B 384 22.23 2.47 11.13
CA GLN B 384 21.04 3.20 11.54
C GLN B 384 20.57 2.73 12.89
N LEU B 385 20.54 1.41 13.11
CA LEU B 385 20.10 0.84 14.38
C LEU B 385 20.99 1.30 15.53
N ASP B 386 22.30 1.37 15.29
CA ASP B 386 23.22 1.70 16.37
C ASP B 386 23.42 3.21 16.54
N GLY B 387 22.76 4.03 15.73
CA GLY B 387 22.87 5.46 15.94
C GLY B 387 24.25 6.02 15.67
N LEU B 388 25.00 5.45 14.75
CA LEU B 388 26.39 5.84 14.65
C LEU B 388 26.56 7.03 13.72
N ALA B 389 27.78 7.57 13.74
CA ALA B 389 28.01 8.88 13.14
C ALA B 389 27.78 8.87 11.63
N ASP B 390 28.09 7.78 10.95
CA ASP B 390 27.87 7.67 9.51
C ASP B 390 27.94 6.19 9.19
N PHE B 391 27.83 5.87 7.89
CA PHE B 391 27.96 4.50 7.43
C PHE B 391 29.43 4.13 7.25
N PRO B 392 29.76 2.84 7.36
CA PRO B 392 31.12 2.39 6.99
C PRO B 392 31.29 2.05 5.52
N VAL B 393 30.27 2.26 4.72
CA VAL B 393 30.26 2.00 3.30
C VAL B 393 29.65 3.21 2.61
N PHE B 394 29.90 3.31 1.32
CA PHE B 394 29.24 4.34 0.52
C PHE B 394 27.74 4.07 0.38
N THR B 395 27.01 5.13 0.04
CA THR B 395 25.56 5.04 -0.14
C THR B 395 25.10 5.25 -1.57
N ARG B 396 25.96 5.70 -2.50
CA ARG B 396 25.68 5.69 -3.93
C ARG B 396 26.54 4.65 -4.62
N LYS B 397 25.93 3.86 -5.50
CA LYS B 397 26.68 2.80 -6.17
C LYS B 397 27.84 3.32 -7.00
N ILE B 398 27.69 4.49 -7.62
CA ILE B 398 28.80 5.03 -8.41
C ILE B 398 29.99 5.39 -7.52
N HIS B 399 29.75 5.63 -6.22
CA HIS B 399 30.89 5.90 -5.35
C HIS B 399 31.71 4.65 -5.14
N THR B 400 31.02 3.51 -4.93
CA THR B 400 31.71 2.23 -4.85
C THR B 400 32.48 1.95 -6.12
N ASP B 401 31.88 2.22 -7.28
CA ASP B 401 32.57 2.01 -8.56
C ASP B 401 33.84 2.86 -8.65
N VAL B 402 33.76 4.13 -8.27
CA VAL B 402 34.95 4.98 -8.29
C VAL B 402 35.97 4.48 -7.28
N SER B 403 35.50 4.12 -6.08
CA SER B 403 36.40 3.53 -5.08
C SER B 403 37.17 2.35 -5.64
N TYR B 404 36.47 1.45 -6.32
CA TYR B 404 37.11 0.26 -6.88
C TYR B 404 38.21 0.64 -7.87
N ILE B 405 37.92 1.57 -8.77
CA ILE B 405 38.95 1.93 -9.77
C ILE B 405 40.14 2.61 -9.11
N ALA B 406 39.91 3.44 -8.08
CA ALA B 406 41.03 4.06 -7.37
C ALA B 406 41.90 3.03 -6.66
N CYS B 407 41.28 2.05 -6.03
CA CYS B 407 42.02 1.00 -5.34
C CYS B 407 42.71 0.06 -6.36
N ALA B 408 42.11 -0.15 -7.52
CA ALA B 408 42.81 -0.87 -8.58
C ALA B 408 44.06 -0.12 -9.04
N ALA B 409 43.98 1.22 -9.15
CA ALA B 409 45.18 1.99 -9.48
C ALA B 409 46.27 1.79 -8.43
N LYS B 410 45.90 1.75 -7.15
CA LYS B 410 46.88 1.53 -6.09
C LYS B 410 47.49 0.13 -6.22
N LEU B 411 46.67 -0.88 -6.43
CA LEU B 411 47.19 -2.25 -6.48
C LEU B 411 48.10 -2.46 -7.67
N LEU B 412 47.73 -1.92 -8.82
CA LEU B 412 48.53 -2.08 -10.01
C LEU B 412 49.87 -1.39 -9.89
N ALA B 413 50.01 -0.44 -8.97
CA ALA B 413 51.27 0.26 -8.76
C ALA B 413 52.17 -0.48 -7.80
N ALA B 414 51.71 -1.63 -7.29
CA ALA B 414 52.46 -2.39 -6.31
C ALA B 414 52.52 -3.86 -6.67
N THR B 415 52.24 -4.22 -7.93
CA THR B 415 52.25 -5.62 -8.35
C THR B 415 53.56 -6.32 -8.04
N ASP B 416 54.59 -5.53 -7.69
CA ASP B 416 55.86 -6.11 -7.28
C ASP B 416 55.77 -6.78 -5.91
N VAL B 417 54.90 -6.31 -5.02
CA VAL B 417 54.80 -6.89 -3.69
C VAL B 417 53.41 -7.45 -3.36
N VAL B 418 52.40 -7.22 -4.20
CA VAL B 418 51.11 -7.89 -4.04
C VAL B 418 50.62 -8.36 -5.41
N PHE B 419 49.73 -9.36 -5.36
CA PHE B 419 49.14 -9.97 -6.56
C PHE B 419 47.68 -9.54 -6.62
N PRO B 420 47.33 -8.56 -7.46
CA PRO B 420 45.96 -8.05 -7.48
C PRO B 420 45.01 -8.99 -8.19
N GLN B 421 43.86 -9.22 -7.57
CA GLN B 421 42.82 -10.10 -8.10
C GLN B 421 41.54 -9.29 -8.19
N PHE B 422 41.13 -8.95 -9.40
CA PHE B 422 40.00 -8.05 -9.62
C PHE B 422 38.73 -8.85 -9.83
N ALA B 423 37.94 -8.96 -8.77
CA ALA B 423 36.72 -9.74 -8.76
C ALA B 423 35.54 -8.85 -9.08
N THR B 424 34.99 -9.00 -10.27
CA THR B 424 33.85 -8.18 -10.67
C THR B 424 33.23 -8.81 -11.89
N HIS B 425 31.92 -8.63 -12.02
CA HIS B 425 31.16 -9.03 -13.19
C HIS B 425 30.77 -7.84 -14.04
N ASN B 426 31.28 -6.65 -13.72
CA ASN B 426 30.91 -5.41 -14.40
C ASN B 426 31.87 -5.17 -15.55
N ALA B 427 31.36 -5.18 -16.77
CA ALA B 427 32.21 -5.06 -17.96
C ALA B 427 32.88 -3.69 -18.04
N GLN B 428 32.17 -2.65 -17.60
CA GLN B 428 32.77 -1.31 -17.59
C GLN B 428 33.95 -1.26 -16.63
N THR B 429 33.75 -1.74 -15.39
CA THR B 429 34.85 -1.85 -14.43
C THR B 429 36.01 -2.65 -15.03
N LEU B 430 35.71 -3.83 -15.57
CA LEU B 430 36.75 -4.69 -16.09
C LEU B 430 37.55 -3.99 -17.19
N ALA B 431 36.85 -3.46 -18.20
CA ALA B 431 37.52 -2.72 -19.26
C ALA B 431 38.44 -1.64 -18.68
N ALA B 432 37.91 -0.84 -17.73
CA ALA B 432 38.70 0.24 -17.18
C ALA B 432 40.02 -0.28 -16.65
N ILE B 433 39.97 -1.38 -15.89
CA ILE B 433 41.20 -1.91 -15.32
C ILE B 433 42.07 -2.57 -16.37
N TYR B 434 41.44 -3.24 -17.34
CA TYR B 434 42.22 -3.87 -18.40
C TYR B 434 43.15 -2.86 -19.07
N HIS B 435 42.62 -1.68 -19.38
CA HIS B 435 43.42 -0.65 -20.04
C HIS B 435 44.33 0.09 -19.07
N MET B 436 43.83 0.37 -17.85
CA MET B 436 44.69 0.97 -16.84
C MET B 436 45.94 0.16 -16.63
N ALA B 437 45.85 -1.15 -16.81
CA ALA B 437 46.97 -2.03 -16.50
C ALA B 437 48.12 -1.87 -17.49
N GLY B 438 47.81 -1.51 -18.73
CA GLY B 438 48.83 -1.34 -19.74
C GLY B 438 48.96 -2.55 -20.64
N LYS B 439 49.89 -2.44 -21.60
CA LYS B 439 50.07 -3.46 -22.63
C LYS B 439 50.93 -4.64 -22.18
N ASP B 440 51.79 -4.47 -21.16
CA ASP B 440 52.74 -5.53 -20.80
C ASP B 440 52.08 -6.42 -19.74
N PHE B 441 51.77 -7.65 -20.12
CA PHE B 441 51.16 -8.60 -19.20
C PHE B 441 51.86 -9.94 -19.24
N HIS B 442 51.88 -10.60 -18.08
CA HIS B 442 52.36 -11.96 -17.94
C HIS B 442 51.59 -12.60 -16.79
N VAL B 443 51.18 -13.85 -16.96
CA VAL B 443 50.44 -14.53 -15.90
C VAL B 443 51.23 -14.42 -14.61
N GLY B 444 50.59 -13.92 -13.55
CA GLY B 444 51.24 -13.63 -12.31
C GLY B 444 51.33 -12.15 -11.98
N LYS B 445 51.14 -11.28 -12.97
CA LYS B 445 51.09 -9.84 -12.69
C LYS B 445 49.83 -9.50 -11.91
N TYR B 446 48.68 -9.87 -12.47
CA TYR B 446 47.38 -9.75 -11.80
C TYR B 446 46.46 -10.73 -12.49
N GLU B 447 45.22 -10.82 -12.00
CA GLU B 447 44.19 -11.65 -12.60
C GLU B 447 42.82 -11.03 -12.34
N PHE B 448 41.84 -11.49 -13.08
CA PHE B 448 40.45 -11.22 -12.80
C PHE B 448 39.85 -12.41 -12.04
N GLN B 449 38.66 -12.20 -11.46
CA GLN B 449 37.94 -13.28 -10.80
C GLN B 449 36.44 -13.11 -11.03
N CYS B 450 35.73 -14.25 -11.03
CA CYS B 450 34.29 -14.23 -11.14
C CYS B 450 33.68 -15.37 -10.32
N LEU B 451 32.36 -15.30 -10.18
CA LEU B 451 31.60 -16.33 -9.48
C LEU B 451 31.18 -17.42 -10.47
N HIS B 452 31.18 -18.65 -10.00
CA HIS B 452 30.77 -19.77 -10.84
C HIS B 452 29.32 -19.58 -11.28
N GLY B 453 29.07 -19.85 -12.56
CA GLY B 453 27.73 -19.83 -13.10
C GLY B 453 27.07 -18.47 -13.08
N MET B 454 27.86 -17.41 -13.16
CA MET B 454 27.34 -16.05 -13.17
C MET B 454 28.30 -15.25 -14.04
N GLY B 455 29.59 -15.50 -13.89
CA GLY B 455 30.58 -14.75 -14.60
C GLY B 455 31.19 -15.40 -15.83
N GLU B 456 30.89 -16.68 -16.08
CA GLU B 456 31.48 -17.32 -17.26
C GLU B 456 31.10 -16.59 -18.55
N PRO B 457 29.85 -16.16 -18.76
CA PRO B 457 29.56 -15.37 -19.97
C PRO B 457 30.55 -14.24 -20.21
N LEU B 458 30.79 -13.39 -19.22
CA LEU B 458 31.70 -12.26 -19.44
C LEU B 458 33.12 -12.76 -19.69
N TYR B 459 33.61 -13.64 -18.83
CA TYR B 459 35.05 -13.92 -18.88
C TYR B 459 35.45 -14.86 -20.01
N GLU B 460 34.51 -15.57 -20.62
CA GLU B 460 34.93 -16.29 -21.83
C GLU B 460 35.13 -15.35 -23.01
N GLU B 461 34.71 -14.08 -22.88
CA GLU B 461 35.13 -13.00 -23.77
C GLU B 461 36.43 -12.33 -23.32
N VAL B 462 37.12 -12.91 -22.33
CA VAL B 462 38.29 -12.27 -21.72
C VAL B 462 39.48 -13.22 -21.74
N VAL B 463 39.25 -14.48 -21.31
CA VAL B 463 40.36 -15.44 -21.19
C VAL B 463 40.74 -15.97 -22.56
N GLY B 464 42.04 -16.05 -22.82
CA GLY B 464 42.58 -16.74 -23.98
C GLY B 464 43.24 -15.78 -24.97
N ARG B 465 44.15 -16.33 -25.77
CA ARG B 465 44.85 -15.54 -26.79
C ARG B 465 43.86 -14.88 -27.75
N GLY B 466 42.81 -15.59 -28.14
CA GLY B 466 41.78 -15.03 -28.99
C GLY B 466 40.89 -13.97 -28.36
N LYS B 467 41.14 -13.58 -27.11
CA LYS B 467 40.31 -12.56 -26.47
C LYS B 467 41.17 -11.42 -25.93
N LEU B 468 41.12 -11.16 -24.61
CA LEU B 468 42.02 -10.19 -24.00
C LEU B 468 43.27 -10.85 -23.44
N ASP B 469 43.37 -12.17 -23.55
CA ASP B 469 44.52 -12.91 -23.06
C ASP B 469 44.80 -12.59 -21.59
N ARG B 470 43.74 -12.59 -20.78
CA ARG B 470 43.85 -12.31 -19.35
C ARG B 470 43.18 -13.42 -18.55
N PRO B 471 43.82 -13.88 -17.47
CA PRO B 471 43.27 -15.01 -16.72
C PRO B 471 42.13 -14.61 -15.82
N CYS B 472 41.38 -15.62 -15.41
CA CYS B 472 40.26 -15.42 -14.50
C CYS B 472 40.19 -16.63 -13.59
N ARG B 473 40.04 -16.36 -12.31
CA ARG B 473 39.86 -17.38 -11.29
C ARG B 473 38.39 -17.43 -10.94
N ILE B 474 37.79 -18.60 -11.08
CA ILE B 474 36.40 -18.83 -10.73
C ILE B 474 36.29 -19.19 -9.24
N TYR B 475 35.52 -18.40 -8.53
CA TYR B 475 35.12 -18.68 -7.15
C TYR B 475 33.99 -19.71 -7.20
N ALA B 476 34.25 -20.88 -6.64
CA ALA B 476 33.49 -22.08 -6.94
C ALA B 476 32.88 -22.68 -5.67
N PRO B 477 31.59 -22.45 -5.41
CA PRO B 477 30.97 -23.03 -4.22
C PRO B 477 30.87 -24.56 -4.34
N VAL B 478 31.08 -25.23 -3.23
CA VAL B 478 30.98 -26.67 -3.14
C VAL B 478 30.09 -27.03 -1.96
N GLY B 479 29.05 -27.81 -2.22
CA GLY B 479 28.17 -28.16 -1.12
C GLY B 479 26.84 -28.73 -1.58
N THR B 480 26.08 -29.19 -0.58
CA THR B 480 24.77 -29.79 -0.76
C THR B 480 23.68 -28.72 -0.94
N HIS B 481 22.51 -29.18 -1.40
CA HIS B 481 21.36 -28.29 -1.52
C HIS B 481 21.11 -27.52 -0.23
N GLU B 482 21.03 -28.24 0.90
CA GLU B 482 20.84 -27.58 2.19
C GLU B 482 21.83 -26.44 2.40
N THR B 483 23.10 -26.70 2.10
CA THR B 483 24.15 -25.70 2.33
C THR B 483 24.03 -24.53 1.36
N LEU B 484 23.77 -24.81 0.07
CA LEU B 484 23.63 -23.75 -0.93
C LEU B 484 22.54 -22.77 -0.52
N LEU B 485 21.39 -23.28 -0.07
CA LEU B 485 20.23 -22.44 0.18
C LEU B 485 20.39 -21.53 1.38
N ALA B 486 21.27 -21.87 2.32
CA ALA B 486 21.33 -21.16 3.58
C ALA B 486 21.61 -19.67 3.37
N TYR B 487 22.50 -19.33 2.45
CA TYR B 487 22.83 -17.92 2.25
C TYR B 487 22.88 -17.57 0.77
N LEU B 488 22.20 -18.35 -0.08
CA LEU B 488 22.20 -18.08 -1.52
C LEU B 488 21.51 -16.75 -1.86
N VAL B 489 20.64 -16.24 -0.99
CA VAL B 489 19.98 -14.97 -1.26
C VAL B 489 21.01 -13.86 -1.43
N ARG B 490 21.95 -13.76 -0.48
CA ARG B 490 23.02 -12.78 -0.60
C ARG B 490 23.64 -12.84 -1.97
N ARG B 491 23.91 -14.06 -2.45
CA ARG B 491 24.54 -14.25 -3.76
C ARG B 491 23.65 -13.77 -4.89
N LEU B 492 22.32 -13.83 -4.73
CA LEU B 492 21.40 -13.46 -5.80
C LEU B 492 20.94 -12.01 -5.69
N LEU B 493 20.75 -11.51 -4.47
CA LEU B 493 20.24 -10.14 -4.29
C LEU B 493 21.09 -9.16 -5.08
N GLU B 494 22.42 -9.34 -5.05
CA GLU B 494 23.33 -8.54 -5.87
C GLU B 494 22.82 -8.53 -7.32
N ASN B 495 23.18 -9.55 -8.09
CA ASN B 495 22.71 -9.64 -9.47
C ASN B 495 21.19 -9.69 -9.51
N GLY B 496 20.53 -8.54 -9.30
CA GLY B 496 19.07 -8.48 -9.32
C GLY B 496 18.47 -7.16 -8.86
N ALA B 497 19.32 -6.24 -8.41
CA ALA B 497 18.88 -4.91 -7.97
C ALA B 497 18.95 -3.89 -9.11
N ASN B 498 18.11 -2.86 -9.02
CA ASN B 498 18.00 -1.91 -10.14
C ASN B 498 19.35 -1.27 -10.47
N SER B 499 20.28 -1.21 -9.51
CA SER B 499 21.58 -0.59 -9.71
C SER B 499 22.66 -1.57 -10.15
N SER B 500 22.36 -2.86 -10.15
CA SER B 500 23.36 -3.88 -10.41
C SER B 500 23.61 -4.02 -11.90
N PHE B 501 24.88 -4.31 -12.24
CA PHE B 501 25.25 -4.51 -13.63
C PHE B 501 24.59 -5.75 -14.22
N VAL B 502 24.65 -6.88 -13.51
CA VAL B 502 24.05 -8.12 -14.00
C VAL B 502 22.60 -7.89 -14.39
N HIS B 503 21.85 -7.19 -13.53
CA HIS B 503 20.45 -6.90 -13.81
C HIS B 503 20.30 -5.90 -14.95
N ARG B 504 21.15 -4.86 -14.96
CA ARG B 504 21.06 -3.86 -16.02
C ARG B 504 21.39 -4.44 -17.39
N ILE B 505 22.33 -5.38 -17.45
CA ILE B 505 22.72 -5.99 -18.74
C ILE B 505 21.54 -6.69 -19.39
N ASN B 506 20.56 -7.10 -18.59
CA ASN B 506 19.38 -7.83 -19.04
C ASN B 506 18.13 -6.96 -19.10
N ASP B 507 18.25 -5.66 -18.92
CA ASP B 507 17.11 -4.76 -19.00
C ASP B 507 17.12 -4.11 -20.38
N PRO B 508 16.13 -4.39 -21.24
CA PRO B 508 16.17 -3.81 -22.59
C PRO B 508 16.10 -2.30 -22.63
N LYS B 509 15.55 -1.66 -21.58
CA LYS B 509 15.42 -0.21 -21.53
C LYS B 509 16.76 0.52 -21.34
N VAL B 510 17.84 -0.18 -20.99
CA VAL B 510 19.13 0.45 -20.71
C VAL B 510 20.02 0.30 -21.92
N SER B 511 20.51 1.43 -22.44
CA SER B 511 21.35 1.39 -23.63
C SER B 511 22.73 0.85 -23.29
N ILE B 512 23.43 0.38 -24.32
CA ILE B 512 24.85 0.10 -24.17
C ILE B 512 25.59 1.38 -23.78
N ASP B 513 25.11 2.53 -24.26
CA ASP B 513 25.72 3.81 -23.90
C ASP B 513 25.67 4.06 -22.40
N GLU B 514 24.51 3.81 -21.77
CA GLU B 514 24.39 4.00 -20.33
C GLU B 514 25.23 3.00 -19.54
N LEU B 515 25.49 1.82 -20.09
CA LEU B 515 26.25 0.81 -19.36
C LEU B 515 27.74 1.02 -19.43
N ILE B 516 28.24 1.72 -20.46
CA ILE B 516 29.66 2.02 -20.54
C ILE B 516 29.98 3.43 -20.05
N ALA B 517 29.00 4.14 -19.49
CA ALA B 517 29.25 5.45 -18.86
C ALA B 517 30.34 5.32 -17.80
N ASP B 518 31.28 6.25 -17.78
CA ASP B 518 32.41 6.17 -16.87
C ASP B 518 32.01 6.76 -15.52
N PRO B 519 32.00 5.98 -14.43
CA PRO B 519 31.53 6.55 -13.16
C PRO B 519 32.43 7.63 -12.62
N VAL B 520 33.72 7.61 -12.97
CA VAL B 520 34.63 8.64 -12.47
C VAL B 520 34.21 10.02 -12.97
N GLU B 521 33.91 10.11 -14.28
CA GLU B 521 33.54 11.40 -14.85
C GLU B 521 32.17 11.84 -14.37
N VAL B 522 31.26 10.91 -14.11
CA VAL B 522 29.96 11.28 -13.56
C VAL B 522 30.12 11.86 -12.15
N VAL B 523 30.94 11.22 -11.31
CA VAL B 523 31.11 11.74 -9.95
C VAL B 523 31.77 13.11 -9.99
N ARG B 524 32.77 13.27 -10.84
CA ARG B 524 33.47 14.55 -10.92
C ARG B 524 32.51 15.70 -11.22
N ALA B 525 31.47 15.43 -12.00
CA ALA B 525 30.60 16.48 -12.52
C ALA B 525 29.39 16.75 -11.64
N MET B 526 29.30 16.10 -10.48
CA MET B 526 28.23 16.39 -9.55
C MET B 526 28.41 17.79 -8.97
N PRO B 527 27.31 18.44 -8.57
CA PRO B 527 27.46 19.75 -7.90
C PRO B 527 28.25 19.65 -6.61
N VAL B 528 27.98 18.60 -5.81
CA VAL B 528 28.73 18.29 -4.61
C VAL B 528 29.31 16.90 -4.78
N VAL B 529 30.61 16.82 -5.01
CA VAL B 529 31.21 15.52 -5.16
C VAL B 529 31.05 14.72 -3.88
N GLY B 530 30.49 13.54 -4.01
CA GLY B 530 30.41 12.61 -2.92
C GLY B 530 29.24 12.80 -1.98
N ALA B 531 28.17 13.47 -2.41
CA ALA B 531 27.01 13.64 -1.55
C ALA B 531 26.35 12.29 -1.30
N LYS B 532 25.93 12.09 -0.05
CA LYS B 532 25.13 10.94 0.35
C LYS B 532 23.94 10.76 -0.57
N HIS B 533 23.52 9.51 -0.76
CA HIS B 533 22.27 9.22 -1.45
C HIS B 533 21.13 10.04 -0.84
N ASP B 534 20.29 10.61 -1.70
CA ASP B 534 19.21 11.48 -1.23
C ASP B 534 18.13 10.73 -0.44
N ARG B 535 18.01 9.42 -0.65
CA ARG B 535 16.92 8.65 -0.08
C ARG B 535 17.36 7.72 1.05
N ILE B 536 18.56 7.89 1.57
CA ILE B 536 19.06 7.06 2.67
C ILE B 536 19.42 7.99 3.81
N ALA B 537 18.75 7.82 4.92
CA ALA B 537 18.93 8.72 6.06
C ALA B 537 20.18 8.35 6.83
N LEU B 538 21.00 9.35 7.15
CA LEU B 538 22.02 9.14 8.17
C LEU B 538 21.35 8.69 9.45
N PRO B 539 22.06 7.92 10.27
CA PRO B 539 21.47 7.48 11.55
C PRO B 539 20.91 8.64 12.34
N ALA B 540 21.63 9.76 12.37
CA ALA B 540 21.16 10.92 13.15
C ALA B 540 19.85 11.48 12.63
N GLU B 541 19.48 11.19 11.38
CA GLU B 541 18.36 11.86 10.74
C GLU B 541 17.19 10.92 10.47
N LEU B 542 17.11 9.81 11.18
CA LEU B 542 16.04 8.84 10.91
C LEU B 542 14.64 9.43 11.05
N PHE B 543 14.46 10.42 11.92
CA PHE B 543 13.13 10.99 12.19
C PHE B 543 12.95 12.35 11.52
N GLY B 544 13.90 12.75 10.67
CA GLY B 544 13.79 13.99 9.91
C GLY B 544 13.67 15.20 10.81
N ASP B 545 12.77 16.11 10.44
CA ASP B 545 12.63 17.39 11.13
C ASP B 545 11.98 17.26 12.51
N ALA B 546 11.42 16.10 12.80
CA ALA B 546 10.73 15.90 14.07
C ALA B 546 11.70 16.00 15.24
N ARG B 547 12.85 15.35 15.14
CA ARG B 547 13.77 15.29 16.25
C ARG B 547 15.05 14.59 15.81
N THR B 548 16.10 14.86 16.56
CA THR B 548 17.40 14.27 16.30
C THR B 548 17.52 12.95 17.03
N ASN B 549 17.88 11.90 16.29
CA ASN B 549 18.09 10.59 16.85
C ASN B 549 19.29 10.63 17.80
N SER B 550 19.19 9.88 18.91
CA SER B 550 20.33 9.73 19.79
C SER B 550 21.44 8.98 19.08
N ALA B 551 22.66 9.24 19.55
CA ALA B 551 23.85 8.63 18.98
C ALA B 551 24.45 7.62 19.97
N GLY B 552 24.87 6.49 19.43
CA GLY B 552 25.58 5.48 20.19
C GLY B 552 27.08 5.64 20.06
N LEU B 553 27.78 4.54 20.33
CA LEU B 553 29.23 4.46 20.36
C LEU B 553 29.60 3.15 19.69
N ASP B 554 30.62 3.18 18.84
CA ASP B 554 31.01 2.02 18.05
C ASP B 554 32.07 1.25 18.85
N LEU B 555 31.65 0.14 19.48
CA LEU B 555 32.58 -0.66 20.29
C LEU B 555 33.46 -1.56 19.43
N SER B 556 33.50 -1.35 18.12
CA SER B 556 34.47 -2.02 17.26
C SER B 556 35.54 -1.06 16.78
N ASN B 557 35.46 0.21 17.18
CA ASN B 557 36.37 1.27 16.76
C ASN B 557 37.46 1.44 17.81
N GLU B 558 38.73 1.23 17.43
CA GLU B 558 39.78 1.26 18.43
C GLU B 558 39.94 2.64 19.04
N GLU B 559 39.75 3.70 18.25
CA GLU B 559 39.79 5.05 18.80
C GLU B 559 38.72 5.17 19.90
N THR B 560 37.51 4.72 19.60
CA THR B 560 36.42 4.80 20.58
C THR B 560 36.73 3.99 21.82
N LEU B 561 37.22 2.75 21.63
CA LEU B 561 37.51 1.92 22.79
C LEU B 561 38.60 2.53 23.67
N ALA B 562 39.58 3.20 23.06
CA ALA B 562 40.66 3.78 23.85
C ALA B 562 40.18 5.01 24.62
N SER B 563 39.37 5.89 23.99
CA SER B 563 38.86 7.04 24.73
C SER B 563 37.83 6.60 25.77
N LEU B 564 36.96 5.64 25.44
CA LEU B 564 36.00 5.14 26.41
C LEU B 564 36.71 4.53 27.61
N THR B 565 37.77 3.75 27.39
CA THR B 565 38.52 3.19 28.50
C THR B 565 38.92 4.27 29.51
N GLU B 566 39.46 5.39 29.02
CA GLU B 566 39.94 6.43 29.92
C GLU B 566 38.78 7.14 30.62
N ALA B 567 37.72 7.43 29.90
CA ALA B 567 36.55 8.03 30.54
C ALA B 567 35.95 7.10 31.59
N LEU B 568 35.93 5.79 31.31
CA LEU B 568 35.36 4.85 32.27
C LEU B 568 36.20 4.81 33.55
N ARG B 569 37.53 4.69 33.39
CA ARG B 569 38.42 4.74 34.54
C ARG B 569 38.17 5.99 35.37
N GLU B 570 38.17 7.15 34.71
CA GLU B 570 37.99 8.42 35.41
C GLU B 570 36.64 8.48 36.12
N SER B 571 35.62 7.82 35.55
CA SER B 571 34.30 7.84 36.15
C SER B 571 34.32 7.12 37.48
N ALA B 572 35.18 6.09 37.61
CA ALA B 572 35.26 5.33 38.84
C ALA B 572 35.97 6.09 39.94
N ALA B 573 36.79 7.08 39.60
CA ALA B 573 37.47 7.90 40.59
C ALA B 573 36.63 9.04 41.17
N MET B 574 35.45 9.30 40.62
CA MET B 574 34.66 10.43 41.07
C MET B 574 33.89 10.07 42.33
N LYS B 575 33.51 11.09 43.11
CA LYS B 575 32.70 10.85 44.31
C LYS B 575 31.23 10.89 43.94
N TRP B 576 30.62 9.70 43.82
CA TRP B 576 29.21 9.63 43.47
C TRP B 576 28.33 9.58 44.71
N THR B 577 27.36 10.48 44.75
CA THR B 577 26.45 10.60 45.87
C THR B 577 25.04 10.80 45.34
N ALA B 578 24.08 10.52 46.21
CA ALA B 578 22.68 10.77 45.95
C ALA B 578 22.09 11.21 47.28
N LEU B 579 21.39 12.34 47.27
CA LEU B 579 20.85 12.93 48.47
C LEU B 579 19.38 13.26 48.25
N PRO B 580 18.63 13.41 49.33
CA PRO B 580 17.30 14.03 49.21
C PRO B 580 17.44 15.48 48.81
N GLN B 581 17.20 15.77 47.53
CA GLN B 581 17.37 17.12 46.99
C GLN B 581 16.01 17.79 47.00
N LEU B 582 15.70 18.50 48.07
CA LEU B 582 14.46 19.25 48.11
C LEU B 582 14.65 20.64 47.49
N ALA B 583 13.52 21.35 47.31
CA ALA B 583 13.57 22.66 46.68
C ALA B 583 14.48 23.63 47.43
N THR B 584 14.57 23.48 48.76
CA THR B 584 15.37 24.35 49.62
C THR B 584 16.81 23.86 49.81
N GLY B 585 17.17 22.75 49.19
CA GLY B 585 18.51 22.21 49.37
C GLY B 585 18.49 20.76 49.78
N PRO B 586 19.66 20.15 49.83
CA PRO B 586 19.74 18.75 50.28
C PRO B 586 19.41 18.63 51.77
N ALA B 587 18.73 17.54 52.11
CA ALA B 587 18.32 17.28 53.48
C ALA B 587 19.16 16.18 54.12
N ALA B 588 19.21 16.18 55.46
CA ALA B 588 19.92 15.15 56.20
C ALA B 588 19.14 13.86 56.17
N GLY B 589 19.84 12.76 56.37
CA GLY B 589 19.22 11.45 56.32
C GLY B 589 20.18 10.34 56.68
N GLU B 590 19.66 9.11 56.62
CA GLU B 590 20.45 7.93 56.91
C GLU B 590 21.27 7.60 55.67
N THR B 591 22.58 7.48 55.82
CA THR B 591 23.49 7.26 54.70
C THR B 591 24.06 5.85 54.72
N ARG B 592 24.20 5.28 53.52
CA ARG B 592 24.84 3.98 53.34
C ARG B 592 25.57 3.96 52.01
N THR B 593 26.41 2.94 51.83
CA THR B 593 27.15 2.78 50.58
C THR B 593 26.33 2.01 49.55
N VAL B 594 26.71 2.22 48.30
CA VAL B 594 26.16 1.55 47.14
C VAL B 594 27.30 0.71 46.58
N LEU B 595 27.07 -0.60 46.41
CA LEU B 595 28.12 -1.54 46.01
C LEU B 595 27.84 -2.08 44.62
N ASN B 596 28.90 -2.40 43.90
CA ASN B 596 28.79 -3.05 42.60
C ASN B 596 28.16 -4.43 42.74
N PRO B 597 27.02 -4.72 42.08
CA PRO B 597 26.41 -6.05 42.26
C PRO B 597 27.26 -7.18 41.71
N GLY B 598 28.22 -6.90 40.83
CA GLY B 598 29.13 -7.91 40.34
C GLY B 598 30.35 -8.15 41.18
N ASP B 599 30.55 -7.32 42.21
CA ASP B 599 31.70 -7.42 43.11
C ASP B 599 31.46 -6.42 44.23
N HIS B 600 30.93 -6.91 45.36
CA HIS B 600 30.59 -6.03 46.47
C HIS B 600 31.80 -5.35 47.09
N ARG B 601 33.02 -5.77 46.74
CA ARG B 601 34.20 -5.04 47.21
C ARG B 601 34.36 -3.69 46.52
N ASP B 602 33.71 -3.48 45.39
CA ASP B 602 33.79 -2.26 44.59
C ASP B 602 32.70 -1.31 45.09
N VAL B 603 33.11 -0.31 45.87
CA VAL B 603 32.18 0.70 46.35
C VAL B 603 31.97 1.74 45.25
N VAL B 604 30.73 1.91 44.85
CA VAL B 604 30.43 2.84 43.77
C VAL B 604 30.18 4.24 44.31
N GLY B 605 29.49 4.35 45.43
CA GLY B 605 29.12 5.67 45.93
C GLY B 605 28.35 5.55 47.22
N SER B 606 27.67 6.66 47.60
CA SER B 606 26.93 6.79 48.85
C SER B 606 25.56 7.39 48.58
N VAL B 607 24.56 6.91 49.30
CA VAL B 607 23.21 7.41 49.14
C VAL B 607 22.73 7.83 50.52
N THR B 608 22.16 9.01 50.60
CA THR B 608 21.48 9.49 51.80
C THR B 608 19.97 9.38 51.54
N GLU B 609 19.26 8.66 52.40
CA GLU B 609 17.87 8.33 52.11
C GLU B 609 16.90 9.27 52.82
N THR B 610 15.73 9.46 52.21
CA THR B 610 14.78 10.50 52.61
C THR B 610 13.91 10.04 53.78
N SER B 611 13.75 10.88 54.79
CA SER B 611 12.78 10.55 55.82
C SER B 611 11.36 10.72 55.29
N GLU B 612 10.43 9.98 55.90
CA GLU B 612 9.03 10.12 55.49
C GLU B 612 8.53 11.54 55.70
N GLU B 613 9.01 12.23 56.75
CA GLU B 613 8.57 13.61 56.96
C GLU B 613 9.08 14.52 55.85
N ASP B 614 10.31 14.28 55.38
CA ASP B 614 10.84 15.09 54.30
C ASP B 614 10.15 14.78 52.97
N ALA B 615 9.72 13.54 52.76
CA ALA B 615 8.94 13.25 51.55
C ALA B 615 7.68 14.11 51.53
N ARG B 616 6.99 14.19 52.66
CA ARG B 616 5.78 15.00 52.70
C ARG B 616 6.13 16.47 52.53
N ARG B 617 7.24 16.91 53.11
CA ARG B 617 7.65 18.29 52.96
C ARG B 617 7.91 18.61 51.49
N ALA B 618 8.60 17.70 50.77
CA ALA B 618 8.87 17.90 49.35
C ALA B 618 7.59 18.10 48.53
N VAL B 619 6.55 17.32 48.82
CA VAL B 619 5.32 17.44 48.06
C VAL B 619 4.68 18.81 48.31
N ARG B 620 4.76 19.30 49.55
CA ARG B 620 4.22 20.64 49.82
C ARG B 620 5.01 21.70 49.07
N LEU B 621 6.33 21.56 48.99
CA LEU B 621 7.13 22.51 48.25
C LEU B 621 6.79 22.49 46.76
N ALA B 622 6.52 21.30 46.24
CA ALA B 622 6.12 21.15 44.85
C ALA B 622 4.76 21.79 44.62
N ALA B 623 3.83 21.57 45.54
CA ALA B 623 2.53 22.21 45.42
C ALA B 623 2.68 23.73 45.39
N ASP B 624 3.54 24.27 46.25
CA ASP B 624 3.71 25.73 46.32
C ASP B 624 4.24 26.28 45.02
N ALA B 625 5.10 25.52 44.34
CA ALA B 625 5.71 26.00 43.11
C ALA B 625 4.97 25.54 41.86
N ALA B 626 3.86 24.83 42.02
CA ALA B 626 3.17 24.29 40.85
C ALA B 626 2.75 25.38 39.87
N PRO B 627 2.21 26.52 40.30
CA PRO B 627 1.81 27.55 39.33
C PRO B 627 2.97 28.16 38.58
N ASP B 628 4.12 28.40 39.24
CA ASP B 628 5.25 29.01 38.56
C ASP B 628 5.74 28.10 37.42
N TRP B 629 5.72 26.79 37.64
CA TRP B 629 6.20 25.89 36.59
C TRP B 629 5.14 25.72 35.50
N ALA B 630 3.87 25.61 35.86
CA ALA B 630 2.85 25.57 34.83
C ALA B 630 2.90 26.80 33.94
N ALA B 631 3.36 27.92 34.47
CA ALA B 631 3.37 29.17 33.73
C ALA B 631 4.57 29.29 32.80
N VAL B 632 5.50 28.34 32.81
CA VAL B 632 6.56 28.30 31.82
C VAL B 632 5.96 27.76 30.53
N PRO B 633 6.06 28.50 29.41
CA PRO B 633 5.40 28.08 28.17
C PRO B 633 5.83 26.66 27.77
N PRO B 634 4.92 25.90 27.16
CA PRO B 634 5.31 24.55 26.73
C PRO B 634 6.57 24.50 25.89
N SER B 635 6.76 25.44 24.97
CA SER B 635 7.96 25.42 24.13
C SER B 635 9.23 25.55 24.95
N GLU B 636 9.19 26.33 26.03
CA GLU B 636 10.40 26.50 26.84
C GLU B 636 10.61 25.32 27.78
N ARG B 637 9.53 24.69 28.24
CA ARG B 637 9.70 23.44 28.97
C ARG B 637 10.32 22.37 28.08
N ALA B 638 9.87 22.29 26.83
CA ALA B 638 10.48 21.37 25.88
C ALA B 638 11.94 21.73 25.57
N ALA B 639 12.28 23.02 25.53
CA ALA B 639 13.67 23.40 25.32
C ALA B 639 14.56 22.90 26.46
N CYS B 640 14.03 22.86 27.69
CA CYS B 640 14.79 22.30 28.79
C CYS B 640 15.08 20.82 28.54
N LEU B 641 14.07 20.07 28.07
CA LEU B 641 14.29 18.66 27.78
C LEU B 641 15.34 18.47 26.71
N ASP B 642 15.29 19.30 25.67
CA ASP B 642 16.27 19.19 24.58
C ASP B 642 17.67 19.53 25.07
N ARG B 643 17.80 20.53 25.96
CA ARG B 643 19.12 20.82 26.50
C ARG B 643 19.62 19.65 27.32
N ALA B 644 18.75 19.05 28.14
CA ALA B 644 19.17 17.91 28.94
C ALA B 644 19.66 16.76 28.05
N ALA B 645 18.97 16.51 26.94
CA ALA B 645 19.39 15.46 26.01
C ALA B 645 20.80 15.73 25.47
N GLU B 646 21.10 17.00 25.17
CA GLU B 646 22.43 17.34 24.65
C GLU B 646 23.51 17.08 25.71
N LEU B 647 23.21 17.40 26.97
CA LEU B 647 24.14 17.10 28.04
C LEU B 647 24.34 15.59 28.23
N MET B 648 23.26 14.80 28.17
CA MET B 648 23.42 13.37 28.35
C MET B 648 24.19 12.75 27.20
N GLN B 649 23.99 13.26 25.98
CA GLN B 649 24.72 12.78 24.83
C GLN B 649 26.21 13.05 24.98
N ALA B 650 26.56 14.25 25.45
CA ALA B 650 27.96 14.63 25.59
C ALA B 650 28.63 13.89 26.74
N ARG B 651 27.86 13.59 27.78
CA ARG B 651 28.36 12.91 28.95
C ARG B 651 28.14 11.41 28.93
N MET B 652 27.74 10.86 27.78
CA MET B 652 27.48 9.43 27.71
C MET B 652 28.61 8.55 28.28
N PRO B 653 29.88 8.79 27.99
CA PRO B 653 30.91 7.88 28.53
C PRO B 653 30.91 7.81 30.03
N THR B 654 30.82 8.95 30.72
CA THR B 654 30.78 8.94 32.18
C THR B 654 29.53 8.24 32.70
N LEU B 655 28.38 8.54 32.12
CA LEU B 655 27.13 7.90 32.54
C LEU B 655 27.23 6.39 32.36
N LEU B 656 27.86 5.94 31.28
CA LEU B 656 28.04 4.50 31.06
C LEU B 656 28.76 3.86 32.24
N GLY B 657 29.87 4.46 32.66
CA GLY B 657 30.65 3.90 33.74
C GLY B 657 29.84 3.70 35.00
N LEU B 658 28.99 4.69 35.34
CA LEU B 658 28.16 4.56 36.52
C LEU B 658 27.09 3.48 36.34
N ILE B 659 26.51 3.38 35.15
CA ILE B 659 25.47 2.39 34.94
C ILE B 659 26.06 1.00 34.99
N ILE B 660 27.24 0.83 34.39
CA ILE B 660 27.90 -0.47 34.40
C ILE B 660 28.15 -0.92 35.85
N ARG B 661 28.68 -0.02 36.67
CA ARG B 661 29.13 -0.41 38.00
C ARG B 661 28.01 -0.42 39.04
N GLU B 662 27.00 0.44 38.89
CA GLU B 662 25.91 0.50 39.87
C GLU B 662 24.84 -0.53 39.54
N ALA B 663 24.56 -0.76 38.26
CA ALA B 663 23.48 -1.64 37.89
C ALA B 663 23.92 -2.96 37.31
N GLY B 664 25.22 -3.19 37.17
CA GLY B 664 25.69 -4.44 36.58
C GLY B 664 25.41 -4.62 35.11
N LYS B 665 25.31 -3.54 34.36
CA LYS B 665 25.01 -3.66 32.94
C LYS B 665 26.26 -3.83 32.11
N SER B 666 26.14 -4.53 31.00
CA SER B 666 27.24 -4.56 30.05
C SER B 666 27.35 -3.22 29.33
N ALA B 667 28.50 -2.98 28.71
CA ALA B 667 28.72 -1.70 28.04
C ALA B 667 27.69 -1.46 26.94
N LEU B 668 27.39 -2.50 26.14
CA LEU B 668 26.41 -2.34 25.07
C LEU B 668 25.04 -1.98 25.63
N ASN B 669 24.64 -2.63 26.72
CA ASN B 669 23.33 -2.36 27.26
C ASN B 669 23.30 -0.98 27.92
N ALA B 670 24.42 -0.53 28.47
CA ALA B 670 24.47 0.80 29.06
C ALA B 670 24.34 1.89 28.01
N ILE B 671 24.98 1.70 26.83
CA ILE B 671 24.82 2.64 25.71
C ILE B 671 23.37 2.72 25.29
N ALA B 672 22.71 1.56 25.10
CA ALA B 672 21.30 1.58 24.73
C ALA B 672 20.47 2.32 25.78
N GLU B 673 20.85 2.20 27.04
CA GLU B 673 20.11 2.86 28.10
C GLU B 673 20.21 4.38 27.99
N VAL B 674 21.43 4.90 27.84
CA VAL B 674 21.57 6.34 27.76
C VAL B 674 20.92 6.87 26.49
N ARG B 675 21.01 6.13 25.39
CA ARG B 675 20.33 6.54 24.18
C ARG B 675 18.82 6.66 24.40
N GLU B 676 18.23 5.68 25.09
CA GLU B 676 16.79 5.72 25.31
C GLU B 676 16.42 6.92 26.17
N ALA B 677 17.21 7.21 27.20
CA ALA B 677 16.99 8.42 27.99
C ALA B 677 16.96 9.67 27.10
N ILE B 678 17.96 9.79 26.22
CA ILE B 678 18.04 10.89 25.28
C ILE B 678 16.81 10.91 24.39
N ASP B 679 16.41 9.73 23.88
CA ASP B 679 15.25 9.67 22.98
C ASP B 679 13.96 10.07 23.71
N PHE B 680 13.74 9.62 24.94
CA PHE B 680 12.56 10.07 25.68
C PHE B 680 12.53 11.60 25.79
N LEU B 681 13.66 12.20 26.20
CA LEU B 681 13.74 13.65 26.31
C LEU B 681 13.33 14.34 25.01
N ARG B 682 13.92 13.93 23.89
CA ARG B 682 13.64 14.60 22.62
C ARG B 682 12.25 14.27 22.09
N TYR B 683 11.78 13.05 22.35
CA TYR B 683 10.45 12.68 21.87
C TYR B 683 9.37 13.45 22.60
N TYR B 684 9.42 13.47 23.93
CA TYR B 684 8.38 14.18 24.66
C TYR B 684 8.49 15.69 24.43
N ALA B 685 9.70 16.20 24.15
CA ALA B 685 9.83 17.62 23.77
C ALA B 685 9.09 17.91 22.45
N GLU B 686 9.37 17.10 21.42
CA GLU B 686 8.67 17.25 20.14
C GLU B 686 7.17 17.05 20.30
N GLN B 687 6.72 16.01 21.02
CA GLN B 687 5.27 15.82 21.18
C GLN B 687 4.65 17.03 21.87
N THR B 688 5.36 17.61 22.84
CA THR B 688 4.90 18.85 23.46
C THR B 688 4.77 19.97 22.44
N ARG B 689 5.80 20.18 21.61
CA ARG B 689 5.71 21.24 20.61
C ARG B 689 4.58 21.01 19.61
N ARG B 690 4.21 19.75 19.33
CA ARG B 690 3.13 19.47 18.41
C ARG B 690 1.74 19.60 19.04
N THR B 691 1.60 19.53 20.37
CA THR B 691 0.28 19.42 20.95
C THR B 691 -0.14 20.39 22.08
N LEU B 692 0.75 20.84 22.95
CA LEU B 692 0.29 21.47 24.18
C LEU B 692 0.08 22.96 24.00
N GLY B 693 -1.07 23.43 24.47
CA GLY B 693 -1.40 24.82 24.46
C GLY B 693 -1.96 25.27 25.81
N PRO B 694 -2.57 26.46 25.84
CA PRO B 694 -2.95 27.04 27.15
C PRO B 694 -4.08 26.30 27.84
N GLY B 695 -4.97 25.68 27.09
CA GLY B 695 -6.06 24.95 27.69
C GLY B 695 -5.71 23.57 28.20
N HIS B 696 -4.49 23.12 28.01
CA HIS B 696 -4.08 21.79 28.47
C HIS B 696 -3.35 22.00 29.79
N GLY B 697 -4.12 22.10 30.85
CA GLY B 697 -3.58 22.47 32.14
C GLY B 697 -2.96 21.28 32.85
N PRO B 698 -1.98 21.53 33.69
CA PRO B 698 -1.27 20.43 34.35
C PRO B 698 -2.09 19.85 35.48
N LEU B 699 -1.72 18.63 35.86
CA LEU B 699 -2.34 17.96 36.99
C LEU B 699 -1.94 18.59 38.34
N GLY B 700 -0.68 18.98 38.48
CA GLY B 700 -0.12 19.31 39.78
C GLY B 700 1.07 18.42 40.06
N PRO B 701 1.53 18.40 41.31
CA PRO B 701 2.67 17.54 41.68
C PRO B 701 2.48 16.10 41.28
N ILE B 702 3.47 15.54 40.58
CA ILE B 702 3.44 14.15 40.14
C ILE B 702 4.59 13.38 40.79
N VAL B 703 4.24 12.25 41.37
CA VAL B 703 5.18 11.35 42.00
C VAL B 703 5.62 10.32 40.96
N CYS B 704 6.91 10.26 40.70
CA CYS B 704 7.47 9.36 39.69
C CYS B 704 8.30 8.31 40.40
N ILE B 705 7.86 7.05 40.32
CA ILE B 705 8.47 5.94 41.04
C ILE B 705 9.00 4.97 40.00
N SER B 706 10.29 4.69 40.03
CA SER B 706 10.97 3.99 38.94
C SER B 706 11.68 2.75 39.42
N PRO B 707 11.97 1.83 38.50
CA PRO B 707 12.59 0.55 38.86
C PRO B 707 14.10 0.64 38.77
N TRP B 708 14.76 -0.41 39.25
CA TRP B 708 16.21 -0.41 39.26
C TRP B 708 16.78 -0.83 37.90
N ASN B 709 16.00 -1.51 37.05
CA ASN B 709 16.61 -2.21 35.94
C ASN B 709 16.81 -1.35 34.71
N PHE B 710 16.12 -0.21 34.60
CA PHE B 710 16.41 0.84 33.63
C PHE B 710 16.56 2.13 34.42
N PRO B 711 17.64 2.20 35.21
CA PRO B 711 17.71 3.21 36.27
C PRO B 711 17.94 4.61 35.76
N LEU B 712 18.31 4.79 34.49
CA LEU B 712 18.32 6.10 33.87
C LEU B 712 17.18 6.30 32.87
N ALA B 713 16.95 5.34 31.96
CA ALA B 713 16.02 5.59 30.86
C ALA B 713 14.57 5.73 31.36
N ILE B 714 14.10 4.77 32.17
CA ILE B 714 12.73 4.85 32.64
C ILE B 714 12.57 5.96 33.67
N PHE B 715 13.56 6.09 34.55
CA PHE B 715 13.60 7.24 35.46
C PHE B 715 13.42 8.55 34.69
N THR B 716 14.21 8.74 33.63
CA THR B 716 14.18 9.99 32.88
C THR B 716 12.87 10.15 32.12
N GLY B 717 12.39 9.07 31.49
CA GLY B 717 11.17 9.14 30.71
C GLY B 717 9.98 9.64 31.52
N GLN B 718 9.72 9.00 32.66
CA GLN B 718 8.56 9.41 33.44
C GLN B 718 8.68 10.87 33.84
N ILE B 719 9.87 11.26 34.30
CA ILE B 719 10.11 12.60 34.83
C ILE B 719 9.98 13.65 33.74
N ALA B 720 10.57 13.38 32.56
CA ALA B 720 10.53 14.33 31.46
C ALA B 720 9.10 14.56 30.99
N ALA B 721 8.32 13.49 30.89
CA ALA B 721 6.95 13.63 30.43
C ALA B 721 6.16 14.50 31.40
N ALA B 722 6.27 14.19 32.70
CA ALA B 722 5.49 14.93 33.69
C ALA B 722 5.87 16.41 33.68
N LEU B 723 7.18 16.68 33.66
CA LEU B 723 7.68 18.06 33.65
C LEU B 723 7.22 18.81 32.42
N VAL B 724 7.41 18.22 31.24
CA VAL B 724 7.11 18.97 30.04
C VAL B 724 5.62 19.22 29.91
N ALA B 725 4.81 18.39 30.54
CA ALA B 725 3.38 18.62 30.61
C ALA B 725 3.02 19.72 31.59
N GLY B 726 4.00 20.29 32.29
CA GLY B 726 3.71 21.39 33.19
C GLY B 726 3.58 21.00 34.65
N ASN B 727 3.97 19.77 35.04
CA ASN B 727 3.81 19.33 36.43
C ASN B 727 5.14 19.33 37.16
N PRO B 728 5.22 19.81 38.41
CA PRO B 728 6.43 19.56 39.21
C PRO B 728 6.50 18.10 39.62
N VAL B 729 7.72 17.61 39.82
CA VAL B 729 7.95 16.18 39.96
C VAL B 729 8.66 15.90 41.27
N LEU B 730 8.17 14.89 41.97
CA LEU B 730 8.87 14.23 43.07
C LEU B 730 9.40 12.91 42.52
N ALA B 731 10.71 12.77 42.44
CA ALA B 731 11.32 11.63 41.79
C ALA B 731 11.87 10.68 42.85
N LYS B 732 11.30 9.47 42.91
CA LYS B 732 11.68 8.46 43.90
C LYS B 732 12.33 7.29 43.14
N PRO B 733 13.65 7.25 43.04
CA PRO B 733 14.30 6.15 42.32
C PRO B 733 14.36 4.90 43.19
N ALA B 734 14.52 3.78 42.51
CA ALA B 734 14.68 2.50 43.20
C ALA B 734 15.85 2.55 44.17
N GLU B 735 15.71 1.81 45.29
CA GLU B 735 16.71 1.86 46.35
C GLU B 735 18.03 1.27 45.89
N GLU B 736 18.01 0.40 44.89
CA GLU B 736 19.23 -0.22 44.43
C GLU B 736 20.11 0.70 43.60
N THR B 737 19.51 1.64 42.86
CA THR B 737 20.22 2.40 41.82
C THR B 737 19.99 3.90 41.98
N PRO B 738 20.30 4.47 43.15
CA PRO B 738 20.05 5.91 43.34
C PRO B 738 21.07 6.82 42.69
N LEU B 739 22.28 6.32 42.44
CA LEU B 739 23.35 7.22 42.01
C LEU B 739 23.11 7.73 40.59
N ILE B 740 22.75 6.84 39.66
CA ILE B 740 22.49 7.31 38.30
C ILE B 740 21.25 8.20 38.25
N ALA B 741 20.27 7.96 39.13
CA ALA B 741 19.12 8.86 39.18
C ALA B 741 19.52 10.26 39.65
N ALA B 742 20.42 10.35 40.62
CA ALA B 742 20.87 11.65 41.11
C ALA B 742 21.59 12.41 39.99
N GLU B 743 22.33 11.67 39.16
CA GLU B 743 23.04 12.31 38.05
C GLU B 743 22.05 12.77 36.99
N GLY B 744 21.00 11.99 36.77
CA GLY B 744 19.95 12.43 35.86
C GLY B 744 19.31 13.73 36.33
N VAL B 745 19.08 13.86 37.63
CA VAL B 745 18.47 15.07 38.17
C VAL B 745 19.42 16.26 38.03
N ARG B 746 20.72 16.04 38.29
CA ARG B 746 21.69 17.11 38.08
C ARG B 746 21.59 17.65 36.66
N ILE B 747 21.55 16.76 35.68
CA ILE B 747 21.53 17.16 34.28
C ILE B 747 20.25 17.94 33.95
N LEU B 748 19.10 17.45 34.42
CA LEU B 748 17.86 18.16 34.15
C LEU B 748 17.87 19.54 34.79
N ARG B 749 18.38 19.64 36.02
CA ARG B 749 18.47 20.94 36.66
C ARG B 749 19.47 21.85 35.95
N GLU B 750 20.63 21.30 35.52
CA GLU B 750 21.57 22.12 34.74
C GLU B 750 20.92 22.63 33.46
N ALA B 751 20.03 21.83 32.88
CA ALA B 751 19.41 22.21 31.62
C ALA B 751 18.27 23.20 31.79
N GLY B 752 17.91 23.55 33.02
CA GLY B 752 16.90 24.57 33.22
C GLY B 752 15.71 24.24 34.10
N ILE B 753 15.56 22.97 34.51
CA ILE B 753 14.43 22.63 35.37
C ILE B 753 14.69 23.21 36.76
N PRO B 754 13.85 24.08 37.28
CA PRO B 754 14.10 24.63 38.62
C PRO B 754 14.06 23.56 39.70
N ALA B 755 14.83 23.78 40.75
CA ALA B 755 14.88 22.85 41.87
C ALA B 755 13.50 22.60 42.47
N SER B 756 12.64 23.61 42.49
CA SER B 756 11.31 23.41 43.03
C SER B 756 10.45 22.55 42.10
N ALA B 757 10.79 22.47 40.83
CA ALA B 757 10.01 21.65 39.90
C ALA B 757 10.45 20.19 39.85
N LEU B 758 11.65 19.89 40.31
CA LEU B 758 12.19 18.54 40.26
C LEU B 758 12.99 18.28 41.52
N GLN B 759 12.43 17.47 42.39
CA GLN B 759 13.06 17.11 43.65
C GLN B 759 13.35 15.61 43.64
N LEU B 760 14.51 15.23 44.18
CA LEU B 760 14.92 13.83 44.26
C LEU B 760 14.80 13.31 45.69
N LEU B 761 14.13 12.16 45.84
CA LEU B 761 13.88 11.56 47.16
C LEU B 761 14.35 10.10 47.14
N PRO B 762 15.63 9.86 47.40
CA PRO B 762 16.12 8.47 47.44
C PRO B 762 15.55 7.75 48.66
N GLY B 763 15.42 6.43 48.53
CA GLY B 763 14.98 5.60 49.63
C GLY B 763 14.24 4.38 49.09
N ASP B 764 13.63 3.66 50.01
CA ASP B 764 13.02 2.39 49.68
C ASP B 764 11.50 2.57 49.48
N GLY B 765 10.73 1.48 49.58
CA GLY B 765 9.33 1.56 49.23
C GLY B 765 8.53 2.42 50.18
N ARG B 766 9.01 2.59 51.42
CA ARG B 766 8.34 3.46 52.38
C ARG B 766 8.36 4.93 51.93
N VAL B 767 9.43 5.32 51.25
CA VAL B 767 9.49 6.67 50.71
C VAL B 767 8.49 6.83 49.58
N GLY B 768 8.42 5.85 48.66
CA GLY B 768 7.41 5.89 47.63
C GLY B 768 6.00 5.99 48.20
N ALA B 769 5.71 5.15 49.20
CA ALA B 769 4.38 5.16 49.82
C ALA B 769 4.07 6.51 50.44
N ALA B 770 5.04 7.07 51.18
CA ALA B 770 4.81 8.38 51.79
C ALA B 770 4.49 9.43 50.73
N LEU B 771 5.18 9.40 49.58
CA LEU B 771 4.90 10.37 48.56
C LEU B 771 3.50 10.16 47.96
N VAL B 772 3.17 8.90 47.66
CA VAL B 772 1.88 8.61 47.02
C VAL B 772 0.73 9.09 47.89
N ALA B 773 0.87 8.92 49.20
CA ALA B 773 -0.21 9.22 50.15
C ALA B 773 -0.30 10.69 50.52
N ALA B 774 0.62 11.52 50.07
CA ALA B 774 0.63 12.91 50.51
C ALA B 774 -0.54 13.67 49.86
N ALA B 775 -1.02 14.66 50.60
CA ALA B 775 -2.28 15.31 50.26
C ALA B 775 -2.25 15.94 48.89
N GLU B 776 -1.15 16.62 48.56
CA GLU B 776 -1.11 17.42 47.36
C GLU B 776 -0.67 16.63 46.13
N THR B 777 -0.37 15.33 46.26
CA THR B 777 -0.02 14.49 45.11
C THR B 777 -1.21 14.39 44.15
N ALA B 778 -0.98 14.80 42.89
CA ALA B 778 -2.02 14.90 41.87
C ALA B 778 -1.92 13.83 40.78
N GLY B 779 -0.86 13.07 40.73
CA GLY B 779 -0.78 11.91 39.85
C GLY B 779 0.43 11.07 40.24
N VAL B 780 0.44 9.83 39.77
CA VAL B 780 1.54 8.93 40.06
C VAL B 780 1.92 8.20 38.79
N MET B 781 3.23 8.17 38.50
CA MET B 781 3.80 7.39 37.40
C MET B 781 4.68 6.32 38.01
N PHE B 782 4.34 5.06 37.73
CA PHE B 782 4.94 3.94 38.39
C PHE B 782 5.38 2.91 37.37
N THR B 783 6.59 2.42 37.52
CA THR B 783 7.07 1.30 36.71
C THR B 783 7.75 0.35 37.67
N GLY B 784 7.30 -0.90 37.67
CA GLY B 784 7.79 -1.86 38.64
C GLY B 784 6.93 -3.09 38.65
N SER B 785 6.85 -3.73 39.78
CA SER B 785 6.15 -4.99 39.89
C SER B 785 4.63 -4.76 39.99
N THR B 786 3.88 -5.79 39.60
CA THR B 786 2.42 -5.70 39.69
C THR B 786 1.97 -5.61 41.12
N GLU B 787 2.66 -6.30 42.03
CA GLU B 787 2.23 -6.32 43.42
C GLU B 787 2.26 -4.92 44.02
N VAL B 788 3.36 -4.19 43.79
CA VAL B 788 3.48 -2.85 44.34
C VAL B 788 2.51 -1.90 43.67
N ALA B 789 2.30 -2.03 42.35
CA ALA B 789 1.31 -1.18 41.68
C ALA B 789 -0.06 -1.31 42.33
N ARG B 790 -0.46 -2.54 42.70
CA ARG B 790 -1.76 -2.71 43.35
C ARG B 790 -1.83 -1.97 44.67
N LEU B 791 -0.74 -1.99 45.44
CA LEU B 791 -0.72 -1.26 46.69
C LEU B 791 -0.89 0.22 46.43
N ILE B 792 -0.19 0.74 45.42
CA ILE B 792 -0.31 2.17 45.10
C ILE B 792 -1.72 2.52 44.68
N GLN B 793 -2.32 1.69 43.81
CA GLN B 793 -3.70 1.95 43.39
C GLN B 793 -4.64 2.03 44.59
N ALA B 794 -4.46 1.14 45.57
CA ALA B 794 -5.30 1.16 46.76
C ALA B 794 -5.09 2.42 47.59
N GLN B 795 -3.85 2.91 47.72
CA GLN B 795 -3.61 4.17 48.43
C GLN B 795 -4.37 5.29 47.75
N LEU B 796 -4.25 5.37 46.41
CA LEU B 796 -4.80 6.49 45.67
C LEU B 796 -6.33 6.49 45.72
N ALA B 797 -6.95 5.30 45.76
CA ALA B 797 -8.40 5.20 45.76
C ALA B 797 -9.03 5.79 47.01
N ASP B 798 -8.26 6.00 48.08
CA ASP B 798 -8.79 6.68 49.26
C ASP B 798 -8.96 8.18 49.05
N ARG B 799 -8.43 8.73 47.96
CA ARG B 799 -8.35 10.17 47.79
C ARG B 799 -9.03 10.58 46.49
N LEU B 800 -9.37 11.86 46.41
CA LEU B 800 -9.77 12.50 45.18
C LEU B 800 -8.95 13.77 44.97
N SER B 801 -8.93 14.22 43.72
CA SER B 801 -8.34 15.50 43.38
C SER B 801 -9.19 16.60 44.01
N PRO B 802 -8.65 17.83 44.08
CA PRO B 802 -9.50 18.95 44.56
C PRO B 802 -10.77 19.09 43.75
N ALA B 803 -10.74 18.72 42.46
CA ALA B 803 -11.91 18.70 41.60
C ALA B 803 -12.82 17.50 41.81
N GLY B 804 -12.49 16.62 42.75
CA GLY B 804 -13.33 15.46 43.01
C GLY B 804 -13.26 14.38 41.96
N ARG B 805 -12.10 14.20 41.31
CA ARG B 805 -11.88 13.13 40.35
C ARG B 805 -10.74 12.20 40.80
N PRO B 806 -10.69 10.99 40.28
CA PRO B 806 -9.66 10.06 40.75
C PRO B 806 -8.28 10.56 40.34
N ILE B 807 -7.29 10.25 41.19
CA ILE B 807 -5.92 10.65 40.94
C ILE B 807 -5.34 9.74 39.84
N PRO B 808 -4.86 10.29 38.72
CA PRO B 808 -4.33 9.43 37.65
C PRO B 808 -3.15 8.59 38.11
N LEU B 809 -3.18 7.32 37.74
CA LEU B 809 -2.05 6.42 37.91
C LEU B 809 -1.67 5.83 36.55
N ILE B 810 -0.41 5.96 36.18
CA ILE B 810 0.16 5.21 35.07
C ILE B 810 1.05 4.16 35.68
N ALA B 811 0.73 2.89 35.42
CA ALA B 811 1.43 1.77 36.05
C ALA B 811 1.87 0.80 34.95
N GLU B 812 3.17 0.62 34.80
CA GLU B 812 3.70 -0.29 33.80
C GLU B 812 4.41 -1.39 34.58
N THR B 813 3.94 -2.62 34.41
CA THR B 813 4.30 -3.69 35.33
C THR B 813 4.88 -4.87 34.57
N GLY B 814 4.80 -6.09 35.09
CA GLY B 814 5.60 -7.16 34.54
C GLY B 814 5.10 -7.73 33.21
N GLY B 815 5.81 -8.78 32.74
CA GLY B 815 5.34 -9.60 31.64
C GLY B 815 5.66 -11.06 31.88
N GLN B 816 5.10 -11.91 31.03
CA GLN B 816 5.42 -13.34 31.02
C GLN B 816 5.52 -13.69 29.54
N ASN B 817 6.62 -13.26 28.92
CA ASN B 817 6.66 -13.03 27.48
C ASN B 817 7.10 -14.27 26.74
N ALA B 818 6.37 -14.60 25.69
CA ALA B 818 6.63 -15.79 24.90
C ALA B 818 7.17 -15.42 23.52
N MET B 819 7.89 -16.38 22.95
CA MET B 819 8.24 -16.41 21.54
C MET B 819 7.82 -17.76 20.97
N ILE B 820 7.08 -17.73 19.86
CA ILE B 820 6.65 -18.93 19.15
C ILE B 820 7.50 -19.08 17.90
N VAL B 821 8.07 -20.28 17.73
CA VAL B 821 8.94 -20.63 16.62
C VAL B 821 8.31 -21.84 15.92
N ASP B 822 8.14 -21.75 14.60
CA ASP B 822 7.65 -22.90 13.85
C ASP B 822 8.77 -23.47 12.98
N SER B 823 8.46 -24.53 12.26
CA SER B 823 9.50 -25.26 11.54
C SER B 823 9.99 -24.54 10.29
N SER B 824 9.40 -23.42 9.89
CA SER B 824 9.95 -22.64 8.80
C SER B 824 11.03 -21.67 9.24
N ALA B 825 11.17 -21.43 10.54
CA ALA B 825 12.13 -20.44 11.01
C ALA B 825 13.56 -20.89 10.78
N LEU B 826 14.46 -19.92 10.69
CA LEU B 826 15.87 -20.22 10.54
C LEU B 826 16.54 -20.36 11.91
N ALA B 827 17.05 -21.57 12.20
CA ALA B 827 17.55 -21.89 13.53
C ALA B 827 18.56 -20.87 14.04
N GLU B 828 19.56 -20.52 13.22
CA GLU B 828 20.61 -19.61 13.67
C GLU B 828 20.03 -18.27 14.12
N GLN B 829 19.02 -17.79 13.39
CA GLN B 829 18.41 -16.50 13.71
C GLN B 829 17.66 -16.57 15.01
N VAL B 830 16.87 -17.65 15.18
CA VAL B 830 16.11 -17.88 16.40
C VAL B 830 17.05 -17.89 17.59
N VAL B 831 18.13 -18.67 17.49
CA VAL B 831 19.02 -18.82 18.62
C VAL B 831 19.63 -17.49 19.01
N GLY B 832 20.10 -16.73 18.02
CA GLY B 832 20.65 -15.41 18.31
C GLY B 832 19.64 -14.50 18.99
N ASP B 833 18.39 -14.53 18.50
CA ASP B 833 17.34 -13.70 19.11
C ASP B 833 16.92 -14.22 20.46
N VAL B 834 16.98 -15.52 20.69
CA VAL B 834 16.64 -16.05 22.00
C VAL B 834 17.72 -15.67 23.00
N ILE B 835 18.98 -15.75 22.61
CA ILE B 835 20.07 -15.46 23.54
C ILE B 835 19.97 -14.02 24.00
N THR B 836 19.80 -13.11 23.04
CA THR B 836 19.58 -11.70 23.32
C THR B 836 18.35 -11.52 24.20
N SER B 837 17.21 -12.07 23.78
CA SER B 837 15.96 -11.73 24.46
C SER B 837 15.91 -12.29 25.87
N ALA B 838 16.43 -13.50 26.08
CA ALA B 838 16.32 -14.16 27.38
C ALA B 838 17.44 -13.81 28.35
N PHE B 839 18.67 -13.64 27.87
CA PHE B 839 19.80 -13.62 28.80
C PHE B 839 20.61 -12.32 28.81
N ASP B 840 20.48 -11.48 27.79
CA ASP B 840 20.97 -10.12 27.88
C ASP B 840 20.46 -9.48 29.17
N SER B 841 21.32 -8.71 29.83
CA SER B 841 20.97 -8.06 31.08
C SER B 841 20.52 -9.06 32.15
N ALA B 842 21.02 -10.31 32.02
CA ALA B 842 20.66 -11.44 32.88
C ALA B 842 19.14 -11.54 33.01
N GLY B 843 18.45 -11.30 31.92
CA GLY B 843 17.02 -11.43 31.90
C GLY B 843 16.27 -10.38 32.69
N GLN B 844 16.94 -9.30 33.09
CA GLN B 844 16.33 -8.32 33.99
C GLN B 844 15.74 -7.16 33.19
N ARG B 845 14.89 -7.53 32.24
CA ARG B 845 14.08 -6.59 31.47
C ARG B 845 12.62 -7.03 31.55
N SER B 846 11.70 -6.07 31.68
CA SER B 846 10.29 -6.43 31.65
C SER B 846 9.92 -7.15 30.35
N SER B 847 10.59 -6.80 29.24
CA SER B 847 10.41 -7.34 27.89
C SER B 847 11.08 -8.70 27.67
N ALA B 848 11.90 -9.17 28.61
CA ALA B 848 12.72 -10.37 28.39
C ALA B 848 11.88 -11.60 28.05
N LEU B 849 12.46 -12.45 27.20
CA LEU B 849 11.85 -13.73 26.84
C LEU B 849 11.86 -14.70 28.02
N ARG B 850 10.67 -15.15 28.39
CA ARG B 850 10.45 -16.06 29.50
C ARG B 850 10.06 -17.46 29.05
N VAL B 851 9.36 -17.57 27.94
CA VAL B 851 8.84 -18.86 27.49
C VAL B 851 9.11 -19.01 26.00
N LEU B 852 10.02 -19.91 25.64
CA LEU B 852 10.28 -20.20 24.23
C LEU B 852 9.43 -21.39 23.79
N CYS B 853 8.64 -21.20 22.72
CA CYS B 853 7.71 -22.25 22.27
C CYS B 853 8.15 -22.78 20.91
N LEU B 854 8.54 -24.06 20.87
CA LEU B 854 9.16 -24.64 19.68
C LEU B 854 8.28 -25.73 19.08
N GLN B 855 8.04 -25.64 17.78
CA GLN B 855 7.31 -26.72 17.09
C GLN B 855 8.06 -28.03 17.28
N GLU B 856 7.33 -29.11 17.61
CA GLU B 856 7.97 -30.36 18.03
C GLU B 856 9.05 -30.82 17.04
N ASP B 857 8.79 -30.64 15.75
CA ASP B 857 9.65 -31.19 14.71
C ASP B 857 11.05 -30.59 14.73
N VAL B 858 11.21 -29.37 15.26
CA VAL B 858 12.51 -28.71 15.24
C VAL B 858 13.05 -28.44 16.62
N ALA B 859 12.31 -28.82 17.68
CA ALA B 859 12.71 -28.43 19.02
C ALA B 859 14.09 -28.94 19.38
N ASP B 860 14.38 -30.21 19.06
CA ASP B 860 15.65 -30.83 19.45
C ASP B 860 16.83 -30.08 18.83
N ARG B 861 16.77 -29.80 17.52
CA ARG B 861 17.88 -29.17 16.84
C ARG B 861 18.10 -27.74 17.33
N ILE B 862 17.02 -27.01 17.61
CA ILE B 862 17.17 -25.64 18.09
C ILE B 862 17.72 -25.63 19.52
N LEU B 863 17.26 -26.55 20.37
CA LEU B 863 17.78 -26.61 21.73
C LEU B 863 19.26 -27.00 21.75
N THR B 864 19.64 -27.97 20.91
CA THR B 864 21.06 -28.32 20.80
C THR B 864 21.87 -27.08 20.44
N MET B 865 21.44 -26.35 19.41
CA MET B 865 22.18 -25.16 18.98
C MET B 865 22.15 -24.09 20.06
N LEU B 866 21.03 -23.96 20.76
CA LEU B 866 20.92 -22.94 21.80
C LEU B 866 21.87 -23.22 22.95
N LYS B 867 21.98 -24.49 23.34
CA LYS B 867 22.85 -24.83 24.44
C LYS B 867 24.31 -24.67 24.05
N GLY B 868 24.65 -24.97 22.79
CA GLY B 868 25.99 -24.67 22.30
C GLY B 868 26.31 -23.18 22.34
N ALA B 869 25.37 -22.35 21.87
CA ALA B 869 25.59 -20.90 21.92
C ALA B 869 25.73 -20.40 23.35
N LEU B 870 24.94 -20.95 24.28
CA LEU B 870 25.06 -20.51 25.67
C LEU B 870 26.42 -20.81 26.24
N HIS B 871 27.02 -21.93 25.86
CA HIS B 871 28.32 -22.27 26.44
C HIS B 871 29.42 -21.32 25.99
N GLU B 872 29.15 -20.45 25.02
CA GLU B 872 30.15 -19.47 24.55
C GLU B 872 30.04 -18.12 25.23
N LEU B 873 29.06 -17.93 26.11
CA LEU B 873 28.92 -16.64 26.79
C LEU B 873 29.87 -16.52 27.97
N HIS B 874 30.31 -15.29 28.21
CA HIS B 874 31.19 -14.97 29.32
C HIS B 874 30.36 -14.23 30.37
N ILE B 875 30.28 -14.80 31.57
CA ILE B 875 29.51 -14.23 32.68
C ILE B 875 30.47 -13.67 33.72
N GLY B 876 30.26 -12.43 34.13
CA GLY B 876 31.14 -11.85 35.14
C GLY B 876 30.91 -10.36 35.34
N ARG B 877 31.86 -9.74 36.05
CA ARG B 877 31.78 -8.31 36.30
C ARG B 877 31.87 -7.57 34.97
N THR B 878 30.98 -6.61 34.77
CA THR B 878 30.71 -6.03 33.46
C THR B 878 31.65 -4.89 33.07
N ASP B 879 32.75 -4.68 33.79
CA ASP B 879 33.70 -3.65 33.38
C ASP B 879 34.78 -4.21 32.44
N ARG B 880 34.45 -5.27 31.72
CA ARG B 880 35.24 -5.81 30.62
C ARG B 880 34.34 -5.93 29.40
N LEU B 881 34.86 -5.50 28.23
CA LEU B 881 34.10 -5.61 26.98
C LEU B 881 33.75 -7.06 26.67
N SER B 882 34.59 -8.00 27.04
CA SER B 882 34.34 -9.40 26.73
C SER B 882 33.20 -10.01 27.54
N VAL B 883 32.58 -9.30 28.49
CA VAL B 883 31.52 -9.90 29.29
C VAL B 883 30.19 -9.74 28.57
N ASP B 884 29.48 -10.85 28.44
CA ASP B 884 28.17 -10.90 27.82
C ASP B 884 27.04 -10.78 28.84
N VAL B 885 27.18 -11.39 30.02
CA VAL B 885 26.09 -11.45 31.01
C VAL B 885 26.66 -11.07 32.37
N GLY B 886 26.04 -10.07 32.98
CA GLY B 886 26.46 -9.56 34.27
C GLY B 886 25.62 -10.15 35.38
N PRO B 887 25.69 -9.51 36.54
CA PRO B 887 25.08 -10.07 37.74
C PRO B 887 23.60 -9.77 37.82
N VAL B 888 22.92 -10.43 38.77
CA VAL B 888 21.58 -10.00 39.19
C VAL B 888 21.75 -8.92 40.25
N ILE B 889 20.71 -8.09 40.45
CA ILE B 889 20.94 -6.82 41.14
C ILE B 889 21.24 -6.97 42.64
N THR B 890 20.66 -7.96 43.32
CA THR B 890 20.87 -8.11 44.76
C THR B 890 20.85 -9.59 45.11
N SER B 891 21.20 -9.90 46.37
CA SER B 891 21.13 -11.29 46.81
C SER B 891 19.67 -11.71 47.06
N GLU B 892 18.79 -10.78 47.44
CA GLU B 892 17.36 -11.10 47.51
C GLU B 892 16.83 -11.53 46.15
N ALA B 893 17.17 -10.79 45.08
CA ALA B 893 16.73 -11.19 43.74
C ALA B 893 17.33 -12.55 43.37
N LYS B 894 18.60 -12.76 43.69
CA LYS B 894 19.24 -14.05 43.40
C LYS B 894 18.52 -15.19 44.09
N ASP B 895 18.20 -15.03 45.37
CA ASP B 895 17.50 -16.07 46.12
C ASP B 895 16.10 -16.33 45.56
N ASN B 896 15.41 -15.27 45.13
CA ASN B 896 14.07 -15.38 44.55
C ASN B 896 14.09 -16.22 43.28
N ILE B 897 15.05 -15.94 42.42
CA ILE B 897 15.21 -16.70 41.18
C ILE B 897 15.56 -18.15 41.49
N GLU B 898 16.49 -18.37 42.41
CA GLU B 898 16.91 -19.73 42.74
C GLU B 898 15.82 -20.53 43.42
N LYS B 899 14.98 -19.89 44.22
CA LYS B 899 13.82 -20.59 44.78
C LYS B 899 12.92 -21.13 43.68
N HIS B 900 12.72 -20.35 42.62
CA HIS B 900 11.92 -20.83 41.49
C HIS B 900 12.59 -22.00 40.79
N ILE B 901 13.88 -21.86 40.51
CA ILE B 901 14.59 -22.94 39.84
C ILE B 901 14.44 -24.23 40.64
N GLU B 902 14.56 -24.14 41.96
CA GLU B 902 14.47 -25.34 42.77
C GLU B 902 13.04 -25.84 42.87
N ARG B 903 12.06 -24.95 42.90
CA ARG B 903 10.68 -25.43 42.82
C ARG B 903 10.51 -26.28 41.55
N MET B 904 10.99 -25.77 40.40
CA MET B 904 10.86 -26.51 39.15
C MET B 904 11.64 -27.82 39.22
N ARG B 905 12.87 -27.77 39.73
CA ARG B 905 13.63 -29.00 39.90
C ARG B 905 12.87 -30.02 40.74
N GLY B 906 12.38 -29.59 41.90
CA GLY B 906 11.67 -30.50 42.78
C GLY B 906 10.43 -31.11 42.15
N LEU B 907 9.74 -30.36 41.28
CA LEU B 907 8.63 -30.91 40.53
C LEU B 907 9.08 -31.90 39.45
N GLY B 908 10.39 -32.01 39.19
CA GLY B 908 10.90 -32.96 38.23
C GLY B 908 11.10 -32.45 36.82
N ARG B 909 10.81 -31.17 36.55
CA ARG B 909 11.12 -30.59 35.24
C ARG B 909 12.62 -30.65 35.01
N LYS B 910 13.02 -30.80 33.75
CA LYS B 910 14.43 -30.80 33.39
C LYS B 910 14.98 -29.37 33.47
N VAL B 911 16.04 -29.20 34.26
CA VAL B 911 16.71 -27.92 34.45
C VAL B 911 18.17 -28.05 34.04
N GLU B 912 18.66 -27.13 33.20
CA GLU B 912 20.05 -27.08 32.77
C GLU B 912 20.60 -25.67 32.92
N GLN B 913 21.87 -25.56 33.34
CA GLN B 913 22.53 -24.28 33.56
C GLN B 913 23.95 -24.26 33.00
N ILE B 914 24.36 -23.09 32.51
CA ILE B 914 25.74 -22.66 32.26
C ILE B 914 26.61 -22.78 33.52
N GLY B 915 27.90 -22.54 33.38
CA GLY B 915 28.84 -22.59 34.50
C GLY B 915 29.33 -21.20 34.81
N LEU B 916 29.70 -20.97 36.07
CA LEU B 916 30.09 -19.65 36.54
C LEU B 916 31.55 -19.70 36.96
N ALA B 917 32.31 -18.68 36.56
CA ALA B 917 33.68 -18.53 37.03
C ALA B 917 33.69 -18.30 38.54
N SER B 918 34.80 -18.70 39.17
CA SER B 918 34.93 -18.47 40.62
C SER B 918 34.93 -16.98 40.95
N GLU B 919 35.35 -16.14 39.99
CA GLU B 919 35.35 -14.70 40.18
C GLU B 919 33.96 -14.14 40.45
N THR B 920 32.91 -14.91 40.16
CA THR B 920 31.54 -14.47 40.41
C THR B 920 31.16 -14.57 41.89
N GLY B 921 31.97 -15.26 42.71
CA GLY B 921 31.64 -15.43 44.12
C GLY B 921 31.60 -14.15 44.91
N VAL B 922 32.25 -13.09 44.43
CA VAL B 922 32.23 -11.82 45.16
C VAL B 922 31.03 -10.95 44.81
N GLY B 923 30.24 -11.36 43.82
CA GLY B 923 29.04 -10.63 43.43
C GLY B 923 27.83 -11.56 43.50
N THR B 924 26.67 -11.14 42.95
CA THR B 924 25.44 -11.94 42.98
C THR B 924 25.11 -12.30 41.54
N PHE B 925 25.44 -13.52 41.14
CA PHE B 925 25.21 -13.99 39.79
C PHE B 925 24.30 -15.22 39.76
N VAL B 926 23.51 -15.31 38.70
CA VAL B 926 22.75 -16.50 38.36
C VAL B 926 23.11 -16.91 36.94
N PRO B 927 23.52 -18.15 36.70
CA PRO B 927 23.85 -18.53 35.34
C PRO B 927 22.62 -18.64 34.49
N PRO B 928 22.71 -18.41 33.19
CA PRO B 928 21.61 -18.71 32.28
C PRO B 928 21.09 -20.12 32.44
N THR B 929 19.77 -20.24 32.48
CA THR B 929 19.10 -21.45 32.91
C THR B 929 17.99 -21.74 31.92
N ILE B 930 17.84 -23.01 31.58
CA ILE B 930 16.82 -23.50 30.66
C ILE B 930 16.01 -24.57 31.38
N ILE B 931 14.71 -24.39 31.42
CA ILE B 931 13.81 -25.28 32.14
C ILE B 931 12.73 -25.74 31.17
N GLU B 932 12.56 -27.07 31.06
CA GLU B 932 11.57 -27.62 30.13
C GLU B 932 10.26 -27.81 30.87
N LEU B 933 9.22 -27.17 30.39
CA LEU B 933 7.89 -27.27 30.99
C LEU B 933 7.02 -28.26 30.24
N GLU B 934 6.04 -28.80 30.94
CA GLU B 934 5.03 -29.59 30.24
C GLU B 934 3.91 -28.69 29.76
N LYS B 935 3.49 -27.74 30.60
CA LYS B 935 2.40 -26.81 30.30
C LYS B 935 2.81 -25.40 30.72
N LEU B 936 2.29 -24.42 30.01
CA LEU B 936 2.60 -23.04 30.37
C LEU B 936 2.07 -22.71 31.75
N SER B 937 0.98 -23.34 32.18
CA SER B 937 0.45 -23.08 33.51
C SER B 937 1.34 -23.59 34.63
N ASP B 938 2.42 -24.32 34.30
CA ASP B 938 3.45 -24.63 35.29
C ASP B 938 4.04 -23.35 35.88
N LEU B 939 3.96 -22.24 35.14
CA LEU B 939 4.50 -20.96 35.58
C LEU B 939 3.43 -20.18 36.32
N GLN B 940 3.76 -19.71 37.51
CA GLN B 940 2.81 -19.01 38.35
C GLN B 940 3.07 -17.51 38.42
N ARG B 941 4.26 -17.06 38.08
CA ARG B 941 4.68 -15.69 38.38
C ARG B 941 5.82 -15.31 37.47
N GLU B 942 5.95 -14.00 37.21
CA GLU B 942 7.15 -13.48 36.54
C GLU B 942 8.38 -13.80 37.35
N VAL B 943 9.39 -14.40 36.72
CA VAL B 943 10.67 -14.71 37.36
C VAL B 943 11.73 -13.86 36.68
N PHE B 944 12.23 -12.87 37.40
CA PHE B 944 12.94 -11.71 36.81
C PHE B 944 14.44 -11.97 36.85
N GLY B 945 14.88 -12.84 35.97
CA GLY B 945 16.24 -13.32 35.98
C GLY B 945 16.51 -14.07 34.70
N PRO B 946 17.69 -14.66 34.59
CA PRO B 946 18.11 -15.31 33.33
C PRO B 946 17.60 -16.76 33.24
N VAL B 947 16.28 -16.91 33.22
CA VAL B 947 15.65 -18.22 33.33
C VAL B 947 14.68 -18.36 32.18
N LEU B 948 15.03 -19.20 31.21
CA LEU B 948 14.24 -19.42 29.99
C LEU B 948 13.47 -20.70 30.12
N HIS B 949 12.17 -20.63 29.96
CA HIS B 949 11.33 -21.84 30.00
C HIS B 949 11.06 -22.26 28.57
N VAL B 950 11.01 -23.59 28.33
CA VAL B 950 10.79 -24.11 27.00
C VAL B 950 9.57 -25.01 26.98
N ILE B 951 8.75 -24.85 25.95
CA ILE B 951 7.55 -25.65 25.72
C ILE B 951 7.60 -26.15 24.28
N ARG B 952 7.19 -27.40 24.06
CA ARG B 952 7.10 -27.91 22.68
C ARG B 952 5.63 -28.02 22.29
N TYR B 953 5.33 -27.80 21.00
CA TYR B 953 3.94 -27.89 20.57
C TYR B 953 3.81 -28.52 19.19
N ARG B 954 2.64 -29.14 18.98
CA ARG B 954 2.25 -29.66 17.66
C ARG B 954 1.61 -28.52 16.90
N ARG B 955 1.92 -28.41 15.60
CA ARG B 955 1.40 -27.30 14.82
C ARG B 955 -0.12 -27.25 14.83
N ASP B 956 -0.77 -28.41 14.92
CA ASP B 956 -2.23 -28.42 14.98
C ASP B 956 -2.74 -27.78 16.26
N ASP B 957 -1.87 -27.64 17.27
CA ASP B 957 -2.23 -27.06 18.54
C ASP B 957 -1.84 -25.59 18.66
N LEU B 958 -1.47 -24.94 17.56
CA LEU B 958 -1.02 -23.55 17.64
C LEU B 958 -2.06 -22.64 18.27
N ASP B 959 -3.33 -22.79 17.89
CA ASP B 959 -4.32 -21.87 18.42
C ASP B 959 -4.46 -22.03 19.93
N ARG B 960 -4.38 -23.27 20.44
CA ARG B 960 -4.47 -23.49 21.89
C ARG B 960 -3.23 -22.95 22.61
N LEU B 961 -2.06 -23.10 21.99
CA LEU B 961 -0.86 -22.51 22.59
C LEU B 961 -1.01 -21.00 22.74
N VAL B 962 -1.58 -20.33 21.75
CA VAL B 962 -1.77 -18.88 21.85
C VAL B 962 -2.70 -18.56 23.01
N ASP B 963 -3.76 -19.36 23.19
CA ASP B 963 -4.62 -19.21 24.37
C ASP B 963 -3.83 -19.38 25.67
N ASP B 964 -2.94 -20.36 25.71
CA ASP B 964 -2.14 -20.56 26.90
C ASP B 964 -1.26 -19.35 27.20
N VAL B 965 -0.66 -18.76 26.17
CA VAL B 965 0.15 -17.56 26.40
C VAL B 965 -0.73 -16.43 26.95
N ASN B 966 -1.91 -16.23 26.36
CA ASN B 966 -2.82 -15.18 26.82
C ASN B 966 -3.35 -15.46 28.22
N ALA B 967 -3.46 -16.73 28.61
CA ALA B 967 -4.06 -17.08 29.89
C ALA B 967 -3.22 -16.72 31.10
N THR B 968 -1.95 -16.34 30.94
CA THR B 968 -1.20 -15.89 32.11
C THR B 968 -1.78 -14.59 32.68
N GLY B 969 -2.53 -13.82 31.86
CA GLY B 969 -3.02 -12.53 32.27
C GLY B 969 -2.09 -11.38 31.99
N TYR B 970 -0.84 -11.65 31.63
CA TYR B 970 0.09 -10.63 31.17
C TYR B 970 -0.09 -10.38 29.67
N GLY B 971 0.55 -9.32 29.19
CA GLY B 971 0.43 -8.94 27.78
C GLY B 971 1.41 -7.86 27.37
N LEU B 972 2.70 -8.09 27.60
CA LEU B 972 3.71 -7.08 27.31
C LEU B 972 4.33 -7.35 25.94
N THR B 973 5.41 -8.14 25.88
CA THR B 973 6.05 -8.44 24.61
C THR B 973 5.74 -9.87 24.18
N PHE B 974 5.84 -10.08 22.88
CA PHE B 974 5.55 -11.36 22.24
C PHE B 974 6.33 -11.43 20.93
N GLY B 975 6.96 -12.58 20.69
CA GLY B 975 7.75 -12.80 19.49
C GLY B 975 7.27 -13.99 18.67
N LEU B 976 7.41 -13.87 17.36
CA LEU B 976 7.05 -14.96 16.44
C LEU B 976 8.12 -15.12 15.38
N HIS B 977 8.64 -16.33 15.22
CA HIS B 977 9.62 -16.63 14.17
C HIS B 977 8.97 -17.64 13.24
N THR B 978 8.72 -17.21 12.01
CA THR B 978 8.11 -17.99 10.95
C THR B 978 8.35 -17.25 9.67
N ARG B 979 8.37 -17.97 8.57
CA ARG B 979 8.40 -17.31 7.28
C ARG B 979 7.05 -17.31 6.59
N LEU B 980 6.01 -17.80 7.25
CA LEU B 980 4.73 -18.11 6.62
C LEU B 980 3.69 -17.04 6.97
N ASP B 981 3.16 -16.37 5.94
CA ASP B 981 2.20 -15.30 6.17
C ASP B 981 0.93 -15.79 6.86
N GLU B 982 0.46 -16.99 6.53
CA GLU B 982 -0.76 -17.45 7.19
C GLU B 982 -0.55 -17.60 8.68
N THR B 983 0.62 -18.11 9.08
CA THR B 983 0.95 -18.21 10.50
C THR B 983 1.06 -16.83 11.14
N ILE B 984 1.71 -15.89 10.47
CA ILE B 984 1.80 -14.54 11.03
C ILE B 984 0.40 -13.96 11.23
N ALA B 985 -0.48 -14.07 10.24
CA ALA B 985 -1.83 -13.48 10.39
C ALA B 985 -2.60 -14.15 11.52
N HIS B 986 -2.54 -15.48 11.59
CA HIS B 986 -3.25 -16.21 12.65
C HIS B 986 -2.77 -15.75 14.02
N VAL B 987 -1.47 -15.82 14.24
CA VAL B 987 -0.93 -15.58 15.57
C VAL B 987 -1.12 -14.14 15.99
N THR B 988 -0.82 -13.19 15.10
CA THR B 988 -0.91 -11.79 15.50
C THR B 988 -2.37 -11.33 15.67
N SER B 989 -3.33 -12.01 15.05
CA SER B 989 -4.71 -11.64 15.30
C SER B 989 -5.27 -12.26 16.59
N ARG B 990 -4.60 -13.24 17.21
CA ARG B 990 -5.12 -13.89 18.40
C ARG B 990 -4.32 -13.61 19.66
N ILE B 991 -3.05 -13.22 19.53
CA ILE B 991 -2.26 -12.91 20.72
C ILE B 991 -2.73 -11.56 21.28
N LYS B 992 -2.68 -11.43 22.60
CA LYS B 992 -3.09 -10.17 23.27
C LYS B 992 -1.87 -9.62 24.00
N ALA B 993 -1.05 -8.88 23.29
CA ALA B 993 0.17 -8.29 23.82
C ALA B 993 0.34 -6.91 23.22
N GLY B 994 1.01 -6.03 23.97
CA GLY B 994 1.16 -4.66 23.53
C GLY B 994 2.28 -4.42 22.54
N ASN B 995 3.31 -5.27 22.55
CA ASN B 995 4.48 -5.12 21.71
C ASN B 995 4.76 -6.48 21.04
N LEU B 996 4.55 -6.54 19.74
CA LEU B 996 4.77 -7.73 18.91
C LEU B 996 6.06 -7.56 18.11
N TYR B 997 6.72 -8.69 17.82
CA TYR B 997 7.99 -8.68 17.11
C TYR B 997 8.04 -9.90 16.22
N ILE B 998 8.34 -9.70 14.95
CA ILE B 998 8.32 -10.78 13.96
C ILE B 998 9.72 -10.95 13.40
N ASN B 999 10.27 -12.15 13.55
CA ASN B 999 11.57 -12.52 13.00
C ASN B 999 12.71 -11.63 13.52
N ARG B 1000 12.65 -11.30 14.82
CA ARG B 1000 13.70 -10.55 15.50
C ARG B 1000 13.59 -10.80 17.00
N ASN B 1001 14.44 -10.11 17.77
CA ASN B 1001 14.38 -10.25 19.23
C ASN B 1001 13.17 -9.48 19.75
N ILE B 1002 12.83 -9.70 21.03
CA ILE B 1002 11.62 -9.09 21.55
C ILE B 1002 11.91 -8.01 22.59
N ILE B 1003 13.10 -7.43 22.60
CA ILE B 1003 13.46 -6.46 23.64
C ILE B 1003 13.66 -5.06 23.05
N GLY B 1004 13.09 -4.82 21.88
CA GLY B 1004 13.11 -3.51 21.26
C GLY B 1004 12.05 -2.59 21.82
N ALA B 1005 12.49 -1.54 22.40
CA ALA B 1005 11.58 -0.50 22.79
C ALA B 1005 12.22 0.82 22.38
N VAL B 1006 12.36 1.04 21.08
CA VAL B 1006 12.88 2.33 20.62
C VAL B 1006 11.75 3.35 20.71
N VAL B 1007 12.03 4.44 21.41
CA VAL B 1007 11.05 5.52 21.62
C VAL B 1007 10.51 6.02 20.30
N GLY B 1008 9.19 6.09 20.19
CA GLY B 1008 8.55 6.63 19.02
C GLY B 1008 8.59 5.73 17.80
N VAL B 1009 9.15 4.55 17.91
CA VAL B 1009 9.23 3.57 16.86
C VAL B 1009 8.59 2.26 17.23
N GLN B 1010 8.95 1.72 18.42
CA GLN B 1010 8.14 0.76 19.17
C GLN B 1010 7.69 1.39 20.49
N PRO B 1011 6.69 2.26 20.48
CA PRO B 1011 6.07 2.69 21.74
C PRO B 1011 5.79 1.49 22.64
N PHE B 1012 6.22 1.59 23.89
CA PHE B 1012 6.36 0.42 24.74
C PHE B 1012 5.31 0.35 25.82
N GLY B 1013 4.61 -0.76 25.89
CA GLY B 1013 3.75 -1.01 27.03
C GLY B 1013 2.67 -1.99 26.67
N GLY B 1014 2.12 -2.64 27.69
CA GLY B 1014 1.08 -3.59 27.44
C GLY B 1014 -0.16 -3.45 28.29
N ARG B 1015 -0.88 -4.56 28.39
CA ARG B 1015 -2.21 -4.61 28.93
C ARG B 1015 -2.28 -5.72 29.97
N GLY B 1016 -3.48 -5.93 30.50
CA GLY B 1016 -3.66 -6.93 31.55
C GLY B 1016 -2.79 -6.61 32.75
N LEU B 1017 -2.13 -7.64 33.26
CA LEU B 1017 -1.22 -7.50 34.37
C LEU B 1017 0.04 -6.75 34.03
N SER B 1018 0.26 -6.44 32.76
CA SER B 1018 1.45 -5.73 32.33
C SER B 1018 1.30 -4.22 32.39
N GLY B 1019 0.11 -3.67 32.56
CA GLY B 1019 0.07 -2.23 32.71
C GLY B 1019 -1.29 -1.63 32.43
N THR B 1020 -1.36 -0.34 32.75
CA THR B 1020 -2.55 0.47 32.53
C THR B 1020 -2.55 1.16 31.18
N GLY B 1021 -1.39 1.34 30.57
CA GLY B 1021 -1.22 2.30 29.51
C GLY B 1021 -1.41 3.70 30.07
N PRO B 1022 -1.22 4.72 29.25
CA PRO B 1022 -0.83 4.64 27.84
C PRO B 1022 0.64 4.25 27.67
N LYS B 1023 1.03 3.87 26.45
CA LYS B 1023 2.40 3.45 26.20
C LYS B 1023 3.40 4.60 26.39
N ALA B 1024 4.48 4.32 27.13
CA ALA B 1024 5.64 5.19 27.17
C ALA B 1024 6.29 5.25 25.79
N GLY B 1025 6.84 6.42 25.47
CA GLY B 1025 7.45 6.60 24.17
C GLY B 1025 6.45 6.61 23.02
N GLY B 1026 5.20 6.93 23.30
CA GLY B 1026 4.14 6.89 22.35
C GLY B 1026 3.29 8.14 22.49
N PRO B 1027 2.37 8.34 21.54
CA PRO B 1027 1.72 9.65 21.38
C PRO B 1027 0.57 9.94 22.33
N LEU B 1028 0.09 8.95 23.06
CA LEU B 1028 -0.96 9.17 24.05
C LEU B 1028 -0.42 9.48 25.45
N TYR B 1029 0.87 9.42 25.65
CA TYR B 1029 1.41 9.47 27.00
C TYR B 1029 1.17 10.84 27.65
N LEU B 1030 1.57 11.92 26.97
CA LEU B 1030 1.49 13.24 27.59
C LEU B 1030 0.04 13.60 27.94
N GLY B 1031 -0.91 13.16 27.12
CA GLY B 1031 -2.30 13.46 27.39
C GLY B 1031 -2.81 12.97 28.74
N ARG B 1032 -2.17 11.98 29.35
CA ARG B 1032 -2.58 11.50 30.67
C ARG B 1032 -2.12 12.42 31.80
N LEU B 1033 -1.20 13.34 31.51
CA LEU B 1033 -0.55 14.16 32.54
C LEU B 1033 -1.04 15.60 32.52
N VAL B 1034 -2.14 15.87 31.80
CA VAL B 1034 -2.79 17.18 31.77
C VAL B 1034 -4.27 16.93 32.04
N THR B 1035 -4.99 17.99 32.41
CA THR B 1035 -6.37 17.81 32.79
C THR B 1035 -7.30 17.77 31.59
N THR B 1036 -6.88 18.37 30.46
CA THR B 1036 -7.58 18.27 29.19
C THR B 1036 -6.62 17.70 28.16
N ALA B 1037 -6.96 16.53 27.61
CA ALA B 1037 -6.00 15.86 26.74
C ALA B 1037 -5.98 16.52 25.37
N PRO B 1038 -4.83 16.71 24.78
CA PRO B 1038 -4.78 17.21 23.40
C PRO B 1038 -4.99 16.08 22.39
N VAL B 1039 -5.05 16.48 21.13
CA VAL B 1039 -5.15 15.56 20.00
C VAL B 1039 -3.72 15.21 19.57
N PRO B 1040 -3.27 13.98 19.74
CA PRO B 1040 -1.89 13.65 19.33
C PRO B 1040 -1.74 13.77 17.83
N PRO B 1041 -0.50 13.93 17.35
CA PRO B 1041 -0.27 13.87 15.90
C PRO B 1041 -0.81 12.58 15.32
N GLN B 1042 -1.39 12.70 14.13
CA GLN B 1042 -1.84 11.57 13.32
C GLN B 1042 -2.91 10.76 13.99
N HIS B 1043 -3.59 11.31 14.99
CA HIS B 1043 -4.48 10.52 15.84
C HIS B 1043 -5.91 10.72 15.34
N SER B 1044 -6.34 9.79 14.49
CA SER B 1044 -7.68 9.83 13.90
C SER B 1044 -7.92 8.50 13.20
N SER B 1045 -9.17 8.27 12.82
CA SER B 1045 -9.56 7.06 12.10
C SER B 1045 -10.78 7.41 11.26
N VAL B 1046 -10.83 6.88 10.04
CA VAL B 1046 -11.99 7.08 9.20
C VAL B 1046 -13.05 6.02 9.43
N HIS B 1047 -12.80 5.09 10.33
CA HIS B 1047 -13.72 3.99 10.58
C HIS B 1047 -14.67 4.36 11.72
N THR B 1048 -15.91 3.92 11.58
CA THR B 1048 -16.93 4.14 12.59
C THR B 1048 -17.44 2.77 13.04
N ASP B 1049 -17.42 2.54 14.34
CA ASP B 1049 -17.90 1.25 14.87
C ASP B 1049 -19.36 1.06 14.48
N PRO B 1050 -19.72 -0.07 13.89
CA PRO B 1050 -21.11 -0.22 13.40
C PRO B 1050 -22.13 -0.40 14.52
N VAL B 1051 -21.70 -0.89 15.67
CA VAL B 1051 -22.64 -1.01 16.78
C VAL B 1051 -22.96 0.37 17.34
N LEU B 1052 -21.95 1.24 17.42
CA LEU B 1052 -22.20 2.64 17.72
C LEU B 1052 -23.27 3.20 16.82
N LEU B 1053 -23.16 2.92 15.52
CA LEU B 1053 -24.13 3.46 14.58
C LEU B 1053 -25.52 2.93 14.86
N ASP B 1054 -25.64 1.63 15.16
CA ASP B 1054 -26.96 1.09 15.49
C ASP B 1054 -27.49 1.71 16.77
N PHE B 1055 -26.62 1.99 17.74
CA PHE B 1055 -27.06 2.61 18.98
C PHE B 1055 -27.60 4.01 18.73
N ALA B 1056 -26.89 4.79 17.93
CA ALA B 1056 -27.35 6.12 17.58
C ALA B 1056 -28.74 6.08 16.96
N LYS B 1057 -28.99 5.14 16.06
CA LYS B 1057 -30.29 5.10 15.41
C LYS B 1057 -31.38 4.74 16.41
N TRP B 1058 -31.07 3.80 17.30
CA TRP B 1058 -31.99 3.48 18.38
C TRP B 1058 -32.31 4.73 19.21
N LEU B 1059 -31.28 5.48 19.61
CA LEU B 1059 -31.50 6.70 20.39
C LEU B 1059 -32.41 7.69 19.67
N ASP B 1060 -32.12 7.96 18.39
CA ASP B 1060 -33.00 8.80 17.59
C ASP B 1060 -34.43 8.30 17.65
N GLY B 1061 -34.62 7.00 17.37
CA GLY B 1061 -35.96 6.46 17.28
C GLY B 1061 -36.79 6.72 18.53
N LYS B 1062 -36.15 6.70 19.69
CA LYS B 1062 -36.84 6.92 20.96
C LYS B 1062 -36.81 8.38 21.37
N GLY B 1063 -36.32 9.28 20.51
CA GLY B 1063 -36.43 10.70 20.72
C GLY B 1063 -35.35 11.29 21.59
N ALA B 1064 -34.27 10.57 21.86
CA ALA B 1064 -33.19 11.11 22.70
C ALA B 1064 -32.19 11.81 21.78
N ARG B 1065 -32.64 12.96 21.25
CA ARG B 1065 -31.89 13.62 20.19
C ARG B 1065 -30.51 14.06 20.68
N ALA B 1066 -30.44 14.58 21.90
CA ALA B 1066 -29.16 15.05 22.40
C ALA B 1066 -28.19 13.90 22.64
N GLU B 1067 -28.70 12.75 23.06
CA GLU B 1067 -27.77 11.65 23.28
C GLU B 1067 -27.37 11.01 21.95
N ALA B 1068 -28.30 10.93 21.01
CA ALA B 1068 -27.97 10.48 19.66
C ALA B 1068 -26.84 11.34 19.07
N GLU B 1069 -26.90 12.65 19.28
CA GLU B 1069 -25.84 13.54 18.84
C GLU B 1069 -24.52 13.20 19.51
N ALA B 1070 -24.54 13.06 20.84
CA ALA B 1070 -23.33 12.67 21.54
C ALA B 1070 -22.78 11.34 20.98
N ALA B 1071 -23.66 10.40 20.67
CA ALA B 1071 -23.19 9.12 20.16
C ALA B 1071 -22.53 9.28 18.79
N ARG B 1072 -23.14 10.08 17.90
CA ARG B 1072 -22.57 10.26 16.56
C ARG B 1072 -21.22 10.94 16.64
N ASN B 1073 -21.09 11.93 17.51
CA ASN B 1073 -19.82 12.62 17.69
C ASN B 1073 -18.76 11.69 18.31
N ALA B 1074 -19.14 10.85 19.27
CA ALA B 1074 -18.22 9.82 19.75
C ALA B 1074 -17.74 8.93 18.60
N GLY B 1075 -18.65 8.52 17.71
CA GLY B 1075 -18.24 7.63 16.63
C GLY B 1075 -17.20 8.29 15.74
N SER B 1076 -17.34 9.60 15.52
CA SER B 1076 -16.42 10.27 14.62
C SER B 1076 -15.09 10.57 15.29
N SER B 1077 -15.10 10.98 16.56
CA SER B 1077 -13.82 11.31 17.17
C SER B 1077 -13.05 10.12 17.72
N SER B 1078 -13.69 8.94 17.84
CA SER B 1078 -12.96 7.73 18.18
C SER B 1078 -11.82 7.51 17.19
N ALA B 1079 -10.65 7.12 17.70
CA ALA B 1079 -9.53 6.79 16.84
C ALA B 1079 -9.37 5.29 16.72
N LEU B 1080 -10.42 4.53 17.04
CA LEU B 1080 -10.42 3.09 16.80
C LEU B 1080 -10.13 2.78 15.32
N GLY B 1081 -9.22 1.87 15.05
CA GLY B 1081 -8.88 1.52 13.69
C GLY B 1081 -7.72 2.31 13.11
N LEU B 1082 -7.16 3.26 13.85
CA LEU B 1082 -5.92 3.89 13.46
C LEU B 1082 -4.88 2.82 13.14
N ASP B 1083 -4.10 3.04 12.09
CA ASP B 1083 -3.15 2.04 11.59
C ASP B 1083 -2.04 2.80 10.86
N LEU B 1084 -0.88 2.92 11.50
CA LEU B 1084 0.19 3.78 11.02
C LEU B 1084 1.49 2.98 10.95
N GLU B 1085 2.37 3.38 10.02
CA GLU B 1085 3.77 2.95 10.02
C GLU B 1085 4.64 4.08 10.55
N LEU B 1086 5.37 3.83 11.62
CA LEU B 1086 6.24 4.83 12.25
C LEU B 1086 7.59 4.86 11.53
N PRO B 1087 8.19 6.06 11.37
CA PRO B 1087 9.52 6.13 10.74
C PRO B 1087 10.58 5.46 11.59
N GLY B 1088 11.47 4.72 10.94
CA GLY B 1088 12.49 3.96 11.62
C GLY B 1088 13.59 3.51 10.66
N PRO B 1089 14.38 2.52 11.07
CA PRO B 1089 15.47 2.05 10.23
C PRO B 1089 14.97 1.27 9.01
N VAL B 1090 15.82 1.24 7.98
CA VAL B 1090 15.58 0.37 6.84
C VAL B 1090 15.62 -1.09 7.31
N GLY B 1091 15.01 -1.97 6.51
CA GLY B 1091 15.01 -3.36 6.88
C GLY B 1091 14.08 -3.71 8.03
N GLU B 1092 13.19 -2.80 8.40
CA GLU B 1092 12.24 -3.02 9.47
C GLU B 1092 10.98 -2.25 9.14
N ARG B 1093 9.83 -2.80 9.54
CA ARG B 1093 8.56 -2.08 9.43
C ARG B 1093 7.96 -2.03 10.82
N ASN B 1094 7.71 -0.83 11.30
CA ASN B 1094 7.24 -0.59 12.66
C ASN B 1094 5.85 0.00 12.59
N LEU B 1095 4.87 -0.75 13.09
CA LEU B 1095 3.47 -0.43 12.93
C LEU B 1095 2.87 -0.11 14.29
N TYR B 1096 1.84 0.75 14.28
CA TYR B 1096 1.19 1.24 15.48
C TYR B 1096 -0.31 1.31 15.20
N THR B 1097 -1.09 0.65 16.02
CA THR B 1097 -2.51 0.44 15.72
C THR B 1097 -3.35 0.60 16.97
N LEU B 1098 -4.57 1.08 16.82
CA LEU B 1098 -5.47 1.24 17.96
C LEU B 1098 -6.64 0.28 17.82
N HIS B 1099 -6.81 -0.55 18.83
CA HIS B 1099 -7.81 -1.62 18.87
C HIS B 1099 -8.78 -1.36 20.03
N ALA B 1100 -9.89 -2.09 20.05
CA ALA B 1100 -10.78 -2.01 21.20
C ALA B 1100 -10.04 -2.51 22.43
N ARG B 1101 -10.41 -2.00 23.61
CA ARG B 1101 -9.78 -2.49 24.84
C ARG B 1101 -10.37 -3.81 25.32
N GLY B 1102 -11.65 -4.06 25.08
CA GLY B 1102 -12.30 -5.19 25.70
C GLY B 1102 -13.66 -4.88 26.31
N ARG B 1103 -13.92 -5.39 27.52
CA ARG B 1103 -15.21 -5.19 28.16
C ARG B 1103 -15.00 -4.09 29.21
N ILE B 1104 -15.81 -3.05 29.11
CA ILE B 1104 -15.70 -1.87 29.96
C ILE B 1104 -16.78 -1.97 31.02
N LEU B 1105 -16.38 -1.73 32.28
CA LEU B 1105 -17.35 -1.67 33.37
C LEU B 1105 -18.02 -0.29 33.39
N LEU B 1106 -19.31 -0.25 33.31
CA LEU B 1106 -20.05 1.01 33.36
C LEU B 1106 -20.79 1.12 34.69
N VAL B 1107 -20.58 2.23 35.38
CA VAL B 1107 -21.23 2.47 36.66
C VAL B 1107 -22.04 3.76 36.49
N PRO B 1108 -23.21 3.70 35.86
CA PRO B 1108 -24.03 4.90 35.70
C PRO B 1108 -24.85 5.24 36.94
N ALA B 1109 -25.27 6.49 36.98
CA ALA B 1109 -26.24 7.00 37.95
C ALA B 1109 -27.58 7.31 37.34
N THR B 1110 -27.59 7.83 36.13
CA THR B 1110 -28.81 8.25 35.46
C THR B 1110 -28.88 7.62 34.07
N GLU B 1111 -30.09 7.63 33.52
CA GLU B 1111 -30.31 7.10 32.19
C GLU B 1111 -29.46 7.84 31.16
N SER B 1112 -29.44 9.18 31.23
CA SER B 1112 -28.64 9.93 30.27
C SER B 1112 -27.17 9.63 30.46
N GLY B 1113 -26.75 9.51 31.72
CA GLY B 1113 -25.38 9.13 31.99
C GLY B 1113 -25.04 7.80 31.35
N LEU B 1114 -25.95 6.82 31.46
CA LEU B 1114 -25.71 5.51 30.88
C LEU B 1114 -25.55 5.60 29.36
N TYR B 1115 -26.43 6.36 28.70
CA TYR B 1115 -26.33 6.52 27.24
C TYR B 1115 -24.99 7.13 26.83
N HIS B 1116 -24.54 8.14 27.54
CA HIS B 1116 -23.26 8.74 27.20
C HIS B 1116 -22.13 7.74 27.42
N GLN B 1117 -22.21 6.94 28.50
CA GLN B 1117 -21.15 5.96 28.76
C GLN B 1117 -21.15 4.88 27.70
N LEU B 1118 -22.32 4.38 27.34
CA LEU B 1118 -22.41 3.38 26.29
C LEU B 1118 -21.84 3.89 24.98
N ALA B 1119 -22.17 5.13 24.63
CA ALA B 1119 -21.72 5.71 23.38
C ALA B 1119 -20.20 5.76 23.33
N ALA B 1120 -19.58 6.23 24.41
CA ALA B 1120 -18.12 6.23 24.46
C ALA B 1120 -17.54 4.83 24.32
N ALA B 1121 -18.13 3.84 24.98
CA ALA B 1121 -17.51 2.52 24.98
C ALA B 1121 -17.75 1.83 23.65
N LEU B 1122 -18.94 1.99 23.08
CA LEU B 1122 -19.23 1.39 21.81
C LEU B 1122 -18.44 2.05 20.68
N ALA B 1123 -18.30 3.39 20.73
CA ALA B 1123 -17.55 4.11 19.69
C ALA B 1123 -16.12 3.61 19.59
N THR B 1124 -15.59 3.06 20.68
CA THR B 1124 -14.21 2.61 20.73
C THR B 1124 -14.13 1.09 20.63
N GLY B 1125 -15.21 0.44 20.18
CA GLY B 1125 -15.21 -0.97 19.85
C GLY B 1125 -15.39 -1.93 21.01
N ASN B 1126 -15.74 -1.44 22.19
CA ASN B 1126 -15.78 -2.29 23.37
C ASN B 1126 -17.17 -2.84 23.60
N SER B 1127 -17.21 -3.91 24.39
CA SER B 1127 -18.45 -4.38 25.00
C SER B 1127 -18.50 -3.82 26.40
N VAL B 1128 -19.63 -3.98 27.08
CA VAL B 1128 -19.79 -3.38 28.39
C VAL B 1128 -20.41 -4.36 29.37
N ALA B 1129 -20.10 -4.16 30.64
CA ALA B 1129 -20.86 -4.71 31.76
C ALA B 1129 -21.39 -3.54 32.57
N ILE B 1130 -22.70 -3.44 32.68
CA ILE B 1130 -23.34 -2.31 33.35
C ILE B 1130 -23.69 -2.70 34.78
N ASP B 1131 -23.40 -1.81 35.72
CA ASP B 1131 -23.71 -2.08 37.11
C ASP B 1131 -25.22 -2.23 37.33
N ALA B 1132 -25.64 -3.45 37.72
CA ALA B 1132 -27.05 -3.73 37.91
C ALA B 1132 -27.62 -2.97 39.09
N ALA B 1133 -26.78 -2.63 40.06
CA ALA B 1133 -27.24 -1.84 41.20
C ALA B 1133 -27.74 -0.48 40.77
N SER B 1134 -27.40 -0.04 39.55
CA SER B 1134 -27.87 1.27 39.07
C SER B 1134 -29.38 1.32 38.92
N GLY B 1135 -30.03 0.17 38.77
CA GLY B 1135 -31.47 0.20 38.60
C GLY B 1135 -31.97 0.69 37.26
N LEU B 1136 -31.11 0.78 36.25
CA LEU B 1136 -31.46 1.42 34.99
C LEU B 1136 -31.81 0.41 33.90
N GLN B 1137 -32.16 -0.81 34.28
CA GLN B 1137 -32.38 -1.86 33.30
C GLN B 1137 -33.48 -1.49 32.30
N ALA B 1138 -34.56 -0.83 32.76
CA ALA B 1138 -35.63 -0.48 31.83
C ALA B 1138 -35.16 0.50 30.75
N SER B 1139 -34.05 1.21 30.99
CA SER B 1139 -33.58 2.22 30.06
C SER B 1139 -33.11 1.63 28.73
N LEU B 1140 -32.85 0.32 28.69
CA LEU B 1140 -32.45 -0.36 27.46
C LEU B 1140 -33.53 -1.29 26.93
N LYS B 1141 -34.79 -1.02 27.26
CA LYS B 1141 -35.89 -1.75 26.63
C LYS B 1141 -35.83 -1.54 25.12
N ASN B 1142 -35.92 -2.63 24.37
CA ASN B 1142 -36.11 -2.63 22.91
C ASN B 1142 -34.80 -2.40 22.15
N LEU B 1143 -33.67 -2.66 22.78
CA LEU B 1143 -32.39 -2.39 22.16
C LEU B 1143 -32.14 -3.36 21.01
N PRO B 1144 -31.61 -2.89 19.88
CA PRO B 1144 -31.27 -3.81 18.80
C PRO B 1144 -30.34 -4.94 19.26
N GLN B 1145 -30.57 -6.13 18.69
CA GLN B 1145 -29.70 -7.28 18.95
C GLN B 1145 -28.25 -6.93 18.70
N THR B 1146 -27.99 -6.14 17.64
CA THR B 1146 -26.60 -5.73 17.37
C THR B 1146 -25.99 -5.09 18.60
N VAL B 1147 -26.73 -4.17 19.22
CA VAL B 1147 -26.17 -3.50 20.38
C VAL B 1147 -26.25 -4.43 21.59
N GLY B 1148 -27.41 -5.08 21.77
CA GLY B 1148 -27.57 -5.97 22.91
C GLY B 1148 -26.46 -6.99 23.02
N LEU B 1149 -25.94 -7.45 21.90
CA LEU B 1149 -24.89 -8.45 21.91
C LEU B 1149 -23.65 -7.94 22.62
N ARG B 1150 -23.46 -6.63 22.71
CA ARG B 1150 -22.29 -6.05 23.35
C ARG B 1150 -22.50 -5.73 24.82
N VAL B 1151 -23.71 -5.97 25.32
CA VAL B 1151 -24.14 -5.44 26.61
C VAL B 1151 -24.45 -6.60 27.53
N SER B 1152 -23.86 -6.58 28.73
CA SER B 1152 -24.26 -7.45 29.82
C SER B 1152 -24.50 -6.61 31.06
N TRP B 1153 -25.23 -7.17 32.03
CA TRP B 1153 -25.47 -6.53 33.31
C TRP B 1153 -24.73 -7.34 34.38
N SER B 1154 -24.10 -6.65 35.32
CA SER B 1154 -23.28 -7.31 36.31
C SER B 1154 -23.80 -6.97 37.70
N LYS B 1155 -24.10 -8.02 38.48
CA LYS B 1155 -24.43 -7.89 39.89
C LYS B 1155 -23.25 -8.31 40.75
N ASP B 1156 -22.09 -8.53 40.14
CA ASP B 1156 -20.90 -9.07 40.84
C ASP B 1156 -19.69 -8.70 39.98
N TRP B 1157 -19.15 -7.50 40.23
CA TRP B 1157 -18.08 -6.99 39.38
C TRP B 1157 -16.86 -7.88 39.44
N ALA B 1158 -16.51 -8.38 40.64
CA ALA B 1158 -15.29 -9.18 40.75
C ALA B 1158 -15.44 -10.49 40.00
N ALA B 1159 -16.63 -11.08 40.00
CA ALA B 1159 -16.82 -12.35 39.33
C ALA B 1159 -16.96 -12.21 37.82
N ASP B 1160 -17.37 -11.04 37.33
CA ASP B 1160 -17.71 -10.86 35.92
C ASP B 1160 -16.58 -10.24 35.10
N GLY B 1161 -15.50 -9.84 35.75
CA GLY B 1161 -14.33 -9.36 35.07
C GLY B 1161 -13.49 -10.51 34.59
N PRO B 1162 -12.25 -10.23 34.15
CA PRO B 1162 -11.66 -8.89 34.30
C PRO B 1162 -12.19 -7.94 33.25
N PHE B 1163 -12.16 -6.67 33.60
CA PHE B 1163 -12.55 -5.60 32.70
C PHE B 1163 -11.28 -4.91 32.19
N ALA B 1164 -11.46 -4.09 31.16
CA ALA B 1164 -10.35 -3.33 30.57
C ALA B 1164 -10.44 -1.84 30.87
N GLY B 1165 -11.43 -1.41 31.60
CA GLY B 1165 -11.68 0.00 31.85
C GLY B 1165 -12.98 0.15 32.60
N ALA B 1166 -13.20 1.36 33.09
CA ALA B 1166 -14.41 1.67 33.82
C ALA B 1166 -14.78 3.12 33.60
N LEU B 1167 -16.07 3.37 33.43
CA LEU B 1167 -16.67 4.70 33.36
C LEU B 1167 -17.62 4.83 34.53
N VAL B 1168 -17.50 5.92 35.29
CA VAL B 1168 -18.29 6.11 36.52
C VAL B 1168 -18.97 7.47 36.44
N GLU B 1169 -20.22 7.50 36.86
CA GLU B 1169 -21.03 8.71 36.97
C GLU B 1169 -21.46 8.83 38.44
N GLY B 1170 -21.17 9.96 39.06
CA GLY B 1170 -21.66 10.19 40.41
C GLY B 1170 -21.08 11.46 41.00
N ASP B 1171 -21.57 11.81 42.19
CA ASP B 1171 -20.94 12.91 42.90
C ASP B 1171 -19.65 12.41 43.57
N ALA B 1172 -18.98 13.33 44.26
CA ALA B 1172 -17.66 13.04 44.83
C ALA B 1172 -17.68 11.78 45.69
N GLU B 1173 -18.65 11.69 46.61
CA GLU B 1173 -18.69 10.55 47.53
C GLU B 1173 -18.93 9.25 46.77
N ARG B 1174 -19.81 9.28 45.78
CA ARG B 1174 -20.02 8.09 44.97
C ARG B 1174 -18.75 7.68 44.22
N ILE B 1175 -18.06 8.65 43.61
CA ILE B 1175 -16.86 8.33 42.83
C ILE B 1175 -15.82 7.65 43.73
N ARG B 1176 -15.60 8.21 44.91
CA ARG B 1176 -14.60 7.65 45.82
C ARG B 1176 -14.94 6.21 46.19
N ALA B 1177 -16.20 5.96 46.58
CA ALA B 1177 -16.61 4.60 46.93
C ALA B 1177 -16.48 3.64 45.75
N VAL B 1178 -16.87 4.09 44.55
CA VAL B 1178 -16.72 3.21 43.39
C VAL B 1178 -15.24 2.96 43.10
N ASN B 1179 -14.43 4.01 43.15
CA ASN B 1179 -12.99 3.86 42.90
C ASN B 1179 -12.34 2.93 43.91
N LYS B 1180 -12.75 2.97 45.16
CA LYS B 1180 -12.22 2.05 46.15
C LYS B 1180 -12.58 0.60 45.84
N ALA B 1181 -13.83 0.37 45.45
CA ALA B 1181 -14.25 -0.97 45.08
C ALA B 1181 -13.51 -1.49 43.85
N ILE B 1182 -13.27 -0.63 42.87
CA ILE B 1182 -12.57 -1.05 41.66
C ILE B 1182 -11.14 -1.41 41.99
N ALA B 1183 -10.52 -0.67 42.91
CA ALA B 1183 -9.15 -0.98 43.30
C ALA B 1183 -9.03 -2.31 44.02
N ALA B 1184 -10.11 -2.79 44.62
CA ALA B 1184 -10.10 -4.11 45.26
C ALA B 1184 -10.43 -5.24 44.30
N LEU B 1185 -10.73 -4.94 43.05
CA LEU B 1185 -11.05 -6.03 42.12
C LEU B 1185 -9.78 -6.83 41.83
N PRO B 1186 -9.89 -8.13 41.67
CA PRO B 1186 -8.70 -8.92 41.34
C PRO B 1186 -8.29 -8.67 39.90
N GLY B 1187 -7.05 -9.03 39.60
CA GLY B 1187 -6.57 -9.04 38.23
C GLY B 1187 -5.96 -7.70 37.84
N PRO B 1188 -6.20 -7.26 36.60
CA PRO B 1188 -5.52 -6.04 36.13
C PRO B 1188 -6.00 -4.82 36.87
N LEU B 1189 -5.13 -3.81 36.88
CA LEU B 1189 -5.50 -2.48 37.35
C LEU B 1189 -6.34 -1.78 36.30
N LEU B 1190 -7.49 -1.25 36.71
CA LEU B 1190 -8.40 -0.60 35.77
C LEU B 1190 -8.15 0.90 35.71
N LEU B 1191 -8.08 1.42 34.48
CA LEU B 1191 -8.09 2.86 34.27
C LEU B 1191 -9.53 3.36 34.44
N VAL B 1192 -9.78 4.09 35.52
CA VAL B 1192 -11.10 4.62 35.86
C VAL B 1192 -11.24 6.06 35.38
N GLN B 1193 -12.34 6.34 34.67
CA GLN B 1193 -12.71 7.70 34.32
C GLN B 1193 -14.03 7.99 35.02
N ALA B 1194 -14.13 9.16 35.65
CA ALA B 1194 -15.32 9.53 36.41
C ALA B 1194 -15.79 10.94 36.05
N ALA B 1195 -17.11 11.15 36.15
CA ALA B 1195 -17.70 12.45 35.89
C ALA B 1195 -19.01 12.55 36.68
N SER B 1196 -19.42 13.79 36.96
CA SER B 1196 -20.73 14.05 37.53
C SER B 1196 -21.78 14.05 36.44
N SER B 1197 -23.03 13.88 36.85
CA SER B 1197 -24.14 14.01 35.91
C SER B 1197 -24.13 15.37 35.24
N GLY B 1198 -23.79 16.42 35.98
CA GLY B 1198 -23.70 17.74 35.38
C GLY B 1198 -22.56 17.86 34.40
N GLU B 1199 -21.40 17.29 34.72
CA GLU B 1199 -20.28 17.38 33.78
C GLU B 1199 -20.61 16.64 32.48
N ILE B 1200 -21.33 15.51 32.57
CA ILE B 1200 -21.69 14.77 31.36
C ILE B 1200 -22.57 15.63 30.46
N ALA B 1201 -23.45 16.42 31.07
CA ALA B 1201 -24.35 17.27 30.30
C ALA B 1201 -23.63 18.47 29.69
N ARG B 1202 -22.70 19.06 30.44
CA ARG B 1202 -22.05 20.29 30.00
C ARG B 1202 -20.92 20.03 29.03
N ASN B 1203 -20.18 18.95 29.24
CA ASN B 1203 -18.88 18.73 28.61
C ASN B 1203 -18.89 17.52 27.69
N PRO B 1204 -18.87 17.70 26.36
CA PRO B 1204 -18.86 16.54 25.46
C PRO B 1204 -17.67 15.61 25.65
N ASP B 1205 -16.61 16.07 26.31
CA ASP B 1205 -15.42 15.26 26.51
C ASP B 1205 -15.31 14.79 27.96
N ALA B 1206 -16.44 14.63 28.63
CA ALA B 1206 -16.42 14.13 30.00
C ALA B 1206 -15.65 12.81 30.08
N TYR B 1207 -15.92 11.91 29.16
CA TYR B 1207 -15.17 10.67 29.09
C TYR B 1207 -14.24 10.74 27.86
N OCS B 1208 -12.97 10.54 28.11
CA OCS B 1208 -11.95 10.61 27.11
CB OCS B 1208 -10.64 10.92 27.77
SG OCS B 1208 -9.58 11.88 26.67
C OCS B 1208 -11.84 9.30 26.34
O OCS B 1208 -11.55 8.27 26.93
OD1 OCS B 1208 -9.25 10.98 25.56
OD2 OCS B 1208 -10.44 13.02 26.22
OD3 OCS B 1208 -8.44 12.20 27.54
H OCS B 1208 -12.66 10.33 28.89
HA OCS B 1208 -12.18 11.30 26.47
HB2 OCS B 1208 -10.16 10.10 27.99
HB3 OCS B 1208 -10.76 11.44 28.58
N LEU B 1209 -12.03 9.36 25.02
CA LEU B 1209 -11.98 8.17 24.20
C LEU B 1209 -10.54 7.66 24.05
N ASN B 1210 -9.55 8.50 24.36
CA ASN B 1210 -8.16 8.05 24.29
C ASN B 1210 -7.94 6.83 25.18
N TRP B 1211 -8.62 6.77 26.32
CA TRP B 1211 -8.34 5.73 27.29
C TRP B 1211 -9.17 4.48 27.07
N LEU B 1212 -10.06 4.47 26.08
CA LEU B 1212 -10.92 3.33 25.78
C LEU B 1212 -10.43 2.50 24.59
N VAL B 1213 -9.27 2.82 24.03
CA VAL B 1213 -8.67 1.99 23.01
C VAL B 1213 -7.36 1.43 23.58
N GLU B 1214 -6.86 0.38 22.95
CA GLU B 1214 -5.60 -0.23 23.29
C GLU B 1214 -4.60 -0.04 22.15
N GLU B 1215 -3.42 0.43 22.49
CA GLU B 1215 -2.36 0.58 21.52
C GLU B 1215 -1.63 -0.74 21.33
N VAL B 1216 -1.33 -1.08 20.09
CA VAL B 1216 -0.50 -2.24 19.79
C VAL B 1216 0.60 -1.79 18.82
N SER B 1217 1.84 -2.10 19.18
CA SER B 1217 3.00 -1.86 18.33
C SER B 1217 3.54 -3.21 17.80
N ALA B 1218 3.88 -3.24 16.52
CA ALA B 1218 4.39 -4.42 15.85
C ALA B 1218 5.63 -4.04 15.07
N SER B 1219 6.72 -4.78 15.28
CA SER B 1219 8.00 -4.56 14.64
C SER B 1219 8.35 -5.80 13.84
N ILE B 1220 8.42 -5.65 12.53
CA ILE B 1220 8.68 -6.76 11.64
C ILE B 1220 10.07 -6.56 11.03
N ASN B 1221 10.93 -7.58 11.14
CA ASN B 1221 12.24 -7.56 10.50
C ASN B 1221 12.08 -8.01 9.04
N THR B 1222 12.08 -7.06 8.13
CA THR B 1222 11.87 -7.35 6.72
C THR B 1222 13.16 -7.71 5.99
N ALA B 1223 14.29 -7.69 6.69
CA ALA B 1223 15.55 -8.22 6.19
C ALA B 1223 15.74 -9.70 6.52
N ALA B 1224 14.77 -10.33 7.19
CA ALA B 1224 15.04 -11.63 7.81
C ALA B 1224 15.38 -12.71 6.78
N ALA B 1225 14.91 -12.56 5.53
CA ALA B 1225 15.20 -13.56 4.51
C ALA B 1225 16.58 -13.39 3.89
N GLY B 1226 17.41 -12.50 4.44
CA GLY B 1226 18.81 -12.39 4.02
C GLY B 1226 19.17 -11.15 3.23
N GLY B 1227 18.22 -10.25 3.02
CA GLY B 1227 18.49 -9.01 2.33
C GLY B 1227 17.26 -8.15 2.42
N ASN B 1228 17.35 -6.98 1.82
CA ASN B 1228 16.34 -5.94 1.98
C ASN B 1228 15.76 -5.57 0.62
N ALA B 1229 14.52 -6.00 0.37
CA ALA B 1229 13.85 -5.71 -0.89
C ALA B 1229 13.90 -4.22 -1.25
N SER B 1230 13.38 -3.36 -0.37
CA SER B 1230 13.25 -1.95 -0.67
C SER B 1230 14.56 -1.36 -1.21
N LEU B 1231 15.64 -1.46 -0.44
CA LEU B 1231 16.96 -0.97 -0.88
C LEU B 1231 17.45 -1.73 -2.10
PA NAD C . -37.16 -12.27 -18.70
O1A NAD C . -37.21 -12.75 -17.27
O2A NAD C . -38.42 -11.68 -19.18
O5B NAD C . -36.83 -13.22 -19.80
C5B NAD C . -35.55 -13.79 -19.79
C4B NAD C . -35.41 -15.13 -20.50
O4B NAD C . -36.13 -16.18 -19.83
C3B NAD C . -35.86 -15.13 -21.93
O3B NAD C . -34.94 -15.85 -22.71
C2B NAD C . -37.20 -15.75 -21.87
O2B NAD C . -37.46 -16.31 -23.10
C1B NAD C . -37.04 -16.72 -20.79
N9A NAD C . -38.20 -17.15 -20.04
C8A NAD C . -39.38 -16.50 -19.76
N7A NAD C . -40.16 -17.29 -19.04
C5A NAD C . -39.52 -18.49 -18.81
C6A NAD C . -39.83 -19.65 -18.15
N6A NAD C . -41.06 -19.81 -17.47
N1A NAD C . -38.97 -20.64 -18.12
C2A NAD C . -37.76 -20.57 -18.73
N3A NAD C . -37.41 -19.45 -19.39
C4A NAD C . -38.27 -18.41 -19.45
O3 NAD C . -36.10 -11.20 -18.90
PN NAD C . -35.80 -10.04 -19.96
O1N NAD C . -36.99 -9.16 -20.04
O2N NAD C . -35.34 -10.61 -21.28
O5D NAD C . -34.56 -9.18 -19.42
C5D NAD C . -34.76 -8.19 -18.44
C4D NAD C . -34.45 -8.67 -17.04
O4D NAD C . -33.19 -9.31 -17.02
C3D NAD C . -34.39 -7.53 -16.08
O3D NAD C . -34.97 -7.85 -14.86
C2D NAD C . -32.93 -7.36 -15.85
O2D NAD C . -32.69 -6.74 -14.64
C1D NAD C . -32.41 -8.75 -15.98
N1N NAD C . -31.02 -8.77 -16.29
C2N NAD C . -30.03 -9.06 -15.30
C3N NAD C . -28.68 -9.00 -15.64
C7N NAD C . -27.64 -9.37 -14.61
O7N NAD C . -26.49 -9.63 -14.94
N7N NAD C . -28.05 -9.46 -13.25
C4N NAD C . -28.27 -8.65 -16.96
C5N NAD C . -29.26 -8.34 -17.94
C6N NAD C . -30.61 -8.38 -17.59
H51A NAD C . -34.94 -13.16 -20.21
H52A NAD C . -35.28 -13.92 -18.85
H4B NAD C . -34.46 -15.30 -20.49
H3B NAD C . -35.92 -14.23 -22.31
HO3A NAD C . -34.42 -15.29 -23.16
H2B NAD C . -37.93 -15.15 -21.66
HO2A NAD C . -38.33 -16.24 -23.28
H1B NAD C . -36.77 -17.51 -21.30
H8A NAD C . -39.60 -15.60 -20.05
H61A NAD C . -41.26 -20.61 -17.06
H62A NAD C . -41.65 -19.11 -17.43
H2A NAD C . -37.15 -21.32 -18.68
H51N NAD C . -34.17 -7.44 -18.65
H52N NAD C . -35.69 -7.91 -18.47
H4D NAD C . -35.14 -9.28 -16.72
H3D NAD C . -34.81 -6.75 -16.47
HO3N NAD C . -35.81 -7.55 -14.84
H2D NAD C . -32.52 -6.82 -16.54
HO2N NAD C . -32.46 -7.37 -14.04
H1D NAD C . -32.56 -9.25 -15.15
H2N NAD C . -30.30 -9.30 -14.41
H71N NAD C . -28.90 -9.27 -13.00
H72N NAD C . -27.43 -9.70 -12.62
H4N NAD C . -27.33 -8.61 -17.19
H5N NAD C . -28.99 -8.10 -18.84
H6N NAD C . -31.29 -8.14 -18.25
C1 PGE D . -10.80 -10.15 7.84
O1 PGE D . -9.60 -9.61 7.30
C2 PGE D . -11.62 -10.84 6.77
O2 PGE D . -12.56 -9.94 6.21
C3 PGE D . -13.56 -10.50 5.41
C4 PGE D . -13.82 -9.73 4.15
O4 PGE D . -10.81 -6.64 3.08
C6 PGE D . -11.49 -7.58 2.26
C5 PGE D . -12.82 -7.97 2.90
O3 PGE D . -12.63 -9.16 3.67
H1 PGE D . -11.36 -9.47 8.24
H12 PGE D . -10.63 -10.81 8.53
HO1 PGE D . -9.15 -9.27 7.93
H2 PGE D . -12.06 -11.60 7.16
H22 PGE D . -11.02 -11.18 6.09
H3 PGE D . -14.39 -10.54 5.90
H32 PGE D . -13.32 -11.40 5.16
H4 PGE D . -14.49 -9.05 4.33
H42 PGE D . -14.21 -10.33 3.49
HO4 PGE D . -10.70 -7.00 3.85
H6 PGE D . -10.96 -8.38 2.13
H62 PGE D . -11.66 -7.20 1.38
H5 PGE D . -13.48 -8.12 2.20
H52 PGE D . -13.14 -7.25 3.45
PA FDA E . 5.95 22.89 -19.46
O1A FDA E . 7.08 23.14 -20.52
O2A FDA E . 6.29 22.32 -18.13
O5B FDA E . 5.00 21.84 -20.28
C5B FDA E . 4.08 21.06 -19.43
C4B FDA E . 3.07 20.54 -20.43
O4B FDA E . 3.66 19.41 -21.12
C3B FDA E . 1.71 20.00 -19.91
O3B FDA E . 0.86 21.11 -19.70
C2B FDA E . 1.26 19.08 -21.08
O2B FDA E . 0.68 19.78 -22.17
C1B FDA E . 2.63 18.47 -21.55
N9A FDA E . 2.95 17.19 -20.94
C8A FDA E . 3.19 16.80 -19.58
N7A FDA E . 3.45 15.49 -19.48
C5A FDA E . 3.38 14.95 -20.76
C6A FDA E . 3.57 13.66 -21.32
N6A FDA E . 3.88 12.53 -20.57
N1A FDA E . 3.42 13.50 -22.68
C2A FDA E . 3.12 14.60 -23.46
N3A FDA E . 2.94 15.87 -23.03
C4A FDA E . 3.07 16.00 -21.69
N1 FDA E . -4.32 24.64 -22.53
C2 FDA E . -5.36 24.10 -23.31
O2 FDA E . -5.43 22.88 -23.46
N3 FDA E . -6.27 24.97 -23.87
C4 FDA E . -6.21 26.42 -23.73
O4 FDA E . -7.05 27.13 -24.26
C4X FDA E . -5.11 26.89 -22.92
N5 FDA E . -5.05 28.31 -22.69
C5X FDA E . -3.74 28.77 -22.20
C6 FDA E . -3.45 30.16 -22.29
C7 FDA E . -2.24 30.66 -21.78
C7M FDA E . -1.95 32.14 -21.89
C8 FDA E . -1.30 29.79 -21.17
C8M FDA E . 0.02 30.32 -20.61
C9 FDA E . -1.60 28.40 -21.08
C9A FDA E . -2.82 27.90 -21.59
N10 FDA E . -3.15 26.49 -21.53
C10 FDA E . -4.19 26.02 -22.34
C1' FDA E . -2.41 25.58 -20.63
C2' FDA E . -1.19 25.02 -21.39
O2' FDA E . -1.74 24.00 -22.27
C3' FDA E . -0.07 24.33 -20.54
O3' FDA E . -0.75 23.28 -19.84
C4' FDA E . 0.63 25.21 -19.48
O4' FDA E . 0.89 26.53 -20.05
C5' FDA E . 2.00 24.59 -19.04
O5' FDA E . 2.82 24.38 -20.19
P FDA E . 4.26 25.26 -20.27
O1P FDA E . 4.18 26.54 -19.48
O2P FDA E . 4.85 25.18 -21.65
O3P FDA E . 5.23 24.28 -19.29
H51A FDA E . 4.65 20.24 -18.94
H52A FDA E . 3.60 21.76 -18.70
H4B FDA E . 2.91 21.37 -21.17
H3B FDA E . 1.74 19.47 -18.93
HO3A FDA E . 0.37 21.38 -20.56
H2B FDA E . 0.47 18.34 -20.82
HO2A FDA E . 0.80 19.35 -23.04
H1B FDA E . 2.71 18.35 -22.67
H8A FDA E . 3.16 17.53 -18.78
H61A FDA E . 3.99 11.61 -21.05
H62A FDA E . 3.98 12.61 -19.55
H2A FDA E . 3.00 14.41 -24.54
HN1 FDA E . -3.63 23.97 -22.11
HN3 FDA E . -7.04 24.58 -24.44
HN5 FDA E . -5.34 28.81 -23.54
H6 FDA E . -4.17 30.84 -22.76
HM71 FDA E . -2.76 32.64 -22.50
HM72 FDA E . -0.97 32.30 -22.39
HM73 FDA E . -1.92 32.60 -20.88
HM81 FDA E . 0.65 30.78 -21.41
HM82 FDA E . -0.15 31.11 -19.84
HM83 FDA E . 0.61 29.52 -20.13
H9 FDA E . -0.86 27.75 -20.60
H1'1 FDA E . -3.08 24.75 -20.28
H1'2 FDA E . -2.07 26.14 -19.71
H2' FDA E . -0.74 25.73 -22.13
HO2' FDA E . -2.08 23.22 -21.70
H3' FDA E . 0.68 23.84 -21.21
HO3' FDA E . -0.09 22.72 -19.33
H4' FDA E . -0.06 25.30 -18.61
HO4' FDA E . 1.26 26.44 -20.98
H5'1 FDA E . 1.89 23.59 -18.56
H5'2 FDA E . 2.60 25.28 -18.38
C A1CAB F . -7.53 25.97 -18.68
N A1CAB F . -7.46 27.03 -20.94
OXT A1CAB F . -8.65 26.54 -18.46
CA A1CAB F . -6.66 26.40 -19.87
CB A1CAB F . -5.61 27.48 -19.50
CG A1CAB F . -6.25 28.78 -19.98
CD A1CAB F . -7.30 28.36 -20.97
O A1CAB F . -7.04 25.04 -18.01
HA A1CAB F . -6.12 25.48 -20.24
HB2 A1CAB F . -5.44 27.51 -18.40
HB3 A1CAB F . -4.64 27.30 -20.01
HG2 A1CAB F . -5.49 29.45 -20.46
HG3 A1CAB F . -6.71 29.35 -19.13
HD2 A1CAB F . -7.85 29.05 -21.62
H A1CAB F . -8.06 26.48 -21.55
N PRO G . -8.18 28.23 -15.30
CA PRO G . -7.89 27.96 -13.80
C PRO G . -9.32 27.66 -13.08
O PRO G . -10.14 27.12 -13.83
CB PRO G . -7.14 29.22 -13.31
CG PRO G . -6.43 29.78 -14.55
CD PRO G . -7.31 29.44 -15.74
OXT PRO G . -9.36 27.98 -11.86
H2 PRO G . -7.94 27.39 -15.83
H3 PRO G . -9.18 28.42 -15.42
HA PRO G . -7.29 27.03 -13.70
HB2 PRO G . -6.44 28.96 -12.50
HB3 PRO G . -7.85 29.94 -12.87
HG2 PRO G . -5.41 29.36 -14.69
HG3 PRO G . -6.25 30.88 -14.50
HD2 PRO G . -7.98 30.28 -16.02
HD3 PRO G . -6.71 29.16 -16.63
MG MG H . -39.93 -11.33 -20.64
S SO4 I . -1.51 -16.90 -9.33
O1 SO4 I . -1.80 -16.68 -7.90
O2 SO4 I . -0.64 -15.80 -9.84
O3 SO4 I . -0.76 -18.17 -9.46
O4 SO4 I . -2.79 -17.01 -10.10
S SO4 J . -23.32 -42.79 0.05
O1 SO4 J . -24.16 -42.48 1.26
O2 SO4 J . -23.18 -41.59 -0.85
O3 SO4 J . -21.97 -43.19 0.55
O4 SO4 J . -23.92 -43.93 -0.73
S SO4 K . -28.51 18.23 5.80
O1 SO4 K . -27.90 19.25 6.72
O2 SO4 K . -28.15 18.54 4.37
O3 SO4 K . -28.00 16.91 6.23
O4 SO4 K . -30.00 18.25 5.98
PA NAD L . 9.48 -2.99 42.40
O1A NAD L . 7.94 -3.10 42.35
O2A NAD L . 10.23 -3.90 43.22
O5B NAD L . 9.95 -1.67 42.95
C5B NAD L . 9.86 -0.57 42.07
C4B NAD L . 9.76 0.81 42.71
O4B NAD L . 8.61 0.97 43.59
C3B NAD L . 10.97 1.19 43.50
O3B NAD L . 11.27 2.55 43.36
C2B NAD L . 10.53 0.81 44.87
O2B NAD L . 11.21 1.47 45.86
C1B NAD L . 9.13 1.27 44.89
N9A NAD L . 8.24 0.71 45.89
C8A NAD L . 8.34 -0.52 46.47
N7A NAD L . 7.33 -0.67 47.35
C5A NAD L . 6.52 0.45 47.30
C6A NAD L . 5.35 0.84 47.92
N6A NAD L . 4.73 -0.04 48.88
N1A NAD L . 4.80 2.03 47.67
C2A NAD L . 5.35 2.89 46.78
N3A NAD L . 6.50 2.53 46.15
C4A NAD L . 7.09 1.35 46.38
O3 NAD L . 10.22 -3.12 41.06
PN NAD L . 11.78 -3.28 40.54
O1N NAD L . 12.46 -4.48 41.12
O2N NAD L . 12.62 -2.04 40.75
O5D NAD L . 11.70 -3.51 38.94
C5D NAD L . 11.43 -4.76 38.37
C4D NAD L . 9.97 -4.84 37.94
O4D NAD L . 9.69 -3.72 37.15
C3D NAD L . 9.66 -6.07 37.15
O3D NAD L . 8.50 -6.68 37.55
C2D NAD L . 9.59 -5.54 35.78
O2D NAD L . 8.87 -6.28 34.86
C1D NAD L . 9.02 -4.16 35.99
N1N NAD L . 9.25 -3.29 34.87
C2N NAD L . 8.21 -2.96 33.94
C3N NAD L . 8.50 -2.13 32.85
C7N NAD L . 7.43 -1.75 31.89
O7N NAD L . 7.66 -0.80 31.13
N7N NAD L . 6.20 -2.46 31.90
C4N NAD L . 9.80 -1.61 32.64
C5N NAD L . 10.82 -1.96 33.56
C6N NAD L . 10.55 -2.78 34.66
H51A NAD L . 9.09 -0.70 41.51
H52A NAD L . 10.67 -0.57 41.51
H4B NAD L . 9.65 1.42 41.96
H3B NAD L . 11.79 0.74 43.22
HO3A NAD L . 10.58 2.97 43.01
H2B NAD L . 10.65 -0.14 45.00
HO2A NAD L . 10.62 1.80 46.45
H1B NAD L . 9.17 2.20 45.15
H8A NAD L . 9.02 -1.18 46.29
H61A NAD L . 5.08 -0.86 49.04
H62A NAD L . 3.99 0.25 49.34
H2A NAD L . 4.94 3.76 46.61
H51N NAD L . 11.61 -5.45 39.02
H52N NAD L . 11.99 -4.87 37.59
H4D NAD L . 9.38 -4.87 38.72
H3D NAD L . 10.39 -6.71 37.23
HO3N NAD L . 7.99 -6.09 37.98
H2D NAD L . 10.49 -5.51 35.43
HO2N NAD L . 8.83 -7.13 35.13
H1D NAD L . 8.06 -4.20 36.12
H2N NAD L . 7.31 -3.30 34.07
H71N NAD L . 6.08 -3.15 32.49
H72N NAD L . 5.54 -2.24 31.33
H4N NAD L . 9.98 -1.03 31.87
H5N NAD L . 11.71 -1.61 33.43
H6N NAD L . 11.26 -3.00 35.28
C1 PGE M . -11.65 -1.02 11.24
O1 PGE M . -11.57 -1.87 10.10
C2 PGE M . -12.09 -1.80 12.46
O2 PGE M . -10.99 -2.44 13.08
C3 PGE M . -10.60 -2.02 14.38
C4 PGE M . -9.15 -2.29 14.75
O4 PGE M . -6.72 -2.58 11.66
C6 PGE M . -6.09 -1.86 12.69
C5 PGE M . -6.92 -1.93 13.96
O3 PGE M . -8.30 -2.01 13.65
H1 PGE M . -12.28 -0.29 11.11
H12 PGE M . -10.80 -0.61 11.45
HO1 PGE M . -11.36 -1.39 9.43
H2 PGE M . -12.76 -2.45 12.18
H22 PGE M . -12.53 -1.19 13.07
H3 PGE M . -11.16 -2.46 15.04
H32 PGE M . -10.76 -1.06 14.47
H4 PGE M . -9.08 -3.22 15.03
H42 PGE M . -8.92 -1.75 15.51
HO4 PGE M . -7.48 -2.85 11.95
H6 PGE M . -5.98 -0.93 12.44
H62 PGE M . -5.20 -2.20 12.87
H5 PGE M . -6.75 -1.14 14.50
H52 PGE M . -6.64 -2.70 14.48
C10 A1AT4 N . 33.18 -14.12 -1.96
C01 A1AT4 N . 33.23 -12.08 -8.19
C02 A1AT4 N . 33.46 -12.24 -6.72
C03 A1AT4 N . 32.67 -11.55 -5.82
C04 A1AT4 N . 32.84 -11.66 -4.43
C05 A1AT4 N . 33.87 -12.48 -3.93
C06 A1AT4 N . 34.70 -13.20 -4.83
C07 A1AT4 N . 34.51 -13.08 -6.22
C08 A1AT4 N . 35.40 -13.83 -7.14
C11 A1AT4 N . 32.17 -14.62 -3.00
C12 A1AT4 N . 30.86 -13.88 -2.62
C13 A1AT4 N . 31.02 -13.59 -1.10
C15 A1AT4 N . 29.86 -14.36 -0.42
C18 A1AT4 N . 33.57 -11.59 -1.71
C19 A1AT4 N . 32.57 -10.71 -2.21
C21 A1AT4 N . 32.46 -9.55 -0.13
C24 A1AT4 N . 34.03 -11.44 -0.36
C27 A1AT4 N . 30.83 -10.16 -3.97
C28 A1AT4 N . 31.19 -8.77 -4.51
C30 A1AT4 N . 30.02 -8.02 -5.18
C32 A1AT4 N . 29.53 -8.72 -6.48
C34 A1AT4 N . 28.81 -7.71 -7.42
C44 A1AT4 N . 27.19 -4.13 -7.39
C45 A1AT4 N . 27.80 -3.83 -6.02
C47 A1AT4 N . 27.65 -2.07 -4.41
C48 A1AT4 N . 27.55 -3.42 -3.66
C50 A1AT4 N . 27.05 -4.38 -4.79
C53 A1AT4 N . 25.09 -1.48 -4.70
C55 A1AT4 N . 25.11 0.48 -3.72
C56 A1AT4 N . 24.91 1.76 -3.14
C59 A1AT4 N . 27.21 1.82 -2.56
C61 A1AT4 N . 26.46 -0.01 -3.67
N09 A1AT4 N . 33.98 -12.76 -2.48
N14 A1AT4 N . 32.39 -14.04 -0.73
N20 A1AT4 N . 32.05 -9.74 -1.45
N23 A1AT4 N . 33.43 -10.38 0.38
N26 A1AT4 N . 32.06 -10.88 -3.51
N52 A1AT4 N . 26.44 -1.25 -4.30
N54 A1AT4 N . 24.30 -0.46 -4.38
N57 A1AT4 N . 23.67 2.39 -3.15
N58 A1AT4 N . 25.96 2.41 -2.56
N60 A1AT4 N . 27.53 0.61 -3.09
O16 A1AT4 N . 30.08 -15.38 0.30
O17 A1AT4 N . 28.72 -13.92 -0.71
O22 A1AT4 N . 31.99 -8.65 0.56
O25 A1AT4 N . 34.90 -12.16 0.14
O29 A1AT4 N . 31.61 -7.93 -3.41
O31 A1AT4 N . 28.90 -8.05 -4.29
O33 A1AT4 N . 30.60 -9.38 -7.17
O35 A1AT4 N . 29.65 -6.59 -7.70
O37 A1AT4 N . 30.17 -7.92 -9.87
O38 A1AT4 N . 31.26 -5.61 -9.50
O39 A1AT4 N . 28.72 -5.77 -9.91
O41 A1AT4 N . 29.09 -3.33 -10.55
O42 A1AT4 N . 26.64 -4.31 -10.25
O43 A1AT4 N . 28.24 -3.72 -8.30
O46 A1AT4 N . 27.79 -2.37 -5.83
O49 A1AT4 N . 28.92 -3.68 -3.35
O51 A1AT4 N . 27.43 -5.73 -4.58
P36 A1AT4 N . 30.09 -6.53 -9.32
P40 A1AT4 N . 28.08 -4.31 -9.85
H101 A1AT4 N . 34.07 -14.76 -1.74
H011 A1AT4 N . 32.33 -11.45 -8.39
H012 A1AT4 N . 33.06 -13.06 -8.70
H013 A1AT4 N . 34.10 -11.58 -8.70
H031 A1AT4 N . 31.88 -10.89 -6.23
H061 A1AT4 N . 35.49 -13.84 -4.45
H082 A1AT4 N . 35.78 -13.15 -7.95
H083 A1AT4 N . 34.84 -14.68 -7.62
H081 A1AT4 N . 36.28 -14.25 -6.59
H112 A1AT4 N . 32.52 -14.37 -4.03
H111 A1AT4 N . 32.07 -15.74 -2.93
H121 A1AT4 N . 30.76 -12.92 -3.18
H122 A1AT4 N . 29.97 -14.51 -2.80
H131 A1AT4 N . 30.90 -12.51 -0.84
H272 A1AT4 N . 30.31 -10.76 -4.78
H271 A1AT4 N . 30.11 -10.06 -3.10
H281 A1AT4 N . 32.04 -8.79 -5.23
H301 A1AT4 N . 30.30 -6.96 -5.38
H321 A1AT4 N . 28.85 -9.56 -6.17
H342 A1AT4 N . 28.59 -8.16 -8.42
H341 A1AT4 N . 27.90 -7.27 -6.94
H441 A1AT4 N . 26.28 -3.52 -7.58
H442 A1AT4 N . 27.01 -5.23 -7.52
H451 A1AT4 N . 28.87 -4.15 -6.05
H471 A1AT4 N . 28.55 -1.45 -4.10
H481 A1AT4 N . 26.96 -3.45 -2.74
H501 A1AT4 N . 25.95 -4.48 -4.89
H531 A1AT4 N . 24.79 -2.39 -5.21
H591 A1AT4 N . 28.02 2.39 -2.08
H2 A1AT4 N . 32.82 -13.52 0.03
H231 A1AT4 N . 33.75 -10.21 1.36
H571 A1AT4 N . 23.64 3.42 -3.33
H572 A1AT4 N . 22.82 1.84 -3.00
H291 A1AT4 N . 32.48 -8.22 -3.03
H311 A1AT4 N . 28.06 -7.93 -4.81
H331 A1AT4 N . 31.34 -8.75 -7.38
H491 A1AT4 N . 28.99 -4.02 -2.41
H511 A1AT4 N . 28.37 -5.81 -4.25
H091 A1AT4 N . 34.99 -12.93 -2.29
MG MG O . 11.46 -4.39 44.90
S SO4 P . -0.84 15.39 11.63
O1 SO4 P . -0.21 15.18 12.96
O2 SO4 P . -1.46 16.72 11.55
O3 SO4 P . 0.18 15.24 10.57
O4 SO4 P . -1.86 14.37 11.38
S SO4 Q . 34.16 -40.97 -10.52
O1 SO4 Q . 33.55 -41.45 -9.23
O2 SO4 Q . 35.24 -39.96 -10.22
O3 SO4 Q . 34.78 -42.12 -11.27
O4 SO4 Q . 33.09 -40.34 -11.36
#